data_8SWK
#
_entry.id   8SWK
#
_cell.length_a   1.00
_cell.length_b   1.00
_cell.length_c   1.00
_cell.angle_alpha   90.00
_cell.angle_beta   90.00
_cell.angle_gamma   90.00
#
_symmetry.space_group_name_H-M   'P 1'
#
loop_
_entity.id
_entity.type
_entity.pdbx_description
1 polymer 'NACHT, LRR and PYD domains-containing protein 3'
2 non-polymer 1-[4-(2-oxidanylpropan-2-yl)furan-2-yl]sulfonyl-3-(1,2,3,5-tetrahydro-s-indacen-4-yl)urea
3 non-polymer "ADENOSINE-5'-TRIPHOSPHATE"
#
_entity_poly.entity_id   1
_entity_poly.type   'polypeptide(L)'
_entity_poly.pdbx_seq_one_letter_code
;AEYCFNKKDYRKKYRKYVRSRFQCIEDRNARLGESVSLNKRYTRLRLIKEHRSQQEREQELLAIGKTKTCESPVSPIKME
LLFDPDDEHSEPVHTVVFQGAAGIGKTILARKMMLDWASGTLYQDRFDYLFYIHCREVSLVTQRSLGDLIMSCCPDPNPP
IHKIVRKPSRILFLMDGFDELQGAFDEHIGPLCTDWQKAERGDILLSSLIRKKLLPEASLLITTRPVALEKLQHLLDHPR
HVEILGFSEAKRKEYFFKYFSDEAQARAAFSLIQENEVLFTMCFIPLVCWIVCTGLKQQMESGKSLAQTSKTTTAVYVFF
LSSLLQPRGGSQEHGLCAHLWGLCSLAADGIWNQKILFEESDLRNHGLQKADVSAFLRMNLFQKEVDCEKFYSFIHMTFQ
EFFAAMYYLLEEEKEGRTNVPGSRLKLPSRDVTVLLENYGKFEKGYLIFVVRFLFGLVNQERTSYLEKKLSCKISQQIRL
ELLKWIEVKAKAKKLQIQPSQLELFYCLYEMQEEDFVQRAMDYFPKIEINLSTRMDHMVSSFCIENCHRVESLSLGFLHN
MPKEEEEEEKEGRHLDMVQCVLPSSSHAACSHGLVNSHLTSSFCRGLFSVLSTSQSLTELDLSDNSLGDPGMRVLCETLQ
HPGCNIRRLWLGRCGLSHECCFDISLVLSSNQKLVELDLSDNALGDFGIRLLCVGLKHLLCNLKKLWLVSCCLTSACCQD
LASVLSTSHSLTRLYVGENALGDSGVAILCEKAKNPQCNLQKLGLVNSGLTSVCCSALSSVLSTNQNLTHLYLRGNTLGD
KGIKLLCEGLLHPDCKLQVLELDNCNLTSHCCWDLSTLLTSSQSLRKLSLGNNDLGDLGVMMFCEVLKQQSCLLQNLGLS
EMYFNYETKSALETLQEEKPELTVVFEPSW
;
_entity_poly.pdbx_strand_id   A,B,C,D,E,F
#
# COMPACT_ATOMS: atom_id res chain seq x y z
N LYS A 7 -38.87 15.33 -16.78
CA LYS A 7 -39.17 15.25 -18.20
C LYS A 7 -38.13 16.00 -19.03
N LYS A 8 -38.50 17.18 -19.52
CA LYS A 8 -37.57 17.98 -20.30
C LYS A 8 -36.80 18.95 -19.41
N ASP A 9 -35.49 18.76 -19.36
CA ASP A 9 -34.61 19.56 -18.51
C ASP A 9 -34.25 20.89 -19.19
N TYR A 10 -34.63 21.99 -18.54
CA TYR A 10 -34.33 23.32 -19.06
C TYR A 10 -32.87 23.43 -19.44
N ARG A 11 -32.00 22.83 -18.64
CA ARG A 11 -30.57 22.88 -18.86
C ARG A 11 -30.22 22.45 -20.29
N LYS A 12 -30.90 21.43 -20.80
CA LYS A 12 -30.64 20.93 -22.14
C LYS A 12 -31.17 21.91 -23.17
N LYS A 13 -32.36 22.46 -22.90
CA LYS A 13 -32.96 23.43 -23.81
C LYS A 13 -32.09 24.67 -23.93
N TYR A 14 -31.50 25.08 -22.80
CA TYR A 14 -30.62 26.24 -22.78
C TYR A 14 -29.33 25.95 -23.54
N ARG A 15 -28.77 24.77 -23.33
CA ARG A 15 -27.56 24.39 -24.05
C ARG A 15 -27.78 24.47 -25.56
N LYS A 16 -28.95 24.01 -26.02
CA LYS A 16 -29.30 24.11 -27.43
C LYS A 16 -29.38 25.56 -27.90
N TYR A 17 -30.03 26.39 -27.08
CA TYR A 17 -30.18 27.81 -27.39
C TYR A 17 -28.82 28.49 -27.56
N VAL A 18 -27.90 28.23 -26.63
CA VAL A 18 -26.60 28.85 -26.67
C VAL A 18 -25.82 28.40 -27.91
N ARG A 19 -25.88 27.11 -28.24
CA ARG A 19 -25.18 26.61 -29.41
C ARG A 19 -25.70 27.25 -30.69
N SER A 20 -27.02 27.38 -30.82
CA SER A 20 -27.62 27.94 -32.03
C SER A 20 -27.46 29.46 -32.10
N ARG A 21 -27.45 30.11 -30.95
CA ARG A 21 -27.37 31.56 -30.89
C ARG A 21 -26.00 32.10 -31.27
N PHE A 22 -24.96 31.59 -30.63
CA PHE A 22 -23.63 32.15 -30.82
C PHE A 22 -22.85 31.49 -31.95
N GLN A 23 -23.37 31.65 -33.17
CA GLN A 23 -22.70 31.16 -34.37
C GLN A 23 -21.96 32.27 -35.11
N CYS A 24 -22.40 33.52 -34.91
CA CYS A 24 -21.78 34.66 -35.57
C CYS A 24 -20.74 35.30 -34.69
N ILE A 25 -19.69 35.86 -35.32
CA ILE A 25 -18.62 36.53 -34.60
C ILE A 25 -19.06 37.87 -34.03
N GLU A 26 -19.73 38.66 -34.86
CA GLU A 26 -20.21 39.97 -34.45
C GLU A 26 -21.48 39.86 -33.61
N ASP A 27 -22.32 38.88 -33.98
CA ASP A 27 -23.63 38.69 -33.37
C ASP A 27 -24.49 39.96 -33.53
N ARG A 28 -24.32 40.61 -34.66
CA ARG A 28 -25.05 41.82 -35.02
C ARG A 28 -25.17 41.90 -36.53
N ASN A 29 -26.07 42.73 -37.03
CA ASN A 29 -26.34 42.80 -38.47
C ASN A 29 -25.28 43.57 -39.24
N ALA A 30 -25.59 43.89 -40.50
CA ALA A 30 -24.67 44.56 -41.41
C ALA A 30 -23.44 43.72 -41.67
N ARG A 31 -23.62 42.41 -41.70
CA ARG A 31 -22.50 41.52 -41.95
C ARG A 31 -22.24 41.37 -43.44
N LEU A 32 -21.80 42.47 -44.07
CA LEU A 32 -21.50 42.48 -45.49
C LEU A 32 -22.55 41.73 -46.32
N GLY A 33 -23.80 42.20 -46.25
CA GLY A 33 -24.88 41.52 -46.97
C GLY A 33 -25.58 40.50 -46.09
N GLU A 34 -25.45 40.64 -44.78
CA GLU A 34 -26.07 39.76 -43.81
C GLU A 34 -25.63 38.30 -43.98
N SER A 35 -24.34 38.10 -44.24
CA SER A 35 -23.77 36.76 -44.35
C SER A 35 -23.47 36.25 -42.96
N VAL A 36 -23.13 34.96 -42.85
CA VAL A 36 -22.76 34.42 -41.56
C VAL A 36 -21.26 34.35 -41.43
N SER A 37 -20.71 35.10 -40.48
CA SER A 37 -19.27 35.21 -40.28
C SER A 37 -18.65 33.96 -39.68
N LEU A 38 -19.44 33.17 -38.96
CA LEU A 38 -19.05 31.88 -38.41
C LEU A 38 -17.97 31.95 -37.32
N ASN A 39 -18.33 31.52 -36.12
CA ASN A 39 -17.37 31.45 -35.02
C ASN A 39 -16.34 30.34 -35.26
N LYS A 40 -16.60 29.55 -36.29
CA LYS A 40 -15.70 28.49 -36.72
C LYS A 40 -14.38 29.07 -37.25
N ARG A 41 -14.40 30.36 -37.56
CA ARG A 41 -13.23 31.05 -38.09
C ARG A 41 -12.37 31.62 -36.97
N TYR A 42 -12.74 31.35 -35.74
CA TYR A 42 -12.03 31.90 -34.58
C TYR A 42 -10.54 31.64 -34.65
N THR A 43 -9.77 32.70 -34.47
CA THR A 43 -8.31 32.62 -34.47
C THR A 43 -7.80 32.65 -33.04
N ARG A 44 -6.98 31.67 -32.69
CA ARG A 44 -6.51 31.54 -31.31
C ARG A 44 -5.74 32.77 -30.83
N LEU A 45 -6.07 33.21 -29.62
CA LEU A 45 -5.40 34.35 -28.99
C LEU A 45 -4.29 33.87 -28.07
N ARG A 46 -3.31 34.73 -27.85
CA ARG A 46 -2.23 34.42 -26.92
C ARG A 46 -2.59 34.84 -25.51
N LEU A 47 -2.68 33.86 -24.61
CA LEU A 47 -3.10 34.15 -23.25
C LEU A 47 -1.96 33.88 -22.27
N ILE A 48 -1.62 34.91 -21.49
CA ILE A 48 -0.54 34.82 -20.52
C ILE A 48 -1.08 35.02 -19.11
N LYS A 49 -0.67 34.15 -18.19
CA LYS A 49 -1.16 34.26 -16.82
C LYS A 49 -0.17 34.94 -15.90
N GLU A 50 -0.68 35.68 -14.92
CA GLU A 50 0.14 36.34 -13.92
C GLU A 50 -0.19 35.84 -12.53
N SER A 75 4.34 32.48 -18.49
CA SER A 75 3.77 31.18 -18.84
C SER A 75 2.37 31.36 -19.44
N PRO A 76 2.03 30.57 -20.46
CA PRO A 76 0.78 30.55 -21.18
C PRO A 76 -0.36 29.94 -20.36
N ILE A 77 -1.58 30.34 -20.66
CA ILE A 77 -2.76 29.75 -20.03
C ILE A 77 -3.82 29.41 -21.05
N LYS A 78 -4.62 28.38 -20.75
CA LYS A 78 -5.71 27.96 -21.61
C LYS A 78 -7.05 28.39 -21.01
N MET A 79 -8.12 28.31 -21.79
CA MET A 79 -9.45 28.60 -21.26
C MET A 79 -9.90 27.49 -20.32
N GLU A 80 -9.36 26.29 -20.54
CA GLU A 80 -9.61 25.18 -19.64
C GLU A 80 -8.94 25.42 -18.28
N LEU A 81 -9.56 24.94 -17.22
CA LEU A 81 -8.99 24.97 -15.87
C LEU A 81 -8.84 26.37 -15.27
N LEU A 82 -9.51 27.38 -15.82
CA LEU A 82 -9.37 28.74 -15.32
C LEU A 82 -9.80 28.89 -13.86
N PHE A 83 -10.82 28.15 -13.46
CA PHE A 83 -11.35 28.29 -12.11
C PHE A 83 -10.86 27.16 -11.20
N ASP A 84 -9.89 26.38 -11.66
CA ASP A 84 -9.36 25.29 -10.87
C ASP A 84 -8.24 25.78 -9.94
N PRO A 85 -7.97 25.07 -8.84
CA PRO A 85 -6.82 25.23 -7.97
C PRO A 85 -5.51 25.04 -8.72
N ASP A 86 -4.46 25.70 -8.24
CA ASP A 86 -3.14 25.59 -8.83
C ASP A 86 -2.30 24.53 -8.10
N ASP A 87 -0.98 24.71 -8.09
CA ASP A 87 -0.08 23.66 -7.61
C ASP A 87 0.12 23.60 -6.09
N GLU A 88 -0.49 24.52 -5.34
CA GLU A 88 -0.31 24.49 -3.89
C GLU A 88 -1.56 24.96 -3.13
N HIS A 89 -1.72 24.49 -1.89
CA HIS A 89 -2.83 24.84 -1.00
C HIS A 89 -4.17 24.24 -1.45
N SER A 90 -4.29 23.96 -2.76
CA SER A 90 -5.49 23.40 -3.36
C SER A 90 -6.74 24.23 -3.10
N GLU A 91 -6.59 25.55 -3.22
CA GLU A 91 -7.72 26.45 -3.05
C GLU A 91 -8.37 26.72 -4.41
N PRO A 92 -9.71 26.79 -4.47
CA PRO A 92 -10.52 27.05 -5.65
C PRO A 92 -10.41 28.51 -6.07
N VAL A 93 -10.70 28.77 -7.34
CA VAL A 93 -10.74 30.13 -7.85
C VAL A 93 -12.16 30.51 -8.22
N HIS A 94 -12.67 31.58 -7.61
CA HIS A 94 -14.03 32.00 -7.89
C HIS A 94 -14.08 33.09 -8.96
N THR A 95 -13.05 33.93 -9.00
CA THR A 95 -13.03 35.04 -9.94
C THR A 95 -11.81 35.03 -10.85
N VAL A 96 -12.06 35.17 -12.14
CA VAL A 96 -10.99 35.26 -13.13
C VAL A 96 -11.20 36.52 -13.97
N VAL A 97 -10.16 37.33 -14.08
CA VAL A 97 -10.28 38.59 -14.80
C VAL A 97 -9.35 38.65 -16.01
N PHE A 98 -9.91 38.98 -17.16
CA PHE A 98 -9.18 39.09 -18.39
C PHE A 98 -8.98 40.55 -18.80
N GLN A 99 -7.73 40.92 -19.01
CA GLN A 99 -7.39 42.30 -19.35
C GLN A 99 -6.62 42.35 -20.67
N GLY A 100 -6.74 43.47 -21.36
CA GLY A 100 -6.01 43.67 -22.61
C GLY A 100 -6.45 44.95 -23.32
N ALA A 101 -5.88 45.18 -24.49
CA ALA A 101 -6.16 46.36 -25.31
C ALA A 101 -7.59 46.34 -25.84
N ALA A 102 -8.10 47.52 -26.20
CA ALA A 102 -9.41 47.59 -26.83
C ALA A 102 -9.36 46.87 -28.16
N GLY A 103 -10.38 46.07 -28.47
CA GLY A 103 -10.44 45.37 -29.74
C GLY A 103 -9.44 44.20 -29.79
N ILE A 104 -9.08 43.67 -28.62
CA ILE A 104 -8.10 42.59 -28.55
C ILE A 104 -8.79 41.22 -28.59
N GLY A 105 -10.12 41.22 -28.63
CA GLY A 105 -10.87 39.97 -28.72
C GLY A 105 -11.37 39.44 -27.39
N LYS A 106 -11.53 40.30 -26.41
CA LYS A 106 -12.03 39.87 -25.11
C LYS A 106 -13.43 39.27 -25.25
N THR A 107 -14.24 39.92 -26.08
CA THR A 107 -15.61 39.47 -26.34
C THR A 107 -15.63 38.18 -27.14
N ILE A 108 -14.77 38.11 -28.13
CA ILE A 108 -14.77 36.98 -29.02
C ILE A 108 -14.29 35.75 -28.28
N LEU A 109 -13.32 35.94 -27.38
CA LEU A 109 -12.85 34.86 -26.53
C LEU A 109 -14.00 34.38 -25.66
N ALA A 110 -14.78 35.33 -25.11
CA ALA A 110 -15.95 35.01 -24.30
C ALA A 110 -16.99 34.26 -25.13
N ARG A 111 -17.18 34.67 -26.38
CA ARG A 111 -18.14 34.01 -27.24
C ARG A 111 -17.70 32.61 -27.61
N LYS A 112 -16.40 32.43 -27.86
CA LYS A 112 -15.87 31.10 -28.13
C LYS A 112 -16.05 30.22 -26.91
N MET A 113 -15.84 30.80 -25.73
CA MET A 113 -16.01 30.04 -24.48
C MET A 113 -17.44 29.52 -24.39
N MET A 114 -18.42 30.36 -24.69
CA MET A 114 -19.82 29.95 -24.66
C MET A 114 -20.11 28.84 -25.64
N LEU A 115 -19.52 28.93 -26.83
CA LEU A 115 -19.76 27.92 -27.85
C LEU A 115 -19.13 26.59 -27.44
N ASP A 116 -17.93 26.63 -26.89
CA ASP A 116 -17.25 25.42 -26.46
C ASP A 116 -17.96 24.78 -25.27
N TRP A 117 -18.47 25.61 -24.37
CA TRP A 117 -19.24 25.09 -23.24
C TRP A 117 -20.53 24.44 -23.70
N ALA A 118 -21.29 25.15 -24.53
CA ALA A 118 -22.57 24.65 -24.99
C ALA A 118 -22.41 23.36 -25.79
N SER A 119 -21.28 23.24 -26.50
CA SER A 119 -20.96 22.06 -27.29
C SER A 119 -20.49 20.89 -26.41
N GLY A 120 -20.28 21.15 -25.13
CA GLY A 120 -19.86 20.12 -24.19
C GLY A 120 -18.37 19.81 -24.24
N THR A 121 -17.55 20.77 -24.64
CA THR A 121 -16.12 20.53 -24.70
C THR A 121 -15.38 21.31 -23.62
N LEU A 122 -15.98 22.41 -23.16
CA LEU A 122 -15.33 23.26 -22.17
C LEU A 122 -16.17 23.44 -20.91
N TYR A 123 -15.63 23.00 -19.77
CA TYR A 123 -16.29 23.04 -18.47
C TYR A 123 -17.55 22.18 -18.44
N GLN A 124 -17.57 21.14 -19.27
CA GLN A 124 -18.75 20.28 -19.39
C GLN A 124 -19.00 19.47 -18.13
N ASP A 125 -17.98 19.37 -17.28
CA ASP A 125 -18.07 18.65 -16.03
C ASP A 125 -17.90 19.58 -14.83
N ARG A 126 -18.03 20.89 -15.05
CA ARG A 126 -17.87 21.84 -13.97
C ARG A 126 -19.08 22.74 -13.74
N PHE A 127 -19.71 23.21 -14.81
CA PHE A 127 -20.84 24.11 -14.65
C PHE A 127 -22.07 23.61 -15.38
N ASP A 128 -23.25 23.80 -14.78
CA ASP A 128 -24.50 23.39 -15.40
C ASP A 128 -25.07 24.49 -16.26
N TYR A 129 -24.81 25.73 -15.86
CA TYR A 129 -25.30 26.89 -16.60
C TYR A 129 -24.22 27.94 -16.82
N LEU A 130 -24.30 28.61 -17.96
CA LEU A 130 -23.41 29.71 -18.30
C LEU A 130 -24.21 30.93 -18.76
N PHE A 131 -24.06 32.04 -18.05
CA PHE A 131 -24.83 33.24 -18.34
C PHE A 131 -23.94 34.39 -18.80
N TYR A 132 -24.21 34.90 -20.00
CA TYR A 132 -23.44 36.00 -20.56
C TYR A 132 -24.17 37.32 -20.42
N ILE A 133 -23.56 38.23 -19.67
CA ILE A 133 -24.15 39.54 -19.44
C ILE A 133 -23.27 40.63 -20.03
N HIS A 134 -23.75 41.28 -21.09
CA HIS A 134 -22.98 42.35 -21.68
C HIS A 134 -23.21 43.61 -20.85
N CYS A 135 -22.14 44.34 -20.55
CA CYS A 135 -22.26 45.55 -19.73
C CYS A 135 -22.94 46.69 -20.46
N ARG A 136 -22.86 46.70 -21.79
CA ARG A 136 -23.41 47.78 -22.60
C ARG A 136 -24.92 47.92 -22.40
N GLU A 137 -25.60 46.80 -22.24
CA GLU A 137 -27.05 46.76 -22.14
C GLU A 137 -27.55 46.90 -20.70
N VAL A 138 -26.61 47.01 -19.75
CA VAL A 138 -27.00 47.08 -18.34
C VAL A 138 -27.40 48.48 -17.93
N SER A 139 -28.55 48.59 -17.28
CA SER A 139 -29.01 49.85 -16.73
C SER A 139 -28.49 49.97 -15.30
N LEU A 140 -27.58 50.91 -15.09
CA LEU A 140 -26.91 51.06 -13.80
C LEU A 140 -27.76 51.81 -12.78
N VAL A 141 -28.61 52.71 -13.27
CA VAL A 141 -29.37 53.57 -12.38
C VAL A 141 -30.79 53.08 -12.10
N THR A 142 -31.27 52.11 -12.87
CA THR A 142 -32.62 51.60 -12.65
C THR A 142 -32.63 50.50 -11.62
N GLN A 143 -33.82 50.18 -11.10
CA GLN A 143 -33.98 49.16 -10.07
C GLN A 143 -34.53 47.85 -10.61
N ARG A 144 -33.86 46.75 -10.29
CA ARG A 144 -34.31 45.42 -10.72
C ARG A 144 -33.79 44.29 -9.83
N SER A 145 -34.50 43.16 -9.85
CA SER A 145 -34.05 41.94 -9.22
C SER A 145 -33.03 41.27 -10.12
N LEU A 146 -32.42 40.17 -9.69
CA LEU A 146 -31.42 39.54 -10.54
C LEU A 146 -32.09 38.71 -11.62
N GLY A 147 -32.67 39.43 -12.58
CA GLY A 147 -33.42 38.83 -13.68
C GLY A 147 -32.49 38.56 -14.86
N ASP A 148 -31.20 38.78 -14.64
CA ASP A 148 -30.18 38.59 -15.66
C ASP A 148 -30.12 37.13 -16.10
N LEU A 149 -30.52 36.24 -15.19
CA LEU A 149 -30.47 34.80 -15.43
C LEU A 149 -31.68 34.38 -16.27
N ILE A 150 -32.59 35.32 -16.50
CA ILE A 150 -33.76 35.09 -17.34
C ILE A 150 -33.57 35.82 -18.67
N MET A 151 -33.23 37.11 -18.56
CA MET A 151 -33.12 37.99 -19.72
C MET A 151 -32.01 37.60 -20.69
N SER A 152 -30.92 37.05 -20.17
CA SER A 152 -29.79 36.67 -21.02
C SER A 152 -29.98 35.34 -21.72
N CYS A 153 -31.08 34.65 -21.44
CA CYS A 153 -31.28 33.31 -21.98
C CYS A 153 -32.31 33.27 -23.10
N CYS A 154 -32.99 32.13 -23.23
CA CYS A 154 -33.94 31.89 -24.29
C CYS A 154 -35.24 32.67 -24.04
N PRO A 155 -36.13 32.79 -25.03
CA PRO A 155 -37.42 33.45 -24.98
C PRO A 155 -38.38 32.89 -23.91
N ASP A 156 -38.15 31.67 -23.43
CA ASP A 156 -39.05 31.09 -22.43
C ASP A 156 -39.06 31.96 -21.17
N PRO A 157 -40.19 32.58 -20.83
CA PRO A 157 -40.37 33.54 -19.74
C PRO A 157 -40.34 32.91 -18.35
N ASN A 158 -40.39 31.59 -18.27
CA ASN A 158 -40.47 30.93 -16.96
C ASN A 158 -39.50 29.76 -16.80
N PRO A 159 -38.19 30.02 -16.80
CA PRO A 159 -37.13 29.07 -16.49
C PRO A 159 -37.16 28.75 -15.00
N PRO A 160 -36.59 27.62 -14.59
CA PRO A 160 -36.54 27.09 -13.24
C PRO A 160 -35.52 27.82 -12.37
N ILE A 161 -35.75 29.12 -12.19
CA ILE A 161 -34.84 29.98 -11.41
C ILE A 161 -34.86 29.56 -9.95
N HIS A 162 -36.04 29.19 -9.47
CA HIS A 162 -36.25 28.82 -8.07
C HIS A 162 -35.80 27.39 -7.76
N LYS A 163 -35.32 26.66 -8.77
CA LYS A 163 -34.88 25.28 -8.58
C LYS A 163 -33.37 25.14 -8.76
N ILE A 164 -32.95 24.43 -9.80
CA ILE A 164 -31.55 24.17 -10.06
C ILE A 164 -30.74 25.42 -10.40
N VAL A 165 -31.37 26.40 -11.03
CA VAL A 165 -30.65 27.58 -11.49
C VAL A 165 -30.24 28.52 -10.35
N ARG A 166 -30.73 28.30 -9.13
CA ARG A 166 -30.30 29.13 -8.01
C ARG A 166 -29.24 28.44 -7.15
N LYS A 167 -28.81 27.24 -7.56
CA LYS A 167 -27.82 26.53 -6.77
C LYS A 167 -26.40 27.09 -7.00
N PRO A 168 -25.71 27.51 -5.93
CA PRO A 168 -24.42 28.16 -5.95
C PRO A 168 -23.34 27.19 -6.39
N SER A 169 -22.31 27.73 -7.04
CA SER A 169 -21.13 26.99 -7.49
C SER A 169 -21.37 26.17 -8.76
N ARG A 170 -22.62 26.03 -9.18
CA ARG A 170 -22.92 25.26 -10.38
C ARG A 170 -23.06 26.17 -11.60
N ILE A 171 -22.88 27.46 -11.37
CA ILE A 171 -23.08 28.45 -12.42
C ILE A 171 -21.86 29.33 -12.68
N LEU A 172 -21.53 29.47 -13.96
CA LEU A 172 -20.49 30.38 -14.41
C LEU A 172 -21.10 31.60 -15.09
N PHE A 173 -20.69 32.78 -14.65
CA PHE A 173 -21.14 34.03 -15.24
C PHE A 173 -20.00 34.70 -15.98
N LEU A 174 -20.33 35.44 -17.03
CA LEU A 174 -19.32 36.25 -17.69
C LEU A 174 -19.82 37.68 -17.85
N MET A 175 -19.02 38.63 -17.35
CA MET A 175 -19.34 40.05 -17.42
C MET A 175 -18.45 40.73 -18.46
N ASP A 176 -19.07 41.17 -19.56
CA ASP A 176 -18.28 41.68 -20.68
C ASP A 176 -18.27 43.21 -20.78
N GLY A 177 -17.12 43.82 -20.48
CA GLY A 177 -16.97 45.26 -20.61
C GLY A 177 -17.26 46.04 -19.34
N PHE A 178 -16.60 45.72 -18.25
CA PHE A 178 -16.79 46.46 -17.02
C PHE A 178 -16.67 47.97 -17.26
N ASP A 179 -15.70 48.36 -18.07
CA ASP A 179 -15.44 49.76 -18.35
C ASP A 179 -16.53 50.42 -19.21
N GLU A 180 -17.45 49.63 -19.74
CA GLU A 180 -18.55 50.15 -20.54
C GLU A 180 -19.80 50.41 -19.73
N LEU A 181 -19.75 50.18 -18.42
CA LEU A 181 -20.92 50.46 -17.60
C LEU A 181 -21.18 51.97 -17.64
N GLN A 182 -22.42 52.35 -17.93
CA GLN A 182 -22.76 53.76 -18.07
C GLN A 182 -23.42 54.32 -16.82
N GLY A 183 -23.38 55.64 -16.68
CA GLY A 183 -23.96 56.30 -15.52
C GLY A 183 -22.94 56.38 -14.39
N ALA A 184 -23.42 56.67 -13.19
CA ALA A 184 -22.55 56.78 -12.02
C ALA A 184 -22.21 55.40 -11.52
N PHE A 185 -21.08 55.27 -10.83
CA PHE A 185 -20.68 53.98 -10.28
C PHE A 185 -19.79 54.17 -9.06
N ASP A 186 -19.95 53.30 -8.07
CA ASP A 186 -19.12 53.31 -6.87
C ASP A 186 -18.84 51.89 -6.41
N GLU A 187 -17.74 51.72 -5.69
CA GLU A 187 -17.32 50.42 -5.21
C GLU A 187 -17.59 50.26 -3.72
N HIS A 188 -17.66 51.37 -3.00
CA HIS A 188 -17.78 51.33 -1.54
C HIS A 188 -19.22 51.60 -1.10
N ILE A 189 -20.08 50.63 -1.27
CA ILE A 189 -21.50 50.78 -1.01
C ILE A 189 -21.96 49.93 0.17
N GLY A 190 -22.56 50.56 1.17
CA GLY A 190 -23.06 49.85 2.35
C GLY A 190 -24.15 48.84 1.96
N PRO A 191 -25.26 49.31 1.38
CA PRO A 191 -26.37 48.52 0.89
C PRO A 191 -25.99 47.76 -0.38
N LEU A 192 -25.16 46.74 -0.20
CA LEU A 192 -24.67 45.95 -1.34
C LEU A 192 -25.79 45.20 -2.05
N CYS A 193 -26.80 44.79 -1.30
CA CYS A 193 -27.94 44.03 -1.83
C CYS A 193 -27.63 42.55 -2.09
N THR A 194 -27.98 41.72 -1.14
CA THR A 194 -27.91 40.28 -1.28
C THR A 194 -29.33 39.76 -1.44
N ASP A 195 -29.48 38.49 -1.80
CA ASP A 195 -30.80 37.91 -2.08
C ASP A 195 -31.28 38.31 -3.47
N TRP A 196 -31.05 37.43 -4.43
CA TRP A 196 -31.40 37.65 -5.85
C TRP A 196 -32.86 38.00 -6.06
N GLN A 197 -33.70 37.67 -5.08
CA GLN A 197 -35.13 37.88 -5.16
C GLN A 197 -35.51 39.35 -4.97
N LYS A 198 -34.61 40.14 -4.41
CA LYS A 198 -34.91 41.55 -4.12
C LYS A 198 -34.34 42.48 -5.19
N ALA A 199 -35.08 43.55 -5.47
CA ALA A 199 -34.66 44.51 -6.50
C ALA A 199 -33.92 45.70 -5.90
N GLU A 200 -32.86 46.12 -6.59
CA GLU A 200 -32.09 47.30 -6.20
C GLU A 200 -31.43 47.90 -7.44
N ARG A 201 -30.74 49.03 -7.29
CA ARG A 201 -30.08 49.67 -8.42
C ARG A 201 -29.07 48.75 -9.11
N GLY A 202 -28.99 48.87 -10.42
CA GLY A 202 -28.09 48.03 -11.23
C GLY A 202 -26.62 48.10 -10.82
N ASP A 203 -26.14 49.28 -10.43
CA ASP A 203 -24.73 49.41 -10.04
C ASP A 203 -24.47 48.65 -8.74
N ILE A 204 -25.41 48.75 -7.83
CA ILE A 204 -25.34 48.05 -6.56
C ILE A 204 -25.42 46.55 -6.78
N LEU A 205 -26.31 46.12 -7.66
CA LEU A 205 -26.53 44.71 -7.93
C LEU A 205 -25.25 44.08 -8.49
N LEU A 206 -24.57 44.79 -9.39
CA LEU A 206 -23.32 44.28 -9.96
C LEU A 206 -22.24 44.14 -8.90
N SER A 207 -22.16 45.11 -7.98
CA SER A 207 -21.14 45.07 -6.93
C SER A 207 -21.30 43.82 -6.07
N SER A 208 -22.54 43.53 -5.68
CA SER A 208 -22.84 42.38 -4.84
C SER A 208 -22.48 41.07 -5.53
N LEU A 209 -22.77 40.96 -6.83
CA LEU A 209 -22.44 39.75 -7.57
C LEU A 209 -20.92 39.60 -7.71
N ILE A 210 -20.23 40.70 -8.03
CA ILE A 210 -18.78 40.67 -8.22
C ILE A 210 -18.05 40.30 -6.93
N ARG A 211 -18.52 40.84 -5.81
CA ARG A 211 -17.93 40.58 -4.51
C ARG A 211 -18.28 39.20 -3.95
N LYS A 212 -19.11 38.46 -4.69
CA LYS A 212 -19.58 37.14 -4.29
C LYS A 212 -20.39 37.17 -3.01
N LYS A 213 -21.22 38.21 -2.86
CA LYS A 213 -22.13 38.29 -1.72
C LYS A 213 -23.50 37.83 -2.18
N LEU A 214 -23.77 38.07 -3.45
CA LEU A 214 -24.99 37.65 -4.10
C LEU A 214 -24.74 36.35 -4.85
N LEU A 215 -25.58 35.35 -4.59
CA LEU A 215 -25.39 34.03 -5.20
C LEU A 215 -23.93 33.59 -5.03
N PRO A 216 -23.48 33.43 -3.77
CA PRO A 216 -22.11 33.21 -3.37
C PRO A 216 -21.59 31.88 -3.89
N GLU A 217 -20.28 31.80 -4.03
CA GLU A 217 -19.58 30.62 -4.56
C GLU A 217 -19.78 30.43 -6.07
N ALA A 218 -20.53 31.31 -6.71
CA ALA A 218 -20.66 31.26 -8.16
C ALA A 218 -19.34 31.67 -8.79
N SER A 219 -19.08 31.15 -9.99
CA SER A 219 -17.87 31.52 -10.72
C SER A 219 -18.15 32.70 -11.65
N LEU A 220 -17.26 33.68 -11.65
CA LEU A 220 -17.45 34.85 -12.50
C LEU A 220 -16.19 35.24 -13.27
N LEU A 221 -16.34 35.37 -14.58
CA LEU A 221 -15.26 35.81 -15.46
C LEU A 221 -15.54 37.24 -15.90
N ILE A 222 -14.59 38.14 -15.65
CA ILE A 222 -14.79 39.55 -15.98
C ILE A 222 -13.78 40.04 -17.01
N THR A 223 -14.27 40.70 -18.06
CA THR A 223 -13.37 41.30 -19.04
C THR A 223 -13.38 42.81 -18.87
N THR A 224 -12.18 43.41 -18.88
CA THR A 224 -12.09 44.87 -18.71
C THR A 224 -10.80 45.46 -19.28
N ARG A 225 -10.86 46.74 -19.67
CA ARG A 225 -9.64 47.46 -20.02
C ARG A 225 -8.83 47.75 -18.76
N PRO A 226 -7.49 47.57 -18.77
CA PRO A 226 -6.58 47.78 -17.66
C PRO A 226 -6.80 49.11 -16.94
N VAL A 227 -7.15 50.15 -17.68
CA VAL A 227 -7.38 51.47 -17.09
C VAL A 227 -8.52 51.46 -16.08
N ALA A 228 -9.49 50.58 -16.27
CA ALA A 228 -10.65 50.52 -15.40
C ALA A 228 -10.43 49.56 -14.24
N LEU A 229 -9.27 48.91 -14.20
CA LEU A 229 -9.01 47.96 -13.14
C LEU A 229 -9.10 48.63 -11.78
N GLU A 230 -8.69 49.89 -11.71
CA GLU A 230 -8.68 50.62 -10.46
C GLU A 230 -10.06 50.75 -9.83
N LYS A 231 -11.11 50.64 -10.64
CA LYS A 231 -12.48 50.76 -10.15
C LYS A 231 -13.12 49.38 -10.01
N LEU A 232 -12.35 48.34 -10.30
CA LEU A 232 -12.81 46.97 -10.21
C LEU A 232 -12.12 46.23 -9.07
N GLN A 233 -10.86 46.59 -8.82
CA GLN A 233 -10.02 45.91 -7.84
C GLN A 233 -10.63 45.84 -6.45
N HIS A 234 -11.50 46.81 -6.14
CA HIS A 234 -12.13 46.91 -4.83
C HIS A 234 -13.26 45.90 -4.69
N LEU A 235 -13.68 45.37 -5.82
CA LEU A 235 -14.78 44.43 -5.87
C LEU A 235 -14.25 42.99 -6.00
N LEU A 236 -13.04 42.87 -6.56
CA LEU A 236 -12.45 41.55 -6.84
C LEU A 236 -11.78 40.91 -5.63
N ASP A 237 -11.10 41.73 -4.83
CA ASP A 237 -10.33 41.25 -3.67
C ASP A 237 -9.15 40.35 -4.06
N HIS A 238 -9.45 39.15 -4.55
CA HIS A 238 -8.41 38.18 -4.89
C HIS A 238 -8.66 37.45 -6.22
N PRO A 239 -8.61 38.15 -7.35
CA PRO A 239 -8.86 37.67 -8.70
C PRO A 239 -7.68 36.91 -9.28
N ARG A 240 -7.95 36.02 -10.23
CA ARG A 240 -6.88 35.46 -11.07
C ARG A 240 -6.68 36.38 -12.27
N HIS A 241 -5.44 36.73 -12.57
CA HIS A 241 -5.16 37.67 -13.64
C HIS A 241 -4.61 37.03 -14.91
N VAL A 242 -5.36 37.18 -16.00
CA VAL A 242 -4.94 36.69 -17.31
C VAL A 242 -4.90 37.84 -18.32
N GLU A 243 -3.78 37.98 -19.01
CA GLU A 243 -3.64 39.03 -20.01
C GLU A 243 -3.86 38.49 -21.42
N ILE A 244 -4.63 39.21 -22.21
CA ILE A 244 -4.89 38.82 -23.60
C ILE A 244 -3.99 39.58 -24.54
N LEU A 245 -3.20 38.85 -25.29
CA LEU A 245 -2.27 39.42 -26.24
C LEU A 245 -2.81 39.25 -27.65
N GLY A 246 -2.28 40.00 -28.60
CA GLY A 246 -2.80 40.00 -29.95
C GLY A 246 -2.24 38.86 -30.80
N PHE A 247 -2.41 38.98 -32.10
CA PHE A 247 -2.02 37.93 -33.03
C PHE A 247 -0.53 37.96 -33.31
N SER A 248 0.06 36.77 -33.42
CA SER A 248 1.43 36.62 -33.86
C SER A 248 1.50 36.74 -35.37
N GLU A 249 2.70 36.79 -35.92
CA GLU A 249 2.83 36.93 -37.37
C GLU A 249 2.18 35.76 -38.09
N ALA A 250 2.33 34.56 -37.53
CA ALA A 250 1.74 33.37 -38.12
C ALA A 250 0.21 33.42 -38.05
N LYS A 251 -0.31 33.92 -36.94
CA LYS A 251 -1.75 34.01 -36.76
C LYS A 251 -2.32 35.10 -37.66
N ARG A 252 -1.57 36.17 -37.87
CA ARG A 252 -2.01 37.22 -38.77
C ARG A 252 -2.17 36.67 -40.18
N LYS A 253 -1.22 35.83 -40.61
CA LYS A 253 -1.34 35.20 -41.92
C LYS A 253 -2.62 34.40 -42.00
N GLU A 254 -2.90 33.62 -40.97
CA GLU A 254 -4.11 32.79 -40.96
C GLU A 254 -5.35 33.66 -41.07
N TYR A 255 -5.37 34.79 -40.37
CA TYR A 255 -6.52 35.68 -40.44
C TYR A 255 -6.79 36.10 -41.87
N PHE A 256 -5.75 36.53 -42.58
CA PHE A 256 -5.92 36.97 -43.97
C PHE A 256 -6.37 35.83 -44.88
N PHE A 257 -5.79 34.64 -44.69
CA PHE A 257 -6.15 33.50 -45.54
C PHE A 257 -7.54 32.97 -45.23
N LYS A 258 -8.00 33.13 -43.99
CA LYS A 258 -9.36 32.74 -43.66
C LYS A 258 -10.36 33.82 -44.06
N TYR A 259 -9.97 35.09 -43.93
CA TYR A 259 -10.83 36.23 -44.25
C TYR A 259 -11.12 36.29 -45.75
N PHE A 260 -10.07 36.17 -46.55
CA PHE A 260 -10.20 36.25 -48.01
C PHE A 260 -10.25 34.86 -48.61
N SER A 261 -11.42 34.46 -49.11
CA SER A 261 -11.62 33.10 -49.61
C SER A 261 -10.71 32.74 -50.79
N ASP A 262 -10.30 33.75 -51.56
CA ASP A 262 -9.38 33.54 -52.67
C ASP A 262 -7.93 33.65 -52.19
N GLU A 263 -7.21 32.53 -52.21
CA GLU A 263 -5.83 32.51 -51.75
C GLU A 263 -5.00 33.61 -52.40
N ALA A 264 -5.26 33.86 -53.68
CA ALA A 264 -4.50 34.88 -54.42
C ALA A 264 -4.71 36.25 -53.82
N GLN A 265 -5.92 36.51 -53.33
CA GLN A 265 -6.25 37.82 -52.77
C GLN A 265 -5.74 37.91 -51.35
N ALA A 266 -5.78 36.78 -50.65
CA ALA A 266 -5.28 36.73 -49.28
C ALA A 266 -3.79 36.98 -49.28
N ARG A 267 -3.10 36.41 -50.26
CA ARG A 267 -1.67 36.54 -50.39
C ARG A 267 -1.28 37.96 -50.76
N ALA A 268 -1.98 38.54 -51.74
CA ALA A 268 -1.72 39.91 -52.13
C ALA A 268 -2.04 40.87 -50.99
N ALA A 269 -3.12 40.59 -50.28
CA ALA A 269 -3.54 41.44 -49.18
C ALA A 269 -2.56 41.37 -48.03
N PHE A 270 -2.13 40.16 -47.69
CA PHE A 270 -1.17 40.01 -46.60
C PHE A 270 0.14 40.68 -46.96
N SER A 271 0.62 40.45 -48.18
CA SER A 271 1.89 41.00 -48.63
C SER A 271 1.87 42.53 -48.59
N LEU A 272 0.78 43.14 -49.04
CA LEU A 272 0.66 44.59 -49.00
C LEU A 272 0.94 45.11 -47.60
N ILE A 273 0.39 44.44 -46.61
CA ILE A 273 0.55 44.84 -45.23
C ILE A 273 1.93 44.47 -44.71
N GLN A 274 2.43 43.28 -45.06
CA GLN A 274 3.74 42.84 -44.62
C GLN A 274 4.83 43.85 -44.99
N GLU A 275 4.70 44.47 -46.16
CA GLU A 275 5.65 45.47 -46.63
C GLU A 275 5.60 46.76 -45.79
N ASN A 276 4.50 46.98 -45.09
CA ASN A 276 4.30 48.17 -44.27
C ASN A 276 4.54 47.82 -42.81
N GLU A 277 5.78 48.00 -42.36
CA GLU A 277 6.17 47.53 -41.03
C GLU A 277 5.27 48.07 -39.93
N VAL A 278 4.91 49.34 -40.03
CA VAL A 278 4.13 49.98 -38.98
C VAL A 278 2.69 49.47 -38.96
N LEU A 279 2.05 49.40 -40.14
CA LEU A 279 0.68 48.92 -40.20
C LEU A 279 0.62 47.44 -39.84
N PHE A 280 1.62 46.69 -40.28
CA PHE A 280 1.75 45.28 -39.98
C PHE A 280 1.79 45.09 -38.47
N THR A 281 2.62 45.88 -37.81
CA THR A 281 2.74 45.81 -36.36
C THR A 281 1.41 46.11 -35.68
N MET A 282 0.73 47.18 -36.10
CA MET A 282 -0.54 47.56 -35.48
C MET A 282 -1.59 46.48 -35.61
N CYS A 283 -1.53 45.72 -36.71
CA CYS A 283 -2.50 44.67 -36.98
C CYS A 283 -2.45 43.52 -35.97
N PHE A 284 -1.57 43.62 -34.97
CA PHE A 284 -1.54 42.64 -33.90
C PHE A 284 -2.87 42.64 -33.16
N ILE A 285 -3.56 43.78 -33.19
CA ILE A 285 -4.88 43.88 -32.59
C ILE A 285 -5.93 43.46 -33.62
N PRO A 286 -6.73 42.43 -33.35
CA PRO A 286 -7.75 41.88 -34.24
C PRO A 286 -8.62 42.97 -34.86
N LEU A 287 -8.98 43.99 -34.08
CA LEU A 287 -9.76 45.09 -34.63
C LEU A 287 -9.02 45.84 -35.73
N VAL A 288 -7.70 45.94 -35.61
CA VAL A 288 -6.93 46.64 -36.64
C VAL A 288 -6.82 45.79 -37.89
N CYS A 289 -6.55 44.49 -37.73
CA CYS A 289 -6.45 43.67 -38.93
C CYS A 289 -7.80 43.59 -39.64
N TRP A 290 -8.89 43.67 -38.85
CA TRP A 290 -10.23 43.66 -39.40
C TRP A 290 -10.53 44.91 -40.24
N ILE A 291 -10.24 46.09 -39.69
CA ILE A 291 -10.54 47.34 -40.38
C ILE A 291 -9.69 47.44 -41.66
N VAL A 292 -8.47 46.92 -41.60
CA VAL A 292 -7.56 46.89 -42.74
C VAL A 292 -8.05 45.93 -43.82
N CYS A 293 -8.42 44.71 -43.42
CA CYS A 293 -8.90 43.72 -44.37
C CYS A 293 -10.21 44.15 -45.01
N THR A 294 -11.09 44.79 -44.21
CA THR A 294 -12.38 45.22 -44.72
C THR A 294 -12.22 46.28 -45.80
N GLY A 295 -11.36 47.27 -45.54
CA GLY A 295 -11.13 48.32 -46.52
C GLY A 295 -10.53 47.75 -47.79
N LEU A 296 -9.62 46.79 -47.65
CA LEU A 296 -8.98 46.16 -48.80
C LEU A 296 -10.00 45.36 -49.61
N LYS A 297 -10.85 44.61 -48.91
CA LYS A 297 -11.87 43.82 -49.60
C LYS A 297 -12.71 44.73 -50.49
N GLN A 298 -13.06 45.91 -49.99
CA GLN A 298 -13.84 46.87 -50.76
C GLN A 298 -13.04 47.39 -51.95
N GLN A 299 -11.74 47.63 -51.76
CA GLN A 299 -10.88 48.08 -52.85
C GLN A 299 -10.81 47.01 -53.94
N MET A 300 -10.80 45.75 -53.52
CA MET A 300 -10.83 44.61 -54.43
C MET A 300 -12.11 44.61 -55.25
N GLU A 301 -13.26 44.69 -54.57
CA GLU A 301 -14.56 44.64 -55.24
C GLU A 301 -14.75 45.81 -56.21
N SER A 302 -14.21 46.96 -55.85
CA SER A 302 -14.35 48.18 -56.65
C SER A 302 -13.34 48.27 -57.80
N GLY A 303 -12.42 47.31 -57.89
CA GLY A 303 -11.42 47.31 -58.96
C GLY A 303 -10.32 48.36 -58.78
N LYS A 304 -9.95 48.62 -57.53
CA LYS A 304 -8.93 49.63 -57.23
C LYS A 304 -7.53 49.01 -57.15
N SER A 305 -6.52 49.87 -56.96
CA SER A 305 -5.12 49.44 -56.87
C SER A 305 -4.81 48.71 -55.57
N LEU A 306 -5.69 48.84 -54.59
CA LEU A 306 -5.55 48.24 -53.26
C LEU A 306 -4.38 48.81 -52.47
N ALA A 307 -3.86 49.95 -52.89
CA ALA A 307 -2.77 50.56 -52.15
C ALA A 307 -3.25 51.10 -50.81
N GLN A 308 -2.41 50.94 -49.78
CA GLN A 308 -2.67 51.50 -48.47
C GLN A 308 -1.38 52.08 -47.91
N THR A 309 -1.43 53.33 -47.46
CA THR A 309 -0.24 54.01 -46.97
C THR A 309 -0.38 54.45 -45.52
N SER A 310 -1.32 53.84 -44.80
CA SER A 310 -1.58 54.21 -43.41
C SER A 310 -0.38 53.88 -42.52
N LYS A 311 -0.08 54.79 -41.59
CA LYS A 311 1.02 54.61 -40.64
C LYS A 311 0.55 54.67 -39.19
N THR A 312 -0.54 55.37 -38.95
CA THR A 312 -1.02 55.57 -37.59
C THR A 312 -2.40 54.98 -37.42
N THR A 313 -2.83 54.83 -36.17
CA THR A 313 -4.16 54.30 -35.88
C THR A 313 -5.21 55.24 -36.46
N THR A 314 -4.95 56.54 -36.30
CA THR A 314 -5.84 57.58 -36.82
C THR A 314 -5.93 57.48 -38.32
N ALA A 315 -4.79 57.29 -38.99
CA ALA A 315 -4.75 57.17 -40.42
C ALA A 315 -5.61 56.01 -40.91
N VAL A 316 -5.52 54.89 -40.17
CA VAL A 316 -6.32 53.72 -40.54
C VAL A 316 -7.80 53.98 -40.37
N TYR A 317 -8.19 54.59 -39.26
CA TYR A 317 -9.59 54.88 -38.97
C TYR A 317 -10.20 55.86 -39.96
N VAL A 318 -9.45 56.92 -40.31
CA VAL A 318 -9.99 57.90 -41.23
C VAL A 318 -9.96 57.35 -42.66
N PHE A 319 -8.94 56.58 -43.00
CA PHE A 319 -8.88 55.94 -44.30
C PHE A 319 -10.10 55.09 -44.50
N PHE A 320 -10.39 54.24 -43.53
CA PHE A 320 -11.53 53.35 -43.60
C PHE A 320 -12.83 54.13 -43.71
N LEU A 321 -13.06 55.06 -42.79
CA LEU A 321 -14.33 55.77 -42.79
C LEU A 321 -14.54 56.53 -44.08
N SER A 322 -13.51 57.24 -44.52
CA SER A 322 -13.63 58.06 -45.72
C SER A 322 -13.83 57.19 -46.95
N SER A 323 -13.13 56.07 -47.02
CA SER A 323 -13.27 55.17 -48.14
C SER A 323 -14.70 54.68 -48.24
N LEU A 324 -15.29 54.35 -47.10
CA LEU A 324 -16.65 53.85 -47.06
C LEU A 324 -17.70 54.92 -47.39
N LEU A 325 -17.53 56.14 -46.88
CA LEU A 325 -18.50 57.21 -47.10
C LEU A 325 -18.32 57.96 -48.42
N GLN A 326 -17.10 58.03 -48.93
CA GLN A 326 -16.83 58.81 -50.13
C GLN A 326 -17.77 58.52 -51.32
N PRO A 327 -18.10 57.26 -51.65
CA PRO A 327 -18.93 56.88 -52.77
C PRO A 327 -20.26 57.63 -52.77
N LEU A 336 -23.93 59.33 -46.35
CA LEU A 336 -22.54 59.44 -46.79
C LEU A 336 -21.84 60.59 -46.09
N CYS A 337 -20.85 61.19 -46.76
CA CYS A 337 -20.02 62.24 -46.19
C CYS A 337 -20.83 63.46 -45.74
N ALA A 338 -21.96 63.68 -46.39
CA ALA A 338 -22.82 64.82 -46.14
C ALA A 338 -23.37 64.85 -44.71
N HIS A 339 -23.41 63.69 -44.06
CA HIS A 339 -23.98 63.60 -42.73
C HIS A 339 -22.93 63.38 -41.64
N LEU A 340 -21.66 63.62 -41.97
CA LEU A 340 -20.59 63.41 -40.99
C LEU A 340 -20.79 64.30 -39.77
N TRP A 341 -21.24 65.54 -39.99
CA TRP A 341 -21.45 66.47 -38.89
C TRP A 341 -22.47 65.95 -37.91
N GLY A 342 -23.65 65.57 -38.40
CA GLY A 342 -24.72 65.12 -37.54
C GLY A 342 -24.29 63.91 -36.74
N LEU A 343 -23.55 63.01 -37.37
CA LEU A 343 -23.08 61.82 -36.69
C LEU A 343 -22.00 62.12 -35.67
N CYS A 344 -21.04 62.97 -36.03
CA CYS A 344 -19.97 63.29 -35.10
C CYS A 344 -20.55 63.97 -33.86
N SER A 345 -21.56 64.81 -34.07
CA SER A 345 -22.24 65.47 -32.96
C SER A 345 -22.93 64.43 -32.08
N LEU A 346 -23.57 63.44 -32.72
CA LEU A 346 -24.23 62.36 -31.99
C LEU A 346 -23.22 61.58 -31.16
N ALA A 347 -22.08 61.25 -31.78
CA ALA A 347 -21.05 60.48 -31.09
C ALA A 347 -20.50 61.24 -29.91
N ALA A 348 -20.26 62.54 -30.10
CA ALA A 348 -19.73 63.38 -29.03
C ALA A 348 -20.74 63.50 -27.89
N ASP A 349 -22.02 63.62 -28.26
CA ASP A 349 -23.09 63.73 -27.27
C ASP A 349 -23.22 62.41 -26.53
N GLY A 350 -23.06 61.32 -27.26
CA GLY A 350 -23.11 59.99 -26.68
C GLY A 350 -22.02 59.80 -25.64
N ILE A 351 -20.78 60.15 -26.00
CA ILE A 351 -19.69 59.98 -25.06
C ILE A 351 -19.89 60.87 -23.84
N TRP A 352 -20.22 62.13 -24.06
CA TRP A 352 -20.41 63.08 -22.97
C TRP A 352 -21.53 62.67 -22.00
N ASN A 353 -22.65 62.22 -22.56
CA ASN A 353 -23.82 61.87 -21.76
C ASN A 353 -23.89 60.39 -21.43
N GLN A 354 -22.81 59.66 -21.63
CA GLN A 354 -22.75 58.25 -21.29
C GLN A 354 -23.83 57.41 -21.99
N LYS A 355 -23.98 57.60 -23.30
CA LYS A 355 -24.93 56.83 -24.09
C LYS A 355 -24.23 56.07 -25.22
N ILE A 356 -24.44 54.76 -25.25
CA ILE A 356 -23.90 53.91 -26.30
C ILE A 356 -25.02 53.45 -27.23
N LEU A 357 -26.16 53.14 -26.62
CA LEU A 357 -27.32 52.62 -27.35
C LEU A 357 -28.31 53.74 -27.60
N PHE A 358 -28.59 54.01 -28.88
CA PHE A 358 -29.39 55.15 -29.28
C PHE A 358 -30.75 54.72 -29.84
N GLU A 359 -31.75 55.59 -29.67
CA GLU A 359 -33.06 55.32 -30.23
C GLU A 359 -33.28 56.12 -31.51
N GLU A 360 -34.39 55.86 -32.20
CA GLU A 360 -34.70 56.60 -33.42
C GLU A 360 -34.78 58.09 -33.15
N SER A 361 -35.23 58.45 -31.94
CA SER A 361 -35.33 59.85 -31.54
C SER A 361 -33.97 60.53 -31.49
N ASP A 362 -32.93 59.78 -31.15
CA ASP A 362 -31.60 60.35 -31.02
C ASP A 362 -31.00 60.56 -32.39
N LEU A 363 -31.36 59.67 -33.31
CA LEU A 363 -30.90 59.81 -34.69
C LEU A 363 -31.61 61.00 -35.35
N ARG A 364 -32.92 61.10 -35.15
CA ARG A 364 -33.70 62.18 -35.75
C ARG A 364 -33.27 63.55 -35.24
N ASN A 365 -32.93 63.62 -33.95
CA ASN A 365 -32.55 64.89 -33.32
C ASN A 365 -31.25 65.46 -33.88
N HIS A 366 -30.51 64.64 -34.63
CA HIS A 366 -29.26 65.09 -35.23
C HIS A 366 -29.37 65.15 -36.75
N GLY A 367 -30.60 65.05 -37.24
CA GLY A 367 -30.87 65.15 -38.67
C GLY A 367 -30.55 63.87 -39.43
N LEU A 368 -30.53 62.74 -38.73
CA LEU A 368 -30.18 61.47 -39.36
C LEU A 368 -31.43 60.61 -39.53
N GLN A 369 -31.99 60.59 -40.74
CA GLN A 369 -33.25 59.88 -40.96
C GLN A 369 -33.50 59.48 -42.40
N LYS A 370 -33.73 58.18 -42.63
CA LYS A 370 -34.07 57.63 -43.94
C LYS A 370 -33.11 58.06 -45.05
N ALA A 371 -31.82 58.07 -44.73
CA ALA A 371 -30.80 58.44 -45.69
C ALA A 371 -29.48 57.75 -45.35
N ASP A 372 -28.71 58.38 -44.47
CA ASP A 372 -27.39 57.88 -44.14
C ASP A 372 -27.45 56.72 -43.18
N VAL A 373 -28.49 56.67 -42.35
CA VAL A 373 -28.59 55.60 -41.37
C VAL A 373 -28.62 54.27 -42.10
N SER A 374 -29.40 54.20 -43.18
CA SER A 374 -29.49 53.00 -43.97
C SER A 374 -28.13 52.69 -44.62
N ALA A 375 -27.47 53.73 -45.12
CA ALA A 375 -26.15 53.55 -45.73
C ALA A 375 -25.14 53.05 -44.71
N PHE A 376 -25.23 53.56 -43.48
CA PHE A 376 -24.33 53.17 -42.41
C PHE A 376 -24.54 51.72 -42.00
N LEU A 377 -25.79 51.26 -42.08
CA LEU A 377 -26.14 49.87 -41.77
C LEU A 377 -25.72 48.93 -42.90
N ARG A 378 -25.73 49.42 -44.14
CA ARG A 378 -25.26 48.60 -45.25
C ARG A 378 -23.75 48.36 -45.14
N MET A 379 -23.05 49.39 -44.68
CA MET A 379 -21.61 49.35 -44.50
C MET A 379 -21.18 48.91 -43.11
N ASN A 380 -19.92 48.50 -42.96
CA ASN A 380 -19.41 48.10 -41.64
C ASN A 380 -19.06 49.31 -40.78
N LEU A 381 -20.10 50.05 -40.38
CA LEU A 381 -19.95 51.24 -39.55
C LEU A 381 -20.95 51.24 -38.41
N PHE A 382 -22.22 50.99 -38.72
CA PHE A 382 -23.25 50.94 -37.69
C PHE A 382 -24.08 49.69 -37.80
N GLN A 383 -24.64 49.29 -36.68
CA GLN A 383 -25.51 48.12 -36.61
C GLN A 383 -26.77 48.50 -35.85
N LYS A 384 -27.87 47.80 -36.13
CA LYS A 384 -29.14 48.16 -35.51
C LYS A 384 -29.54 47.21 -34.39
N GLU A 385 -28.58 46.38 -33.96
CA GLU A 385 -28.80 45.45 -32.85
C GLU A 385 -30.06 44.62 -33.08
N VAL A 386 -29.88 43.45 -33.70
CA VAL A 386 -31.02 42.65 -34.14
C VAL A 386 -31.27 41.43 -33.28
N ASP A 387 -30.66 41.40 -32.10
CA ASP A 387 -30.89 40.29 -31.17
C ASP A 387 -32.17 40.55 -30.38
N CYS A 388 -33.30 40.57 -31.09
CA CYS A 388 -34.63 40.82 -30.52
C CYS A 388 -34.69 42.07 -29.64
N GLU A 389 -34.20 43.20 -30.17
CA GLU A 389 -34.20 44.46 -29.42
C GLU A 389 -34.57 45.66 -30.28
N LYS A 390 -34.65 46.83 -29.63
CA LYS A 390 -35.02 48.07 -30.31
C LYS A 390 -34.11 49.26 -30.01
N PHE A 391 -32.91 49.25 -30.56
CA PHE A 391 -31.96 50.36 -30.44
C PHE A 391 -30.84 50.25 -31.45
N TYR A 392 -30.09 51.33 -31.64
CA TYR A 392 -28.98 51.39 -32.58
C TYR A 392 -27.65 51.58 -31.85
N SER A 393 -26.56 51.13 -32.47
CA SER A 393 -25.26 51.30 -31.85
C SER A 393 -24.12 51.38 -32.86
N PHE A 394 -22.98 51.91 -32.40
CA PHE A 394 -21.77 51.98 -33.20
C PHE A 394 -21.17 50.58 -33.31
N ILE A 395 -20.55 50.28 -34.44
CA ILE A 395 -19.95 48.96 -34.63
C ILE A 395 -18.83 48.71 -33.61
N HIS A 396 -18.06 49.74 -33.26
CA HIS A 396 -17.02 49.61 -32.25
C HIS A 396 -16.97 50.83 -31.35
N MET A 397 -16.57 50.64 -30.09
CA MET A 397 -16.46 51.77 -29.18
C MET A 397 -15.31 52.71 -29.52
N THR A 398 -14.27 52.17 -30.13
CA THR A 398 -13.15 53.01 -30.53
C THR A 398 -13.56 53.88 -31.72
N PHE A 399 -14.58 53.42 -32.45
CA PHE A 399 -15.12 54.18 -33.57
C PHE A 399 -15.95 55.33 -33.05
N GLN A 400 -16.79 55.05 -32.05
CA GLN A 400 -17.62 56.11 -31.47
C GLN A 400 -16.74 57.22 -30.93
N GLU A 401 -15.64 56.83 -30.28
CA GLU A 401 -14.69 57.80 -29.74
C GLU A 401 -13.96 58.52 -30.87
N PHE A 402 -13.64 57.81 -31.95
CA PHE A 402 -13.05 58.43 -33.13
C PHE A 402 -13.96 59.52 -33.70
N PHE A 403 -15.24 59.20 -33.85
CA PHE A 403 -16.20 60.18 -34.35
C PHE A 403 -16.26 61.40 -33.43
N ALA A 404 -16.24 61.16 -32.12
CA ALA A 404 -16.25 62.26 -31.17
C ALA A 404 -15.00 63.12 -31.33
N ALA A 405 -13.86 62.47 -31.57
CA ALA A 405 -12.61 63.19 -31.77
C ALA A 405 -12.69 64.14 -32.95
N MET A 406 -13.33 63.67 -34.03
CA MET A 406 -13.51 64.49 -35.23
C MET A 406 -14.44 65.65 -34.97
N TYR A 407 -15.46 65.43 -34.15
CA TYR A 407 -16.45 66.47 -33.86
C TYR A 407 -15.79 67.77 -33.47
N TYR A 408 -14.80 67.68 -32.58
CA TYR A 408 -14.15 68.85 -32.03
C TYR A 408 -13.40 69.66 -33.09
N LEU A 409 -13.17 69.06 -34.25
CA LEU A 409 -12.43 69.71 -35.33
C LEU A 409 -13.31 70.18 -36.49
N LEU A 410 -14.59 69.86 -36.47
CA LEU A 410 -15.44 70.18 -37.61
C LEU A 410 -15.95 71.61 -37.55
N GLU A 411 -16.16 72.20 -38.73
CA GLU A 411 -16.70 73.54 -38.83
C GLU A 411 -16.00 74.49 -37.87
N LEU A 427 -24.25 67.93 -29.45
CA LEU A 427 -23.54 69.19 -29.34
C LEU A 427 -23.32 69.57 -27.86
N PRO A 428 -22.70 68.67 -27.07
CA PRO A 428 -22.54 68.74 -25.63
C PRO A 428 -21.63 69.86 -25.14
N SER A 429 -20.73 70.32 -26.00
CA SER A 429 -19.77 71.35 -25.62
C SER A 429 -18.95 71.84 -26.80
N ARG A 430 -18.31 70.89 -27.48
CA ARG A 430 -17.36 71.17 -28.55
C ARG A 430 -16.19 71.98 -28.00
N ASP A 431 -15.79 71.64 -26.78
CA ASP A 431 -14.67 72.28 -26.12
C ASP A 431 -13.62 71.26 -25.71
N VAL A 432 -12.47 71.32 -26.34
CA VAL A 432 -11.40 70.38 -26.07
C VAL A 432 -10.85 70.54 -24.66
N THR A 433 -10.93 71.73 -24.09
CA THR A 433 -10.45 71.91 -22.73
C THR A 433 -11.23 71.00 -21.80
N VAL A 434 -12.55 70.98 -21.98
CA VAL A 434 -13.43 70.14 -21.19
C VAL A 434 -13.11 68.65 -21.46
N LEU A 435 -12.89 68.33 -22.73
CA LEU A 435 -12.55 66.96 -23.12
C LEU A 435 -11.33 66.46 -22.37
N LEU A 436 -10.28 67.27 -22.36
CA LEU A 436 -9.01 66.89 -21.74
C LEU A 436 -9.13 66.82 -20.22
N GLU A 437 -9.86 67.74 -19.61
CA GLU A 437 -10.04 67.76 -18.17
C GLU A 437 -10.75 66.51 -17.66
N ASN A 438 -11.65 65.97 -18.46
CA ASN A 438 -12.45 64.82 -18.06
C ASN A 438 -11.80 63.50 -18.47
N TYR A 439 -10.54 63.55 -18.90
CA TYR A 439 -9.81 62.35 -19.30
C TYR A 439 -9.75 61.34 -18.16
N GLY A 440 -9.37 61.81 -16.97
CA GLY A 440 -9.18 60.93 -15.82
C GLY A 440 -10.48 60.59 -15.12
N LYS A 441 -11.46 60.08 -15.87
CA LYS A 441 -12.74 59.71 -15.28
C LYS A 441 -13.31 58.42 -15.84
N PHE A 442 -13.74 57.54 -14.94
CA PHE A 442 -14.38 56.28 -15.28
C PHE A 442 -15.70 56.50 -15.99
N GLU A 443 -16.51 57.40 -15.45
CA GLU A 443 -17.85 57.64 -15.97
C GLU A 443 -17.85 58.04 -17.44
N LYS A 444 -16.84 58.79 -17.86
CA LYS A 444 -16.80 59.27 -19.23
C LYS A 444 -16.13 58.26 -20.16
N GLY A 445 -15.71 57.13 -19.62
CA GLY A 445 -15.06 56.09 -20.40
C GLY A 445 -13.57 56.35 -20.63
N TYR A 446 -13.00 57.22 -19.80
CA TYR A 446 -11.59 57.60 -19.85
C TYR A 446 -11.21 58.42 -21.09
N LEU A 447 -12.03 58.38 -22.13
CA LEU A 447 -11.82 59.24 -23.29
C LEU A 447 -10.43 59.09 -23.88
N ILE A 448 -9.88 57.88 -23.79
CA ILE A 448 -8.51 57.65 -24.23
C ILE A 448 -8.38 57.84 -25.72
N PHE A 449 -9.30 57.26 -26.47
CA PHE A 449 -9.24 57.35 -27.91
C PHE A 449 -9.80 58.67 -28.41
N VAL A 450 -10.69 59.29 -27.66
CA VAL A 450 -11.24 60.54 -28.16
C VAL A 450 -10.08 61.54 -28.23
N VAL A 451 -9.28 61.58 -27.17
CA VAL A 451 -8.12 62.46 -27.12
C VAL A 451 -7.00 61.97 -28.03
N ARG A 452 -6.71 60.67 -28.01
CA ARG A 452 -5.63 60.15 -28.84
C ARG A 452 -5.90 60.36 -30.32
N PHE A 453 -7.14 60.16 -30.77
CA PHE A 453 -7.47 60.39 -32.17
C PHE A 453 -7.41 61.89 -32.46
N LEU A 454 -7.83 62.71 -31.50
CA LEU A 454 -7.76 64.15 -31.68
C LEU A 454 -6.32 64.56 -31.96
N PHE A 455 -5.37 63.98 -31.23
CA PHE A 455 -3.96 64.28 -31.48
C PHE A 455 -3.55 63.97 -32.91
N GLY A 456 -3.92 62.80 -33.41
CA GLY A 456 -3.58 62.39 -34.77
C GLY A 456 -4.27 63.25 -35.82
N LEU A 457 -5.53 63.60 -35.55
CA LEU A 457 -6.34 64.40 -36.46
C LEU A 457 -5.89 65.85 -36.56
N VAL A 458 -5.37 66.39 -35.46
CA VAL A 458 -4.90 67.77 -35.46
C VAL A 458 -3.54 67.89 -36.09
N ASN A 459 -3.53 68.11 -37.41
CA ASN A 459 -2.29 68.25 -38.16
C ASN A 459 -2.50 69.22 -39.32
N GLN A 460 -1.42 69.47 -40.06
CA GLN A 460 -1.44 70.34 -41.23
C GLN A 460 -1.35 69.51 -42.50
N GLU A 461 -0.74 68.34 -42.39
CA GLU A 461 -0.53 67.48 -43.56
C GLU A 461 -1.79 66.68 -43.86
N ARG A 462 -2.83 67.39 -44.26
CA ARG A 462 -4.15 66.82 -44.52
C ARG A 462 -4.49 66.83 -45.99
N THR A 463 -5.38 65.93 -46.40
CA THR A 463 -5.83 65.84 -47.77
C THR A 463 -7.35 65.86 -47.86
N SER A 464 -7.89 65.25 -48.91
CA SER A 464 -9.34 65.15 -49.08
C SER A 464 -9.86 63.99 -48.26
N TYR A 465 -10.91 63.34 -48.73
CA TYR A 465 -11.41 62.17 -48.03
C TYR A 465 -11.69 62.48 -46.56
N LEU A 466 -12.55 63.46 -46.33
CA LEU A 466 -12.98 63.92 -45.00
C LEU A 466 -11.92 64.72 -44.24
N GLU A 467 -10.65 64.58 -44.59
CA GLU A 467 -9.60 65.29 -43.85
C GLU A 467 -9.63 66.79 -44.11
N LYS A 468 -10.36 67.18 -45.16
CA LYS A 468 -10.50 68.58 -45.54
C LYS A 468 -11.68 69.23 -44.81
N LYS A 469 -12.41 68.44 -44.02
CA LYS A 469 -13.56 68.96 -43.28
C LYS A 469 -13.15 69.44 -41.90
N LEU A 470 -11.85 69.37 -41.64
CA LEU A 470 -11.27 69.79 -40.37
C LEU A 470 -10.86 71.26 -40.49
N SER A 471 -11.41 72.09 -39.62
CA SER A 471 -11.17 73.53 -39.69
C SER A 471 -9.78 73.89 -39.21
N CYS A 472 -9.05 74.63 -40.03
CA CYS A 472 -7.67 74.98 -39.74
C CYS A 472 -7.52 75.75 -38.43
N LYS A 473 -8.30 76.79 -38.25
CA LYS A 473 -8.19 77.62 -37.05
C LYS A 473 -8.45 76.79 -35.80
N ILE A 474 -9.42 75.89 -35.89
CA ILE A 474 -9.80 75.06 -34.75
C ILE A 474 -8.68 74.09 -34.40
N SER A 475 -8.09 73.46 -35.42
CA SER A 475 -6.99 72.54 -35.20
C SER A 475 -5.78 73.25 -34.60
N GLN A 476 -5.53 74.48 -35.05
CA GLN A 476 -4.39 75.24 -34.54
C GLN A 476 -4.57 75.59 -33.06
N GLN A 477 -5.78 76.00 -32.69
CA GLN A 477 -6.06 76.34 -31.30
C GLN A 477 -5.93 75.10 -30.42
N ILE A 478 -6.41 73.98 -30.92
CA ILE A 478 -6.34 72.72 -30.21
C ILE A 478 -4.91 72.22 -30.10
N ARG A 479 -4.14 72.32 -31.17
CA ARG A 479 -2.75 71.88 -31.15
C ARG A 479 -2.02 72.53 -29.98
N LEU A 480 -2.24 73.83 -29.79
CA LEU A 480 -1.61 74.53 -28.68
C LEU A 480 -2.09 74.01 -27.33
N GLU A 481 -3.38 73.73 -27.21
CA GLU A 481 -3.94 73.21 -25.97
C GLU A 481 -3.43 71.81 -25.65
N LEU A 482 -3.27 71.00 -26.69
CA LEU A 482 -2.79 69.64 -26.52
C LEU A 482 -1.36 69.61 -26.02
N LEU A 483 -0.53 70.53 -26.50
CA LEU A 483 0.85 70.59 -26.07
C LEU A 483 0.92 71.01 -24.59
N LYS A 484 0.09 71.98 -24.20
CA LYS A 484 0.03 72.42 -22.81
C LYS A 484 -0.46 71.28 -21.91
N TRP A 485 -1.41 70.50 -22.40
CA TRP A 485 -1.92 69.35 -21.68
C TRP A 485 -0.80 68.37 -21.40
N ILE A 486 0.04 68.11 -22.40
CA ILE A 486 1.18 67.23 -22.21
C ILE A 486 2.12 67.79 -21.16
N GLU A 487 2.41 69.09 -21.22
CA GLU A 487 3.28 69.69 -20.21
C GLU A 487 2.78 69.44 -18.80
N VAL A 488 1.48 69.65 -18.59
CA VAL A 488 0.89 69.50 -17.28
C VAL A 488 0.95 68.06 -16.78
N LYS A 489 0.62 67.10 -17.66
CA LYS A 489 0.60 65.71 -17.27
C LYS A 489 2.01 65.10 -17.22
N ALA A 490 2.89 65.58 -18.09
CA ALA A 490 4.26 65.08 -18.15
C ALA A 490 5.00 65.36 -16.85
N LYS A 491 4.68 66.49 -16.20
CA LYS A 491 5.32 66.87 -14.95
C LYS A 491 4.72 66.17 -13.74
N ALA A 492 3.62 65.45 -13.95
CA ALA A 492 2.91 64.80 -12.86
C ALA A 492 3.39 63.36 -12.67
N LYS A 493 4.42 63.16 -11.86
CA LYS A 493 4.99 61.83 -11.67
C LYS A 493 4.19 61.05 -10.65
N LYS A 494 2.98 60.67 -11.05
CA LYS A 494 2.03 60.02 -10.17
C LYS A 494 1.40 58.78 -10.83
N LEU A 495 0.92 57.84 -10.01
CA LEU A 495 0.25 56.65 -10.50
C LEU A 495 -1.28 56.75 -10.39
N GLN A 496 -1.96 56.71 -11.54
CA GLN A 496 -3.41 56.88 -11.59
C GLN A 496 -3.95 56.51 -12.97
N ILE A 497 -5.27 56.63 -13.13
CA ILE A 497 -5.94 56.43 -14.42
C ILE A 497 -5.56 57.47 -15.47
N GLN A 498 -5.13 58.65 -15.03
CA GLN A 498 -4.62 59.68 -15.92
C GLN A 498 -3.26 59.19 -16.45
N PRO A 499 -2.77 59.71 -17.57
CA PRO A 499 -1.65 59.16 -18.32
C PRO A 499 -0.47 58.85 -17.41
N SER A 500 0.10 57.66 -17.60
CA SER A 500 1.19 57.16 -16.78
C SER A 500 2.52 57.31 -17.50
N GLN A 501 2.62 58.36 -18.30
CA GLN A 501 3.80 58.66 -19.11
C GLN A 501 3.95 57.66 -20.25
N LEU A 502 2.85 56.96 -20.55
CA LEU A 502 2.80 56.07 -21.71
C LEU A 502 1.89 56.64 -22.77
N GLU A 503 0.65 56.93 -22.39
CA GLU A 503 -0.37 57.40 -23.31
C GLU A 503 0.06 58.70 -23.98
N LEU A 504 0.87 59.49 -23.28
CA LEU A 504 1.36 60.73 -23.82
C LEU A 504 2.25 60.47 -25.03
N PHE A 505 2.99 59.36 -25.00
CA PHE A 505 3.89 59.02 -26.08
C PHE A 505 3.15 58.38 -27.24
N TYR A 506 2.09 57.63 -26.93
CA TYR A 506 1.29 57.03 -27.98
C TYR A 506 0.57 58.12 -28.76
N CYS A 507 0.14 59.15 -28.04
CA CYS A 507 -0.51 60.30 -28.66
C CYS A 507 0.46 61.04 -29.58
N LEU A 508 1.70 61.19 -29.14
CA LEU A 508 2.73 61.85 -29.94
C LEU A 508 3.11 61.01 -31.15
N TYR A 509 3.04 59.69 -31.02
CA TYR A 509 3.32 58.82 -32.16
C TYR A 509 2.28 59.08 -33.26
N GLU A 510 1.01 59.16 -32.87
CA GLU A 510 -0.06 59.43 -33.82
C GLU A 510 0.12 60.80 -34.47
N MET A 511 0.50 61.78 -33.67
CA MET A 511 0.81 63.12 -34.18
C MET A 511 2.26 63.16 -34.63
N GLN A 512 2.54 62.43 -35.71
CA GLN A 512 3.91 62.25 -36.16
C GLN A 512 4.41 63.47 -36.93
N GLU A 513 4.63 64.55 -36.18
CA GLU A 513 5.12 65.81 -36.73
C GLU A 513 6.28 66.32 -35.87
N GLU A 514 7.38 66.71 -36.50
CA GLU A 514 8.60 67.02 -35.77
C GLU A 514 8.50 68.20 -34.80
N ASP A 515 7.83 69.27 -35.18
CA ASP A 515 7.78 70.44 -34.31
C ASP A 515 7.01 70.13 -33.04
N PHE A 516 5.79 69.61 -33.21
CA PHE A 516 4.94 69.29 -32.07
C PHE A 516 5.58 68.25 -31.17
N VAL A 517 6.10 67.18 -31.76
CA VAL A 517 6.64 66.08 -30.98
C VAL A 517 7.90 66.49 -30.24
N GLN A 518 8.83 67.17 -30.91
CA GLN A 518 10.07 67.53 -30.25
C GLN A 518 9.84 68.51 -29.11
N ARG A 519 8.87 69.42 -29.26
CA ARG A 519 8.54 70.33 -28.17
C ARG A 519 7.96 69.58 -26.98
N ALA A 520 7.12 68.58 -27.25
CA ALA A 520 6.52 67.80 -26.18
C ALA A 520 7.60 67.11 -25.35
N MET A 521 8.67 66.68 -26.00
CA MET A 521 9.72 65.93 -25.32
C MET A 521 10.46 66.78 -24.27
N ASP A 522 10.30 68.09 -24.35
CA ASP A 522 10.99 68.99 -23.43
C ASP A 522 10.41 68.90 -22.03
N TYR A 523 9.28 68.20 -21.90
CA TYR A 523 8.62 68.09 -20.61
C TYR A 523 8.88 66.73 -19.98
N PHE A 524 9.77 65.95 -20.58
CA PHE A 524 10.10 64.63 -20.05
C PHE A 524 11.59 64.43 -19.80
N PRO A 525 12.19 65.12 -18.80
CA PRO A 525 13.59 65.05 -18.42
C PRO A 525 13.92 63.67 -17.86
N LYS A 526 12.88 62.98 -17.38
CA LYS A 526 13.00 61.63 -16.87
C LYS A 526 11.86 60.79 -17.42
N ILE A 527 12.21 59.70 -18.08
CA ILE A 527 11.21 58.82 -18.68
C ILE A 527 11.18 57.45 -18.02
N GLU A 528 9.99 57.04 -17.58
CA GLU A 528 9.77 55.75 -16.94
C GLU A 528 8.66 55.00 -17.67
N ILE A 529 9.05 54.03 -18.49
CA ILE A 529 8.07 53.35 -19.34
C ILE A 529 8.17 51.82 -19.28
N ASN A 530 7.09 51.16 -19.69
CA ASN A 530 6.98 49.70 -19.69
C ASN A 530 6.54 49.18 -21.05
N LEU A 531 7.36 48.31 -21.63
CA LEU A 531 7.11 47.82 -22.99
C LEU A 531 6.79 46.33 -22.99
N SER A 532 5.66 45.93 -23.59
CA SER A 532 5.27 44.52 -23.61
C SER A 532 5.12 43.97 -25.04
N THR A 533 4.92 44.84 -26.02
CA THR A 533 4.79 44.36 -27.39
C THR A 533 5.57 45.19 -28.40
N ARG A 534 5.61 44.70 -29.65
CA ARG A 534 6.39 45.35 -30.70
C ARG A 534 5.95 46.79 -30.94
N MET A 535 4.66 47.04 -30.82
CA MET A 535 4.13 48.38 -31.03
C MET A 535 4.60 49.34 -29.95
N ASP A 536 4.94 48.81 -28.78
CA ASP A 536 5.36 49.65 -27.67
C ASP A 536 6.79 50.08 -27.92
N HIS A 537 7.57 49.18 -28.49
CA HIS A 537 8.96 49.46 -28.82
C HIS A 537 9.03 50.44 -29.99
N MET A 538 8.08 50.31 -30.90
CA MET A 538 8.00 51.20 -32.04
C MET A 538 7.72 52.63 -31.60
N VAL A 539 6.77 52.78 -30.67
CA VAL A 539 6.44 54.09 -30.12
C VAL A 539 7.57 54.63 -29.25
N SER A 540 8.14 53.79 -28.40
CA SER A 540 9.23 54.20 -27.52
C SER A 540 10.43 54.67 -28.33
N SER A 541 10.79 53.91 -29.36
CA SER A 541 11.92 54.25 -30.21
C SER A 541 11.70 55.60 -30.88
N PHE A 542 10.52 55.80 -31.46
CA PHE A 542 10.18 57.06 -32.11
C PHE A 542 10.28 58.24 -31.16
N CYS A 543 9.68 58.10 -29.99
CA CYS A 543 9.63 59.19 -29.05
C CYS A 543 11.00 59.51 -28.45
N ILE A 544 11.75 58.49 -28.05
CA ILE A 544 13.03 58.74 -27.40
C ILE A 544 14.04 59.32 -28.39
N GLU A 545 13.91 58.92 -29.66
CA GLU A 545 14.77 59.42 -30.72
C GLU A 545 14.69 60.94 -30.84
N ASN A 546 13.52 61.50 -30.52
CA ASN A 546 13.28 62.93 -30.66
C ASN A 546 13.44 63.68 -29.33
N CYS A 547 14.00 63.01 -28.33
CA CYS A 547 14.23 63.66 -27.05
C CYS A 547 15.62 64.26 -27.00
N HIS A 548 15.68 65.58 -26.82
CA HIS A 548 16.96 66.28 -26.77
C HIS A 548 17.26 66.80 -25.37
N ARG A 549 16.32 66.59 -24.46
CA ARG A 549 16.46 67.07 -23.09
C ARG A 549 16.10 66.01 -22.05
N VAL A 550 16.44 64.76 -22.33
CA VAL A 550 16.18 63.67 -21.38
C VAL A 550 17.48 63.28 -20.70
N GLU A 551 17.47 63.25 -19.37
CA GLU A 551 18.69 62.94 -18.63
C GLU A 551 18.73 61.48 -18.22
N SER A 552 17.58 60.91 -17.88
CA SER A 552 17.55 59.52 -17.46
C SER A 552 16.35 58.78 -18.01
N LEU A 553 16.55 57.49 -18.25
CA LEU A 553 15.52 56.61 -18.77
C LEU A 553 15.47 55.29 -18.03
N SER A 554 14.26 54.90 -17.63
CA SER A 554 14.03 53.61 -16.98
C SER A 554 13.11 52.75 -17.83
N LEU A 555 13.59 51.58 -18.19
CA LEU A 555 12.83 50.69 -19.08
C LEU A 555 12.42 49.39 -18.42
N GLY A 556 11.11 49.17 -18.34
CA GLY A 556 10.58 47.91 -17.87
C GLY A 556 10.31 47.02 -19.08
N PHE A 557 10.74 45.76 -19.00
CA PHE A 557 10.51 44.85 -20.10
C PHE A 557 9.59 43.72 -19.68
N LEU A 558 8.50 43.56 -20.42
CA LEU A 558 7.49 42.56 -20.11
C LEU A 558 7.46 41.47 -21.18
N HIS A 559 6.98 40.29 -20.79
CA HIS A 559 6.92 39.16 -21.73
C HIS A 559 6.47 39.66 -23.09
N ASN A 560 7.32 39.45 -24.10
CA ASN A 560 7.09 39.97 -25.43
C ASN A 560 7.01 38.85 -26.47
N LEU A 599 11.40 37.33 -22.72
CA LEU A 599 12.28 38.33 -23.30
C LEU A 599 13.51 37.68 -23.93
N THR A 600 14.69 37.93 -23.34
CA THR A 600 15.95 37.37 -23.83
C THR A 600 16.03 37.26 -25.36
N SER A 601 16.05 38.41 -26.03
CA SER A 601 16.16 38.41 -27.49
C SER A 601 16.61 39.75 -28.05
N SER A 602 16.59 39.84 -29.38
CA SER A 602 17.03 41.02 -30.12
C SER A 602 15.90 42.04 -30.29
N PHE A 603 14.75 41.71 -29.71
CA PHE A 603 13.56 42.55 -29.80
C PHE A 603 13.80 43.96 -29.27
N CYS A 604 14.77 44.11 -28.37
CA CYS A 604 15.08 45.40 -27.77
C CYS A 604 16.12 46.18 -28.57
N ARG A 605 16.68 45.56 -29.60
CA ARG A 605 17.72 46.19 -30.41
C ARG A 605 17.27 47.52 -31.00
N GLY A 606 16.01 47.57 -31.43
CA GLY A 606 15.46 48.76 -32.06
C GLY A 606 15.45 49.96 -31.12
N LEU A 607 15.48 49.72 -29.82
CA LEU A 607 15.45 50.79 -28.85
C LEU A 607 16.86 51.11 -28.38
N PHE A 608 17.66 50.08 -28.09
CA PHE A 608 19.01 50.28 -27.57
C PHE A 608 19.86 51.00 -28.63
N SER A 609 19.63 50.68 -29.90
CA SER A 609 20.34 51.30 -31.00
C SER A 609 20.13 52.80 -31.02
N VAL A 610 18.90 53.23 -30.68
CA VAL A 610 18.55 54.63 -30.65
C VAL A 610 19.11 55.33 -29.40
N LEU A 611 19.02 54.66 -28.27
CA LEU A 611 19.45 55.29 -27.02
C LEU A 611 20.93 55.66 -27.06
N SER A 612 21.73 54.83 -27.71
CA SER A 612 23.18 55.05 -27.79
C SER A 612 23.54 56.27 -28.65
N THR A 613 22.58 56.82 -29.38
CA THR A 613 22.86 57.97 -30.22
C THR A 613 22.33 59.26 -29.56
N SER A 614 21.73 59.13 -28.38
CA SER A 614 21.20 60.27 -27.66
C SER A 614 22.32 61.17 -27.15
N GLN A 615 22.12 62.46 -27.24
CA GLN A 615 23.14 63.39 -26.77
C GLN A 615 22.79 63.99 -25.42
N SER A 616 21.68 63.53 -24.82
CA SER A 616 21.29 64.04 -23.52
C SER A 616 21.19 62.94 -22.46
N LEU A 617 21.03 61.69 -22.89
CA LEU A 617 20.85 60.60 -21.92
C LEU A 617 22.14 60.31 -21.18
N THR A 618 22.05 60.34 -19.85
CA THR A 618 23.20 60.08 -18.99
C THR A 618 23.06 58.76 -18.25
N GLU A 619 21.85 58.46 -17.81
CA GLU A 619 21.61 57.27 -16.99
C GLU A 619 20.56 56.33 -17.57
N LEU A 620 20.94 55.06 -17.73
CA LEU A 620 20.02 54.05 -18.22
C LEU A 620 19.75 52.98 -17.15
N ASP A 621 18.49 52.88 -16.75
CA ASP A 621 18.08 51.95 -15.70
C ASP A 621 17.31 50.75 -16.27
N LEU A 622 17.92 49.57 -16.17
CA LEU A 622 17.34 48.34 -16.70
C LEU A 622 17.03 47.35 -15.57
N SER A 623 16.71 47.87 -14.39
CA SER A 623 16.51 47.03 -13.22
C SER A 623 15.37 46.02 -13.32
N ASP A 624 15.64 44.83 -12.79
CA ASP A 624 14.71 43.72 -12.66
C ASP A 624 14.02 43.33 -13.96
N ASN A 625 14.79 43.30 -15.03
CA ASN A 625 14.28 42.89 -16.33
C ASN A 625 14.96 41.61 -16.79
N SER A 626 14.16 40.61 -17.20
CA SER A 626 14.71 39.32 -17.61
C SER A 626 15.35 39.36 -18.99
N LEU A 627 16.42 40.14 -19.08
CA LEU A 627 17.21 40.23 -20.29
C LEU A 627 18.43 39.35 -20.11
N GLY A 628 18.42 38.20 -20.76
CA GLY A 628 19.49 37.23 -20.57
C GLY A 628 20.70 37.68 -21.35
N ASP A 629 21.72 36.82 -21.39
CA ASP A 629 22.97 37.22 -22.02
C ASP A 629 22.77 37.86 -23.40
N PRO A 630 21.92 37.29 -24.30
CA PRO A 630 21.58 37.86 -25.61
C PRO A 630 21.12 39.33 -25.52
N GLY A 631 20.39 39.67 -24.44
CA GLY A 631 19.90 41.04 -24.28
C GLY A 631 21.05 41.93 -23.86
N MET A 632 21.94 41.38 -23.05
CA MET A 632 23.10 42.12 -22.56
C MET A 632 24.09 42.34 -23.70
N ARG A 633 24.17 41.35 -24.61
CA ARG A 633 25.07 41.49 -25.74
C ARG A 633 24.60 42.61 -26.67
N VAL A 634 23.29 42.70 -26.90
CA VAL A 634 22.77 43.76 -27.75
C VAL A 634 23.08 45.12 -27.10
N LEU A 635 22.88 45.20 -25.79
CA LEU A 635 23.19 46.43 -25.06
C LEU A 635 24.68 46.75 -25.17
N CYS A 636 25.52 45.74 -24.97
CA CYS A 636 26.96 45.95 -24.99
C CYS A 636 27.47 46.40 -26.36
N GLU A 637 26.81 45.98 -27.43
CA GLU A 637 27.19 46.45 -28.75
C GLU A 637 26.90 47.94 -28.87
N THR A 638 25.72 48.34 -28.40
CA THR A 638 25.31 49.73 -28.51
C THR A 638 26.08 50.65 -27.55
N LEU A 639 26.54 50.09 -26.42
CA LEU A 639 27.30 50.86 -25.45
C LEU A 639 28.71 51.21 -25.93
N GLN A 640 29.11 50.65 -27.07
CA GLN A 640 30.43 50.95 -27.61
C GLN A 640 30.38 52.09 -28.62
N HIS A 641 29.18 52.61 -28.88
CA HIS A 641 29.03 53.74 -29.79
C HIS A 641 29.74 54.96 -29.20
N PRO A 642 30.55 55.69 -29.99
CA PRO A 642 31.33 56.84 -29.57
C PRO A 642 30.47 58.01 -29.13
N GLY A 643 29.19 58.01 -29.51
CA GLY A 643 28.28 59.10 -29.17
C GLY A 643 27.35 58.78 -28.01
N CYS A 644 27.62 57.68 -27.29
CA CYS A 644 26.74 57.24 -26.20
C CYS A 644 26.44 58.32 -25.17
N ASN A 645 27.49 58.89 -24.58
CA ASN A 645 27.36 59.89 -23.51
C ASN A 645 26.70 59.32 -22.25
N ILE A 646 26.61 58.00 -22.17
CA ILE A 646 26.04 57.33 -21.01
C ILE A 646 27.10 57.21 -19.92
N ARG A 647 26.79 57.70 -18.74
CA ARG A 647 27.77 57.71 -17.66
C ARG A 647 27.39 56.70 -16.58
N ARG A 648 26.09 56.41 -16.46
CA ARG A 648 25.63 55.50 -15.42
C ARG A 648 24.73 54.40 -15.99
N LEU A 649 25.08 53.15 -15.71
CA LEU A 649 24.30 52.00 -16.16
C LEU A 649 23.94 51.10 -14.99
N TRP A 650 22.65 50.90 -14.75
CA TRP A 650 22.22 50.10 -13.62
C TRP A 650 21.44 48.86 -14.03
N LEU A 651 21.87 47.72 -13.52
CA LEU A 651 21.20 46.44 -13.77
C LEU A 651 20.55 45.96 -12.47
N GLY A 652 19.49 45.17 -12.59
CA GLY A 652 18.83 44.60 -11.40
C GLY A 652 18.82 43.09 -11.47
N ARG A 653 17.74 42.46 -10.98
CA ARG A 653 17.67 41.01 -10.96
C ARG A 653 17.40 40.48 -12.36
N CYS A 654 18.41 40.60 -13.23
CA CYS A 654 18.29 40.25 -14.63
C CYS A 654 18.72 38.80 -14.90
N GLY A 655 19.40 38.19 -13.95
CA GLY A 655 19.86 36.82 -14.10
C GLY A 655 21.01 36.70 -15.09
N LEU A 656 21.87 37.72 -15.16
CA LEU A 656 22.97 37.68 -16.11
C LEU A 656 23.95 36.59 -15.71
N SER A 657 24.49 35.89 -16.70
CA SER A 657 25.45 34.82 -16.42
C SER A 657 26.87 35.33 -16.48
N HIS A 658 27.79 34.55 -15.90
CA HIS A 658 29.21 34.89 -15.92
C HIS A 658 29.73 35.07 -17.33
N GLU A 659 29.06 34.46 -18.27
CA GLU A 659 29.47 34.53 -19.66
C GLU A 659 29.42 35.96 -20.19
N CYS A 660 28.45 36.74 -19.71
CA CYS A 660 28.24 38.09 -20.24
C CYS A 660 29.36 39.05 -19.84
N CYS A 661 30.20 38.63 -18.89
CA CYS A 661 31.28 39.50 -18.42
C CYS A 661 32.30 39.73 -19.52
N PHE A 662 32.31 38.85 -20.52
CA PHE A 662 33.19 39.04 -21.66
C PHE A 662 32.80 40.31 -22.40
N ASP A 663 31.49 40.48 -22.62
CA ASP A 663 30.98 41.64 -23.36
C ASP A 663 30.98 42.89 -22.51
N ILE A 664 30.80 42.73 -21.20
CA ILE A 664 30.86 43.87 -20.30
C ILE A 664 32.28 44.43 -20.34
N SER A 665 33.26 43.53 -20.34
CA SER A 665 34.67 43.91 -20.43
C SER A 665 34.95 44.65 -21.73
N LEU A 666 34.37 44.17 -22.84
CA LEU A 666 34.56 44.83 -24.14
C LEU A 666 34.06 46.26 -24.09
N VAL A 667 32.98 46.51 -23.36
CA VAL A 667 32.47 47.86 -23.22
C VAL A 667 33.43 48.70 -22.37
N LEU A 668 33.88 48.15 -21.25
CA LEU A 668 34.78 48.88 -20.35
C LEU A 668 36.09 49.27 -21.03
N SER A 669 36.59 48.41 -21.92
CA SER A 669 37.85 48.64 -22.60
C SER A 669 37.81 49.76 -23.64
N SER A 670 36.62 50.18 -24.07
CA SER A 670 36.53 51.21 -25.10
C SER A 670 35.63 52.38 -24.71
N ASN A 671 34.70 52.16 -23.79
CA ASN A 671 33.79 53.21 -23.36
C ASN A 671 34.44 53.97 -22.22
N GLN A 672 34.91 55.17 -22.52
CA GLN A 672 35.67 55.98 -21.57
C GLN A 672 34.77 56.94 -20.80
N LYS A 673 33.46 56.81 -21.00
CA LYS A 673 32.51 57.69 -20.35
C LYS A 673 31.84 57.03 -19.16
N LEU A 674 31.69 55.72 -19.19
CA LEU A 674 30.99 55.01 -18.12
C LEU A 674 31.72 55.20 -16.79
N VAL A 675 30.98 55.67 -15.79
CA VAL A 675 31.50 55.92 -14.45
C VAL A 675 30.94 54.94 -13.43
N GLU A 676 29.63 54.69 -13.51
CA GLU A 676 28.97 53.85 -12.53
C GLU A 676 28.35 52.62 -13.18
N LEU A 677 28.74 51.44 -12.71
CA LEU A 677 28.22 50.19 -13.26
C LEU A 677 27.78 49.23 -12.16
N ASP A 678 26.48 48.99 -12.08
CA ASP A 678 25.93 48.11 -11.06
C ASP A 678 25.55 46.75 -11.63
N LEU A 679 26.33 45.73 -11.28
CA LEU A 679 26.13 44.38 -11.80
C LEU A 679 25.59 43.43 -10.74
N SER A 680 25.01 43.99 -9.69
CA SER A 680 24.50 43.20 -8.58
C SER A 680 23.27 42.37 -8.96
N ASP A 681 22.96 41.40 -8.10
CA ASP A 681 21.80 40.52 -8.28
C ASP A 681 21.85 39.72 -9.59
N ASN A 682 23.03 39.21 -9.91
CA ASN A 682 23.26 38.41 -11.09
C ASN A 682 24.06 37.16 -10.73
N ALA A 683 24.37 36.33 -11.71
CA ALA A 683 25.11 35.09 -11.47
C ALA A 683 26.53 35.22 -11.97
N LEU A 684 27.10 36.41 -11.80
CA LEU A 684 28.44 36.67 -12.30
C LEU A 684 29.47 36.17 -11.32
N GLY A 685 29.64 34.86 -11.27
CA GLY A 685 30.51 34.23 -10.28
C GLY A 685 31.97 34.54 -10.52
N ASP A 686 32.84 33.88 -9.76
CA ASP A 686 34.27 34.16 -9.76
C ASP A 686 34.86 34.22 -11.18
N PHE A 687 34.43 33.31 -12.05
CA PHE A 687 34.91 33.34 -13.43
C PHE A 687 34.56 34.64 -14.11
N GLY A 688 33.31 35.06 -13.95
CA GLY A 688 32.83 36.26 -14.60
C GLY A 688 33.65 37.45 -14.13
N ILE A 689 34.01 37.45 -12.86
CA ILE A 689 34.80 38.53 -12.30
C ILE A 689 36.20 38.51 -12.89
N ARG A 690 36.78 37.32 -13.02
CA ARG A 690 38.10 37.18 -13.62
C ARG A 690 38.12 37.88 -14.98
N LEU A 691 37.06 37.69 -15.76
CA LEU A 691 36.94 38.32 -17.08
C LEU A 691 36.60 39.80 -16.97
N LEU A 692 35.73 40.15 -16.04
CA LEU A 692 35.34 41.54 -15.86
C LEU A 692 36.57 42.38 -15.57
N CYS A 693 37.46 41.83 -14.76
CA CYS A 693 38.67 42.49 -14.32
C CYS A 693 39.61 42.82 -15.48
N VAL A 694 39.41 42.18 -16.62
CA VAL A 694 40.22 42.46 -17.78
C VAL A 694 39.90 43.86 -18.28
N GLY A 695 38.62 44.21 -18.27
CA GLY A 695 38.17 45.52 -18.69
C GLY A 695 38.49 46.56 -17.61
N LEU A 696 38.37 46.14 -16.36
CA LEU A 696 38.60 47.05 -15.23
C LEU A 696 40.06 47.48 -15.14
N LYS A 697 40.98 46.58 -15.52
CA LYS A 697 42.41 46.87 -15.52
C LYS A 697 42.87 47.50 -16.82
N HIS A 698 41.94 47.65 -17.76
CA HIS A 698 42.28 48.13 -19.10
C HIS A 698 42.60 49.61 -19.08
N LEU A 699 43.56 50.01 -19.91
CA LEU A 699 43.91 51.41 -20.00
C LEU A 699 42.71 52.23 -20.46
N LEU A 700 42.59 53.42 -19.89
CA LEU A 700 41.51 54.36 -20.19
C LEU A 700 40.14 53.91 -19.66
N CYS A 701 40.13 52.87 -18.83
CA CYS A 701 38.88 52.47 -18.18
C CYS A 701 38.63 53.41 -17.01
N ASN A 702 37.57 54.19 -17.09
CA ASN A 702 37.31 55.24 -16.11
C ASN A 702 36.24 54.88 -15.10
N LEU A 703 35.88 53.60 -15.04
CA LEU A 703 34.84 53.19 -14.10
C LEU A 703 35.27 53.51 -12.68
N LYS A 704 34.41 54.18 -11.92
CA LYS A 704 34.76 54.56 -10.56
C LYS A 704 33.98 53.78 -9.52
N LYS A 705 32.72 53.47 -9.83
CA LYS A 705 31.87 52.76 -8.88
C LYS A 705 31.42 51.42 -9.41
N LEU A 706 31.82 50.35 -8.73
CA LEU A 706 31.47 49.01 -9.16
C LEU A 706 30.75 48.22 -8.07
N TRP A 707 29.55 47.74 -8.40
CA TRP A 707 28.79 46.93 -7.46
C TRP A 707 28.74 45.47 -7.90
N LEU A 708 29.30 44.59 -7.09
CA LEU A 708 29.32 43.16 -7.35
C LEU A 708 28.60 42.42 -6.24
N VAL A 709 27.61 43.09 -5.67
CA VAL A 709 26.82 42.58 -4.57
C VAL A 709 25.90 41.44 -5.01
N SER A 710 25.83 40.39 -4.21
CA SER A 710 25.01 39.23 -4.51
C SER A 710 25.31 38.65 -5.89
N CYS A 711 26.59 38.36 -6.15
CA CYS A 711 27.01 37.85 -7.45
C CYS A 711 27.62 36.46 -7.35
N CYS A 712 27.23 35.71 -6.33
CA CYS A 712 27.69 34.34 -6.15
C CYS A 712 29.21 34.26 -6.14
N LEU A 713 29.86 35.18 -5.44
CA LEU A 713 31.31 35.23 -5.40
C LEU A 713 31.87 34.55 -4.16
N THR A 714 33.10 34.05 -4.27
CA THR A 714 33.80 33.49 -3.12
C THR A 714 35.12 34.21 -2.93
N SER A 715 35.87 33.80 -1.92
CA SER A 715 37.16 34.42 -1.60
C SER A 715 38.13 34.32 -2.75
N ALA A 716 37.91 33.37 -3.65
CA ALA A 716 38.81 33.16 -4.78
C ALA A 716 38.89 34.40 -5.67
N CYS A 717 37.79 35.13 -5.80
CA CYS A 717 37.73 36.28 -6.70
C CYS A 717 38.51 37.46 -6.18
N CYS A 718 38.90 37.41 -4.91
CA CYS A 718 39.58 38.53 -4.30
C CYS A 718 40.95 38.74 -4.92
N GLN A 719 41.51 37.69 -5.51
CA GLN A 719 42.82 37.84 -6.12
C GLN A 719 42.77 38.78 -7.31
N ASP A 720 41.67 38.71 -8.07
CA ASP A 720 41.54 39.54 -9.25
C ASP A 720 41.02 40.91 -8.90
N LEU A 721 40.14 40.97 -7.90
CA LEU A 721 39.59 42.25 -7.47
C LEU A 721 40.67 43.11 -6.84
N ALA A 722 41.56 42.47 -6.08
CA ALA A 722 42.67 43.16 -5.46
C ALA A 722 43.59 43.73 -6.53
N SER A 723 43.82 42.95 -7.59
CA SER A 723 44.65 43.40 -8.70
C SER A 723 44.02 44.60 -9.41
N VAL A 724 42.70 44.60 -9.54
CA VAL A 724 42.02 45.74 -10.17
C VAL A 724 42.20 47.00 -9.36
N LEU A 725 41.99 46.90 -8.06
CA LEU A 725 42.08 48.07 -7.20
C LEU A 725 43.49 48.66 -7.22
N SER A 726 44.50 47.81 -7.21
CA SER A 726 45.88 48.27 -7.28
C SER A 726 46.25 48.80 -8.66
N THR A 727 45.86 48.06 -9.70
CA THR A 727 46.22 48.38 -11.08
C THR A 727 45.54 49.63 -11.61
N SER A 728 44.23 49.75 -11.37
CA SER A 728 43.47 50.87 -11.91
C SER A 728 43.56 52.11 -11.04
N HIS A 729 43.73 53.26 -11.68
CA HIS A 729 43.76 54.54 -10.99
C HIS A 729 42.35 55.11 -10.83
N SER A 730 41.38 54.46 -11.45
CA SER A 730 40.02 54.99 -11.51
C SER A 730 39.03 54.35 -10.54
N LEU A 731 39.32 53.17 -10.01
CA LEU A 731 38.35 52.51 -9.14
C LEU A 731 38.46 53.03 -7.71
N THR A 732 37.38 53.63 -7.22
CA THR A 732 37.39 54.22 -5.89
C THR A 732 36.32 53.62 -4.98
N ARG A 733 35.28 53.05 -5.58
CA ARG A 733 34.19 52.48 -4.80
C ARG A 733 33.95 51.02 -5.18
N LEU A 734 34.08 50.12 -4.22
CA LEU A 734 33.91 48.70 -4.52
C LEU A 734 33.02 48.01 -3.49
N TYR A 735 31.88 47.50 -3.96
CA TYR A 735 30.93 46.81 -3.09
C TYR A 735 30.85 45.34 -3.43
N VAL A 736 31.19 44.48 -2.47
CA VAL A 736 31.26 43.04 -2.74
C VAL A 736 30.56 42.19 -1.69
N GLY A 737 29.64 42.78 -0.94
CA GLY A 737 28.94 42.04 0.10
C GLY A 737 27.87 41.13 -0.48
N GLU A 738 27.18 40.39 0.39
CA GLU A 738 26.17 39.41 0.01
C GLU A 738 26.80 38.31 -0.83
N ASN A 739 28.02 37.94 -0.45
CA ASN A 739 28.79 36.91 -1.12
C ASN A 739 29.48 36.02 -0.06
N ALA A 740 30.50 35.29 -0.46
CA ALA A 740 31.23 34.42 0.47
C ALA A 740 32.69 34.86 0.63
N LEU A 741 32.93 36.16 0.57
CA LEU A 741 34.29 36.68 0.68
C LEU A 741 34.68 36.84 2.14
N GLY A 742 34.89 35.71 2.82
CA GLY A 742 35.17 35.69 4.25
C GLY A 742 36.58 36.18 4.54
N ASP A 743 37.03 36.03 5.79
CA ASP A 743 38.31 36.57 6.24
C ASP A 743 39.49 36.21 5.33
N SER A 744 39.51 34.98 4.82
CA SER A 744 40.61 34.54 3.96
C SER A 744 40.60 35.28 2.62
N GLY A 745 39.45 35.86 2.29
CA GLY A 745 39.28 36.59 1.04
C GLY A 745 39.63 38.06 1.23
N VAL A 746 39.06 38.67 2.25
CA VAL A 746 39.29 40.09 2.47
C VAL A 746 40.77 40.35 2.75
N ALA A 747 41.45 39.36 3.35
CA ALA A 747 42.87 39.51 3.61
C ALA A 747 43.62 39.80 2.32
N ILE A 748 43.14 39.25 1.21
CA ILE A 748 43.76 39.47 -0.10
C ILE A 748 43.47 40.90 -0.55
N LEU A 749 42.22 41.32 -0.39
CA LEU A 749 41.83 42.67 -0.76
C LEU A 749 42.60 43.69 0.06
N CYS A 750 42.79 43.40 1.34
CA CYS A 750 43.51 44.29 2.26
C CYS A 750 44.97 44.41 1.89
N GLU A 751 45.58 43.30 1.50
CA GLU A 751 47.00 43.31 1.13
C GLU A 751 47.27 44.36 0.06
N LYS A 752 46.34 44.53 -0.87
CA LYS A 752 46.53 45.52 -1.91
C LYS A 752 45.84 46.85 -1.58
N ALA A 753 44.71 46.80 -0.87
CA ALA A 753 43.95 48.00 -0.53
C ALA A 753 44.75 48.91 0.37
N LYS A 754 45.59 48.33 1.23
CA LYS A 754 46.40 49.09 2.17
C LYS A 754 47.47 49.91 1.47
N ASN A 755 47.80 49.58 0.23
CA ASN A 755 48.85 50.30 -0.46
C ASN A 755 48.60 51.80 -0.34
N PRO A 756 49.58 52.60 0.09
CA PRO A 756 49.48 54.02 0.33
C PRO A 756 49.08 54.79 -0.93
N GLN A 757 49.26 54.18 -2.09
CA GLN A 757 48.90 54.80 -3.37
C GLN A 757 47.52 54.35 -3.84
N CYS A 758 46.85 53.56 -3.02
CA CYS A 758 45.52 53.04 -3.31
C CYS A 758 44.49 54.16 -3.32
N ASN A 759 43.57 54.11 -4.28
CA ASN A 759 42.55 55.15 -4.40
C ASN A 759 41.20 54.72 -3.85
N LEU A 760 41.17 53.64 -3.08
CA LEU A 760 39.92 53.17 -2.51
C LEU A 760 39.35 54.19 -1.54
N GLN A 761 38.08 54.55 -1.74
CA GLN A 761 37.40 55.49 -0.88
C GLN A 761 36.30 54.81 -0.06
N LYS A 762 35.57 53.87 -0.67
CA LYS A 762 34.52 53.16 0.05
C LYS A 762 34.71 51.65 -0.03
N LEU A 763 34.81 51.01 1.13
CA LEU A 763 35.02 49.57 1.20
C LEU A 763 33.74 48.85 1.63
N GLY A 764 33.03 48.29 0.63
CA GLY A 764 31.72 47.68 0.83
C GLY A 764 31.78 46.22 1.25
N LEU A 765 32.37 45.97 2.42
CA LEU A 765 32.46 44.63 2.99
C LEU A 765 31.31 44.36 3.93
N VAL A 766 30.10 44.30 3.37
CA VAL A 766 28.90 44.22 4.18
C VAL A 766 28.63 42.77 4.57
N ASN A 767 27.74 42.09 3.86
CA ASN A 767 27.46 40.71 4.22
C ASN A 767 28.47 39.79 3.60
N SER A 768 29.64 39.70 4.22
CA SER A 768 30.73 38.88 3.72
C SER A 768 31.08 37.75 4.67
N GLY A 769 30.48 37.76 5.86
CA GLY A 769 30.74 36.73 6.86
C GLY A 769 32.12 36.88 7.50
N LEU A 770 32.56 38.13 7.69
CA LEU A 770 33.88 38.39 8.26
C LEU A 770 33.85 38.30 9.78
N THR A 771 34.99 37.96 10.37
CA THR A 771 35.09 38.01 11.82
C THR A 771 36.36 38.76 12.27
N SER A 772 36.78 38.52 13.50
CA SER A 772 37.90 39.22 14.12
C SER A 772 39.25 38.90 13.49
N VAL A 773 39.36 37.77 12.81
CA VAL A 773 40.63 37.33 12.25
C VAL A 773 41.20 38.32 11.23
N CYS A 774 40.35 38.81 10.34
CA CYS A 774 40.77 39.75 9.31
C CYS A 774 40.82 41.19 9.79
N CYS A 775 40.43 41.44 11.03
CA CYS A 775 40.36 42.82 11.48
C CYS A 775 41.74 43.46 11.60
N SER A 776 42.78 42.65 11.79
CA SER A 776 44.13 43.19 11.81
C SER A 776 44.56 43.62 10.41
N ALA A 777 43.99 43.00 9.39
CA ALA A 777 44.27 43.37 8.01
C ALA A 777 43.53 44.65 7.66
N LEU A 778 42.30 44.76 8.16
CA LEU A 778 41.51 45.96 7.94
C LEU A 778 42.16 47.14 8.65
N SER A 779 42.75 46.87 9.82
CA SER A 779 43.46 47.89 10.57
C SER A 779 44.64 48.44 9.78
N SER A 780 45.40 47.55 9.14
CA SER A 780 46.53 47.96 8.31
C SER A 780 46.08 48.84 7.16
N VAL A 781 44.89 48.57 6.61
CA VAL A 781 44.37 49.40 5.54
C VAL A 781 44.03 50.78 6.08
N LEU A 782 43.34 50.83 7.21
CA LEU A 782 42.90 52.09 7.80
C LEU A 782 44.05 53.04 8.12
N SER A 783 45.15 52.48 8.63
CA SER A 783 46.30 53.28 9.03
C SER A 783 47.25 53.60 7.87
N THR A 784 47.01 53.03 6.69
CA THR A 784 47.94 53.21 5.58
C THR A 784 47.30 53.97 4.42
N ASN A 785 46.07 53.61 4.08
CA ASN A 785 45.34 54.23 2.98
C ASN A 785 44.55 55.43 3.44
N GLN A 786 45.07 56.62 3.16
CA GLN A 786 44.48 57.86 3.66
C GLN A 786 43.31 58.32 2.78
N ASN A 787 43.04 57.56 1.71
CA ASN A 787 41.93 57.88 0.84
C ASN A 787 40.67 57.14 1.24
N LEU A 788 40.77 56.27 2.24
CA LEU A 788 39.62 55.47 2.64
C LEU A 788 38.78 56.24 3.65
N THR A 789 37.55 56.54 3.28
CA THR A 789 36.69 57.36 4.11
C THR A 789 35.48 56.62 4.67
N HIS A 790 35.08 55.51 4.03
CA HIS A 790 33.88 54.80 4.49
C HIS A 790 34.07 53.29 4.64
N LEU A 791 33.70 52.77 5.81
CA LEU A 791 33.63 51.32 6.06
C LEU A 791 32.20 50.86 6.31
N TYR A 792 31.79 49.83 5.59
CA TYR A 792 30.46 49.25 5.78
C TYR A 792 30.58 47.79 6.19
N LEU A 793 30.49 47.49 7.48
CA LEU A 793 30.76 46.14 7.96
C LEU A 793 29.52 45.39 8.48
N ARG A 794 28.34 45.88 8.12
CA ARG A 794 27.09 45.25 8.55
C ARG A 794 26.92 43.85 7.96
N GLY A 795 26.53 42.89 8.80
CA GLY A 795 26.28 41.52 8.35
C GLY A 795 27.36 40.57 8.81
N ASN A 796 28.46 41.13 9.29
CA ASN A 796 29.59 40.34 9.75
C ASN A 796 29.43 39.94 11.22
N THR A 797 30.39 39.18 11.75
CA THR A 797 30.34 38.77 13.15
C THR A 797 31.72 38.96 13.79
N LEU A 798 32.01 40.20 14.15
CA LEU A 798 33.34 40.60 14.61
C LEU A 798 33.51 40.39 16.11
N GLY A 799 32.46 40.67 16.86
CA GLY A 799 32.52 40.58 18.32
C GLY A 799 33.36 41.73 18.87
N ASP A 800 33.74 41.62 20.14
CA ASP A 800 34.49 42.68 20.79
C ASP A 800 35.92 42.72 20.28
N LYS A 801 36.49 41.55 20.08
CA LYS A 801 37.85 41.45 19.59
C LYS A 801 38.00 42.13 18.24
N GLY A 802 37.05 41.87 17.35
CA GLY A 802 37.11 42.43 16.00
C GLY A 802 37.09 43.95 16.04
N ILE A 803 36.13 44.53 16.75
CA ILE A 803 36.06 45.98 16.81
C ILE A 803 37.26 46.58 17.53
N LYS A 804 37.79 45.89 18.54
CA LYS A 804 38.97 46.38 19.24
C LYS A 804 40.15 46.51 18.28
N LEU A 805 40.34 45.51 17.43
CA LEU A 805 41.41 45.54 16.44
C LEU A 805 41.21 46.67 15.45
N LEU A 806 39.96 46.89 15.04
CA LEU A 806 39.68 48.00 14.14
C LEU A 806 39.97 49.32 14.83
N CYS A 807 39.63 49.41 16.11
CA CYS A 807 39.87 50.62 16.87
C CYS A 807 41.35 50.96 16.89
N GLU A 808 42.20 49.96 17.05
CA GLU A 808 43.64 50.24 17.04
C GLU A 808 44.04 50.90 15.73
N GLY A 809 43.44 50.46 14.63
CA GLY A 809 43.68 51.08 13.32
C GLY A 809 43.10 52.50 13.28
N LEU A 810 41.87 52.65 13.75
CA LEU A 810 41.14 53.91 13.72
C LEU A 810 41.78 54.96 14.62
N LEU A 811 42.44 54.50 15.67
CA LEU A 811 43.12 55.37 16.63
C LEU A 811 44.48 55.83 16.13
N HIS A 812 44.92 55.30 14.99
CA HIS A 812 46.21 55.67 14.41
C HIS A 812 46.14 57.10 13.88
N PRO A 813 47.18 57.92 14.11
CA PRO A 813 47.32 59.29 13.63
C PRO A 813 47.08 59.48 12.13
N ASP A 814 47.37 58.46 11.32
CA ASP A 814 47.22 58.60 9.87
C ASP A 814 45.91 58.01 9.33
N CYS A 815 44.99 57.64 10.21
CA CYS A 815 43.71 57.13 9.74
C CYS A 815 42.77 58.29 9.42
N LYS A 816 42.17 58.26 8.23
CA LYS A 816 41.31 59.34 7.76
C LYS A 816 39.85 58.91 7.61
N LEU A 817 39.50 57.77 8.19
CA LEU A 817 38.13 57.28 8.01
C LEU A 817 37.13 58.28 8.60
N GLN A 818 36.08 58.57 7.82
CA GLN A 818 35.07 59.54 8.25
C GLN A 818 33.80 58.85 8.70
N VAL A 819 33.42 57.78 7.99
CA VAL A 819 32.18 57.08 8.28
C VAL A 819 32.40 55.61 8.59
N LEU A 820 31.96 55.20 9.77
CA LEU A 820 32.05 53.81 10.16
C LEU A 820 30.69 53.23 10.55
N GLU A 821 30.22 52.26 9.76
CA GLU A 821 28.93 51.63 10.01
C GLU A 821 29.10 50.26 10.65
N LEU A 822 28.60 50.15 11.88
CA LEU A 822 28.73 48.94 12.69
C LEU A 822 27.36 48.47 13.21
N ASP A 823 26.56 47.88 12.34
CA ASP A 823 25.23 47.46 12.76
C ASP A 823 25.21 45.99 13.13
N ASN A 824 24.90 45.13 12.18
CA ASN A 824 24.88 43.72 12.49
C ASN A 824 26.29 43.18 12.45
N CYS A 825 27.07 43.49 13.49
CA CYS A 825 28.47 43.09 13.58
C CYS A 825 28.69 42.17 14.77
N ASN A 826 27.59 41.82 15.44
CA ASN A 826 27.59 40.95 16.61
C ASN A 826 28.49 41.46 17.73
N LEU A 827 28.40 42.75 18.03
CA LEU A 827 29.21 43.31 19.10
C LEU A 827 28.45 43.21 20.41
N THR A 828 29.17 43.26 21.52
CA THR A 828 28.58 43.18 22.85
C THR A 828 29.03 44.34 23.72
N SER A 829 28.44 44.46 24.90
CA SER A 829 28.72 45.57 25.81
C SER A 829 30.16 45.62 26.25
N HIS A 830 30.87 44.52 26.11
CA HIS A 830 32.25 44.42 26.54
C HIS A 830 33.17 45.29 25.69
N CYS A 831 32.68 45.71 24.52
CA CYS A 831 33.49 46.53 23.63
C CYS A 831 33.24 48.02 23.85
N CYS A 832 32.35 48.36 24.77
CA CYS A 832 31.98 49.76 24.95
C CYS A 832 33.16 50.62 25.37
N TRP A 833 34.15 50.01 26.00
CA TRP A 833 35.33 50.74 26.43
C TRP A 833 36.28 51.02 25.26
N ASP A 834 36.21 50.20 24.22
CA ASP A 834 37.03 50.41 23.04
C ASP A 834 36.35 51.41 22.14
N LEU A 835 35.01 51.38 22.13
CA LEU A 835 34.22 52.35 21.40
C LEU A 835 34.32 53.71 22.09
N SER A 836 34.39 53.71 23.43
CA SER A 836 34.55 54.95 24.18
C SER A 836 35.93 55.54 23.89
N THR A 837 36.94 54.68 23.81
CA THR A 837 38.29 55.11 23.48
C THR A 837 38.30 55.68 22.07
N LEU A 838 37.60 55.01 21.16
CA LEU A 838 37.50 55.46 19.78
C LEU A 838 36.85 56.84 19.71
N LEU A 839 35.73 57.01 20.42
CA LEU A 839 35.04 58.29 20.42
C LEU A 839 35.91 59.39 21.03
N THR A 840 36.63 59.06 22.09
CA THR A 840 37.45 60.03 22.81
C THR A 840 38.66 60.50 22.00
N SER A 841 39.38 59.57 21.40
CA SER A 841 40.63 59.90 20.73
C SER A 841 40.53 60.11 19.22
N SER A 842 39.53 59.53 18.56
CA SER A 842 39.43 59.65 17.11
C SER A 842 39.21 61.10 16.71
N GLN A 843 39.95 61.56 15.70
CA GLN A 843 39.80 62.92 15.22
C GLN A 843 39.16 62.98 13.83
N SER A 844 39.28 61.89 13.07
CA SER A 844 38.85 61.85 11.68
C SER A 844 37.37 61.49 11.51
N LEU A 845 36.82 60.71 12.43
CA LEU A 845 35.43 60.26 12.27
C LEU A 845 34.45 61.41 12.39
N ARG A 846 33.42 61.36 11.56
CA ARG A 846 32.36 62.35 11.58
C ARG A 846 31.04 61.63 11.82
N LYS A 847 31.02 60.37 11.41
CA LYS A 847 29.85 59.50 11.56
C LYS A 847 30.27 58.12 12.07
N LEU A 848 29.62 57.68 13.15
CA LEU A 848 29.86 56.37 13.72
C LEU A 848 28.52 55.79 14.15
N SER A 849 28.06 54.78 13.43
CA SER A 849 26.72 54.26 13.66
C SER A 849 26.74 52.86 14.23
N LEU A 850 26.26 52.73 15.46
CA LEU A 850 26.17 51.42 16.10
C LEU A 850 24.74 50.93 15.99
N GLY A 851 24.56 49.71 15.51
CA GLY A 851 23.21 49.18 15.33
C GLY A 851 22.84 48.16 16.38
N ASN A 852 22.31 47.02 15.92
CA ASN A 852 21.76 46.04 16.82
C ASN A 852 22.85 45.22 17.49
N ASN A 853 23.55 45.85 18.42
CA ASN A 853 24.62 45.25 19.18
C ASN A 853 24.19 45.16 20.65
N ASP A 854 24.71 44.18 21.39
CA ASP A 854 24.29 44.06 22.79
C ASP A 854 25.09 44.99 23.68
N LEU A 855 24.85 46.29 23.53
CA LEU A 855 25.56 47.32 24.27
C LEU A 855 24.77 47.68 25.53
N GLY A 856 23.45 47.58 25.42
CA GLY A 856 22.54 47.85 26.53
C GLY A 856 22.56 49.31 26.94
N ASP A 857 22.16 49.55 28.18
CA ASP A 857 22.04 50.88 28.73
C ASP A 857 23.41 51.39 29.16
N LEU A 858 24.28 50.46 29.58
CA LEU A 858 25.61 50.85 30.02
C LEU A 858 26.39 51.45 28.87
N GLY A 859 26.33 50.82 27.71
CA GLY A 859 27.06 51.32 26.55
C GLY A 859 26.61 52.71 26.19
N VAL A 860 25.31 52.91 26.05
CA VAL A 860 24.83 54.21 25.66
C VAL A 860 25.12 55.28 26.69
N MET A 861 24.95 54.96 27.98
CA MET A 861 25.18 55.95 29.01
C MET A 861 26.65 56.39 28.99
N MET A 862 27.56 55.43 28.79
CA MET A 862 28.98 55.75 28.67
C MET A 862 29.21 56.69 27.50
N PHE A 863 28.63 56.36 26.36
CA PHE A 863 28.82 57.16 25.15
C PHE A 863 28.27 58.56 25.35
N CYS A 864 27.10 58.68 25.97
CA CYS A 864 26.50 59.98 26.15
C CYS A 864 27.46 60.94 26.85
N GLU A 865 28.16 60.46 27.88
CA GLU A 865 29.13 61.30 28.58
C GLU A 865 30.37 61.56 27.72
N VAL A 866 30.86 60.53 27.04
CA VAL A 866 32.06 60.65 26.22
C VAL A 866 31.87 61.63 25.08
N LEU A 867 30.68 61.61 24.49
CA LEU A 867 30.34 62.45 23.35
C LEU A 867 30.32 63.93 23.70
N LYS A 868 30.34 64.26 24.99
CA LYS A 868 30.32 65.65 25.42
C LYS A 868 31.74 66.18 25.59
N GLN A 869 32.74 65.29 25.55
CA GLN A 869 34.12 65.67 25.78
C GLN A 869 34.81 66.10 24.50
N GLN A 870 34.34 67.21 23.92
CA GLN A 870 34.91 67.74 22.68
C GLN A 870 34.99 66.68 21.58
N SER A 871 33.91 65.95 21.38
CA SER A 871 33.84 64.91 20.37
C SER A 871 33.75 65.48 18.96
N CYS A 872 34.28 64.75 17.99
CA CYS A 872 34.21 65.15 16.59
C CYS A 872 33.07 64.42 15.86
N LEU A 873 32.34 63.59 16.58
CA LEU A 873 31.23 62.84 16.00
C LEU A 873 29.95 63.69 16.01
N LEU A 874 29.51 64.06 14.82
CA LEU A 874 28.39 64.99 14.66
C LEU A 874 27.19 64.33 13.98
N GLN A 875 27.41 63.20 13.35
CA GLN A 875 26.36 62.50 12.61
C GLN A 875 25.74 61.37 13.41
N ASN A 876 24.81 60.66 12.77
CA ASN A 876 23.98 59.64 13.40
C ASN A 876 24.78 58.65 14.25
N LEU A 877 24.40 58.54 15.52
CA LEU A 877 25.06 57.67 16.48
C LEU A 877 24.69 56.20 16.29
N GLY A 878 23.62 55.97 15.53
CA GLY A 878 23.11 54.61 15.32
C GLY A 878 21.94 54.32 16.26
N LEU A 879 22.15 53.37 17.18
CA LEU A 879 21.13 52.90 18.11
C LEU A 879 19.99 52.22 17.36
N SER A 880 20.30 51.61 16.22
CA SER A 880 19.30 50.97 15.39
C SER A 880 18.81 49.67 16.00
N GLU A 881 17.48 49.50 16.05
CA GLU A 881 16.84 48.32 16.61
C GLU A 881 17.25 48.08 18.07
N MET A 882 17.55 49.16 18.76
CA MET A 882 17.88 49.09 20.18
C MET A 882 16.72 49.53 21.04
N TYR A 883 16.66 48.99 22.26
CA TYR A 883 15.65 49.39 23.21
C TYR A 883 16.33 49.68 24.55
N PHE A 884 15.94 50.77 25.20
CA PHE A 884 16.60 51.19 26.43
C PHE A 884 15.61 51.57 27.53
N ASN A 885 16.14 51.76 28.75
CA ASN A 885 15.32 52.18 29.89
C ASN A 885 15.14 53.70 29.92
N TYR A 886 14.43 54.18 30.96
CA TYR A 886 14.09 55.60 31.10
C TYR A 886 15.32 56.51 31.18
N GLU A 887 16.25 56.18 32.07
CA GLU A 887 17.42 57.03 32.29
C GLU A 887 18.27 57.16 31.04
N THR A 888 18.42 56.07 30.30
CA THR A 888 19.18 56.10 29.06
C THR A 888 18.48 56.98 28.04
N LYS A 889 17.15 56.83 27.94
CA LYS A 889 16.38 57.63 27.01
C LYS A 889 16.51 59.11 27.34
N SER A 890 16.47 59.42 28.64
CA SER A 890 16.63 60.79 29.09
C SER A 890 18.00 61.33 28.71
N ALA A 891 19.04 60.51 28.93
CA ALA A 891 20.40 60.91 28.61
C ALA A 891 20.54 61.18 27.11
N LEU A 892 19.90 60.36 26.30
CA LEU A 892 19.96 60.54 24.85
C LEU A 892 19.26 61.82 24.39
N GLU A 893 18.07 62.08 24.93
CA GLU A 893 17.36 63.30 24.57
C GLU A 893 18.11 64.52 25.10
N THR A 894 18.67 64.38 26.29
CA THR A 894 19.44 65.45 26.90
C THR A 894 20.64 65.79 26.03
N LEU A 895 21.35 64.76 25.58
CA LEU A 895 22.51 64.94 24.72
C LEU A 895 22.16 65.76 23.50
N GLN A 896 21.03 65.44 22.87
CA GLN A 896 20.60 66.15 21.67
C GLN A 896 20.41 67.64 21.94
N GLU A 897 19.88 67.97 23.12
CA GLU A 897 19.62 69.37 23.48
C GLU A 897 20.86 70.11 23.98
N GLU A 898 21.70 69.45 24.78
CA GLU A 898 22.87 70.10 25.36
C GLU A 898 23.98 70.36 24.36
N LYS A 899 24.09 69.50 23.36
CA LYS A 899 25.14 69.62 22.34
C LYS A 899 24.58 69.65 20.92
N PRO A 900 24.06 70.80 20.46
CA PRO A 900 23.36 71.03 19.20
C PRO A 900 24.19 70.66 17.97
N GLU A 901 25.51 70.60 18.13
CA GLU A 901 26.39 70.25 17.02
C GLU A 901 26.19 68.81 16.56
N LEU A 902 25.56 68.00 17.42
CA LEU A 902 25.25 66.62 17.06
C LEU A 902 23.90 66.61 16.38
N THR A 903 23.91 66.30 15.08
CA THR A 903 22.70 66.44 14.28
C THR A 903 21.69 65.34 14.60
N VAL A 904 22.16 64.10 14.75
CA VAL A 904 21.23 62.99 14.96
C VAL A 904 21.66 62.02 16.09
N VAL A 905 20.99 62.12 17.23
CA VAL A 905 21.16 61.11 18.29
C VAL A 905 20.51 59.79 17.87
N PHE A 906 19.33 59.90 17.25
CA PHE A 906 18.54 58.76 16.78
C PHE A 906 18.01 57.89 17.92
N GLU A 907 17.20 58.46 18.78
CA GLU A 907 16.57 57.66 19.82
C GLU A 907 15.64 56.66 19.13
N PRO A 908 15.53 55.44 19.65
CA PRO A 908 14.74 54.33 19.11
C PRO A 908 13.22 54.60 19.11
N SER A 909 12.79 55.57 19.92
CA SER A 909 11.39 55.98 20.05
C SER A 909 11.12 56.53 21.46
N LYS B 7 -9.46 -39.13 -20.27
CA LYS B 7 -10.74 -39.80 -20.07
C LYS B 7 -10.96 -40.13 -18.60
N LYS B 8 -10.76 -41.39 -18.24
CA LYS B 8 -10.92 -41.81 -16.85
C LYS B 8 -9.60 -41.72 -16.10
N ASP B 9 -9.56 -40.86 -15.10
CA ASP B 9 -8.36 -40.61 -14.32
C ASP B 9 -8.15 -41.65 -13.23
N TYR B 10 -7.06 -42.40 -13.31
CA TYR B 10 -6.73 -43.40 -12.31
C TYR B 10 -6.82 -42.82 -10.91
N ARG B 11 -6.37 -41.58 -10.75
CA ARG B 11 -6.38 -40.94 -9.44
C ARG B 11 -7.75 -41.00 -8.80
N LYS B 12 -8.80 -40.82 -9.60
CA LYS B 12 -10.16 -40.86 -9.07
C LYS B 12 -10.57 -42.28 -8.73
N LYS B 13 -10.19 -43.22 -9.61
CA LYS B 13 -10.50 -44.63 -9.38
C LYS B 13 -9.83 -45.13 -8.11
N TYR B 14 -8.60 -44.66 -7.87
CA TYR B 14 -7.86 -45.05 -6.69
C TYR B 14 -8.49 -44.51 -5.43
N ARG B 15 -8.89 -43.24 -5.43
CA ARG B 15 -9.54 -42.68 -4.26
C ARG B 15 -10.80 -43.48 -3.91
N LYS B 16 -11.55 -43.89 -4.93
CA LYS B 16 -12.74 -44.72 -4.69
C LYS B 16 -12.34 -46.04 -4.04
N TYR B 17 -11.30 -46.66 -4.57
CA TYR B 17 -10.77 -47.92 -4.04
C TYR B 17 -10.39 -47.80 -2.58
N VAL B 18 -9.64 -46.76 -2.24
CA VAL B 18 -9.19 -46.55 -0.87
C VAL B 18 -10.36 -46.28 0.06
N ARG B 19 -11.30 -45.44 -0.38
CA ARG B 19 -12.45 -45.09 0.44
C ARG B 19 -13.30 -46.31 0.76
N SER B 20 -13.55 -47.17 -0.24
CA SER B 20 -14.35 -48.37 -0.06
C SER B 20 -13.60 -49.45 0.70
N ARG B 21 -12.30 -49.55 0.47
CA ARG B 21 -11.48 -50.59 1.09
C ARG B 21 -11.38 -50.41 2.59
N PHE B 22 -11.04 -49.22 3.04
CA PHE B 22 -10.78 -49.00 4.46
C PHE B 22 -12.03 -48.57 5.23
N GLN B 23 -13.00 -49.48 5.28
CA GLN B 23 -14.22 -49.26 6.05
C GLN B 23 -14.17 -49.99 7.40
N CYS B 24 -13.37 -51.05 7.47
CA CYS B 24 -13.28 -51.83 8.69
C CYS B 24 -12.09 -51.39 9.53
N ILE B 25 -12.23 -51.50 10.84
CA ILE B 25 -11.17 -51.12 11.77
C ILE B 25 -10.02 -52.12 11.76
N GLU B 26 -10.35 -53.40 11.82
CA GLU B 26 -9.36 -54.47 11.81
C GLU B 26 -8.83 -54.72 10.40
N ASP B 27 -9.73 -54.59 9.42
CA ASP B 27 -9.44 -54.91 8.02
C ASP B 27 -8.97 -56.36 7.88
N ARG B 28 -9.56 -57.23 8.69
CA ARG B 28 -9.28 -58.66 8.70
C ARG B 28 -10.52 -59.41 9.17
N ASN B 29 -10.57 -60.71 8.93
CA ASN B 29 -11.76 -61.51 9.23
C ASN B 29 -11.91 -61.81 10.71
N ALA B 30 -12.82 -62.73 11.04
CA ALA B 30 -13.12 -63.11 12.41
C ALA B 30 -13.66 -61.93 13.18
N ARG B 31 -14.44 -61.08 12.52
CA ARG B 31 -15.02 -59.93 13.19
C ARG B 31 -16.31 -60.33 13.88
N LEU B 32 -16.19 -61.18 14.89
CA LEU B 32 -17.34 -61.67 15.66
C LEU B 32 -18.54 -61.99 14.76
N GLY B 33 -18.37 -62.96 13.87
CA GLY B 33 -19.43 -63.32 12.94
C GLY B 33 -19.33 -62.56 11.62
N GLU B 34 -18.13 -62.05 11.34
CA GLU B 34 -17.85 -61.30 10.12
C GLU B 34 -18.73 -60.07 9.95
N SER B 35 -18.95 -59.35 11.05
CA SER B 35 -19.70 -58.11 11.03
C SER B 35 -18.79 -56.99 10.57
N VAL B 36 -19.36 -55.82 10.27
CA VAL B 36 -18.54 -54.69 9.89
C VAL B 36 -18.32 -53.77 11.09
N SER B 37 -17.06 -53.62 11.50
CA SER B 37 -16.69 -52.86 12.68
C SER B 37 -16.81 -51.35 12.47
N LEU B 38 -16.70 -50.91 11.22
CA LEU B 38 -16.90 -49.51 10.83
C LEU B 38 -15.86 -48.53 11.38
N ASN B 39 -15.11 -47.91 10.48
CA ASN B 39 -14.14 -46.89 10.87
C ASN B 39 -14.84 -45.63 11.36
N LYS B 40 -16.16 -45.61 11.19
CA LYS B 40 -17.01 -44.51 11.65
C LYS B 40 -17.02 -44.46 13.18
N ARG B 41 -16.58 -45.54 13.82
CA ARG B 41 -16.54 -45.64 15.27
C ARG B 41 -15.22 -45.14 15.83
N TYR B 42 -14.36 -44.63 14.95
CA TYR B 42 -13.03 -44.17 15.36
C TYR B 42 -13.08 -43.22 16.53
N THR B 43 -12.29 -43.51 17.55
CA THR B 43 -12.18 -42.67 18.74
C THR B 43 -10.92 -41.83 18.67
N ARG B 44 -11.06 -40.53 18.85
CA ARG B 44 -9.92 -39.63 18.70
C ARG B 44 -8.80 -39.94 19.69
N LEU B 45 -7.57 -39.97 19.18
CA LEU B 45 -6.40 -40.19 20.00
C LEU B 45 -5.77 -38.86 20.37
N ARG B 46 -5.06 -38.83 21.48
CA ARG B 46 -4.35 -37.62 21.88
C ARG B 46 -2.98 -37.56 21.21
N LEU B 47 -2.72 -36.48 20.48
CA LEU B 47 -1.45 -36.36 19.78
C LEU B 47 -0.67 -35.16 20.29
N ILE B 48 0.56 -35.40 20.71
CA ILE B 48 1.46 -34.36 21.22
C ILE B 48 2.67 -34.21 20.32
N LYS B 49 3.01 -32.99 19.96
CA LYS B 49 4.15 -32.77 19.07
C LYS B 49 5.42 -32.37 19.83
N GLU B 50 6.56 -32.78 19.28
CA GLU B 50 7.86 -32.42 19.82
C GLU B 50 8.83 -32.05 18.72
N SER B 75 2.31 -29.20 23.59
CA SER B 75 1.28 -28.70 22.70
C SER B 75 0.75 -29.82 21.81
N PRO B 76 -0.58 -29.85 21.57
CA PRO B 76 -1.31 -30.81 20.76
C PRO B 76 -1.06 -30.61 19.26
N ILE B 77 -1.21 -31.69 18.51
CA ILE B 77 -1.12 -31.64 17.06
C ILE B 77 -2.28 -32.37 16.38
N LYS B 78 -2.63 -31.92 15.19
CA LYS B 78 -3.70 -32.53 14.40
C LYS B 78 -3.11 -33.36 13.26
N MET B 79 -3.93 -34.22 12.65
CA MET B 79 -3.47 -34.97 11.49
C MET B 79 -3.29 -34.06 10.28
N GLU B 80 -3.99 -32.93 10.27
CA GLU B 80 -3.84 -31.92 9.24
C GLU B 80 -2.50 -31.19 9.37
N LEU B 81 -1.94 -30.78 8.23
CA LEU B 81 -0.75 -29.93 8.18
C LEU B 81 0.53 -30.60 8.73
N LEU B 82 0.58 -31.93 8.73
CA LEU B 82 1.74 -32.63 9.28
C LEU B 82 3.02 -32.35 8.52
N PHE B 83 2.92 -32.19 7.21
CA PHE B 83 4.09 -32.01 6.37
C PHE B 83 4.29 -30.54 5.98
N ASP B 84 3.55 -29.65 6.63
CA ASP B 84 3.66 -28.23 6.34
C ASP B 84 4.72 -27.57 7.22
N PRO B 85 5.29 -26.44 6.80
CA PRO B 85 6.19 -25.57 7.54
C PRO B 85 5.57 -25.05 8.83
N ASP B 86 6.42 -24.76 9.81
CA ASP B 86 5.99 -24.20 11.08
C ASP B 86 6.10 -22.67 11.08
N ASP B 87 6.35 -22.09 12.26
CA ASP B 87 6.26 -20.65 12.42
C ASP B 87 7.52 -19.86 12.02
N GLU B 88 8.59 -20.54 11.60
CA GLU B 88 9.81 -19.81 11.24
C GLU B 88 10.59 -20.51 10.11
N HIS B 89 11.34 -19.73 9.34
CA HIS B 89 12.17 -20.20 8.23
C HIS B 89 11.36 -20.67 7.02
N SER B 90 10.11 -21.07 7.27
CA SER B 90 9.19 -21.56 6.25
C SER B 90 9.75 -22.74 5.46
N GLU B 91 10.37 -23.67 6.18
CA GLU B 91 10.90 -24.87 5.54
C GLU B 91 9.85 -25.98 5.57
N PRO B 92 9.75 -26.77 4.50
CA PRO B 92 8.84 -27.90 4.34
C PRO B 92 9.27 -29.08 5.18
N VAL B 93 8.34 -29.96 5.48
CA VAL B 93 8.64 -31.19 6.20
C VAL B 93 8.41 -32.39 5.30
N HIS B 94 9.44 -33.21 5.10
CA HIS B 94 9.30 -34.36 4.22
C HIS B 94 8.98 -35.63 5.00
N THR B 95 9.49 -35.71 6.24
CA THR B 95 9.30 -36.91 7.03
C THR B 95 8.63 -36.63 8.37
N VAL B 96 7.60 -37.39 8.67
CA VAL B 96 6.89 -37.30 9.94
C VAL B 96 6.84 -38.67 10.60
N VAL B 97 7.27 -38.74 11.85
CA VAL B 97 7.33 -40.03 12.54
C VAL B 97 6.43 -40.06 13.76
N PHE B 98 5.59 -41.07 13.83
CA PHE B 98 4.66 -41.26 14.93
C PHE B 98 5.11 -42.41 15.82
N GLN B 99 5.25 -42.11 17.11
CA GLN B 99 5.70 -43.12 18.06
C GLN B 99 4.72 -43.28 19.21
N GLY B 100 4.72 -44.46 19.81
CA GLY B 100 3.84 -44.72 20.95
C GLY B 100 3.91 -46.18 21.38
N ALA B 101 3.06 -46.55 22.32
CA ALA B 101 3.01 -47.90 22.89
C ALA B 101 2.45 -48.88 21.87
N ALA B 102 2.73 -50.16 22.08
CA ALA B 102 2.12 -51.19 21.25
C ALA B 102 0.60 -51.15 21.46
N GLY B 103 -0.16 -51.23 20.38
CA GLY B 103 -1.61 -51.24 20.48
C GLY B 103 -2.18 -49.87 20.85
N ILE B 104 -1.45 -48.80 20.52
CA ILE B 104 -1.87 -47.46 20.89
C ILE B 104 -2.69 -46.81 19.76
N GLY B 105 -2.89 -47.55 18.67
CA GLY B 105 -3.71 -47.06 17.56
C GLY B 105 -2.91 -46.41 16.45
N LYS B 106 -1.63 -46.74 16.33
CA LYS B 106 -0.81 -46.15 15.27
C LYS B 106 -1.38 -46.52 13.91
N THR B 107 -1.81 -47.77 13.77
CA THR B 107 -2.39 -48.28 12.53
C THR B 107 -3.75 -47.67 12.28
N ILE B 108 -4.54 -47.56 13.32
CA ILE B 108 -5.91 -47.09 13.18
C ILE B 108 -5.89 -45.61 12.81
N LEU B 109 -4.94 -44.87 13.38
CA LEU B 109 -4.76 -43.47 13.04
C LEU B 109 -4.38 -43.36 11.55
N ALA B 110 -3.49 -44.25 11.11
CA ALA B 110 -3.10 -44.33 9.70
C ALA B 110 -4.28 -44.67 8.81
N ARG B 111 -5.14 -45.57 9.27
CA ARG B 111 -6.32 -45.97 8.51
C ARG B 111 -7.32 -44.82 8.43
N LYS B 112 -7.48 -44.08 9.51
CA LYS B 112 -8.37 -42.94 9.51
C LYS B 112 -7.86 -41.92 8.50
N MET B 113 -6.54 -41.71 8.46
CA MET B 113 -5.96 -40.77 7.51
C MET B 113 -6.30 -41.17 6.08
N MET B 114 -6.17 -42.47 5.77
CA MET B 114 -6.47 -42.95 4.43
C MET B 114 -7.92 -42.71 4.04
N LEU B 115 -8.83 -42.95 4.99
CA LEU B 115 -10.24 -42.77 4.71
C LEU B 115 -10.57 -41.30 4.50
N ASP B 116 -10.02 -40.43 5.35
CA ASP B 116 -10.29 -39.00 5.25
C ASP B 116 -9.68 -38.43 3.97
N TRP B 117 -8.51 -38.94 3.58
CA TRP B 117 -7.90 -38.51 2.32
C TRP B 117 -8.75 -38.92 1.12
N ALA B 118 -9.14 -40.18 1.08
CA ALA B 118 -9.92 -40.70 -0.04
C ALA B 118 -11.26 -39.99 -0.18
N SER B 119 -11.84 -39.61 0.95
CA SER B 119 -13.12 -38.89 0.99
C SER B 119 -12.98 -37.43 0.58
N GLY B 120 -11.74 -36.96 0.42
CA GLY B 120 -11.48 -35.59 0.03
C GLY B 120 -11.57 -34.58 1.18
N THR B 121 -11.33 -35.04 2.41
CA THR B 121 -11.41 -34.12 3.55
C THR B 121 -10.05 -33.83 4.16
N LEU B 122 -9.08 -34.73 3.94
CA LEU B 122 -7.74 -34.55 4.51
C LEU B 122 -6.64 -34.62 3.46
N TYR B 123 -5.89 -33.53 3.32
CA TYR B 123 -4.83 -33.37 2.33
C TYR B 123 -5.36 -33.51 0.90
N GLN B 124 -6.61 -33.09 0.71
CA GLN B 124 -7.29 -33.19 -0.58
C GLN B 124 -6.70 -32.21 -1.58
N ASP B 125 -5.96 -31.23 -1.08
CA ASP B 125 -5.34 -30.23 -1.91
C ASP B 125 -3.81 -30.28 -1.77
N ARG B 126 -3.30 -31.37 -1.21
CA ARG B 126 -1.86 -31.48 -1.01
C ARG B 126 -1.22 -32.65 -1.74
N PHE B 127 -1.89 -33.81 -1.72
CA PHE B 127 -1.31 -34.98 -2.36
C PHE B 127 -2.24 -35.58 -3.40
N ASP B 128 -1.67 -36.05 -4.50
CA ASP B 128 -2.44 -36.71 -5.56
C ASP B 128 -2.68 -38.16 -5.22
N TYR B 129 -1.69 -38.79 -4.58
CA TYR B 129 -1.79 -40.20 -4.24
C TYR B 129 -1.33 -40.48 -2.81
N LEU B 130 -1.95 -41.49 -2.20
CA LEU B 130 -1.58 -41.96 -0.87
C LEU B 130 -1.39 -43.47 -0.88
N PHE B 131 -0.17 -43.92 -0.55
CA PHE B 131 0.17 -45.34 -0.60
C PHE B 131 0.47 -45.90 0.78
N TYR B 132 -0.28 -46.91 1.18
CA TYR B 132 -0.10 -47.55 2.48
C TYR B 132 0.66 -48.86 2.36
N ILE B 133 1.83 -48.91 2.99
CA ILE B 133 2.67 -50.09 2.94
C ILE B 133 2.83 -50.67 4.34
N HIS B 134 2.25 -51.84 4.58
CA HIS B 134 2.39 -52.46 5.88
C HIS B 134 3.74 -53.17 5.91
N CYS B 135 4.48 -53.01 7.00
CA CYS B 135 5.80 -53.63 7.12
C CYS B 135 5.75 -55.14 7.27
N ARG B 136 4.63 -55.65 7.82
CA ARG B 136 4.50 -57.08 8.08
C ARG B 136 4.59 -57.91 6.81
N GLU B 137 4.06 -57.37 5.72
CA GLU B 137 4.00 -58.09 4.45
C GLU B 137 5.22 -57.86 3.59
N VAL B 138 6.17 -57.06 4.06
CA VAL B 138 7.35 -56.73 3.27
C VAL B 138 8.41 -57.81 3.36
N SER B 139 8.90 -58.23 2.21
CA SER B 139 10.00 -59.18 2.15
C SER B 139 11.31 -58.41 2.13
N LEU B 140 12.08 -58.52 3.19
CA LEU B 140 13.30 -57.74 3.37
C LEU B 140 14.48 -58.32 2.60
N VAL B 141 14.48 -59.63 2.42
CA VAL B 141 15.61 -60.31 1.83
C VAL B 141 15.45 -60.59 0.33
N THR B 142 14.24 -60.45 -0.20
CA THR B 142 14.02 -60.72 -1.62
C THR B 142 14.30 -59.48 -2.45
N GLN B 143 14.46 -59.68 -3.76
CA GLN B 143 14.76 -58.58 -4.68
C GLN B 143 13.54 -58.13 -5.49
N ARG B 144 13.29 -56.83 -5.50
CA ARG B 144 12.17 -56.27 -6.26
C ARG B 144 12.37 -54.80 -6.61
N SER B 145 11.68 -54.36 -7.66
CA SER B 145 11.60 -52.94 -8.01
C SER B 145 10.57 -52.28 -7.11
N LEU B 146 10.40 -50.96 -7.21
CA LEU B 146 9.45 -50.32 -6.32
C LEU B 146 8.03 -50.52 -6.84
N GLY B 147 7.56 -51.75 -6.71
CA GLY B 147 6.25 -52.17 -7.18
C GLY B 147 5.21 -51.96 -6.09
N ASP B 148 5.63 -51.35 -5.00
CA ASP B 148 4.78 -51.09 -3.86
C ASP B 148 3.64 -50.16 -4.26
N LEU B 149 3.89 -49.34 -5.27
CA LEU B 149 2.91 -48.36 -5.74
C LEU B 149 1.85 -49.03 -6.61
N ILE B 150 2.08 -50.31 -6.92
CA ILE B 150 1.13 -51.10 -7.70
C ILE B 150 0.42 -52.09 -6.78
N MET B 151 1.23 -52.84 -6.01
CA MET B 151 0.74 -53.89 -5.13
C MET B 151 -0.18 -53.38 -4.03
N SER B 152 0.08 -52.18 -3.53
CA SER B 152 -0.69 -51.62 -2.43
C SER B 152 -2.00 -50.99 -2.90
N CYS B 153 -2.23 -50.96 -4.21
CA CYS B 153 -3.39 -50.28 -4.76
C CYS B 153 -4.42 -51.23 -5.35
N CYS B 154 -4.99 -50.83 -6.48
CA CYS B 154 -6.10 -51.54 -7.11
C CYS B 154 -5.64 -52.84 -7.75
N PRO B 155 -6.57 -53.79 -7.96
CA PRO B 155 -6.43 -55.02 -8.73
C PRO B 155 -5.94 -54.78 -10.16
N ASP B 156 -6.15 -53.57 -10.67
CA ASP B 156 -5.72 -53.22 -12.02
C ASP B 156 -4.20 -53.29 -12.12
N PRO B 157 -3.65 -54.20 -12.93
CA PRO B 157 -2.23 -54.51 -13.07
C PRO B 157 -1.43 -53.44 -13.78
N ASN B 158 -2.10 -52.46 -14.40
CA ASN B 158 -1.39 -51.46 -15.19
C ASN B 158 -1.82 -50.00 -14.90
N PRO B 159 -1.56 -49.51 -13.69
CA PRO B 159 -1.72 -48.11 -13.30
C PRO B 159 -0.65 -47.26 -13.99
N PRO B 160 -0.87 -45.96 -14.11
CA PRO B 160 -0.01 -44.99 -14.77
C PRO B 160 1.21 -44.62 -13.93
N ILE B 161 2.05 -45.63 -13.65
CA ILE B 161 3.24 -45.47 -12.82
C ILE B 161 4.25 -44.57 -13.51
N HIS B 162 4.35 -44.72 -14.83
CA HIS B 162 5.30 -43.98 -15.63
C HIS B 162 4.85 -42.56 -15.97
N LYS B 163 3.65 -42.19 -15.50
CA LYS B 163 3.12 -40.85 -15.78
C LYS B 163 3.01 -40.01 -14.50
N ILE B 164 1.79 -39.71 -14.08
CA ILE B 164 1.55 -38.86 -12.92
C ILE B 164 2.00 -39.49 -11.60
N VAL B 165 1.93 -40.81 -11.51
CA VAL B 165 2.26 -41.49 -10.26
C VAL B 165 3.75 -41.48 -9.91
N ARG B 166 4.60 -41.07 -10.84
CA ARG B 166 6.03 -40.97 -10.50
C ARG B 166 6.45 -39.54 -10.23
N LYS B 167 5.49 -38.60 -10.20
CA LYS B 167 5.82 -37.20 -9.98
C LYS B 167 6.09 -36.93 -8.48
N PRO B 168 7.31 -36.50 -8.13
CA PRO B 168 7.79 -36.31 -6.78
C PRO B 168 7.07 -35.15 -6.10
N SER B 169 6.92 -35.26 -4.79
CA SER B 169 6.32 -34.23 -3.93
C SER B 169 4.78 -34.25 -3.98
N ARG B 170 4.20 -35.02 -4.90
CA ARG B 170 2.75 -35.10 -5.00
C ARG B 170 2.21 -36.37 -4.32
N ILE B 171 3.12 -37.15 -3.77
CA ILE B 171 2.75 -38.43 -3.18
C ILE B 171 3.11 -38.55 -1.71
N LEU B 172 2.12 -39.01 -0.93
CA LEU B 172 2.32 -39.33 0.48
C LEU B 172 2.35 -40.84 0.69
N PHE B 173 3.39 -41.30 1.35
CA PHE B 173 3.53 -42.71 1.69
C PHE B 173 3.37 -42.89 3.18
N LEU B 174 2.86 -44.05 3.59
CA LEU B 174 2.83 -44.37 5.01
C LEU B 174 3.42 -45.76 5.26
N MET B 175 4.42 -45.82 6.14
CA MET B 175 5.10 -47.07 6.47
C MET B 175 4.67 -47.53 7.87
N ASP B 176 3.91 -48.61 7.92
CA ASP B 176 3.31 -49.03 9.20
C ASP B 176 4.04 -50.19 9.87
N GLY B 177 4.73 -49.89 10.98
CA GLY B 177 5.41 -50.93 11.76
C GLY B 177 6.86 -51.14 11.38
N PHE B 178 7.66 -50.08 11.42
CA PHE B 178 9.09 -50.23 11.11
C PHE B 178 9.71 -51.37 11.91
N ASP B 179 9.33 -51.48 13.18
CA ASP B 179 9.87 -52.49 14.08
C ASP B 179 9.41 -53.91 13.75
N GLU B 180 8.45 -54.04 12.83
CA GLU B 180 7.95 -55.35 12.42
C GLU B 180 8.65 -55.88 11.17
N LEU B 181 9.63 -55.14 10.65
CA LEU B 181 10.36 -55.64 9.50
C LEU B 181 11.10 -56.91 9.92
N GLN B 182 10.94 -57.97 9.14
CA GLN B 182 11.56 -59.25 9.48
C GLN B 182 12.85 -59.50 8.72
N GLY B 183 13.67 -60.40 9.24
CA GLY B 183 14.95 -60.73 8.61
C GLY B 183 16.03 -59.76 9.09
N ALA B 184 17.15 -59.75 8.39
CA ALA B 184 18.26 -58.88 8.75
C ALA B 184 17.98 -57.47 8.27
N PHE B 185 18.58 -56.48 8.93
CA PHE B 185 18.40 -55.10 8.54
C PHE B 185 19.61 -54.25 8.93
N ASP B 186 19.96 -53.29 8.09
CA ASP B 186 21.05 -52.36 8.36
C ASP B 186 20.70 -50.98 7.84
N GLU B 187 21.32 -49.97 8.44
CA GLU B 187 21.06 -48.59 8.08
C GLU B 187 22.20 -47.99 7.26
N HIS B 188 23.39 -48.56 7.40
CA HIS B 188 24.57 -47.99 6.76
C HIS B 188 24.98 -48.79 5.52
N ILE B 189 24.22 -48.60 4.44
CA ILE B 189 24.40 -49.38 3.23
C ILE B 189 24.89 -48.50 2.07
N GLY B 190 26.02 -48.87 1.48
CA GLY B 190 26.56 -48.13 0.34
C GLY B 190 25.60 -48.13 -0.84
N PRO B 191 25.26 -49.31 -1.38
CA PRO B 191 24.31 -49.53 -2.47
C PRO B 191 22.89 -49.28 -2.01
N LEU B 192 22.55 -48.00 -1.79
CA LEU B 192 21.24 -47.62 -1.31
C LEU B 192 20.13 -47.97 -2.30
N CYS B 193 20.43 -47.90 -3.59
CA CYS B 193 19.48 -48.16 -4.66
C CYS B 193 18.50 -47.02 -4.90
N THR B 194 18.82 -46.21 -5.89
CA THR B 194 17.94 -45.16 -6.36
C THR B 194 17.38 -45.61 -7.71
N ASP B 195 16.39 -44.91 -8.24
CA ASP B 195 15.71 -45.29 -9.48
C ASP B 195 14.72 -46.43 -9.23
N TRP B 196 13.46 -46.04 -9.04
CA TRP B 196 12.36 -46.98 -8.74
C TRP B 196 12.23 -48.10 -9.76
N GLN B 197 12.79 -47.89 -10.94
CA GLN B 197 12.71 -48.85 -12.04
C GLN B 197 13.62 -50.07 -11.82
N LYS B 198 14.60 -49.94 -10.92
CA LYS B 198 15.57 -51.02 -10.71
C LYS B 198 15.23 -51.83 -9.47
N ALA B 199 15.49 -53.14 -9.54
CA ALA B 199 15.19 -54.03 -8.44
C ALA B 199 16.39 -54.28 -7.53
N GLU B 200 16.15 -54.30 -6.23
CA GLU B 200 17.18 -54.60 -5.24
C GLU B 200 16.52 -55.21 -3.99
N ARG B 201 17.32 -55.60 -3.01
CA ARG B 201 16.78 -56.20 -1.79
C ARG B 201 15.81 -55.25 -1.08
N GLY B 202 14.76 -55.84 -0.48
CA GLY B 202 13.73 -55.08 0.20
C GLY B 202 14.24 -54.17 1.33
N ASP B 203 15.25 -54.61 2.08
CA ASP B 203 15.78 -53.79 3.17
C ASP B 203 16.47 -52.56 2.61
N ILE B 204 17.21 -52.77 1.54
CA ILE B 204 17.91 -51.69 0.85
C ILE B 204 16.91 -50.70 0.25
N LEU B 205 15.86 -51.25 -0.37
CA LEU B 205 14.85 -50.43 -1.02
C LEU B 205 14.16 -49.51 -0.02
N LEU B 206 13.85 -50.04 1.18
CA LEU B 206 13.22 -49.24 2.21
C LEU B 206 14.13 -48.11 2.69
N SER B 207 15.43 -48.40 2.83
CA SER B 207 16.38 -47.39 3.29
C SER B 207 16.41 -46.20 2.33
N SER B 208 16.47 -46.50 1.04
CA SER B 208 16.54 -45.46 0.02
C SER B 208 15.29 -44.59 0.03
N LEU B 209 14.11 -45.20 0.19
CA LEU B 209 12.88 -44.42 0.24
C LEU B 209 12.82 -43.57 1.51
N ILE B 210 13.22 -44.14 2.65
CA ILE B 210 13.17 -43.43 3.92
C ILE B 210 14.12 -42.22 3.92
N ARG B 211 15.31 -42.41 3.35
CA ARG B 211 16.32 -41.37 3.27
C ARG B 211 16.01 -40.31 2.21
N LYS B 212 14.92 -40.52 1.48
CA LYS B 212 14.50 -39.63 0.40
C LYS B 212 15.53 -39.56 -0.73
N LYS B 213 16.13 -40.71 -1.05
CA LYS B 213 17.04 -40.79 -2.18
C LYS B 213 16.29 -41.36 -3.36
N LEU B 214 15.33 -42.22 -3.03
CA LEU B 214 14.44 -42.83 -4.00
C LEU B 214 13.14 -42.04 -4.06
N LEU B 215 12.75 -41.64 -5.27
CA LEU B 215 11.55 -40.83 -5.44
C LEU B 215 11.60 -39.64 -4.46
N PRO B 216 12.60 -38.77 -4.60
CA PRO B 216 12.95 -37.71 -3.67
C PRO B 216 11.84 -36.67 -3.60
N GLU B 217 11.80 -35.97 -2.48
CA GLU B 217 10.79 -34.94 -2.19
C GLU B 217 9.41 -35.53 -1.88
N ALA B 218 9.27 -36.86 -1.94
CA ALA B 218 8.02 -37.48 -1.55
C ALA B 218 7.83 -37.35 -0.05
N SER B 219 6.59 -37.33 0.39
CA SER B 219 6.30 -37.25 1.82
C SER B 219 6.12 -38.65 2.40
N LEU B 220 6.73 -38.90 3.55
CA LEU B 220 6.62 -40.22 4.17
C LEU B 220 6.27 -40.13 5.66
N LEU B 221 5.22 -40.85 6.05
CA LEU B 221 4.78 -40.94 7.43
C LEU B 221 5.16 -42.33 7.97
N ILE B 222 5.95 -42.36 9.03
CA ILE B 222 6.41 -43.64 9.58
C ILE B 222 5.90 -43.88 10.98
N THR B 223 5.33 -45.06 11.22
CA THR B 223 4.91 -45.42 12.57
C THR B 223 5.86 -46.48 13.13
N THR B 224 6.30 -46.28 14.38
CA THR B 224 7.24 -47.23 14.99
C THR B 224 7.21 -47.21 16.52
N ARG B 225 7.56 -48.33 17.13
CA ARG B 225 7.76 -48.36 18.58
C ARG B 225 9.04 -47.60 18.93
N PRO B 226 9.06 -46.78 19.99
CA PRO B 226 10.19 -45.97 20.45
C PRO B 226 11.49 -46.78 20.55
N VAL B 227 11.39 -48.04 20.93
CA VAL B 227 12.58 -48.89 21.08
C VAL B 227 13.32 -49.08 19.76
N ALA B 228 12.59 -49.03 18.65
CA ALA B 228 13.20 -49.25 17.35
C ALA B 228 13.70 -47.97 16.72
N LEU B 229 13.52 -46.85 17.41
CA LEU B 229 13.94 -45.57 16.85
C LEU B 229 15.43 -45.59 16.57
N GLU B 230 16.19 -46.28 17.41
CA GLU B 230 17.64 -46.30 17.28
C GLU B 230 18.09 -46.87 15.93
N LYS B 231 17.25 -47.68 15.30
CA LYS B 231 17.59 -48.29 14.02
C LYS B 231 16.90 -47.56 12.87
N LEU B 232 16.18 -46.49 13.21
CA LEU B 232 15.46 -45.70 12.22
C LEU B 232 16.08 -44.31 12.10
N GLN B 233 16.60 -43.79 13.21
CA GLN B 233 17.13 -42.42 13.29
C GLN B 233 18.20 -42.14 12.25
N HIS B 234 18.90 -43.18 11.81
CA HIS B 234 20.00 -43.05 10.85
C HIS B 234 19.46 -42.86 9.44
N LEU B 235 18.19 -43.17 9.27
CA LEU B 235 17.52 -43.07 7.98
C LEU B 235 16.71 -41.78 7.88
N LEU B 236 16.28 -41.28 9.04
CA LEU B 236 15.40 -40.12 9.10
C LEU B 236 16.13 -38.79 8.96
N ASP B 237 17.30 -38.68 9.59
CA ASP B 237 18.09 -37.45 9.62
C ASP B 237 17.40 -36.31 10.37
N HIS B 238 16.32 -35.78 9.80
CA HIS B 238 15.61 -34.65 10.40
C HIS B 238 14.07 -34.79 10.36
N PRO B 239 13.51 -35.75 11.10
CA PRO B 239 12.09 -36.08 11.18
C PRO B 239 11.31 -35.13 12.07
N ARG B 240 10.01 -35.01 11.81
CA ARG B 240 9.10 -34.36 12.77
C ARG B 240 8.60 -35.42 13.74
N HIS B 241 8.64 -35.13 15.03
CA HIS B 241 8.24 -36.13 16.03
C HIS B 241 6.86 -35.89 16.63
N VAL B 242 5.98 -36.86 16.48
CA VAL B 242 4.66 -36.82 17.09
C VAL B 242 4.44 -38.05 17.97
N GLU B 243 4.04 -37.84 19.22
CA GLU B 243 3.79 -38.93 20.14
C GLU B 243 2.29 -39.23 20.21
N ILE B 244 1.96 -40.52 20.14
CA ILE B 244 0.57 -40.96 20.23
C ILE B 244 0.26 -41.44 21.63
N LEU B 245 -0.72 -40.78 22.24
CA LEU B 245 -1.14 -41.10 23.59
C LEU B 245 -2.44 -41.88 23.55
N GLY B 246 -2.77 -42.53 24.65
CA GLY B 246 -3.96 -43.37 24.71
C GLY B 246 -5.22 -42.57 25.01
N PHE B 247 -6.26 -43.27 25.40
CA PHE B 247 -7.56 -42.67 25.63
C PHE B 247 -7.63 -41.99 26.99
N SER B 248 -8.31 -40.86 27.03
CA SER B 248 -8.62 -40.17 28.29
C SER B 248 -9.80 -40.86 28.95
N GLU B 249 -10.11 -40.48 30.17
CA GLU B 249 -11.22 -41.10 30.87
C GLU B 249 -12.53 -40.90 30.11
N ALA B 250 -12.70 -39.72 29.53
CA ALA B 250 -13.89 -39.42 28.77
C ALA B 250 -13.94 -40.24 27.49
N LYS B 251 -12.79 -40.37 26.83
CA LYS B 251 -12.74 -41.14 25.58
C LYS B 251 -12.94 -42.62 25.85
N ARG B 252 -12.45 -43.10 26.99
CA ARG B 252 -12.67 -44.50 27.35
C ARG B 252 -14.15 -44.76 27.52
N LYS B 253 -14.85 -43.86 28.19
CA LYS B 253 -16.30 -43.99 28.35
C LYS B 253 -16.97 -44.07 26.98
N GLU B 254 -16.55 -43.21 26.06
CA GLU B 254 -17.12 -43.23 24.72
C GLU B 254 -16.86 -44.58 24.04
N TYR B 255 -15.66 -45.12 24.20
CA TYR B 255 -15.36 -46.41 23.61
C TYR B 255 -16.35 -47.48 24.08
N PHE B 256 -16.59 -47.54 25.40
CA PHE B 256 -17.50 -48.54 25.94
C PHE B 256 -18.93 -48.32 25.43
N PHE B 257 -19.34 -47.06 25.36
CA PHE B 257 -20.67 -46.70 24.89
C PHE B 257 -20.86 -46.97 23.40
N LYS B 258 -19.79 -46.85 22.62
CA LYS B 258 -19.90 -47.16 21.20
C LYS B 258 -19.75 -48.66 20.95
N TYR B 259 -18.90 -49.32 21.75
CA TYR B 259 -18.65 -50.75 21.61
C TYR B 259 -19.89 -51.57 21.92
N PHE B 260 -20.56 -51.25 23.02
CA PHE B 260 -21.75 -51.99 23.44
C PHE B 260 -23.00 -51.24 23.00
N SER B 261 -23.72 -51.82 22.03
CA SER B 261 -24.88 -51.15 21.45
C SER B 261 -26.00 -50.90 22.46
N ASP B 262 -26.06 -51.73 23.50
CA ASP B 262 -27.03 -51.53 24.56
C ASP B 262 -26.43 -50.64 25.65
N GLU B 263 -26.93 -49.42 25.76
CA GLU B 263 -26.41 -48.46 26.72
C GLU B 263 -26.40 -49.03 28.13
N ALA B 264 -27.39 -49.87 28.45
CA ALA B 264 -27.46 -50.46 29.78
C ALA B 264 -26.24 -51.32 30.05
N GLN B 265 -25.75 -51.98 29.00
CA GLN B 265 -24.60 -52.86 29.13
C GLN B 265 -23.32 -52.04 29.10
N ALA B 266 -23.35 -50.94 28.34
CA ALA B 266 -22.20 -50.05 28.28
C ALA B 266 -21.94 -49.46 29.64
N ARG B 267 -23.01 -49.11 30.35
CA ARG B 267 -22.87 -48.56 31.69
C ARG B 267 -22.33 -49.60 32.66
N ALA B 268 -22.88 -50.82 32.58
CA ALA B 268 -22.43 -51.87 33.49
C ALA B 268 -20.98 -52.23 33.20
N ALA B 269 -20.60 -52.29 31.94
CA ALA B 269 -19.27 -52.64 31.52
C ALA B 269 -18.26 -51.57 31.94
N PHE B 270 -18.64 -50.31 31.70
CA PHE B 270 -17.75 -49.21 32.05
C PHE B 270 -17.58 -49.14 33.55
N SER B 271 -18.68 -49.25 34.30
CA SER B 271 -18.64 -49.19 35.75
C SER B 271 -17.78 -50.31 36.34
N LEU B 272 -17.94 -51.53 35.82
CA LEU B 272 -17.14 -52.66 36.30
C LEU B 272 -15.66 -52.31 36.27
N ILE B 273 -15.24 -51.70 35.17
CA ILE B 273 -13.84 -51.35 34.99
C ILE B 273 -13.49 -50.11 35.81
N GLN B 274 -14.38 -49.12 35.85
CA GLN B 274 -14.14 -47.90 36.62
C GLN B 274 -13.79 -48.22 38.07
N GLU B 275 -14.46 -49.23 38.63
CA GLU B 275 -14.22 -49.65 40.02
C GLU B 275 -12.84 -50.28 40.21
N ASN B 276 -12.23 -50.75 39.12
CA ASN B 276 -10.92 -51.38 39.16
C ASN B 276 -9.86 -50.40 38.71
N GLU B 277 -9.28 -49.68 39.66
CA GLU B 277 -8.37 -48.59 39.33
C GLU B 277 -7.24 -49.01 38.40
N VAL B 278 -6.67 -50.18 38.66
CA VAL B 278 -5.53 -50.65 37.89
C VAL B 278 -5.92 -51.03 36.47
N LEU B 279 -7.00 -51.79 36.33
CA LEU B 279 -7.45 -52.21 35.00
C LEU B 279 -7.94 -51.01 34.21
N PHE B 280 -8.62 -50.10 34.89
CA PHE B 280 -9.10 -48.86 34.29
C PHE B 280 -7.93 -48.09 33.72
N THR B 281 -6.88 -47.96 34.52
CA THR B 281 -5.68 -47.25 34.08
C THR B 281 -5.07 -47.91 32.85
N MET B 282 -4.92 -49.24 32.88
CA MET B 282 -4.29 -49.94 31.75
C MET B 282 -5.09 -49.76 30.46
N CYS B 283 -6.40 -49.64 30.59
CA CYS B 283 -7.28 -49.50 29.44
C CYS B 283 -7.05 -48.20 28.66
N PHE B 284 -6.09 -47.39 29.09
CA PHE B 284 -5.71 -46.20 28.33
C PHE B 284 -5.22 -46.62 26.95
N ILE B 285 -4.70 -47.84 26.85
CA ILE B 285 -4.25 -48.37 25.57
C ILE B 285 -5.45 -49.03 24.89
N PRO B 286 -5.85 -48.57 23.69
CA PRO B 286 -6.98 -49.06 22.92
C PRO B 286 -7.00 -50.60 22.84
N LEU B 287 -5.84 -51.22 22.68
CA LEU B 287 -5.78 -52.68 22.66
C LEU B 287 -6.23 -53.29 23.99
N VAL B 288 -5.94 -52.62 25.10
CA VAL B 288 -6.34 -53.13 26.40
C VAL B 288 -7.84 -52.94 26.60
N CYS B 289 -8.36 -51.78 26.23
CA CYS B 289 -9.80 -51.60 26.42
C CYS B 289 -10.57 -52.55 25.50
N TRP B 290 -9.98 -52.87 24.35
CA TRP B 290 -10.59 -53.83 23.42
C TRP B 290 -10.64 -55.24 23.99
N ILE B 291 -9.51 -55.72 24.51
CA ILE B 291 -9.43 -57.08 25.02
C ILE B 291 -10.35 -57.24 26.24
N VAL B 292 -10.47 -56.17 27.03
CA VAL B 292 -11.35 -56.15 28.19
C VAL B 292 -12.81 -56.14 27.77
N CYS B 293 -13.17 -55.26 26.84
CA CYS B 293 -14.55 -55.19 26.36
C CYS B 293 -14.96 -56.49 25.67
N THR B 294 -14.05 -57.06 24.91
CA THR B 294 -14.32 -58.30 24.18
C THR B 294 -14.57 -59.44 25.15
N GLY B 295 -13.73 -59.54 26.19
CA GLY B 295 -13.91 -60.59 27.20
C GLY B 295 -15.26 -60.44 27.89
N LEU B 296 -15.63 -59.19 28.21
CA LEU B 296 -16.91 -58.94 28.86
C LEU B 296 -18.06 -59.28 27.93
N LYS B 297 -17.95 -58.91 26.66
CA LYS B 297 -19.01 -59.21 25.70
C LYS B 297 -19.29 -60.71 25.70
N GLN B 298 -18.23 -61.52 25.77
CA GLN B 298 -18.40 -62.96 25.81
C GLN B 298 -19.11 -63.41 27.08
N GLN B 299 -18.76 -62.78 28.21
CA GLN B 299 -19.41 -63.08 29.48
C GLN B 299 -20.89 -62.71 29.42
N MET B 300 -21.18 -61.61 28.74
CA MET B 300 -22.56 -61.15 28.55
C MET B 300 -23.37 -62.17 27.75
N GLU B 301 -22.85 -62.57 26.59
CA GLU B 301 -23.55 -63.50 25.71
C GLU B 301 -23.76 -64.85 26.38
N SER B 302 -22.80 -65.27 27.19
CA SER B 302 -22.86 -66.56 27.87
C SER B 302 -23.71 -66.55 29.15
N GLY B 303 -24.21 -65.38 29.54
CA GLY B 303 -25.05 -65.27 30.74
C GLY B 303 -24.26 -65.38 32.05
N LYS B 304 -23.04 -64.86 32.07
CA LYS B 304 -22.18 -64.94 33.25
C LYS B 304 -22.32 -63.70 34.13
N SER B 305 -21.63 -63.72 35.27
CA SER B 305 -21.66 -62.61 36.25
C SER B 305 -20.93 -61.37 35.77
N LEU B 306 -20.10 -61.54 34.74
CA LEU B 306 -19.28 -60.47 34.14
C LEU B 306 -18.23 -59.92 35.08
N ALA B 307 -17.93 -60.64 36.15
CA ALA B 307 -16.90 -60.20 37.07
C ALA B 307 -15.51 -60.30 36.42
N GLN B 308 -14.67 -59.31 36.69
CA GLN B 308 -13.29 -59.32 36.24
C GLN B 308 -12.38 -58.82 37.36
N THR B 309 -11.34 -59.59 37.66
CA THR B 309 -10.44 -59.26 38.76
C THR B 309 -9.00 -59.07 38.30
N SER B 310 -8.82 -58.83 37.00
CA SER B 310 -7.49 -58.67 36.44
C SER B 310 -6.80 -57.42 36.98
N LYS B 311 -5.50 -57.54 37.27
CA LYS B 311 -4.70 -56.43 37.77
C LYS B 311 -3.50 -56.13 36.89
N THR B 312 -3.00 -57.15 36.21
CA THR B 312 -1.79 -56.99 35.41
C THR B 312 -2.09 -57.21 33.94
N THR B 313 -1.15 -56.81 33.09
CA THR B 313 -1.33 -57.00 31.65
C THR B 313 -1.43 -58.48 31.35
N THR B 314 -0.60 -59.26 32.04
CA THR B 314 -0.59 -60.70 31.88
C THR B 314 -1.94 -61.27 32.29
N ALA B 315 -2.45 -60.84 33.44
CA ALA B 315 -3.73 -61.34 33.91
C ALA B 315 -4.83 -61.10 32.90
N VAL B 316 -4.80 -59.94 32.22
CA VAL B 316 -5.79 -59.64 31.22
C VAL B 316 -5.65 -60.57 30.02
N TYR B 317 -4.42 -60.78 29.56
CA TYR B 317 -4.16 -61.65 28.42
C TYR B 317 -4.48 -63.11 28.72
N VAL B 318 -4.17 -63.56 29.94
CA VAL B 318 -4.47 -64.93 30.33
C VAL B 318 -5.97 -65.13 30.43
N PHE B 319 -6.66 -64.19 31.08
CA PHE B 319 -8.11 -64.24 31.20
C PHE B 319 -8.76 -64.31 29.84
N PHE B 320 -8.37 -63.41 28.95
CA PHE B 320 -8.97 -63.36 27.62
C PHE B 320 -8.78 -64.69 26.89
N LEU B 321 -7.55 -65.19 26.86
CA LEU B 321 -7.27 -66.42 26.14
C LEU B 321 -7.97 -67.62 26.74
N SER B 322 -7.90 -67.76 28.06
CA SER B 322 -8.48 -68.94 28.68
C SER B 322 -9.99 -68.91 28.68
N SER B 323 -10.57 -67.71 28.78
CA SER B 323 -12.02 -67.60 28.76
C SER B 323 -12.55 -68.07 27.42
N LEU B 324 -11.90 -67.66 26.34
CA LEU B 324 -12.30 -68.06 24.99
C LEU B 324 -12.05 -69.54 24.69
N LEU B 325 -10.92 -70.10 25.15
CA LEU B 325 -10.60 -71.50 24.85
C LEU B 325 -11.27 -72.50 25.77
N GLN B 326 -11.56 -72.11 27.02
CA GLN B 326 -12.10 -73.05 28.00
C GLN B 326 -13.33 -73.85 27.52
N PRO B 327 -14.33 -73.24 26.86
CA PRO B 327 -15.55 -73.88 26.40
C PRO B 327 -15.25 -75.13 25.59
N LEU B 336 -9.35 -75.68 20.84
CA LEU B 336 -9.52 -75.18 22.20
C LEU B 336 -8.24 -75.35 23.01
N CYS B 337 -8.38 -75.55 24.32
CA CYS B 337 -7.25 -75.65 25.24
C CYS B 337 -6.29 -76.79 24.88
N ALA B 338 -6.83 -77.82 24.25
CA ALA B 338 -6.10 -79.03 23.90
C ALA B 338 -4.94 -78.73 22.95
N HIS B 339 -5.01 -77.63 22.21
CA HIS B 339 -3.99 -77.33 21.23
C HIS B 339 -3.10 -76.15 21.65
N LEU B 340 -3.14 -75.79 22.92
CA LEU B 340 -2.34 -74.67 23.41
C LEU B 340 -0.85 -74.91 23.18
N TRP B 341 -0.41 -76.14 23.38
CA TRP B 341 1.00 -76.50 23.19
C TRP B 341 1.46 -76.24 21.77
N GLY B 342 0.73 -76.81 20.80
CA GLY B 342 1.12 -76.68 19.41
C GLY B 342 1.18 -75.22 19.00
N LEU B 343 0.23 -74.43 19.48
CA LEU B 343 0.20 -73.02 19.16
C LEU B 343 1.31 -72.23 19.83
N CYS B 344 1.54 -72.48 21.11
CA CYS B 344 2.58 -71.75 21.82
C CYS B 344 3.94 -72.07 21.19
N SER B 345 4.12 -73.31 20.76
CA SER B 345 5.35 -73.70 20.08
C SER B 345 5.47 -72.96 18.75
N LEU B 346 4.35 -72.83 18.03
CA LEU B 346 4.34 -72.09 16.77
C LEU B 346 4.70 -70.64 17.01
N ALA B 347 4.11 -70.03 18.03
CA ALA B 347 4.37 -68.63 18.35
C ALA B 347 5.84 -68.41 18.70
N ALA B 348 6.40 -69.33 19.50
CA ALA B 348 7.80 -69.22 19.89
C ALA B 348 8.71 -69.39 18.70
N ASP B 349 8.35 -70.32 17.79
CA ASP B 349 9.13 -70.56 16.59
C ASP B 349 9.03 -69.36 15.68
N GLY B 350 7.85 -68.76 15.65
CA GLY B 350 7.61 -67.56 14.85
C GLY B 350 8.50 -66.42 15.31
N ILE B 351 8.51 -66.15 16.61
CA ILE B 351 9.32 -65.05 17.10
C ILE B 351 10.80 -65.32 16.85
N TRP B 352 11.25 -66.53 17.20
CA TRP B 352 12.66 -66.87 17.04
C TRP B 352 13.14 -66.78 15.59
N ASN B 353 12.32 -67.28 14.66
CA ASN B 353 12.70 -67.33 13.25
C ASN B 353 12.18 -66.14 12.45
N GLN B 354 11.72 -65.10 13.14
CA GLN B 354 11.25 -63.89 12.49
C GLN B 354 10.12 -64.13 11.48
N LYS B 355 9.11 -64.89 11.91
CA LYS B 355 7.95 -65.15 11.07
C LYS B 355 6.66 -64.68 11.74
N ILE B 356 5.92 -63.84 11.04
CA ILE B 356 4.62 -63.35 11.52
C ILE B 356 3.49 -63.99 10.73
N LEU B 357 3.72 -64.14 9.42
CA LEU B 357 2.73 -64.67 8.50
C LEU B 357 3.03 -66.14 8.22
N PHE B 358 2.08 -67.00 8.55
CA PHE B 358 2.29 -68.45 8.48
C PHE B 358 1.47 -69.10 7.37
N GLU B 359 1.97 -70.19 6.82
CA GLU B 359 1.24 -70.93 5.80
C GLU B 359 0.58 -72.17 6.41
N GLU B 360 -0.24 -72.85 5.62
CA GLU B 360 -0.90 -74.06 6.10
C GLU B 360 0.12 -75.10 6.54
N SER B 361 1.29 -75.10 5.89
CA SER B 361 2.36 -76.03 6.23
C SER B 361 2.89 -75.78 7.64
N ASP B 362 2.88 -74.52 8.08
CA ASP B 362 3.42 -74.18 9.39
C ASP B 362 2.44 -74.58 10.46
N LEU B 363 1.15 -74.49 10.13
CA LEU B 363 0.11 -74.92 11.06
C LEU B 363 0.12 -76.45 11.18
N ARG B 364 0.23 -77.14 10.05
CA ARG B 364 0.24 -78.60 10.07
C ARG B 364 1.43 -79.17 10.81
N ASN B 365 2.59 -78.51 10.66
CA ASN B 365 3.82 -78.98 11.28
C ASN B 365 3.78 -78.92 12.81
N HIS B 366 2.79 -78.23 13.36
CA HIS B 366 2.64 -78.14 14.81
C HIS B 366 1.38 -78.87 15.27
N GLY B 367 0.81 -79.67 14.38
CA GLY B 367 -0.37 -80.47 14.70
C GLY B 367 -1.65 -79.67 14.71
N LEU B 368 -1.68 -78.54 14.01
CA LEU B 368 -2.85 -77.68 14.01
C LEU B 368 -3.57 -77.79 12.66
N GLN B 369 -4.64 -78.57 12.61
CA GLN B 369 -5.32 -78.81 11.34
C GLN B 369 -6.78 -79.25 11.47
N LYS B 370 -7.68 -78.51 10.82
CA LYS B 370 -9.11 -78.82 10.78
C LYS B 370 -9.71 -79.08 12.16
N ALA B 371 -9.31 -78.26 13.13
CA ALA B 371 -9.84 -78.38 14.49
C ALA B 371 -9.80 -77.03 15.19
N ASP B 372 -8.65 -76.71 15.78
CA ASP B 372 -8.52 -75.50 16.56
C ASP B 372 -8.34 -74.28 15.69
N VAL B 373 -7.78 -74.46 14.50
CA VAL B 373 -7.54 -73.32 13.63
C VAL B 373 -8.86 -72.65 13.32
N SER B 374 -9.87 -73.45 13.01
CA SER B 374 -11.19 -72.93 12.72
C SER B 374 -11.78 -72.27 13.97
N ALA B 375 -11.59 -72.91 15.12
CA ALA B 375 -12.08 -72.36 16.37
C ALA B 375 -11.40 -71.03 16.69
N PHE B 376 -10.12 -70.93 16.39
CA PHE B 376 -9.34 -69.72 16.63
C PHE B 376 -9.80 -68.58 15.74
N LEU B 377 -10.26 -68.92 14.54
CA LEU B 377 -10.78 -67.92 13.60
C LEU B 377 -12.18 -67.47 14.01
N ARG B 378 -12.94 -68.36 14.66
CA ARG B 378 -14.26 -67.97 15.16
C ARG B 378 -14.12 -66.99 16.32
N MET B 379 -13.11 -67.19 17.14
CA MET B 379 -12.81 -66.36 18.30
C MET B 379 -11.88 -65.20 17.94
N ASN B 380 -11.87 -64.14 18.75
CA ASN B 380 -10.98 -63.02 18.46
C ASN B 380 -9.55 -63.31 18.92
N LEU B 381 -8.94 -64.30 18.27
CA LEU B 381 -7.60 -64.76 18.58
C LEU B 381 -6.72 -64.80 17.33
N PHE B 382 -7.24 -65.40 16.26
CA PHE B 382 -6.51 -65.48 15.00
C PHE B 382 -7.34 -65.04 13.83
N GLN B 383 -6.65 -64.61 12.77
CA GLN B 383 -7.29 -64.21 11.54
C GLN B 383 -6.57 -64.86 10.37
N LYS B 384 -7.27 -65.06 9.27
CA LYS B 384 -6.68 -65.75 8.12
C LYS B 384 -6.27 -64.81 7.01
N GLU B 385 -6.26 -63.51 7.31
CA GLU B 385 -5.84 -62.50 6.36
C GLU B 385 -6.58 -62.64 5.04
N VAL B 386 -7.69 -61.92 4.91
CA VAL B 386 -8.58 -62.11 3.78
C VAL B 386 -8.49 -60.97 2.77
N ASP B 387 -7.42 -60.19 2.85
CA ASP B 387 -7.22 -59.11 1.90
C ASP B 387 -6.57 -59.66 0.63
N CYS B 388 -7.31 -60.52 -0.06
CA CYS B 388 -6.86 -61.16 -1.30
C CYS B 388 -5.47 -61.79 -1.17
N GLU B 389 -5.27 -62.59 -0.14
CA GLU B 389 -3.97 -63.23 0.11
C GLU B 389 -4.10 -64.67 0.61
N LYS B 390 -2.95 -65.32 0.78
CA LYS B 390 -2.91 -66.71 1.23
C LYS B 390 -1.92 -66.97 2.38
N PHE B 391 -2.30 -66.54 3.58
CA PHE B 391 -1.50 -66.80 4.79
C PHE B 391 -2.31 -66.54 6.05
N TYR B 392 -1.80 -67.01 7.19
CA TYR B 392 -2.47 -66.83 8.48
C TYR B 392 -1.63 -65.96 9.40
N SER B 393 -2.28 -65.31 10.35
CA SER B 393 -1.56 -64.47 11.31
C SER B 393 -2.25 -64.35 12.66
N PHE B 394 -1.48 -63.92 13.65
CA PHE B 394 -1.99 -63.64 14.99
C PHE B 394 -2.78 -62.34 14.96
N ILE B 395 -3.84 -62.24 15.75
CA ILE B 395 -4.64 -61.03 15.76
C ILE B 395 -3.83 -59.82 16.23
N HIS B 396 -2.91 -60.04 17.16
CA HIS B 396 -2.05 -58.95 17.64
C HIS B 396 -0.63 -59.45 17.86
N MET B 397 0.36 -58.56 17.69
CA MET B 397 1.76 -58.95 17.93
C MET B 397 2.05 -59.19 19.40
N THR B 398 1.32 -58.50 20.27
CA THR B 398 1.51 -58.70 21.69
C THR B 398 0.98 -60.08 22.08
N PHE B 399 0.02 -60.58 21.29
CA PHE B 399 -0.53 -61.90 21.53
C PHE B 399 0.48 -62.96 21.12
N GLN B 400 1.10 -62.77 19.95
CA GLN B 400 2.09 -63.74 19.50
C GLN B 400 3.24 -63.83 20.50
N GLU B 401 3.67 -62.67 21.00
CA GLU B 401 4.73 -62.65 22.00
C GLU B 401 4.26 -63.25 23.33
N PHE B 402 2.99 -63.02 23.68
CA PHE B 402 2.39 -63.64 24.86
C PHE B 402 2.38 -65.16 24.75
N PHE B 403 1.95 -65.68 23.60
CA PHE B 403 1.93 -67.12 23.40
C PHE B 403 3.34 -67.69 23.52
N ALA B 404 4.32 -66.99 22.96
CA ALA B 404 5.71 -67.43 23.05
C ALA B 404 6.15 -67.46 24.52
N ALA B 405 5.72 -66.46 25.29
CA ALA B 405 6.07 -66.41 26.71
C ALA B 405 5.50 -67.63 27.44
N MET B 406 4.28 -68.02 27.08
CA MET B 406 3.65 -69.18 27.69
C MET B 406 4.39 -70.46 27.33
N TYR B 407 4.89 -70.53 26.10
CA TYR B 407 5.61 -71.71 25.63
C TYR B 407 6.71 -72.14 26.58
N TYR B 408 7.49 -71.18 27.04
CA TYR B 408 8.66 -71.48 27.87
C TYR B 408 8.28 -72.10 29.21
N LEU B 409 7.01 -72.03 29.57
CA LEU B 409 6.53 -72.57 30.84
C LEU B 409 5.71 -73.87 30.71
N LEU B 410 5.44 -74.29 29.49
CA LEU B 410 4.56 -75.45 29.32
C LEU B 410 5.33 -76.75 29.46
N GLU B 411 4.65 -77.78 29.95
CA GLU B 411 5.23 -79.10 30.09
C GLU B 411 6.61 -79.04 30.74
N LEU B 427 9.44 -75.15 18.14
CA LEU B 427 10.29 -75.67 19.22
C LEU B 427 11.74 -75.21 19.03
N PRO B 428 11.98 -73.90 18.88
CA PRO B 428 13.24 -73.28 18.53
C PRO B 428 14.34 -73.42 19.58
N SER B 429 13.95 -73.62 20.83
CA SER B 429 14.92 -73.71 21.92
C SER B 429 14.26 -74.12 23.23
N ARG B 430 13.24 -73.35 23.62
CA ARG B 430 12.58 -73.49 24.91
C ARG B 430 13.58 -73.23 26.03
N ASP B 431 14.47 -72.27 25.79
CA ASP B 431 15.47 -71.87 26.76
C ASP B 431 15.37 -70.38 27.07
N VAL B 432 14.97 -70.07 28.29
CA VAL B 432 14.80 -68.69 28.69
C VAL B 432 16.13 -67.93 28.72
N THR B 433 17.24 -68.63 28.95
CA THR B 433 18.52 -67.94 28.94
C THR B 433 18.74 -67.31 27.57
N VAL B 434 18.45 -68.06 26.53
CA VAL B 434 18.58 -67.59 25.16
C VAL B 434 17.59 -66.45 24.92
N LEU B 435 16.37 -66.61 25.41
CA LEU B 435 15.35 -65.58 25.28
C LEU B 435 15.83 -64.24 25.82
N LEU B 436 16.36 -64.27 27.04
CA LEU B 436 16.79 -63.07 27.72
C LEU B 436 18.03 -62.44 27.05
N GLU B 437 18.96 -63.29 26.61
CA GLU B 437 20.18 -62.80 25.95
C GLU B 437 19.88 -62.05 24.67
N ASN B 438 18.83 -62.46 23.96
CA ASN B 438 18.48 -61.86 22.68
C ASN B 438 17.48 -60.72 22.82
N TYR B 439 17.26 -60.27 24.05
CA TYR B 439 16.34 -59.16 24.31
C TYR B 439 16.77 -57.91 23.55
N GLY B 440 18.04 -57.56 23.64
CA GLY B 440 18.54 -56.33 23.03
C GLY B 440 18.83 -56.48 21.55
N LYS B 441 17.84 -56.93 20.78
CA LYS B 441 18.02 -57.11 19.35
C LYS B 441 16.80 -56.70 18.54
N PHE B 442 17.05 -55.91 17.50
CA PHE B 442 16.02 -55.46 16.56
C PHE B 442 15.42 -56.63 15.79
N GLU B 443 16.29 -57.50 15.29
CA GLU B 443 15.86 -58.61 14.45
C GLU B 443 14.84 -59.51 15.14
N LYS B 444 14.97 -59.69 16.44
CA LYS B 444 14.08 -60.59 17.18
C LYS B 444 12.82 -59.86 17.65
N GLY B 445 12.71 -58.58 17.34
CA GLY B 445 11.55 -57.79 17.73
C GLY B 445 11.66 -57.26 19.16
N TYR B 446 12.87 -57.23 19.70
CA TYR B 446 13.16 -56.76 21.05
C TYR B 446 12.60 -57.67 22.16
N LEU B 447 11.62 -58.51 21.83
CA LEU B 447 11.13 -59.51 22.78
C LEU B 447 10.67 -58.88 24.08
N ILE B 448 10.14 -57.66 24.00
CA ILE B 448 9.75 -56.94 25.20
C ILE B 448 8.62 -57.63 25.92
N PHE B 449 7.60 -58.03 25.17
CA PHE B 449 6.45 -58.66 25.78
C PHE B 449 6.69 -60.13 26.04
N VAL B 450 7.58 -60.76 25.28
CA VAL B 450 7.79 -62.18 25.52
C VAL B 450 8.36 -62.32 26.92
N VAL B 451 9.33 -61.48 27.25
CA VAL B 451 9.95 -61.50 28.57
C VAL B 451 9.01 -60.93 29.63
N ARG B 452 8.36 -59.80 29.35
CA ARG B 452 7.46 -59.21 30.33
C ARG B 452 6.32 -60.15 30.71
N PHE B 453 5.74 -60.83 29.72
CA PHE B 453 4.67 -61.77 30.04
C PHE B 453 5.24 -62.95 30.80
N LEU B 454 6.45 -63.38 30.44
CA LEU B 454 7.09 -64.47 31.16
C LEU B 454 7.19 -64.11 32.65
N PHE B 455 7.58 -62.87 32.94
CA PHE B 455 7.67 -62.43 34.33
C PHE B 455 6.34 -62.58 35.06
N GLY B 456 5.26 -62.12 34.43
CA GLY B 456 3.93 -62.21 35.04
C GLY B 456 3.44 -63.65 35.19
N LEU B 457 3.72 -64.46 34.18
CA LEU B 457 3.31 -65.86 34.15
C LEU B 457 4.05 -66.72 35.18
N VAL B 458 5.32 -66.41 35.42
CA VAL B 458 6.09 -67.16 36.39
C VAL B 458 5.75 -66.78 37.81
N ASN B 459 4.76 -67.47 38.38
CA ASN B 459 4.32 -67.22 39.74
C ASN B 459 3.87 -68.52 40.40
N GLN B 460 3.48 -68.44 41.65
CA GLN B 460 2.98 -69.57 42.41
C GLN B 460 1.47 -69.46 42.60
N GLU B 461 0.98 -68.22 42.60
CA GLU B 461 -0.44 -67.98 42.82
C GLU B 461 -1.24 -68.19 41.55
N ARG B 462 -1.29 -69.44 41.12
CA ARG B 462 -1.93 -69.82 39.87
C ARG B 462 -3.19 -70.65 40.12
N THR B 463 -4.10 -70.61 39.15
CA THR B 463 -5.35 -71.37 39.22
C THR B 463 -5.57 -72.20 37.97
N SER B 464 -6.82 -72.44 37.62
CA SER B 464 -7.18 -73.20 36.43
C SER B 464 -7.15 -72.29 35.21
N TYR B 465 -7.98 -72.60 34.22
CA TYR B 465 -8.07 -71.74 33.05
C TYR B 465 -6.68 -71.50 32.44
N LEU B 466 -6.03 -72.59 32.06
CA LEU B 466 -4.69 -72.59 31.44
C LEU B 466 -3.54 -72.29 32.40
N GLU B 467 -3.81 -71.65 33.54
CA GLU B 467 -2.73 -71.30 34.45
C GLU B 467 -2.12 -72.54 35.12
N LYS B 468 -2.85 -73.65 35.06
CA LYS B 468 -2.42 -74.90 35.63
C LYS B 468 -1.55 -75.70 34.65
N LYS B 469 -1.39 -75.18 33.43
CA LYS B 469 -0.59 -75.87 32.42
C LYS B 469 0.86 -75.41 32.46
N LEU B 470 1.15 -74.55 33.42
CA LEU B 470 2.49 -74.01 33.63
C LEU B 470 3.22 -74.89 34.63
N SER B 471 4.33 -75.47 34.20
CA SER B 471 5.08 -76.42 35.02
C SER B 471 5.77 -75.73 36.19
N CYS B 472 5.65 -76.34 37.38
CA CYS B 472 6.21 -75.77 38.60
C CYS B 472 7.72 -75.69 38.57
N LYS B 473 8.38 -76.80 38.27
CA LYS B 473 9.84 -76.84 38.28
C LYS B 473 10.41 -75.86 37.28
N ILE B 474 9.77 -75.76 36.12
CA ILE B 474 10.23 -74.89 35.06
C ILE B 474 10.09 -73.43 35.47
N SER B 475 8.94 -73.09 36.07
CA SER B 475 8.70 -71.74 36.52
C SER B 475 9.69 -71.34 37.60
N GLN B 476 10.01 -72.27 38.51
CA GLN B 476 10.95 -71.98 39.58
C GLN B 476 12.36 -71.73 39.05
N GLN B 477 12.78 -72.54 38.08
CA GLN B 477 14.11 -72.36 37.48
C GLN B 477 14.18 -71.02 36.77
N ILE B 478 13.11 -70.66 36.07
CA ILE B 478 13.03 -69.40 35.37
C ILE B 478 13.00 -68.22 36.32
N ARG B 479 12.21 -68.33 37.40
CA ARG B 479 12.13 -67.25 38.37
C ARG B 479 13.52 -66.84 38.83
N LEU B 480 14.37 -67.84 39.11
CA LEU B 480 15.72 -67.57 39.54
C LEU B 480 16.54 -66.88 38.44
N GLU B 481 16.36 -67.33 37.19
CA GLU B 481 17.10 -66.74 36.07
C GLU B 481 16.64 -65.31 35.82
N LEU B 482 15.35 -65.05 35.98
CA LEU B 482 14.80 -63.72 35.76
C LEU B 482 15.34 -62.73 36.79
N LEU B 483 15.51 -63.17 38.03
CA LEU B 483 16.03 -62.30 39.07
C LEU B 483 17.50 -61.96 38.79
N LYS B 484 18.27 -62.96 38.35
CA LYS B 484 19.67 -62.74 37.98
C LYS B 484 19.77 -61.78 36.79
N TRP B 485 18.86 -61.92 35.84
CA TRP B 485 18.80 -61.04 34.68
C TRP B 485 18.61 -59.60 35.12
N ILE B 486 17.70 -59.38 36.06
CA ILE B 486 17.49 -58.04 36.59
C ILE B 486 18.76 -57.50 37.23
N GLU B 487 19.44 -58.33 38.04
CA GLU B 487 20.68 -57.89 38.67
C GLU B 487 21.69 -57.40 37.63
N VAL B 488 21.86 -58.18 36.57
CA VAL B 488 22.83 -57.84 35.54
C VAL B 488 22.48 -56.54 34.82
N LYS B 489 21.21 -56.38 34.46
CA LYS B 489 20.79 -55.19 33.73
C LYS B 489 20.64 -53.98 34.65
N ALA B 490 20.25 -54.21 35.90
CA ALA B 490 20.07 -53.12 36.86
C ALA B 490 21.39 -52.40 37.13
N LYS B 491 22.49 -53.14 37.08
CA LYS B 491 23.81 -52.58 37.33
C LYS B 491 24.39 -51.88 36.09
N ALA B 492 23.73 -52.03 34.96
CA ALA B 492 24.22 -51.48 33.70
C ALA B 492 23.66 -50.09 33.44
N LYS B 493 24.34 -49.06 33.95
CA LYS B 493 23.84 -47.70 33.81
C LYS B 493 24.21 -47.13 32.45
N LYS B 494 23.56 -47.64 31.42
CA LYS B 494 23.86 -47.30 30.04
C LYS B 494 22.58 -46.99 29.25
N LEU B 495 22.72 -46.23 28.16
CA LEU B 495 21.60 -45.90 27.29
C LEU B 495 21.60 -46.75 26.01
N GLN B 496 20.56 -47.56 25.84
CA GLN B 496 20.46 -48.47 24.71
C GLN B 496 19.05 -49.06 24.60
N ILE B 497 18.84 -49.92 23.60
CA ILE B 497 17.59 -50.66 23.42
C ILE B 497 17.30 -51.66 24.55
N GLN B 498 18.35 -52.11 25.23
CA GLN B 498 18.21 -52.96 26.41
C GLN B 498 17.62 -52.09 27.53
N PRO B 499 17.02 -52.69 28.57
CA PRO B 499 16.20 -52.00 29.56
C PRO B 499 16.89 -50.77 30.12
N SER B 500 16.12 -49.68 30.20
CA SER B 500 16.61 -48.38 30.65
C SER B 500 16.16 -48.12 32.08
N GLN B 501 16.04 -49.19 32.84
CA GLN B 501 15.59 -49.16 34.24
C GLN B 501 14.11 -48.85 34.35
N LEU B 502 13.41 -48.94 33.22
CA LEU B 502 11.96 -48.79 33.18
C LEU B 502 11.31 -50.15 32.95
N GLU B 503 11.75 -50.85 31.92
CA GLU B 503 11.19 -52.15 31.57
C GLU B 503 11.34 -53.13 32.71
N LEU B 504 12.40 -52.95 33.51
CA LEU B 504 12.64 -53.81 34.65
C LEU B 504 11.54 -53.62 35.69
N PHE B 505 11.02 -52.39 35.80
CA PHE B 505 9.97 -52.09 36.76
C PHE B 505 8.62 -52.56 36.28
N TYR B 506 8.39 -52.46 34.97
CA TYR B 506 7.13 -52.95 34.41
C TYR B 506 7.05 -54.45 34.60
N CYS B 507 8.20 -55.12 34.45
CA CYS B 507 8.29 -56.56 34.66
C CYS B 507 7.99 -56.92 36.11
N LEU B 508 8.53 -56.15 37.04
CA LEU B 508 8.27 -56.39 38.46
C LEU B 508 6.82 -56.11 38.82
N TYR B 509 6.20 -55.12 38.17
CA TYR B 509 4.80 -54.83 38.43
C TYR B 509 3.95 -56.03 38.06
N GLU B 510 4.23 -56.62 36.89
CA GLU B 510 3.49 -57.79 36.43
C GLU B 510 3.71 -58.96 37.38
N MET B 511 4.95 -59.14 37.82
CA MET B 511 5.26 -60.14 38.83
C MET B 511 5.02 -59.56 40.21
N GLN B 512 3.74 -59.34 40.52
CA GLN B 512 3.37 -58.63 41.74
C GLN B 512 3.47 -59.55 42.95
N GLU B 513 4.70 -59.90 43.31
CA GLU B 513 4.97 -60.79 44.44
C GLU B 513 6.06 -60.17 45.31
N GLU B 514 5.83 -60.14 46.62
CA GLU B 514 6.71 -59.43 47.54
C GLU B 514 8.16 -59.95 47.60
N ASP B 515 8.35 -61.26 47.61
CA ASP B 515 9.71 -61.77 47.76
C ASP B 515 10.53 -61.44 46.52
N PHE B 516 10.00 -61.74 45.35
CA PHE B 516 10.70 -61.50 44.09
C PHE B 516 10.99 -60.02 43.88
N VAL B 517 9.99 -59.17 44.10
CA VAL B 517 10.15 -57.75 43.84
C VAL B 517 11.08 -57.08 44.83
N GLN B 518 10.94 -57.40 46.11
CA GLN B 518 11.78 -56.76 47.12
C GLN B 518 13.25 -57.13 46.91
N ARG B 519 13.50 -58.36 46.45
CA ARG B 519 14.88 -58.77 46.14
C ARG B 519 15.39 -58.08 44.89
N ALA B 520 14.53 -57.98 43.87
CA ALA B 520 14.93 -57.36 42.62
C ALA B 520 15.33 -55.90 42.83
N MET B 521 14.61 -55.23 43.72
CA MET B 521 14.85 -53.81 43.98
C MET B 521 16.17 -53.56 44.71
N ASP B 522 16.80 -54.62 45.21
CA ASP B 522 18.07 -54.47 45.94
C ASP B 522 19.20 -54.13 44.99
N TYR B 523 18.93 -54.22 43.70
CA TYR B 523 19.95 -53.96 42.69
C TYR B 523 19.83 -52.57 42.11
N PHE B 524 18.99 -51.73 42.74
CA PHE B 524 18.77 -50.37 42.26
C PHE B 524 19.04 -49.32 43.35
N PRO B 525 20.29 -49.12 43.79
CA PRO B 525 20.73 -48.15 44.79
C PRO B 525 20.51 -46.73 44.28
N LYS B 526 20.46 -46.60 42.96
CA LYS B 526 20.19 -45.33 42.30
C LYS B 526 19.17 -45.54 41.19
N ILE B 527 18.07 -44.82 41.26
CA ILE B 527 17.00 -44.97 40.27
C ILE B 527 16.81 -43.70 39.44
N GLU B 528 16.85 -43.87 38.12
CA GLU B 528 16.67 -42.76 37.18
C GLU B 528 15.58 -43.09 36.18
N ILE B 529 14.37 -42.57 36.42
CA ILE B 529 13.22 -42.94 35.60
C ILE B 529 12.43 -41.74 35.09
N ASN B 530 11.63 -41.98 34.05
CA ASN B 530 10.80 -40.95 33.42
C ASN B 530 9.34 -41.38 33.34
N LEU B 531 8.45 -40.55 33.89
CA LEU B 531 7.04 -40.88 33.95
C LEU B 531 6.21 -39.95 33.08
N SER B 532 5.42 -40.53 32.15
CA SER B 532 4.60 -39.71 31.25
C SER B 532 3.10 -39.95 31.42
N THR B 533 2.73 -41.11 31.92
CA THR B 533 1.30 -41.38 32.10
C THR B 533 0.97 -42.00 33.46
N ARG B 534 -0.32 -42.15 33.71
CA ARG B 534 -0.80 -42.65 35.01
C ARG B 534 -0.28 -44.05 35.30
N MET B 535 -0.17 -44.87 34.26
CA MET B 535 0.30 -46.23 34.43
C MET B 535 1.78 -46.27 34.82
N ASP B 536 2.52 -45.21 34.47
CA ASP B 536 3.94 -45.18 34.76
C ASP B 536 4.13 -44.84 36.22
N HIS B 537 3.26 -43.98 36.72
CA HIS B 537 3.31 -43.56 38.10
C HIS B 537 2.86 -44.71 38.99
N MET B 538 1.90 -45.48 38.50
CA MET B 538 1.39 -46.65 39.20
C MET B 538 2.49 -47.70 39.37
N VAL B 539 3.23 -47.96 38.29
CA VAL B 539 4.33 -48.91 38.31
C VAL B 539 5.48 -48.42 39.17
N SER B 540 5.85 -47.16 39.03
CA SER B 540 6.94 -46.59 39.79
C SER B 540 6.66 -46.64 41.29
N SER B 541 5.44 -46.28 41.69
CA SER B 541 5.09 -46.29 43.11
C SER B 541 5.24 -47.68 43.70
N PHE B 542 4.77 -48.70 42.97
CA PHE B 542 4.88 -50.07 43.44
C PHE B 542 6.33 -50.49 43.65
N CYS B 543 7.16 -50.23 42.65
CA CYS B 543 8.55 -50.66 42.72
C CYS B 543 9.32 -49.90 43.79
N ILE B 544 9.11 -48.58 43.90
CA ILE B 544 9.88 -47.81 44.85
C ILE B 544 9.42 -48.09 46.30
N GLU B 545 8.11 -48.30 46.47
CA GLU B 545 7.56 -48.58 47.81
C GLU B 545 8.19 -49.83 48.40
N ASN B 546 8.50 -50.81 47.56
CA ASN B 546 9.07 -52.07 48.01
C ASN B 546 10.60 -52.08 47.96
N CYS B 547 11.20 -50.91 47.72
CA CYS B 547 12.66 -50.82 47.69
C CYS B 547 13.19 -50.33 49.02
N HIS B 548 14.04 -51.13 49.64
CA HIS B 548 14.58 -50.79 50.95
C HIS B 548 16.07 -50.42 50.89
N ARG B 549 16.62 -50.35 49.69
CA ARG B 549 18.04 -50.05 49.54
C ARG B 549 18.34 -49.00 48.46
N VAL B 550 17.48 -48.00 48.35
CA VAL B 550 17.72 -46.92 47.39
C VAL B 550 18.22 -45.69 48.11
N GLU B 551 19.34 -45.14 47.65
CA GLU B 551 19.93 -43.98 48.28
C GLU B 551 19.48 -42.70 47.59
N SER B 552 19.35 -42.77 46.27
CA SER B 552 18.94 -41.60 45.51
C SER B 552 17.98 -41.95 44.40
N LEU B 553 17.10 -40.99 44.10
CA LEU B 553 16.09 -41.13 43.06
C LEU B 553 15.96 -39.87 42.22
N SER B 554 15.95 -40.05 40.91
CA SER B 554 15.74 -38.97 39.96
C SER B 554 14.46 -39.22 39.16
N LEU B 555 13.53 -38.28 39.25
CA LEU B 555 12.26 -38.42 38.55
C LEU B 555 12.09 -37.38 37.47
N GLY B 556 12.00 -37.83 36.23
CA GLY B 556 11.71 -36.94 35.12
C GLY B 556 10.21 -36.99 34.87
N PHE B 557 9.61 -35.86 34.54
CA PHE B 557 8.19 -35.82 34.28
C PHE B 557 7.89 -35.27 32.89
N LEU B 558 7.02 -35.96 32.18
CA LEU B 558 6.63 -35.59 30.83
C LEU B 558 5.15 -35.22 30.76
N HIS B 559 4.79 -34.40 29.77
CA HIS B 559 3.40 -33.98 29.61
C HIS B 559 2.47 -35.14 29.92
N ASN B 560 1.62 -34.95 30.93
CA ASN B 560 0.73 -35.99 31.40
C ASN B 560 -0.68 -35.78 30.90
N LEU B 599 2.02 -30.88 33.05
CA LEU B 599 2.15 -31.38 34.41
C LEU B 599 1.40 -30.47 35.39
N THR B 600 2.13 -29.74 36.23
CA THR B 600 1.55 -28.82 37.21
C THR B 600 0.23 -29.30 37.81
N SER B 601 0.26 -30.40 38.55
CA SER B 601 -0.95 -30.90 39.18
C SER B 601 -0.65 -31.87 40.33
N SER B 602 -1.70 -32.51 40.82
CA SER B 602 -1.64 -33.44 41.96
C SER B 602 -1.29 -34.85 41.52
N PHE B 603 -1.09 -35.02 40.21
CA PHE B 603 -0.79 -36.31 39.61
C PHE B 603 0.46 -36.95 40.23
N CYS B 604 1.36 -36.11 40.73
CA CYS B 604 2.62 -36.56 41.29
C CYS B 604 2.49 -36.95 42.76
N ARG B 605 1.30 -36.74 43.34
CA ARG B 605 1.07 -37.06 44.74
C ARG B 605 1.32 -38.54 45.01
N GLY B 606 0.97 -39.38 44.04
CA GLY B 606 1.12 -40.83 44.16
C GLY B 606 2.58 -41.25 44.32
N LEU B 607 3.50 -40.36 43.98
CA LEU B 607 4.92 -40.66 44.12
C LEU B 607 5.45 -40.02 45.39
N PHE B 608 5.17 -38.74 45.56
CA PHE B 608 5.72 -37.99 46.68
C PHE B 608 5.23 -38.56 48.01
N SER B 609 3.97 -39.01 48.04
CA SER B 609 3.39 -39.60 49.24
C SER B 609 4.13 -40.87 49.65
N VAL B 610 4.57 -41.65 48.65
CA VAL B 610 5.27 -42.91 48.89
C VAL B 610 6.74 -42.67 49.22
N LEU B 611 7.37 -41.76 48.50
CA LEU B 611 8.80 -41.51 48.69
C LEU B 611 9.09 -40.99 50.09
N SER B 612 8.17 -40.20 50.64
CA SER B 612 8.35 -39.61 51.95
C SER B 612 8.32 -40.64 53.08
N THR B 613 7.92 -41.88 52.77
CA THR B 613 7.89 -42.93 53.79
C THR B 613 9.07 -43.88 53.65
N SER B 614 9.94 -43.62 52.67
CA SER B 614 11.11 -44.44 52.45
C SER B 614 12.12 -44.28 53.57
N GLN B 615 12.73 -45.39 53.99
CA GLN B 615 13.71 -45.32 55.05
C GLN B 615 15.13 -45.40 54.53
N SER B 616 15.29 -45.40 53.20
CA SER B 616 16.62 -45.46 52.61
C SER B 616 16.92 -44.27 51.72
N LEU B 617 15.87 -43.61 51.20
CA LEU B 617 16.07 -42.52 50.26
C LEU B 617 16.60 -41.28 50.97
N THR B 618 17.73 -40.77 50.50
CA THR B 618 18.34 -39.59 51.09
C THR B 618 18.29 -38.40 50.14
N GLU B 619 18.45 -38.66 48.84
CA GLU B 619 18.49 -37.58 47.85
C GLU B 619 17.40 -37.70 46.78
N LEU B 620 16.61 -36.64 46.65
CA LEU B 620 15.54 -36.60 45.65
C LEU B 620 15.83 -35.52 44.59
N ASP B 621 15.98 -35.97 43.35
CA ASP B 621 16.30 -35.09 42.23
C ASP B 621 15.11 -34.88 41.31
N LEU B 622 14.60 -33.65 41.29
CA LEU B 622 13.45 -33.29 40.47
C LEU B 622 13.84 -32.24 39.44
N SER B 623 15.08 -32.31 38.98
CA SER B 623 15.62 -31.30 38.06
C SER B 623 14.90 -31.20 36.72
N ASP B 624 14.73 -29.96 36.28
CA ASP B 624 14.21 -29.58 34.98
C ASP B 624 12.85 -30.19 34.65
N ASN B 625 11.99 -30.26 35.65
CA ASN B 625 10.62 -30.73 35.45
C ASN B 625 9.64 -29.58 35.59
N SER B 626 8.68 -29.51 34.68
CA SER B 626 7.68 -28.43 34.72
C SER B 626 6.63 -28.66 35.80
N LEU B 627 7.08 -28.67 37.04
CA LEU B 627 6.20 -28.79 38.19
C LEU B 627 5.99 -27.41 38.77
N GLY B 628 4.81 -26.84 38.54
CA GLY B 628 4.55 -25.48 38.97
C GLY B 628 4.24 -25.49 40.45
N ASP B 629 3.84 -24.33 40.97
CA ASP B 629 3.62 -24.21 42.41
C ASP B 629 2.79 -25.37 42.99
N PRO B 630 1.66 -25.80 42.37
CA PRO B 630 0.85 -26.92 42.79
C PRO B 630 1.66 -28.22 42.98
N GLY B 631 2.68 -28.41 42.13
CA GLY B 631 3.51 -29.60 42.24
C GLY B 631 4.46 -29.48 43.43
N MET B 632 4.88 -28.23 43.68
CA MET B 632 5.78 -27.95 44.78
C MET B 632 5.03 -28.01 46.10
N ARG B 633 3.77 -27.62 46.09
CA ARG B 633 2.96 -27.68 47.30
C ARG B 633 2.73 -29.13 47.73
N VAL B 634 2.47 -30.00 46.75
CA VAL B 634 2.29 -31.41 47.07
C VAL B 634 3.58 -31.97 47.66
N LEU B 635 4.71 -31.62 47.06
CA LEU B 635 6.00 -32.04 47.57
C LEU B 635 6.23 -31.52 48.98
N CYS B 636 5.93 -30.23 49.19
CA CYS B 636 6.14 -29.61 50.49
C CYS B 636 5.29 -30.24 51.59
N GLU B 637 4.10 -30.71 51.23
CA GLU B 637 3.29 -31.40 52.23
C GLU B 637 3.94 -32.72 52.64
N THR B 638 4.45 -33.45 51.66
CA THR B 638 5.06 -34.75 51.92
C THR B 638 6.43 -34.63 52.59
N LEU B 639 7.13 -33.52 52.35
CA LEU B 639 8.44 -33.29 52.95
C LEU B 639 8.36 -33.00 54.45
N GLN B 640 7.14 -32.83 54.97
CA GLN B 640 6.97 -32.57 56.38
C GLN B 640 6.74 -33.86 57.17
N HIS B 641 6.68 -34.99 56.47
CA HIS B 641 6.51 -36.27 57.12
C HIS B 641 7.74 -36.57 58.00
N PRO B 642 7.56 -36.99 59.26
CA PRO B 642 8.62 -37.24 60.22
C PRO B 642 9.54 -38.40 59.83
N GLY B 643 9.09 -39.23 58.88
CA GLY B 643 9.87 -40.39 58.45
C GLY B 643 10.57 -40.16 57.11
N CYS B 644 10.61 -38.91 56.63
CA CYS B 644 11.19 -38.62 55.31
C CYS B 644 12.61 -39.13 55.14
N ASN B 645 13.51 -38.74 56.04
CA ASN B 645 14.93 -39.10 55.95
C ASN B 645 15.62 -38.49 54.72
N ILE B 646 14.97 -37.52 54.10
CA ILE B 646 15.51 -36.85 52.92
C ILE B 646 16.40 -35.70 53.34
N ARG B 647 17.66 -35.76 52.94
CA ARG B 647 18.63 -34.76 53.34
C ARG B 647 18.97 -33.82 52.19
N ARG B 648 18.81 -34.30 50.95
CA ARG B 648 19.16 -33.49 49.80
C ARG B 648 18.01 -33.38 48.81
N LEU B 649 17.62 -32.15 48.49
CA LEU B 649 16.55 -31.91 47.54
C LEU B 649 17.01 -30.95 46.44
N TRP B 650 16.99 -31.43 45.20
CA TRP B 650 17.47 -30.62 44.09
C TRP B 650 16.37 -30.29 43.08
N LEU B 651 16.24 -29.01 42.78
CA LEU B 651 15.28 -28.55 41.77
C LEU B 651 16.05 -27.99 40.58
N GLY B 652 15.44 -28.00 39.40
CA GLY B 652 16.08 -27.44 38.20
C GLY B 652 15.22 -26.36 37.60
N ARG B 653 15.19 -26.30 36.26
CA ARG B 653 14.41 -25.26 35.57
C ARG B 653 12.93 -25.58 35.65
N CYS B 654 12.38 -25.48 36.85
CA CYS B 654 10.99 -25.84 37.11
C CYS B 654 10.05 -24.66 36.97
N GLY B 655 10.59 -23.44 36.99
CA GLY B 655 9.76 -22.24 36.88
C GLY B 655 8.97 -21.95 38.15
N LEU B 656 9.53 -22.29 39.31
CA LEU B 656 8.81 -22.06 40.56
C LEU B 656 8.64 -20.58 40.80
N SER B 657 7.48 -20.18 41.30
CA SER B 657 7.22 -18.77 41.57
C SER B 657 7.55 -18.39 43.00
N HIS B 658 7.73 -17.09 43.23
CA HIS B 658 8.02 -16.57 44.55
C HIS B 658 6.98 -17.00 45.58
N GLU B 659 5.77 -17.29 45.11
CA GLU B 659 4.70 -17.69 45.99
C GLU B 659 5.02 -18.98 46.74
N CYS B 660 5.75 -19.89 46.08
CA CYS B 660 6.00 -21.20 46.65
C CYS B 660 6.96 -21.16 47.83
N CYS B 661 7.63 -20.02 48.02
CA CYS B 661 8.57 -19.90 49.12
C CYS B 661 7.86 -19.96 50.45
N PHE B 662 6.55 -19.71 50.43
CA PHE B 662 5.74 -19.84 51.63
C PHE B 662 5.76 -21.28 52.13
N ASP B 663 5.58 -22.22 51.21
CA ASP B 663 5.51 -23.64 51.56
C ASP B 663 6.89 -24.22 51.76
N ILE B 664 7.88 -23.69 51.06
CA ILE B 664 9.25 -24.15 51.25
C ILE B 664 9.68 -23.80 52.67
N SER B 665 9.32 -22.60 53.12
CA SER B 665 9.60 -22.16 54.48
C SER B 665 8.96 -23.09 55.50
N LEU B 666 7.72 -23.50 55.25
CA LEU B 666 7.02 -24.41 56.15
C LEU B 666 7.76 -25.74 56.28
N VAL B 667 8.39 -26.18 55.20
CA VAL B 667 9.19 -27.40 55.26
C VAL B 667 10.44 -27.18 56.08
N LEU B 668 11.13 -26.07 55.84
CA LEU B 668 12.36 -25.76 56.56
C LEU B 668 12.14 -25.65 58.07
N SER B 669 10.99 -25.10 58.46
CA SER B 669 10.67 -24.90 59.87
C SER B 669 10.39 -26.18 60.64
N SER B 670 10.14 -27.29 59.95
CA SER B 670 9.81 -28.54 60.65
C SER B 670 10.68 -29.73 60.24
N ASN B 671 11.23 -29.67 59.03
CA ASN B 671 12.07 -30.75 58.55
C ASN B 671 13.51 -30.51 58.99
N GLN B 672 13.94 -31.27 59.99
CA GLN B 672 15.23 -31.06 60.63
C GLN B 672 16.32 -31.91 60.00
N LYS B 673 15.99 -32.60 58.92
CA LYS B 673 16.95 -33.48 58.27
C LYS B 673 17.55 -32.83 57.03
N LEU B 674 16.78 -31.98 56.36
CA LEU B 674 17.23 -31.38 55.12
C LEU B 674 18.52 -30.58 55.33
N VAL B 675 19.53 -30.90 54.51
CA VAL B 675 20.84 -30.27 54.57
C VAL B 675 21.09 -29.41 53.34
N GLU B 676 20.73 -29.95 52.16
CA GLU B 676 21.01 -29.26 50.91
C GLU B 676 19.73 -28.95 50.15
N LEU B 677 19.54 -27.67 49.82
CA LEU B 677 18.35 -27.26 49.07
C LEU B 677 18.73 -26.34 47.91
N ASP B 678 18.53 -26.85 46.69
CA ASP B 678 18.87 -26.07 45.50
C ASP B 678 17.63 -25.51 44.83
N LEU B 679 17.45 -24.20 44.93
CA LEU B 679 16.26 -23.53 44.39
C LEU B 679 16.60 -22.69 43.17
N SER B 680 17.75 -22.96 42.55
CA SER B 680 18.22 -22.20 41.41
C SER B 680 17.35 -22.40 40.17
N ASP B 681 17.52 -21.51 39.20
CA ASP B 681 16.79 -21.56 37.92
C ASP B 681 15.28 -21.48 38.11
N ASN B 682 14.84 -20.61 39.01
CA ASN B 682 13.43 -20.38 39.28
C ASN B 682 13.14 -18.88 39.32
N ALA B 683 11.89 -18.52 39.58
CA ALA B 683 11.49 -17.12 39.61
C ALA B 683 11.28 -16.64 41.03
N LEU B 684 12.10 -17.14 41.94
CA LEU B 684 11.95 -16.83 43.35
C LEU B 684 12.61 -15.51 43.67
N GLY B 685 11.96 -14.43 43.25
CA GLY B 685 12.55 -13.09 43.36
C GLY B 685 12.63 -12.63 44.81
N ASP B 686 12.98 -11.36 45.00
CA ASP B 686 13.26 -10.82 46.32
C ASP B 686 12.16 -11.13 47.33
N PHE B 687 10.89 -11.06 46.89
CA PHE B 687 9.79 -11.39 47.78
C PHE B 687 9.88 -12.83 48.27
N GLY B 688 10.15 -13.73 47.33
CA GLY B 688 10.23 -15.14 47.65
C GLY B 688 11.32 -15.38 48.68
N ILE B 689 12.43 -14.66 48.53
CA ILE B 689 13.54 -14.80 49.45
C ILE B 689 13.14 -14.27 50.84
N ARG B 690 12.44 -13.15 50.87
CA ARG B 690 11.98 -12.58 52.13
C ARG B 690 11.21 -13.65 52.92
N LEU B 691 10.35 -14.40 52.22
CA LEU B 691 9.58 -15.46 52.86
C LEU B 691 10.42 -16.71 53.13
N LEU B 692 11.32 -17.05 52.22
CA LEU B 692 12.16 -18.21 52.39
C LEU B 692 12.98 -18.06 53.67
N CYS B 693 13.44 -16.83 53.91
CA CYS B 693 14.28 -16.51 55.05
C CYS B 693 13.58 -16.73 56.38
N VAL B 694 12.26 -16.84 56.35
CA VAL B 694 11.49 -17.12 57.56
C VAL B 694 11.83 -18.52 58.05
N GLY B 695 11.95 -19.45 57.10
CA GLY B 695 12.28 -20.82 57.43
C GLY B 695 13.77 -20.94 57.73
N LEU B 696 14.58 -20.18 57.00
CA LEU B 696 16.03 -20.25 57.16
C LEU B 696 16.48 -19.74 58.52
N LYS B 697 15.76 -18.75 59.06
CA LYS B 697 16.05 -18.19 60.38
C LYS B 697 15.35 -18.95 61.50
N HIS B 698 14.55 -19.95 61.13
CA HIS B 698 13.73 -20.68 62.08
C HIS B 698 14.57 -21.59 62.95
N LEU B 699 14.18 -21.71 64.22
CA LEU B 699 14.88 -22.59 65.13
C LEU B 699 14.81 -24.03 64.63
N LEU B 700 15.92 -24.75 64.80
CA LEU B 700 16.06 -26.14 64.38
C LEU B 700 16.13 -26.31 62.87
N CYS B 701 16.29 -25.20 62.13
CA CYS B 701 16.50 -25.31 60.70
C CYS B 701 17.96 -25.65 60.46
N ASN B 702 18.22 -26.84 59.91
CA ASN B 702 19.57 -27.34 59.78
C ASN B 702 20.13 -27.24 58.37
N LEU B 703 19.47 -26.46 57.52
CA LEU B 703 19.94 -26.32 56.15
C LEU B 703 21.34 -25.74 56.14
N LYS B 704 22.25 -26.39 55.43
CA LYS B 704 23.64 -25.93 55.37
C LYS B 704 24.01 -25.33 54.03
N LYS B 705 23.47 -25.92 52.95
CA LYS B 705 23.82 -25.48 51.61
C LYS B 705 22.60 -24.96 50.86
N LEU B 706 22.64 -23.67 50.53
CA LEU B 706 21.53 -23.04 49.84
C LEU B 706 21.94 -22.39 48.52
N TRP B 707 21.29 -22.80 47.44
CA TRP B 707 21.57 -22.22 46.13
C TRP B 707 20.41 -21.34 45.66
N LEU B 708 20.69 -20.06 45.47
CA LEU B 708 19.70 -19.09 45.01
C LEU B 708 20.17 -18.48 43.69
N VAL B 709 20.92 -19.27 42.94
CA VAL B 709 21.48 -18.86 41.67
C VAL B 709 20.41 -18.71 40.60
N SER B 710 20.52 -17.63 39.81
CA SER B 710 19.56 -17.35 38.75
C SER B 710 18.13 -17.33 39.27
N CYS B 711 17.88 -16.54 40.32
CA CYS B 711 16.55 -16.46 40.91
C CYS B 711 15.94 -15.08 40.81
N CYS B 712 16.37 -14.32 39.81
CA CYS B 712 15.82 -12.98 39.58
C CYS B 712 15.92 -12.10 40.81
N LEU B 713 17.06 -12.16 41.49
CA LEU B 713 17.26 -11.38 42.72
C LEU B 713 17.98 -10.08 42.47
N THR B 714 17.73 -9.09 43.33
CA THR B 714 18.46 -7.83 43.28
C THR B 714 19.14 -7.58 44.62
N SER B 715 19.84 -6.45 44.71
CA SER B 715 20.56 -6.09 45.92
C SER B 715 19.62 -5.97 47.12
N ALA B 716 18.34 -5.76 46.86
CA ALA B 716 17.38 -5.59 47.94
C ALA B 716 17.30 -6.83 48.83
N CYS B 717 17.48 -8.01 48.24
CA CYS B 717 17.33 -9.26 48.98
C CYS B 717 18.48 -9.50 49.95
N CYS B 718 19.55 -8.73 49.80
CA CYS B 718 20.74 -8.94 50.61
C CYS B 718 20.45 -8.61 52.07
N GLN B 719 19.44 -7.78 52.32
CA GLN B 719 19.12 -7.43 53.69
C GLN B 719 18.62 -8.65 54.45
N ASP B 720 17.85 -9.50 53.77
CA ASP B 720 17.29 -10.67 54.42
C ASP B 720 18.28 -11.81 54.43
N LEU B 721 19.07 -11.91 53.36
CA LEU B 721 20.07 -12.98 53.29
C LEU B 721 21.16 -12.76 54.31
N ALA B 722 21.54 -11.50 54.52
CA ALA B 722 22.53 -11.16 55.51
C ALA B 722 22.03 -11.53 56.90
N SER B 723 20.74 -11.27 57.15
CA SER B 723 20.12 -11.61 58.42
C SER B 723 20.12 -13.12 58.64
N VAL B 724 19.89 -13.88 57.58
CA VAL B 724 19.90 -15.33 57.70
C VAL B 724 21.27 -15.84 58.08
N LEU B 725 22.29 -15.34 57.40
CA LEU B 725 23.65 -15.81 57.64
C LEU B 725 24.08 -15.51 59.08
N SER B 726 23.72 -14.32 59.58
CA SER B 726 24.04 -13.95 60.96
C SER B 726 23.20 -14.72 61.97
N THR B 727 21.89 -14.81 61.70
CA THR B 727 20.94 -15.42 62.63
C THR B 727 21.10 -16.93 62.75
N SER B 728 21.25 -17.62 61.63
CA SER B 728 21.33 -19.07 61.63
C SER B 728 22.73 -19.58 61.92
N HIS B 729 22.82 -20.59 62.76
CA HIS B 729 24.08 -21.25 63.08
C HIS B 729 24.40 -22.35 62.07
N SER B 730 23.44 -22.66 61.21
CA SER B 730 23.55 -23.80 60.31
C SER B 730 23.93 -23.47 58.88
N LEU B 731 23.76 -22.22 58.43
CA LEU B 731 24.06 -21.89 57.04
C LEU B 731 25.54 -21.64 56.84
N THR B 732 26.17 -22.45 56.00
CA THR B 732 27.61 -22.33 55.78
C THR B 732 27.95 -22.09 54.32
N ARG B 733 27.05 -22.47 53.42
CA ARG B 733 27.30 -22.32 51.99
C ARG B 733 26.17 -21.54 51.33
N LEU B 734 26.50 -20.40 50.73
CA LEU B 734 25.48 -19.57 50.11
C LEU B 734 25.89 -19.11 48.71
N TYR B 735 25.11 -19.54 47.71
CA TYR B 735 25.39 -19.18 46.32
C TYR B 735 24.30 -18.27 45.77
N VAL B 736 24.68 -17.06 45.37
CA VAL B 736 23.70 -16.07 44.94
C VAL B 736 24.06 -15.39 43.62
N GLY B 737 24.91 -16.01 42.82
CA GLY B 737 25.33 -15.42 41.55
C GLY B 737 24.24 -15.56 40.50
N GLU B 738 24.51 -15.02 39.31
CA GLU B 738 23.57 -15.00 38.19
C GLU B 738 22.34 -14.20 38.57
N ASN B 739 22.57 -13.12 39.30
CA ASN B 739 21.52 -12.21 39.76
C ASN B 739 21.99 -10.77 39.60
N ALA B 740 21.35 -9.83 40.30
CA ALA B 740 21.74 -8.43 40.22
C ALA B 740 22.23 -7.90 41.56
N LEU B 741 22.91 -8.75 42.32
CA LEU B 741 23.43 -8.37 43.64
C LEU B 741 24.77 -7.66 43.51
N GLY B 742 24.74 -6.44 42.98
CA GLY B 742 25.96 -5.68 42.70
C GLY B 742 26.60 -5.16 43.98
N ASP B 743 27.61 -4.29 43.84
CA ASP B 743 28.39 -3.83 44.98
C ASP B 743 27.55 -3.30 46.14
N SER B 744 26.46 -2.60 45.83
CA SER B 744 25.60 -2.04 46.89
C SER B 744 24.87 -3.15 47.66
N GLY B 745 24.80 -4.32 47.06
CA GLY B 745 24.14 -5.48 47.65
C GLY B 745 25.11 -6.29 48.48
N VAL B 746 26.26 -6.62 47.90
CA VAL B 746 27.23 -7.45 48.59
C VAL B 746 27.74 -6.72 49.84
N ALA B 747 27.76 -5.40 49.80
CA ALA B 747 28.19 -4.62 50.95
C ALA B 747 27.33 -4.97 52.16
N ILE B 748 26.05 -5.28 51.92
CA ILE B 748 25.14 -5.65 53.00
C ILE B 748 25.51 -7.04 53.51
N LEU B 749 25.75 -7.96 52.57
CA LEU B 749 26.13 -9.31 52.95
C LEU B 749 27.44 -9.30 53.72
N CYS B 750 28.37 -8.45 53.30
CA CYS B 750 29.69 -8.34 53.94
C CYS B 750 29.58 -7.80 55.35
N GLU B 751 28.70 -6.81 55.55
CA GLU B 751 28.53 -6.23 56.87
C GLU B 751 28.22 -7.29 57.91
N LYS B 752 27.45 -8.30 57.53
CA LYS B 752 27.14 -9.37 58.47
C LYS B 752 28.07 -10.57 58.31
N ALA B 753 28.53 -10.84 57.09
CA ALA B 753 29.39 -11.99 56.84
C ALA B 753 30.72 -11.86 57.56
N LYS B 754 31.19 -10.62 57.73
CA LYS B 754 32.47 -10.35 58.39
C LYS B 754 32.42 -10.67 59.88
N ASN B 755 31.23 -10.78 60.45
CA ASN B 755 31.12 -11.03 61.88
C ASN B 755 32.01 -12.23 62.24
N PRO B 756 32.89 -12.12 63.24
CA PRO B 756 33.85 -13.13 63.64
C PRO B 756 33.16 -14.44 64.06
N GLN B 757 31.87 -14.37 64.38
CA GLN B 757 31.10 -15.54 64.78
C GLN B 757 30.33 -16.14 63.61
N CYS B 758 30.55 -15.57 62.42
CA CYS B 758 29.91 -16.02 61.19
C CYS B 758 30.40 -17.41 60.80
N ASN B 759 29.49 -18.25 60.33
CA ASN B 759 29.84 -19.62 59.97
C ASN B 759 29.95 -19.81 58.46
N LEU B 760 30.01 -18.71 57.71
CA LEU B 760 30.12 -18.81 56.26
C LEU B 760 31.42 -19.47 55.88
N GLN B 761 31.33 -20.50 55.03
CA GLN B 761 32.49 -21.21 54.53
C GLN B 761 32.72 -20.96 53.05
N LYS B 762 31.64 -20.90 52.27
CA LYS B 762 31.77 -20.64 50.83
C LYS B 762 30.91 -19.47 50.40
N LEU B 763 31.56 -18.47 49.80
CA LEU B 763 30.88 -17.26 49.36
C LEU B 763 30.71 -17.23 47.84
N GLY B 764 29.51 -17.60 47.38
CA GLY B 764 29.22 -17.77 45.96
C GLY B 764 28.80 -16.48 45.25
N LEU B 765 29.71 -15.52 45.22
CA LEU B 765 29.48 -14.24 44.54
C LEU B 765 30.00 -14.29 43.13
N VAL B 766 29.38 -15.10 42.29
CA VAL B 766 29.90 -15.36 40.96
C VAL B 766 29.42 -14.26 40.00
N ASN B 767 28.38 -14.53 39.23
CA ASN B 767 27.92 -13.53 38.29
C ASN B 767 26.99 -12.56 38.99
N SER B 768 27.58 -11.61 39.70
CA SER B 768 26.83 -10.63 40.47
C SER B 768 27.05 -9.21 39.96
N GLY B 769 28.00 -9.06 39.03
CA GLY B 769 28.30 -7.74 38.48
C GLY B 769 29.05 -6.85 39.47
N LEU B 770 29.91 -7.46 40.28
CA LEU B 770 30.66 -6.70 41.29
C LEU B 770 31.88 -6.03 40.68
N THR B 771 32.30 -4.93 41.29
CA THR B 771 33.55 -4.31 40.88
C THR B 771 34.44 -3.98 42.09
N SER B 772 35.39 -3.07 41.89
CA SER B 772 36.38 -2.73 42.91
C SER B 772 35.80 -2.02 44.14
N VAL B 773 34.63 -1.42 44.00
CA VAL B 773 34.06 -0.63 45.08
C VAL B 773 33.79 -1.48 46.33
N CYS B 774 33.22 -2.67 46.15
CA CYS B 774 32.90 -3.55 47.25
C CYS B 774 34.08 -4.38 47.74
N CYS B 775 35.23 -4.26 47.08
CA CYS B 775 36.35 -5.12 47.43
C CYS B 775 36.92 -4.78 48.81
N SER B 776 36.71 -3.55 49.28
CA SER B 776 37.14 -3.20 50.63
C SER B 776 36.25 -3.88 51.67
N ALA B 777 35.01 -4.17 51.30
CA ALA B 777 34.08 -4.86 52.17
C ALA B 777 34.41 -6.35 52.20
N LEU B 778 34.79 -6.88 51.04
CA LEU B 778 35.16 -8.29 50.95
C LEU B 778 36.45 -8.52 51.71
N SER B 779 37.34 -7.52 51.69
CA SER B 779 38.60 -7.58 52.43
C SER B 779 38.33 -7.70 53.93
N SER B 780 37.39 -6.90 54.44
CA SER B 780 37.02 -6.95 55.84
C SER B 780 36.47 -8.32 56.23
N VAL B 781 35.75 -8.96 55.32
CA VAL B 781 35.23 -10.29 55.59
C VAL B 781 36.37 -11.30 55.69
N LEU B 782 37.29 -11.25 54.72
CA LEU B 782 38.41 -12.18 54.67
C LEU B 782 39.31 -12.11 55.90
N SER B 783 39.54 -10.91 56.39
CA SER B 783 40.42 -10.70 57.53
C SER B 783 39.73 -10.90 58.89
N THR B 784 38.42 -11.11 58.88
CA THR B 784 37.68 -11.20 60.14
C THR B 784 37.06 -12.59 60.32
N ASN B 785 36.44 -13.11 59.26
CA ASN B 785 35.78 -14.42 59.30
C ASN B 785 36.76 -15.54 58.96
N GLN B 786 37.21 -16.25 59.99
CA GLN B 786 38.23 -17.28 59.82
C GLN B 786 37.62 -18.59 59.33
N ASN B 787 36.31 -18.62 59.18
CA ASN B 787 35.65 -19.82 58.69
C ASN B 787 35.46 -19.78 57.19
N LEU B 788 35.84 -18.67 56.55
CA LEU B 788 35.65 -18.55 55.11
C LEU B 788 36.82 -19.14 54.37
N THR B 789 36.56 -20.19 53.60
CA THR B 789 37.64 -20.91 52.93
C THR B 789 37.60 -20.79 51.41
N HIS B 790 36.42 -20.46 50.84
CA HIS B 790 36.32 -20.39 49.37
C HIS B 790 35.65 -19.11 48.85
N LEU B 791 36.33 -18.45 47.90
CA LEU B 791 35.74 -17.32 47.17
C LEU B 791 35.56 -17.65 45.69
N TYR B 792 34.36 -17.40 45.17
CA TYR B 792 34.08 -17.60 43.76
C TYR B 792 33.65 -16.28 43.13
N LEU B 793 34.59 -15.58 42.48
CA LEU B 793 34.30 -14.23 41.98
C LEU B 793 34.22 -14.14 40.45
N ARG B 794 34.05 -15.27 39.78
CA ARG B 794 33.95 -15.29 38.32
C ARG B 794 32.69 -14.60 37.82
N GLY B 795 32.84 -13.74 36.79
CA GLY B 795 31.71 -13.07 36.18
C GLY B 795 31.70 -11.58 36.54
N ASN B 796 32.50 -11.21 37.51
CA ASN B 796 32.57 -9.83 37.97
C ASN B 796 33.58 -9.02 37.15
N THR B 797 33.69 -7.73 37.44
CA THR B 797 34.64 -6.87 36.74
C THR B 797 35.40 -6.01 37.74
N LEU B 798 36.40 -6.60 38.37
CA LEU B 798 37.12 -5.99 39.48
C LEU B 798 38.29 -5.13 39.02
N GLY B 799 38.97 -5.59 37.98
CA GLY B 799 40.15 -4.89 37.48
C GLY B 799 41.31 -5.07 38.45
N ASP B 800 42.36 -4.28 38.28
CA ASP B 800 43.54 -4.39 39.10
C ASP B 800 43.26 -3.85 40.50
N LYS B 801 42.51 -2.76 40.56
CA LYS B 801 42.18 -2.14 41.83
C LYS B 801 41.41 -3.11 42.72
N GLY B 802 40.44 -3.81 42.15
CA GLY B 802 39.62 -4.74 42.91
C GLY B 802 40.46 -5.85 43.51
N ILE B 803 41.28 -6.51 42.69
CA ILE B 803 42.10 -7.60 43.20
C ILE B 803 43.14 -7.11 44.19
N LYS B 804 43.67 -5.90 43.99
CA LYS B 804 44.63 -5.34 44.93
C LYS B 804 44.01 -5.19 46.31
N LEU B 805 42.77 -4.68 46.36
CA LEU B 805 42.07 -4.53 47.63
C LEU B 805 41.82 -5.88 48.28
N LEU B 806 41.48 -6.88 47.47
CA LEU B 806 41.27 -8.21 48.03
C LEU B 806 42.58 -8.76 48.56
N CYS B 807 43.68 -8.49 47.84
CA CYS B 807 44.98 -8.97 48.27
C CYS B 807 45.33 -8.42 49.64
N GLU B 808 45.03 -7.16 49.90
CA GLU B 808 45.31 -6.59 51.21
C GLU B 808 44.60 -7.39 52.30
N GLY B 809 43.37 -7.81 52.01
CA GLY B 809 42.61 -8.67 52.94
C GLY B 809 43.25 -10.05 53.05
N LEU B 810 43.61 -10.63 51.91
CA LEU B 810 44.18 -11.98 51.82
C LEU B 810 45.55 -12.07 52.47
N LEU B 811 46.27 -10.94 52.46
CA LEU B 811 47.61 -10.85 53.03
C LEU B 811 47.56 -10.68 54.55
N HIS B 812 46.36 -10.50 55.10
CA HIS B 812 46.21 -10.30 56.54
C HIS B 812 46.52 -11.62 57.27
N PRO B 813 47.27 -11.59 58.38
CA PRO B 813 47.61 -12.71 59.24
C PRO B 813 46.42 -13.59 59.65
N ASP B 814 45.22 -13.00 59.77
CA ASP B 814 44.07 -13.77 60.22
C ASP B 814 43.19 -14.28 59.08
N CYS B 815 43.62 -14.13 57.84
CA CYS B 815 42.84 -14.65 56.72
C CYS B 815 43.12 -16.13 56.52
N LYS B 816 42.05 -16.93 56.44
CA LYS B 816 42.18 -18.37 56.33
C LYS B 816 41.70 -18.90 54.99
N LEU B 817 41.53 -18.02 53.99
CA LEU B 817 41.00 -18.46 52.71
C LEU B 817 41.92 -19.49 52.08
N GLN B 818 41.34 -20.60 51.60
CA GLN B 818 42.13 -21.67 51.00
C GLN B 818 42.02 -21.65 49.48
N VAL B 819 40.82 -21.37 48.98
CA VAL B 819 40.56 -21.40 47.55
C VAL B 819 40.06 -20.07 47.02
N LEU B 820 40.79 -19.51 46.06
CA LEU B 820 40.40 -18.27 45.42
C LEU B 820 40.28 -18.42 43.91
N GLU B 821 39.05 -18.29 43.41
CA GLU B 821 38.79 -18.42 41.98
C GLU B 821 38.60 -17.06 41.31
N LEU B 822 39.52 -16.74 40.41
CA LEU B 822 39.55 -15.44 39.73
C LEU B 822 39.62 -15.61 38.22
N ASP B 823 38.50 -15.95 37.60
CA ASP B 823 38.49 -16.18 36.16
C ASP B 823 38.02 -14.95 35.42
N ASN B 824 36.73 -14.87 35.15
CA ASN B 824 36.24 -13.71 34.43
C ASN B 824 36.04 -12.57 35.42
N CYS B 825 37.16 -11.97 35.82
CA CYS B 825 37.16 -10.89 36.80
C CYS B 825 37.69 -9.59 36.19
N ASN B 826 37.98 -9.65 34.89
CA ASN B 826 38.50 -8.53 34.10
C ASN B 826 39.81 -7.99 34.67
N LEU B 827 40.74 -8.87 35.01
CA LEU B 827 42.02 -8.42 35.54
C LEU B 827 43.01 -8.25 34.38
N THR B 828 44.05 -7.46 34.62
CA THR B 828 45.09 -7.22 33.63
C THR B 828 46.48 -7.48 34.21
N SER B 829 47.50 -7.44 33.34
CA SER B 829 48.87 -7.70 33.73
C SER B 829 49.39 -6.72 34.76
N HIS B 830 48.71 -5.60 34.89
CA HIS B 830 49.13 -4.57 35.84
C HIS B 830 48.96 -5.04 37.28
N CYS B 831 48.15 -6.08 37.47
CA CYS B 831 47.91 -6.59 38.81
C CYS B 831 48.80 -7.79 39.13
N CYS B 832 49.65 -8.19 38.19
CA CYS B 832 50.48 -9.38 38.42
C CYS B 832 51.43 -9.17 39.57
N TRP B 833 51.73 -7.91 39.88
CA TRP B 833 52.60 -7.57 40.98
C TRP B 833 51.90 -7.81 42.32
N ASP B 834 50.58 -7.67 42.35
CA ASP B 834 49.82 -7.86 43.57
C ASP B 834 49.53 -9.33 43.76
N LEU B 835 49.34 -10.03 42.64
CA LEU B 835 49.17 -11.47 42.66
C LEU B 835 50.48 -12.16 43.04
N SER B 836 51.60 -11.57 42.59
CA SER B 836 52.92 -12.09 42.97
C SER B 836 53.16 -11.88 44.45
N THR B 837 52.73 -10.73 44.96
CA THR B 837 52.83 -10.44 46.39
C THR B 837 51.97 -11.42 47.17
N LEU B 838 50.77 -11.69 46.64
CA LEU B 838 49.85 -12.62 47.26
C LEU B 838 50.48 -14.02 47.31
N LEU B 839 51.05 -14.47 46.20
CA LEU B 839 51.68 -15.77 46.16
C LEU B 839 52.86 -15.87 47.12
N THR B 840 53.65 -14.79 47.20
CA THR B 840 54.84 -14.77 48.04
C THR B 840 54.51 -14.80 49.53
N SER B 841 53.57 -13.96 49.96
CA SER B 841 53.28 -13.80 51.38
C SER B 841 52.14 -14.64 51.92
N SER B 842 51.18 -15.03 51.07
CA SER B 842 50.03 -15.77 51.57
C SER B 842 50.45 -17.14 52.11
N GLN B 843 49.92 -17.49 53.28
CA GLN B 843 50.23 -18.77 53.88
C GLN B 843 49.03 -19.72 53.86
N SER B 844 47.82 -19.16 53.79
CA SER B 844 46.59 -19.93 53.90
C SER B 844 46.11 -20.54 52.58
N LEU B 845 46.41 -19.88 51.47
CA LEU B 845 45.92 -20.35 50.17
C LEU B 845 46.54 -21.68 49.78
N ARG B 846 45.73 -22.54 49.18
CA ARG B 846 46.18 -23.82 48.68
C ARG B 846 45.87 -23.90 47.21
N LYS B 847 44.84 -23.15 46.80
CA LYS B 847 44.40 -23.08 45.43
C LYS B 847 44.14 -21.64 45.02
N LEU B 848 44.73 -21.22 43.91
CA LEU B 848 44.53 -19.89 43.35
C LEU B 848 44.44 -20.02 41.85
N SER B 849 43.26 -19.81 41.30
CA SER B 849 43.04 -20.05 39.89
C SER B 849 42.76 -18.78 39.11
N LEU B 850 43.68 -18.43 38.22
CA LEU B 850 43.50 -17.26 37.37
C LEU B 850 43.01 -17.71 36.02
N GLY B 851 41.95 -17.09 35.53
CA GLY B 851 41.37 -17.48 34.26
C GLY B 851 41.68 -16.49 33.15
N ASN B 852 40.64 -16.11 32.40
CA ASN B 852 40.83 -15.30 31.21
C ASN B 852 41.05 -13.84 31.57
N ASN B 853 42.25 -13.57 32.09
CA ASN B 853 42.68 -12.23 32.46
C ASN B 853 43.81 -11.81 31.55
N ASP B 854 43.98 -10.50 31.33
CA ASP B 854 45.04 -10.06 30.45
C ASP B 854 46.37 -9.96 31.19
N LEU B 855 46.89 -11.12 31.60
CA LEU B 855 48.14 -11.19 32.32
C LEU B 855 49.31 -11.35 31.37
N GLY B 856 49.04 -11.97 30.22
CA GLY B 856 50.04 -12.19 29.20
C GLY B 856 51.17 -13.07 29.69
N ASP B 857 52.33 -12.90 29.06
CA ASP B 857 53.50 -13.70 29.37
C ASP B 857 54.23 -13.15 30.58
N LEU B 858 54.14 -11.83 30.79
CA LEU B 858 54.81 -11.22 31.93
C LEU B 858 54.24 -11.74 33.24
N GLY B 859 52.92 -11.74 33.35
CA GLY B 859 52.28 -12.18 34.58
C GLY B 859 52.64 -13.63 34.87
N VAL B 860 52.45 -14.50 33.90
CA VAL B 860 52.71 -15.92 34.12
C VAL B 860 54.17 -16.24 34.34
N MET B 861 55.07 -15.62 33.58
CA MET B 861 56.49 -15.88 33.75
C MET B 861 56.92 -15.46 35.14
N MET B 862 56.40 -14.32 35.60
CA MET B 862 56.69 -13.82 36.93
C MET B 862 56.22 -14.81 37.97
N PHE B 863 55.01 -15.34 37.80
CA PHE B 863 54.46 -16.30 38.74
C PHE B 863 55.32 -17.55 38.78
N CYS B 864 55.76 -18.02 37.61
CA CYS B 864 56.57 -19.23 37.57
C CYS B 864 57.76 -19.14 38.51
N GLU B 865 58.44 -17.98 38.53
CA GLU B 865 59.57 -17.80 39.44
C GLU B 865 59.12 -17.65 40.90
N VAL B 866 58.04 -16.91 41.12
CA VAL B 866 57.52 -16.67 42.47
C VAL B 866 57.08 -17.96 43.14
N LEU B 867 56.46 -18.84 42.35
CA LEU B 867 55.92 -20.10 42.84
C LEU B 867 57.01 -21.05 43.32
N LYS B 868 58.27 -20.76 43.00
CA LYS B 868 59.36 -21.62 43.43
C LYS B 868 59.92 -21.17 44.77
N GLN B 869 59.49 -20.01 45.25
CA GLN B 869 60.01 -19.44 46.49
C GLN B 869 59.22 -19.92 47.70
N GLN B 870 59.30 -21.23 47.97
CA GLN B 870 58.59 -21.83 49.11
C GLN B 870 57.11 -21.47 49.13
N SER B 871 56.46 -21.58 47.98
CA SER B 871 55.04 -21.27 47.87
C SER B 871 54.16 -22.34 48.52
N CYS B 872 52.99 -21.91 49.01
CA CYS B 872 52.03 -22.82 49.61
C CYS B 872 50.93 -23.20 48.62
N LEU B 873 51.03 -22.69 47.39
CA LEU B 873 50.04 -22.98 46.36
C LEU B 873 50.37 -24.28 45.65
N LEU B 874 49.53 -25.29 45.86
CA LEU B 874 49.79 -26.63 45.38
C LEU B 874 48.76 -27.08 44.34
N GLN B 875 47.64 -26.38 44.27
CA GLN B 875 46.55 -26.73 43.37
C GLN B 875 46.55 -25.90 42.09
N ASN B 876 45.56 -26.15 41.24
CA ASN B 876 45.46 -25.57 39.90
C ASN B 876 45.72 -24.07 39.87
N LEU B 877 46.69 -23.67 39.05
CA LEU B 877 47.09 -22.28 38.89
C LEU B 877 46.10 -21.48 38.04
N GLY B 878 45.24 -22.19 37.33
CA GLY B 878 44.30 -21.57 36.41
C GLY B 878 44.83 -21.57 34.98
N LEU B 879 45.10 -20.37 34.45
CA LEU B 879 45.54 -20.18 33.07
C LEU B 879 44.45 -20.61 32.07
N SER B 880 43.19 -20.46 32.49
CA SER B 880 42.06 -20.87 31.66
C SER B 880 41.83 -19.91 30.51
N GLU B 881 41.65 -20.47 29.32
CA GLU B 881 41.42 -19.70 28.09
C GLU B 881 42.57 -18.72 27.82
N MET B 882 43.76 -19.05 28.29
CA MET B 882 44.94 -18.25 28.03
C MET B 882 45.79 -18.83 26.93
N TYR B 883 46.51 -17.96 26.23
CA TYR B 883 47.46 -18.41 25.21
C TYR B 883 48.78 -17.69 25.44
N PHE B 884 49.89 -18.41 25.31
CA PHE B 884 51.20 -17.82 25.59
C PHE B 884 52.23 -18.13 24.52
N ASN B 885 53.41 -17.56 24.67
CA ASN B 885 54.51 -17.83 23.75
C ASN B 885 55.32 -19.06 24.17
N TYR B 886 56.36 -19.37 23.40
CA TYR B 886 57.17 -20.56 23.63
C TYR B 886 57.85 -20.58 24.98
N GLU B 887 58.51 -19.49 25.34
CA GLU B 887 59.27 -19.43 26.57
C GLU B 887 58.39 -19.58 27.81
N THR B 888 57.21 -18.96 27.78
CA THR B 888 56.27 -19.09 28.88
C THR B 888 55.81 -20.53 28.99
N LYS B 889 55.50 -21.16 27.85
CA LYS B 889 55.07 -22.54 27.85
C LYS B 889 56.15 -23.43 28.44
N SER B 890 57.39 -23.17 28.07
CA SER B 890 58.51 -23.93 28.59
C SER B 890 58.62 -23.75 30.10
N ALA B 891 58.49 -22.50 30.56
CA ALA B 891 58.58 -22.21 31.98
C ALA B 891 57.48 -22.93 32.75
N LEU B 892 56.28 -23.00 32.18
CA LEU B 892 55.17 -23.67 32.83
C LEU B 892 55.40 -25.18 32.93
N GLU B 893 55.86 -25.79 31.84
CA GLU B 893 56.15 -27.22 31.88
C GLU B 893 57.32 -27.50 32.81
N THR B 894 58.29 -26.60 32.81
CA THR B 894 59.47 -26.74 33.66
C THR B 894 59.03 -26.69 35.12
N LEU B 895 58.17 -25.74 35.45
CA LEU B 895 57.66 -25.60 36.81
C LEU B 895 57.03 -26.90 37.30
N GLN B 896 56.22 -27.52 36.44
CA GLN B 896 55.56 -28.77 36.80
C GLN B 896 56.57 -29.86 37.15
N GLU B 897 57.69 -29.90 36.43
CA GLU B 897 58.71 -30.92 36.66
C GLU B 897 59.65 -30.59 37.82
N GLU B 898 60.03 -29.32 37.97
CA GLU B 898 60.98 -28.93 39.01
C GLU B 898 60.39 -28.95 40.40
N LYS B 899 59.09 -28.66 40.51
CA LYS B 899 58.40 -28.61 41.80
C LYS B 899 57.17 -29.51 41.84
N PRO B 900 57.36 -30.84 42.04
CA PRO B 900 56.37 -31.90 42.01
C PRO B 900 55.21 -31.69 42.98
N GLU B 901 55.44 -30.87 44.01
CA GLU B 901 54.40 -30.61 45.01
C GLU B 901 53.24 -29.83 44.40
N LEU B 902 53.45 -29.21 43.24
CA LEU B 902 52.38 -28.53 42.54
C LEU B 902 51.68 -29.52 41.64
N THR B 903 50.43 -29.82 41.99
CA THR B 903 49.72 -30.89 41.31
C THR B 903 49.31 -30.49 39.89
N VAL B 904 48.81 -29.28 39.73
CA VAL B 904 48.31 -28.85 38.41
C VAL B 904 48.77 -27.45 37.98
N VAL B 905 49.73 -27.41 37.05
CA VAL B 905 50.08 -26.14 36.41
C VAL B 905 48.97 -25.69 35.47
N PHE B 906 48.39 -26.65 34.75
CA PHE B 906 47.32 -26.44 33.78
C PHE B 906 47.77 -25.60 32.59
N GLU B 907 48.73 -26.11 31.83
CA GLU B 907 49.12 -25.43 30.61
C GLU B 907 47.93 -25.46 29.66
N PRO B 908 47.72 -24.41 28.87
CA PRO B 908 46.60 -24.25 27.93
C PRO B 908 46.59 -25.27 26.81
N SER B 909 47.74 -25.92 26.59
CA SER B 909 47.94 -26.96 25.56
C SER B 909 49.37 -26.92 25.03
N LYS C 7 7.93 44.35 2.60
CA LYS C 7 9.26 44.86 2.94
C LYS C 7 9.70 44.36 4.31
N LYS C 8 9.66 45.24 5.32
CA LYS C 8 10.06 44.85 6.66
C LYS C 8 8.89 44.23 7.41
N ASP C 9 9.10 43.01 7.88
CA ASP C 9 8.06 42.25 8.57
C ASP C 9 8.02 42.56 10.06
N TYR C 10 6.92 43.17 10.50
CA TYR C 10 6.75 43.51 11.92
C TYR C 10 7.01 42.28 12.79
N ARG C 11 6.56 41.13 12.32
CA ARG C 11 6.70 39.89 13.06
C ARG C 11 8.15 39.63 13.45
N LYS C 12 9.07 39.95 12.54
CA LYS C 12 10.48 39.74 12.80
C LYS C 12 10.99 40.79 13.78
N LYS C 13 10.54 42.04 13.60
CA LYS C 13 10.94 43.12 14.49
C LYS C 13 10.47 42.84 15.91
N TYR C 14 9.28 42.27 16.03
CA TYR C 14 8.72 41.94 17.34
C TYR C 14 9.52 40.82 18.00
N ARG C 15 9.86 39.78 17.26
CA ARG C 15 10.67 38.71 17.83
C ARG C 15 11.98 39.27 18.36
N LYS C 16 12.60 40.20 17.62
CA LYS C 16 13.84 40.82 18.08
C LYS C 16 13.61 41.57 19.39
N TYR C 17 12.51 42.33 19.45
CA TYR C 17 12.14 43.09 20.63
C TYR C 17 11.98 42.18 21.84
N VAL C 18 11.25 41.09 21.68
CA VAL C 18 11.01 40.15 22.77
C VAL C 18 12.32 39.49 23.21
N ARG C 19 13.14 39.07 22.25
CA ARG C 19 14.40 38.42 22.57
C ARG C 19 15.32 39.32 23.38
N SER C 20 15.44 40.58 22.97
CA SER C 20 16.30 41.54 23.65
C SER C 20 15.72 42.00 24.98
N ARG C 21 14.39 42.13 25.02
CA ARG C 21 13.73 42.62 26.22
C ARG C 21 13.84 41.67 27.39
N PHE C 22 13.52 40.39 27.16
CA PHE C 22 13.49 39.44 28.25
C PHE C 22 14.81 38.73 28.47
N GLN C 23 15.81 39.51 28.89
CA GLN C 23 17.13 38.98 29.23
C GLN C 23 17.31 38.88 30.73
N CYS C 24 16.58 39.69 31.48
CA CYS C 24 16.71 39.69 32.94
C CYS C 24 15.64 38.82 33.57
N ILE C 25 15.98 38.20 34.70
CA ILE C 25 15.05 37.34 35.43
C ILE C 25 13.96 38.15 36.12
N GLU C 26 14.36 39.22 36.80
CA GLU C 26 13.43 40.08 37.52
C GLU C 26 12.71 41.02 36.56
N ASP C 27 13.45 41.48 35.54
CA ASP C 27 12.97 42.48 34.60
C ASP C 27 12.55 43.76 35.31
N ARG C 28 13.30 44.10 36.35
CA ARG C 28 13.08 45.28 37.16
C ARG C 28 14.41 45.72 37.77
N ASN C 29 14.47 46.94 38.30
CA ASN C 29 15.73 47.49 38.81
C ASN C 29 16.11 46.93 40.17
N ALA C 30 17.09 47.57 40.81
CA ALA C 30 17.60 47.14 42.11
C ALA C 30 18.14 45.73 42.02
N ARG C 31 18.78 45.41 40.90
CA ARG C 31 19.34 44.08 40.72
C ARG C 31 20.72 44.01 41.34
N LEU C 32 20.75 44.13 42.67
CA LEU C 32 22.00 44.06 43.44
C LEU C 32 23.11 44.87 42.78
N GLY C 33 22.88 46.17 42.60
CA GLY C 33 23.86 47.02 41.92
C GLY C 33 23.57 47.18 40.43
N GLU C 34 22.33 46.91 40.05
CA GLU C 34 21.87 47.04 38.66
C GLU C 34 22.67 46.14 37.70
N SER C 35 22.98 44.93 38.15
CA SER C 35 23.67 43.95 37.32
C SER C 35 22.64 43.23 36.46
N VAL C 36 23.11 42.45 35.49
CA VAL C 36 22.19 41.67 34.67
C VAL C 36 22.13 40.25 35.19
N SER C 37 20.95 39.85 35.66
CA SER C 37 20.74 38.55 36.28
C SER C 37 20.75 37.40 35.27
N LEU C 38 20.43 37.71 34.01
CA LEU C 38 20.50 36.75 32.90
C LEU C 38 19.51 35.60 32.99
N ASN C 39 18.60 35.52 32.02
CA ASN C 39 17.65 34.40 31.93
C ASN C 39 18.38 33.11 31.57
N LYS C 40 19.65 33.24 31.21
CA LYS C 40 20.51 32.11 30.90
C LYS C 40 20.75 31.25 32.15
N ARG C 41 20.48 31.81 33.32
CA ARG C 41 20.66 31.13 34.59
C ARG C 41 19.41 30.35 34.98
N TYR C 42 18.39 30.37 34.13
CA TYR C 42 17.13 29.70 34.44
C TYR C 42 17.33 28.26 34.90
N THR C 43 16.73 27.94 36.04
CA THR C 43 16.79 26.59 36.58
C THR C 43 15.49 25.86 36.28
N ARG C 44 15.60 24.67 35.70
CA ARG C 44 14.41 23.93 35.27
C ARG C 44 13.46 23.63 36.42
N LEU C 45 12.17 23.86 36.17
CA LEU C 45 11.11 23.57 37.14
C LEU C 45 10.49 22.22 36.83
N ARG C 46 9.94 21.59 37.86
CA ARG C 46 9.26 20.32 37.67
C ARG C 46 7.80 20.55 37.28
N LEU C 47 7.39 20.02 36.14
CA LEU C 47 6.03 20.20 35.67
C LEU C 47 5.29 18.88 35.58
N ILE C 48 4.13 18.81 36.21
CA ILE C 48 3.29 17.60 36.18
C ILE C 48 1.92 17.91 35.58
N LYS C 49 1.48 17.05 34.66
CA LYS C 49 0.19 17.28 34.01
C LYS C 49 -0.91 16.43 34.63
N GLU C 50 -2.12 16.99 34.66
CA GLU C 50 -3.30 16.29 35.17
C GLU C 50 -4.35 16.13 34.07
N SER C 75 2.54 11.88 35.49
CA SER C 75 3.40 11.99 34.31
C SER C 75 3.84 13.45 34.12
N PRO C 76 5.11 13.66 33.75
CA PRO C 76 5.76 14.93 33.51
C PRO C 76 5.29 15.59 32.21
N ILE C 77 5.39 16.91 32.16
CA ILE C 77 5.07 17.65 30.94
C ILE C 77 6.15 18.67 30.60
N LYS C 78 6.29 18.96 29.31
CA LYS C 78 7.26 19.94 28.83
C LYS C 78 6.54 21.21 28.40
N MET C 79 7.30 22.31 28.22
CA MET C 79 6.71 23.53 27.70
C MET C 79 6.34 23.37 26.23
N GLU C 80 7.03 22.46 25.55
CA GLU C 80 6.69 22.14 24.17
C GLU C 80 5.38 21.36 24.11
N LEU C 81 4.61 21.59 23.05
CA LEU C 81 3.40 20.82 22.76
C LEU C 81 2.24 21.06 23.75
N LEU C 82 2.23 22.18 24.45
CA LEU C 82 1.16 22.40 25.45
C LEU C 82 -0.22 22.44 24.83
N PHE C 83 -0.34 22.95 23.62
CA PHE C 83 -1.65 23.09 23.00
C PHE C 83 -1.93 21.99 21.98
N ASP C 84 -1.04 21.01 21.87
CA ASP C 84 -1.25 19.93 20.92
C ASP C 84 -2.31 18.97 21.43
N PRO C 85 -3.01 18.26 20.52
CA PRO C 85 -3.88 17.14 20.80
C PRO C 85 -3.12 16.01 21.50
N ASP C 86 -3.84 15.25 22.32
CA ASP C 86 -3.26 14.12 23.02
C ASP C 86 -3.46 12.83 22.23
N ASP C 87 -3.52 11.70 22.93
CA ASP C 87 -3.47 10.39 22.29
C ASP C 87 -4.81 9.89 21.73
N GLU C 88 -5.90 10.66 21.91
CA GLU C 88 -7.19 10.19 21.40
C GLU C 88 -8.09 11.36 20.94
N HIS C 89 -8.99 11.07 20.00
CA HIS C 89 -9.96 12.04 19.46
C HIS C 89 -9.30 13.10 18.57
N SER C 90 -8.02 13.36 18.81
CA SER C 90 -7.24 14.36 18.08
C SER C 90 -7.86 15.75 18.13
N GLU C 91 -8.33 16.13 19.31
CA GLU C 91 -8.90 17.46 19.51
C GLU C 91 -7.80 18.43 19.96
N PRO C 92 -7.82 19.67 19.49
CA PRO C 92 -6.92 20.75 19.83
C PRO C 92 -7.18 21.28 21.22
N VAL C 93 -6.16 21.88 21.82
CA VAL C 93 -6.30 22.54 23.10
C VAL C 93 -6.14 24.05 22.91
N HIS C 94 -7.06 24.83 23.47
CA HIS C 94 -6.97 26.27 23.31
C HIS C 94 -6.53 26.97 24.60
N THR C 95 -6.71 26.31 25.74
CA THR C 95 -6.35 26.92 27.02
C THR C 95 -5.55 25.96 27.90
N VAL C 96 -4.45 26.46 28.45
CA VAL C 96 -3.67 25.70 29.42
C VAL C 96 -3.43 26.57 30.66
N VAL C 97 -3.72 26.03 31.83
CA VAL C 97 -3.59 26.80 33.06
C VAL C 97 -2.53 26.21 33.99
N PHE C 98 -1.60 27.05 34.40
CA PHE C 98 -0.52 26.67 35.28
C PHE C 98 -0.81 27.09 36.72
N GLN C 99 -0.79 26.12 37.63
CA GLN C 99 -1.11 26.38 39.02
C GLN C 99 -0.01 25.88 39.96
N GLY C 100 0.08 26.50 41.13
CA GLY C 100 1.04 26.08 42.15
C GLY C 100 1.16 27.13 43.26
N ALA C 101 2.13 26.92 44.15
CA ALA C 101 2.37 27.81 45.28
C ALA C 101 2.92 29.16 44.81
N ALA C 102 2.84 30.18 45.66
CA ALA C 102 3.39 31.49 45.33
C ALA C 102 4.91 31.43 45.26
N GLY C 103 5.51 32.24 44.39
CA GLY C 103 6.96 32.37 44.32
C GLY C 103 7.65 31.13 43.72
N ILE C 104 6.97 30.45 42.81
CA ILE C 104 7.51 29.21 42.22
C ILE C 104 7.92 29.37 40.77
N GLY C 105 8.08 30.60 40.33
CA GLY C 105 8.58 30.84 38.98
C GLY C 105 7.52 30.72 37.89
N LYS C 106 6.26 30.98 38.22
CA LYS C 106 5.23 30.89 37.18
C LYS C 106 5.52 31.95 36.13
N THR C 107 6.00 33.10 36.60
CA THR C 107 6.38 34.22 35.75
C THR C 107 7.65 33.91 34.99
N ILE C 108 8.59 33.30 35.69
CA ILE C 108 9.92 33.04 35.14
C ILE C 108 9.80 31.98 34.04
N LEU C 109 8.91 31.02 34.27
CA LEU C 109 8.65 29.98 33.26
C LEU C 109 8.07 30.66 32.01
N ALA C 110 7.16 31.61 32.21
CA ALA C 110 6.60 32.37 31.11
C ALA C 110 7.67 33.21 30.40
N ARG C 111 8.60 33.77 31.18
CA ARG C 111 9.68 34.56 30.61
C ARG C 111 10.64 33.70 29.80
N LYS C 112 10.92 32.50 30.29
CA LYS C 112 11.77 31.56 29.56
C LYS C 112 11.10 31.22 28.23
N MET C 113 9.79 30.99 28.28
CA MET C 113 9.02 30.70 27.08
C MET C 113 9.14 31.82 26.06
N MET C 114 8.98 33.07 26.51
CA MET C 114 9.07 34.20 25.60
C MET C 114 10.43 34.30 24.94
N LEU C 115 11.48 34.04 25.71
CA LEU C 115 12.83 34.11 25.17
C LEU C 115 13.06 32.98 24.17
N ASP C 116 12.61 31.76 24.50
CA ASP C 116 12.80 30.63 23.61
C ASP C 116 11.97 30.79 22.33
N TRP C 117 10.80 31.40 22.44
CA TRP C 117 9.98 31.67 21.26
C TRP C 117 10.66 32.69 20.36
N ALA C 118 11.10 33.79 20.94
CA ALA C 118 11.71 34.86 20.17
C ALA C 118 12.98 34.38 19.47
N SER C 119 13.70 33.46 20.11
CA SER C 119 14.92 32.89 19.55
C SER C 119 14.64 31.84 18.47
N GLY C 120 13.35 31.49 18.30
CA GLY C 120 12.95 30.52 17.29
C GLY C 120 13.18 29.06 17.69
N THR C 121 13.17 28.77 18.99
CA THR C 121 13.38 27.39 19.43
C THR C 121 12.10 26.76 19.99
N LEU C 122 11.16 27.61 20.42
CA LEU C 122 9.90 27.14 20.99
C LEU C 122 8.68 27.79 20.33
N TYR C 123 7.75 26.96 19.85
CA TYR C 123 6.54 27.42 19.17
C TYR C 123 6.84 28.17 17.87
N GLN C 124 8.05 27.96 17.36
CA GLN C 124 8.52 28.63 16.15
C GLN C 124 7.77 28.18 14.91
N ASP C 125 7.09 27.05 15.01
CA ASP C 125 6.31 26.51 13.91
C ASP C 125 4.82 26.42 14.25
N ARG C 126 4.40 27.12 15.30
CA ARG C 126 2.99 27.08 15.70
C ARG C 126 2.34 28.46 15.79
N PHE C 127 3.06 29.44 16.33
CA PHE C 127 2.45 30.76 16.50
C PHE C 127 3.32 31.86 15.87
N ASP C 128 2.64 32.84 15.27
CA ASP C 128 3.33 33.96 14.63
C ASP C 128 3.66 35.05 15.62
N TYR C 129 2.79 35.22 16.61
CA TYR C 129 2.99 36.24 17.63
C TYR C 129 2.77 35.69 19.02
N LEU C 130 3.50 36.26 19.98
CA LEU C 130 3.38 35.93 21.39
C LEU C 130 3.26 37.18 22.24
N PHE C 131 2.14 37.30 22.95
CA PHE C 131 1.86 38.49 23.73
C PHE C 131 1.81 38.17 25.22
N TYR C 132 2.52 38.96 26.02
CA TYR C 132 2.54 38.78 27.47
C TYR C 132 1.86 39.92 28.19
N ILE C 133 0.80 39.58 28.93
CA ILE C 133 0.04 40.57 29.66
C ILE C 133 0.13 40.29 31.16
N HIS C 134 0.81 41.16 31.90
CA HIS C 134 0.89 40.98 33.34
C HIS C 134 -0.41 41.50 33.94
N CYS C 135 -1.00 40.74 34.85
CA CYS C 135 -2.26 41.13 35.46
C CYS C 135 -2.13 42.33 36.39
N ARG C 136 -0.95 42.50 36.98
CA ARG C 136 -0.72 43.58 37.94
C ARG C 136 -0.97 44.95 37.34
N GLU C 137 -0.61 45.10 36.07
CA GLU C 137 -0.73 46.39 35.38
C GLU C 137 -2.07 46.57 34.70
N VAL C 138 -2.96 45.58 34.81
CA VAL C 138 -4.25 45.65 34.15
C VAL C 138 -5.29 46.38 34.98
N SER C 139 -5.92 47.38 34.37
CA SER C 139 -7.01 48.09 35.03
C SER C 139 -8.32 47.33 34.80
N LEU C 140 -9.13 47.23 35.85
CA LEU C 140 -10.41 46.52 35.73
C LEU C 140 -11.60 47.46 35.58
N VAL C 141 -11.48 48.67 36.12
CA VAL C 141 -12.62 49.60 36.15
C VAL C 141 -12.61 50.61 35.01
N THR C 142 -11.49 50.76 34.32
CA THR C 142 -11.42 51.69 33.21
C THR C 142 -11.91 51.04 31.93
N GLN C 143 -12.20 51.87 30.92
CA GLN C 143 -12.70 51.38 29.64
C GLN C 143 -11.65 51.47 28.53
N ARG C 144 -11.43 50.36 27.83
CA ARG C 144 -10.47 50.35 26.73
C ARG C 144 -10.80 49.30 25.67
N SER C 145 -10.32 49.54 24.44
CA SER C 145 -10.37 48.58 23.35
C SER C 145 -9.26 47.56 23.57
N LEU C 146 -9.17 46.54 22.73
CA LEU C 146 -8.13 45.54 22.95
C LEU C 146 -6.80 46.06 22.44
N GLY C 147 -6.25 47.03 23.17
CA GLY C 147 -4.99 47.68 22.82
C GLY C 147 -3.83 46.97 23.47
N ASP C 148 -4.14 45.86 24.12
CA ASP C 148 -3.15 45.05 24.84
C ASP C 148 -2.08 44.55 23.86
N LEU C 149 -2.49 44.33 22.60
CA LEU C 149 -1.61 43.81 21.57
C LEU C 149 -0.69 44.90 21.02
N ILE C 150 -0.90 46.12 21.47
CA ILE C 150 -0.06 47.25 21.08
C ILE C 150 0.82 47.62 22.27
N MET C 151 0.18 47.80 23.42
CA MET C 151 0.84 48.25 24.65
C MET C 151 1.90 47.26 25.15
N SER C 152 1.65 45.97 24.95
CA SER C 152 2.56 44.94 25.43
C SER C 152 3.73 44.68 24.48
N CYS C 153 3.79 45.41 23.38
CA CYS C 153 4.83 45.15 22.38
C CYS C 153 5.81 46.31 22.25
N CYS C 154 6.19 46.60 21.00
CA CYS C 154 7.23 47.57 20.70
C CYS C 154 6.75 49.00 20.93
N PRO C 155 7.68 49.94 21.13
CA PRO C 155 7.48 51.38 21.19
C PRO C 155 6.77 51.93 19.94
N ASP C 156 6.84 51.19 18.83
CA ASP C 156 6.21 51.60 17.60
C ASP C 156 4.68 51.65 17.79
N PRO C 157 4.06 52.83 17.69
CA PRO C 157 2.66 53.10 17.96
C PRO C 157 1.70 52.55 16.90
N ASN C 158 2.24 52.08 15.77
CA ASN C 158 1.37 51.63 14.69
C ASN C 158 1.76 50.27 14.09
N PRO C 159 1.66 49.18 14.86
CA PRO C 159 1.81 47.81 14.42
C PRO C 159 0.61 47.41 13.56
N PRO C 160 0.76 46.39 12.71
CA PRO C 160 -0.23 45.89 11.78
C PRO C 160 -1.34 45.08 12.47
N ILE C 161 -2.07 45.74 13.35
CA ILE C 161 -3.13 45.11 14.13
C ILE C 161 -4.27 44.69 13.21
N HIS C 162 -4.55 45.51 12.22
CA HIS C 162 -5.64 45.28 11.28
C HIS C 162 -5.30 44.27 10.19
N LYS C 163 -4.08 43.75 10.20
CA LYS C 163 -3.64 42.78 9.19
C LYS C 163 -3.39 41.40 9.81
N ILE C 164 -2.14 40.97 9.79
CA ILE C 164 -1.77 39.65 10.29
C ILE C 164 -2.00 39.46 11.79
N VAL C 165 -1.87 40.53 12.57
CA VAL C 165 -1.97 40.43 14.02
C VAL C 165 -3.41 40.19 14.52
N ARG C 166 -4.41 40.31 13.65
CA ARG C 166 -5.77 40.02 14.09
C ARG C 166 -6.23 38.63 13.66
N LYS C 167 -5.35 37.85 13.04
CA LYS C 167 -5.75 36.53 12.59
C LYS C 167 -5.78 35.51 13.74
N PRO C 168 -6.92 34.84 13.95
CA PRO C 168 -7.17 33.90 15.04
C PRO C 168 -6.34 32.64 14.86
N SER C 169 -5.98 32.03 15.98
CA SER C 169 -5.22 30.76 16.04
C SER C 169 -3.73 30.93 15.71
N ARG C 170 -3.34 32.11 15.23
CA ARG C 170 -1.93 32.33 14.91
C ARG C 170 -1.22 33.04 16.06
N ILE C 171 -1.98 33.35 17.10
CA ILE C 171 -1.45 34.11 18.22
C ILE C 171 -1.57 33.39 19.56
N LEU C 172 -0.45 33.38 20.29
CA LEU C 172 -0.38 32.83 21.63
C LEU C 172 -0.30 33.95 22.66
N PHE C 173 -1.18 33.90 23.66
CA PHE C 173 -1.18 34.88 24.73
C PHE C 173 -0.85 34.23 26.06
N LEU C 174 -0.26 35.00 26.97
CA LEU C 174 -0.12 34.53 28.36
C LEU C 174 -0.59 35.61 29.33
N MET C 175 -1.46 35.20 30.26
CA MET C 175 -2.00 36.07 31.30
C MET C 175 -1.37 35.71 32.66
N ASP C 176 -0.55 36.61 33.18
CA ASP C 176 0.23 36.30 34.37
C ASP C 176 -0.31 36.89 35.67
N GLY C 177 -0.83 36.02 36.55
CA GLY C 177 -1.30 36.47 37.86
C GLY C 177 -2.78 36.79 37.90
N PHE C 178 -3.62 35.84 37.49
CA PHE C 178 -5.06 36.05 37.54
C PHE C 178 -5.49 36.57 38.91
N ASP C 179 -4.93 35.99 39.97
CA ASP C 179 -5.29 36.36 41.33
C ASP C 179 -4.80 37.75 41.75
N GLU C 180 -3.97 38.38 40.91
CA GLU C 180 -3.48 39.72 41.19
C GLU C 180 -4.30 40.81 40.53
N LEU C 181 -5.38 40.44 39.84
CA LEU C 181 -6.22 41.46 39.23
C LEU C 181 -6.81 42.35 40.31
N GLN C 182 -6.64 43.66 40.16
CA GLN C 182 -7.09 44.61 41.18
C GLN C 182 -8.37 45.33 40.82
N GLY C 183 -9.41 45.08 41.59
CA GLY C 183 -10.72 45.70 41.38
C GLY C 183 -11.84 44.69 41.62
N ALA C 184 -13.06 45.09 41.37
CA ALA C 184 -14.19 44.18 41.52
C ALA C 184 -14.16 43.22 40.35
N PHE C 185 -14.59 41.98 40.56
CA PHE C 185 -14.53 41.01 39.49
C PHE C 185 -15.70 40.04 39.53
N ASP C 186 -16.22 39.69 38.36
CA ASP C 186 -17.29 38.71 38.22
C ASP C 186 -17.06 37.86 36.99
N GLU C 187 -17.61 36.65 37.03
CA GLU C 187 -17.44 35.69 35.94
C GLU C 187 -18.68 35.60 35.07
N HIS C 188 -19.84 35.96 35.63
CA HIS C 188 -21.11 35.78 34.94
C HIS C 188 -21.66 37.10 34.41
N ILE C 189 -21.06 37.58 33.33
CA ILE C 189 -21.39 38.88 32.77
C ILE C 189 -22.08 38.76 31.41
N GLY C 190 -23.28 39.33 31.30
CA GLY C 190 -24.02 39.29 30.03
C GLY C 190 -23.24 39.97 28.90
N PRO C 191 -22.93 41.26 29.03
CA PRO C 191 -22.16 42.07 28.10
C PRO C 191 -20.68 41.68 28.14
N LEU C 192 -20.38 40.50 27.59
CA LEU C 192 -19.01 39.98 27.60
C LEU C 192 -18.04 40.85 26.81
N CYS C 193 -18.51 41.46 25.74
CA CYS C 193 -17.71 42.30 24.85
C CYS C 193 -16.85 41.52 23.86
N THR C 194 -17.37 41.39 22.65
CA THR C 194 -16.64 40.80 21.53
C THR C 194 -16.31 41.93 20.57
N ASP C 195 -15.49 41.66 19.57
CA ASP C 195 -15.02 42.70 18.62
C ASP C 195 -13.93 43.56 19.27
N TRP C 196 -12.68 43.23 18.97
CA TRP C 196 -11.51 43.88 19.55
C TRP C 196 -11.49 45.39 19.32
N GLN C 197 -12.26 45.83 18.33
CA GLN C 197 -12.32 47.25 17.95
C GLN C 197 -13.14 48.09 18.92
N LYS C 198 -13.92 47.45 19.78
CA LYS C 198 -14.78 48.18 20.70
C LYS C 198 -14.23 48.20 22.11
N ALA C 199 -14.43 49.33 22.80
CA ALA C 199 -13.92 49.50 24.15
C ALA C 199 -14.96 49.17 25.20
N GLU C 200 -14.52 48.50 26.27
CA GLU C 200 -15.38 48.17 27.40
C GLU C 200 -14.52 48.07 28.68
N ARG C 201 -15.16 47.83 29.81
CA ARG C 201 -14.42 47.71 31.08
C ARG C 201 -13.39 46.60 31.02
N GLY C 202 -12.25 46.84 31.66
CA GLY C 202 -11.14 45.88 31.68
C GLY C 202 -11.50 44.51 32.25
N ASP C 203 -12.35 44.45 33.27
CA ASP C 203 -12.71 43.15 33.84
C ASP C 203 -13.54 42.34 32.86
N ILE C 204 -14.42 43.05 32.17
CA ILE C 204 -15.27 42.45 31.16
C ILE C 204 -14.42 41.94 29.99
N LEU C 205 -13.45 42.75 29.57
CA LEU C 205 -12.59 42.40 28.47
C LEU C 205 -11.84 41.11 28.75
N LEU C 206 -11.35 40.95 29.98
CA LEU C 206 -10.62 39.75 30.36
C LEU C 206 -11.50 38.51 30.28
N SER C 207 -12.76 38.63 30.70
CA SER C 207 -13.69 37.51 30.66
C SER C 207 -13.88 37.01 29.23
N SER C 208 -14.10 37.96 28.32
CA SER C 208 -14.29 37.63 26.91
C SER C 208 -13.07 36.95 26.30
N LEU C 209 -11.88 37.43 26.67
CA LEU C 209 -10.65 36.82 26.16
C LEU C 209 -10.47 35.39 26.69
N ILE C 210 -10.71 35.21 27.98
CA ILE C 210 -10.52 33.89 28.61
C ILE C 210 -11.52 32.88 28.06
N ARG C 211 -12.76 33.31 27.87
CA ARG C 211 -13.82 32.43 27.36
C ARG C 211 -13.69 32.17 25.86
N LYS C 212 -12.71 32.80 25.22
CA LYS C 212 -12.49 32.68 23.78
C LYS C 212 -13.68 33.18 22.97
N LYS C 213 -14.28 34.29 23.40
CA LYS C 213 -15.36 34.90 22.64
C LYS C 213 -14.79 36.04 21.81
N LEU C 214 -13.76 36.66 22.36
CA LEU C 214 -13.03 37.73 21.69
C LEU C 214 -11.75 37.18 21.10
N LEU C 215 -11.54 37.40 19.80
CA LEU C 215 -10.40 36.84 19.09
C LEU C 215 -10.37 35.32 19.32
N PRO C 216 -11.43 34.61 18.91
CA PRO C 216 -11.70 33.22 19.18
C PRO C 216 -10.67 32.33 18.50
N GLU C 217 -10.50 31.14 19.06
CA GLU C 217 -9.56 30.13 18.58
C GLU C 217 -8.10 30.54 18.81
N ALA C 218 -7.88 31.65 19.52
CA ALA C 218 -6.53 32.01 19.93
C ALA C 218 -6.08 31.10 21.07
N SER C 219 -4.79 30.95 21.24
CA SER C 219 -4.26 30.12 22.32
C SER C 219 -3.89 30.98 23.53
N LEU C 220 -4.34 30.57 24.71
CA LEU C 220 -4.07 31.34 25.92
C LEU C 220 -3.51 30.49 27.08
N LEU C 221 -2.41 30.98 27.66
CA LEU C 221 -1.83 30.40 28.85
C LEU C 221 -2.14 31.29 30.05
N ILE C 222 -2.58 30.68 31.14
CA ILE C 222 -2.89 31.45 32.34
C ILE C 222 -2.13 30.93 33.55
N THR C 223 -1.57 31.84 34.35
CA THR C 223 -0.92 31.44 35.59
C THR C 223 -1.74 31.97 36.76
N THR C 224 -2.00 31.11 37.75
CA THR C 224 -2.80 31.53 38.90
C THR C 224 -2.55 30.68 40.14
N ARG C 225 -2.76 31.28 41.31
CA ARG C 225 -2.76 30.48 42.55
C ARG C 225 -4.04 29.64 42.61
N PRO C 226 -3.96 28.36 43.02
CA PRO C 226 -5.06 27.40 43.12
C PRO C 226 -6.28 27.97 43.84
N VAL C 227 -6.06 28.82 44.83
CA VAL C 227 -7.15 29.41 45.59
C VAL C 227 -8.07 30.27 44.71
N ALA C 228 -7.51 30.85 43.66
CA ALA C 228 -8.27 31.72 42.78
C ALA C 228 -8.89 30.95 41.62
N LEU C 229 -8.65 29.63 41.57
CA LEU C 229 -9.20 28.84 40.48
C LEU C 229 -10.71 28.92 40.48
N GLU C 230 -11.30 29.03 41.67
CA GLU C 230 -12.74 29.04 41.79
C GLU C 230 -13.38 30.22 41.05
N LYS C 231 -12.63 31.29 40.84
CA LYS C 231 -13.13 32.47 40.14
C LYS C 231 -12.67 32.49 38.68
N LEU C 232 -11.96 31.45 38.29
CA LEU C 232 -11.44 31.32 36.93
C LEU C 232 -12.13 30.18 36.19
N GLN C 233 -12.50 29.13 36.92
CA GLN C 233 -13.07 27.91 36.34
C GLN C 233 -14.30 28.17 35.48
N HIS C 234 -15.01 29.25 35.78
CA HIS C 234 -16.25 29.60 35.09
C HIS C 234 -15.95 30.21 33.74
N LEU C 235 -14.70 30.63 33.57
CA LEU C 235 -14.25 31.28 32.34
C LEU C 235 -13.52 30.28 31.45
N LEU C 236 -12.93 29.26 32.06
CA LEU C 236 -12.11 28.28 31.35
C LEU C 236 -12.91 27.21 30.63
N ASP C 237 -13.98 26.75 31.28
CA ASP C 237 -14.82 25.65 30.75
C ASP C 237 -14.08 24.32 30.68
N HIS C 238 -13.13 24.21 29.76
CA HIS C 238 -12.39 22.97 29.56
C HIS C 238 -10.87 23.17 29.37
N PRO C 239 -10.16 23.62 30.42
CA PRO C 239 -8.73 23.91 30.45
C PRO C 239 -7.88 22.65 30.57
N ARG C 240 -6.63 22.75 30.11
CA ARG C 240 -5.63 21.73 30.45
C ARG C 240 -4.97 22.14 31.76
N HIS C 241 -4.83 21.21 32.69
CA HIS C 241 -4.28 21.53 34.00
C HIS C 241 -2.84 21.05 34.18
N VAL C 242 -1.93 22.00 34.41
CA VAL C 242 -0.53 21.69 34.66
C VAL C 242 -0.09 22.29 35.99
N GLU C 243 0.51 21.46 36.84
CA GLU C 243 1.00 21.92 38.14
C GLU C 243 2.48 22.23 38.09
N ILE C 244 2.87 23.37 38.65
CA ILE C 244 4.26 23.76 38.72
C ILE C 244 4.81 23.46 40.10
N LEU C 245 5.85 22.64 40.15
CA LEU C 245 6.45 22.24 41.41
C LEU C 245 7.76 22.96 41.62
N GLY C 246 8.26 22.94 42.84
CA GLY C 246 9.48 23.65 43.18
C GLY C 246 10.73 22.85 42.82
N PHE C 247 11.86 23.26 43.38
CA PHE C 247 13.14 22.66 43.05
C PHE C 247 13.38 21.36 43.80
N SER C 248 13.99 20.39 43.12
CA SER C 248 14.45 19.16 43.74
C SER C 248 15.75 19.42 44.47
N GLU C 249 16.22 18.46 45.23
CA GLU C 249 17.46 18.64 45.98
C GLU C 249 18.64 18.90 45.05
N ALA C 250 18.66 18.20 43.92
CA ALA C 250 19.72 18.36 42.93
C ALA C 250 19.66 19.74 42.30
N LYS C 251 18.44 20.21 42.04
CA LYS C 251 18.26 21.52 41.43
C LYS C 251 18.60 22.63 42.41
N ARG C 252 18.27 22.42 43.68
CA ARG C 252 18.61 23.41 44.70
C ARG C 252 20.11 23.62 44.77
N LYS C 253 20.87 22.52 44.70
CA LYS C 253 22.32 22.62 44.70
C LYS C 253 22.80 23.41 43.49
N GLU C 254 22.24 23.08 42.32
CA GLU C 254 22.60 23.79 41.09
C GLU C 254 22.32 25.28 41.23
N TYR C 255 21.17 25.61 41.82
CA TYR C 255 20.81 27.01 42.01
C TYR C 255 21.87 27.76 42.82
N PHE C 256 22.27 27.18 43.95
CA PHE C 256 23.27 27.83 44.81
C PHE C 256 24.59 28.00 44.08
N PHE C 257 24.97 26.98 43.31
CA PHE C 257 26.24 27.00 42.58
C PHE C 257 26.23 28.00 41.43
N LYS C 258 25.05 28.27 40.86
CA LYS C 258 24.96 29.32 39.85
C LYS C 258 24.87 30.70 40.48
N TYR C 259 24.16 30.79 41.62
CA TYR C 259 23.98 32.07 42.30
C TYR C 259 25.31 32.63 42.81
N PHE C 260 26.09 31.79 43.48
CA PHE C 260 27.36 32.22 44.03
C PHE C 260 28.49 31.90 43.06
N SER C 261 29.06 32.95 42.46
CA SER C 261 30.08 32.77 41.42
C SER C 261 31.32 32.07 41.94
N ASP C 262 31.58 32.20 43.24
CA ASP C 262 32.68 31.49 43.87
C ASP C 262 32.20 30.17 44.42
N GLU C 263 32.62 29.07 43.78
CA GLU C 263 32.17 27.74 44.18
C GLU C 263 32.40 27.50 45.67
N ALA C 264 33.49 28.06 46.21
CA ALA C 264 33.78 27.86 47.62
C ALA C 264 32.66 28.42 48.48
N GLN C 265 32.06 29.52 48.03
CA GLN C 265 30.98 30.16 48.77
C GLN C 265 29.68 29.43 48.53
N ALA C 266 29.53 28.90 47.33
CA ALA C 266 28.34 28.13 46.99
C ALA C 266 28.25 26.90 47.87
N ARG C 267 29.40 26.28 48.12
CA ARG C 267 29.47 25.09 48.95
C ARG C 267 29.16 25.42 50.40
N ALA C 268 29.74 26.53 50.89
CA ALA C 268 29.49 26.92 52.27
C ALA C 268 28.04 27.31 52.47
N ALA C 269 27.47 28.04 51.52
CA ALA C 269 26.10 28.48 51.60
C ALA C 269 25.14 27.30 51.51
N PHE C 270 25.39 26.41 50.54
CA PHE C 270 24.53 25.25 50.37
C PHE C 270 24.58 24.34 51.58
N SER C 271 25.78 24.06 52.08
CA SER C 271 25.94 23.19 53.23
C SER C 271 25.25 23.77 54.46
N LEU C 272 25.41 25.06 54.70
CA LEU C 272 24.76 25.71 55.83
C LEU C 272 23.27 25.42 55.84
N ILE C 273 22.65 25.53 54.67
CA ILE C 273 21.23 25.30 54.54
C ILE C 273 20.90 23.81 54.61
N GLN C 274 21.69 22.98 53.95
CA GLN C 274 21.44 21.54 53.94
C GLN C 274 21.42 20.96 55.35
N GLU C 275 22.24 21.51 56.24
CA GLU C 275 22.28 21.08 57.65
C GLU C 275 20.98 21.43 58.37
N ASN C 276 20.25 22.41 57.85
CA ASN C 276 18.99 22.87 58.42
C ASN C 276 17.83 22.23 57.69
N GLU C 277 17.37 21.08 58.17
CA GLU C 277 16.38 20.29 57.43
C GLU C 277 15.15 21.10 57.06
N VAL C 278 14.68 21.93 57.98
CA VAL C 278 13.45 22.67 57.76
C VAL C 278 13.64 23.78 56.74
N LEU C 279 14.72 24.55 56.85
CA LEU C 279 14.97 25.62 55.90
C LEU C 279 15.30 25.04 54.52
N PHE C 280 16.05 23.94 54.51
CA PHE C 280 16.38 23.25 53.28
C PHE C 280 15.10 22.85 52.57
N THR C 281 14.16 22.28 53.33
CA THR C 281 12.88 21.89 52.78
C THR C 281 12.11 23.09 52.23
N MET C 282 12.04 24.18 52.99
CA MET C 282 11.29 25.36 52.56
C MET C 282 11.87 25.95 51.27
N CYS C 283 13.18 25.82 51.11
CA CYS C 283 13.86 26.36 49.94
C CYS C 283 13.45 25.65 48.64
N PHE C 284 12.52 24.69 48.74
CA PHE C 284 11.98 24.06 47.53
C PHE C 284 11.28 25.12 46.70
N ILE C 285 10.81 26.18 47.35
CA ILE C 285 10.22 27.30 46.64
C ILE C 285 11.32 28.27 46.23
N PRO C 286 11.50 28.50 44.92
CA PRO C 286 12.51 29.38 44.32
C PRO C 286 12.61 30.72 45.05
N LEU C 287 11.47 31.30 45.43
CA LEU C 287 11.52 32.56 46.17
C LEU C 287 12.22 32.41 47.51
N VAL C 288 12.02 31.29 48.20
CA VAL C 288 12.64 31.13 49.50
C VAL C 288 14.15 31.01 49.34
N CYS C 289 14.59 30.23 48.36
CA CYS C 289 16.04 30.07 48.17
C CYS C 289 16.67 31.38 47.69
N TRP C 290 15.89 32.20 46.99
CA TRP C 290 16.34 33.54 46.59
C TRP C 290 16.58 34.43 47.79
N ILE C 291 15.59 34.47 48.70
CA ILE C 291 15.66 35.29 49.90
C ILE C 291 16.85 34.84 50.75
N VAL C 292 16.99 33.52 50.91
CA VAL C 292 18.06 32.95 51.70
C VAL C 292 19.44 33.23 51.11
N CYS C 293 19.60 33.01 49.80
CA CYS C 293 20.89 33.24 49.17
C CYS C 293 21.28 34.71 49.23
N THR C 294 20.31 35.60 49.05
CA THR C 294 20.58 37.04 49.08
C THR C 294 21.10 37.44 50.46
N GLY C 295 20.44 36.95 51.51
CA GLY C 295 20.87 37.27 52.87
C GLY C 295 22.29 36.75 53.14
N LEU C 296 22.57 35.53 52.69
CA LEU C 296 23.89 34.94 52.89
C LEU C 296 24.96 35.71 52.12
N LYS C 297 24.62 36.16 50.91
CA LYS C 297 25.55 36.94 50.11
C LYS C 297 25.95 38.22 50.83
N GLN C 298 24.97 38.88 51.43
CA GLN C 298 25.21 40.11 52.16
C GLN C 298 26.08 39.86 53.39
N GLN C 299 25.84 38.74 54.09
CA GLN C 299 26.65 38.37 55.24
C GLN C 299 28.09 38.12 54.81
N MET C 300 28.26 37.53 53.64
CA MET C 300 29.58 37.31 53.07
C MET C 300 30.30 38.63 52.82
N GLU C 301 29.62 39.56 52.15
CA GLU C 301 30.20 40.86 51.81
C GLU C 301 30.56 41.66 53.05
N SER C 302 29.75 41.53 54.10
CA SER C 302 29.95 42.26 55.34
C SER C 302 30.95 41.60 56.29
N GLY C 303 31.48 40.44 55.92
CA GLY C 303 32.45 39.73 56.75
C GLY C 303 31.84 39.05 57.97
N LYS C 304 30.61 38.57 57.85
CA LYS C 304 29.92 37.93 58.95
C LYS C 304 30.10 36.41 58.94
N SER C 305 29.61 35.75 59.99
CA SER C 305 29.72 34.29 60.14
C SER C 305 28.81 33.51 59.20
N LEU C 306 27.85 34.21 58.59
CA LEU C 306 26.84 33.63 57.71
C LEU C 306 25.90 32.68 58.43
N ALA C 307 25.85 32.75 59.75
CA ALA C 307 24.94 31.89 60.48
C ALA C 307 23.49 32.24 60.14
N GLN C 308 22.66 31.22 60.05
CA GLN C 308 21.23 31.40 59.81
C GLN C 308 20.45 30.31 60.52
N THR C 309 19.50 30.70 61.35
CA THR C 309 18.74 29.75 62.17
C THR C 309 17.25 29.78 61.89
N SER C 310 16.86 30.27 60.71
CA SER C 310 15.45 30.36 60.37
C SER C 310 14.80 28.97 60.30
N LYS C 311 13.58 28.86 60.83
CA LYS C 311 12.83 27.61 60.80
C LYS C 311 11.48 27.75 60.12
N THR C 312 10.96 28.97 60.07
CA THR C 312 9.62 29.19 59.54
C THR C 312 9.67 30.15 58.37
N THR C 313 8.57 30.23 57.63
CA THR C 313 8.49 31.16 56.49
C THR C 313 8.61 32.57 57.03
N THR C 314 7.97 32.82 58.15
CA THR C 314 8.01 34.12 58.79
C THR C 314 9.44 34.45 59.17
N ALA C 315 10.14 33.48 59.76
CA ALA C 315 11.53 33.71 60.18
C ALA C 315 12.39 34.10 58.98
N VAL C 316 12.13 33.51 57.82
CA VAL C 316 12.89 33.85 56.61
C VAL C 316 12.63 35.30 56.20
N TYR C 317 11.37 35.70 56.23
CA TYR C 317 10.98 37.06 55.86
C TYR C 317 11.42 38.10 56.89
N VAL C 318 11.32 37.75 58.17
CA VAL C 318 11.74 38.66 59.24
C VAL C 318 13.25 38.82 59.22
N PHE C 319 13.97 37.70 59.12
CA PHE C 319 15.42 37.72 59.05
C PHE C 319 15.89 38.60 57.91
N PHE C 320 15.34 38.37 56.73
CA PHE C 320 15.73 39.12 55.56
C PHE C 320 15.44 40.60 55.73
N LEU C 321 14.22 40.95 56.14
CA LEU C 321 13.86 42.35 56.23
C LEU C 321 14.72 43.10 57.25
N SER C 322 14.89 42.50 58.42
CA SER C 322 15.63 43.17 59.47
C SER C 322 17.12 43.19 59.18
N SER C 323 17.62 42.13 58.53
CA SER C 323 19.03 42.07 58.18
C SER C 323 19.38 43.20 57.23
N LEU C 324 18.50 43.43 56.25
CA LEU C 324 18.76 44.47 55.27
C LEU C 324 18.57 45.90 55.82
N LEU C 325 17.57 46.11 56.67
CA LEU C 325 17.31 47.45 57.20
C LEU C 325 18.17 47.84 58.40
N GLN C 326 18.60 46.86 59.19
CA GLN C 326 19.34 47.15 60.41
C GLN C 326 20.53 48.11 60.24
N PRO C 327 21.38 47.98 59.21
CA PRO C 327 22.56 48.80 58.98
C PRO C 327 22.22 50.29 59.02
N LEU C 336 15.70 53.18 56.38
CA LEU C 336 16.05 52.02 57.17
C LEU C 336 14.92 51.65 58.15
N CYS C 337 15.28 51.13 59.31
CA CYS C 337 14.32 50.65 60.31
C CYS C 337 13.36 51.76 60.78
N ALA C 338 13.85 52.99 60.73
CA ALA C 338 13.11 54.16 61.21
C ALA C 338 11.80 54.37 60.45
N HIS C 339 11.72 53.85 59.24
CA HIS C 339 10.54 54.08 58.40
C HIS C 339 9.68 52.83 58.25
N LEU C 340 9.90 51.83 59.11
CA LEU C 340 9.13 50.60 59.03
C LEU C 340 7.63 50.86 59.19
N TRP C 341 7.28 51.78 60.10
CA TRP C 341 5.88 52.11 60.34
C TRP C 341 5.21 52.64 59.08
N GLY C 342 5.80 53.65 58.47
CA GLY C 342 5.20 54.28 57.30
C GLY C 342 5.01 53.28 56.19
N LEU C 343 5.99 52.39 56.02
CA LEU C 343 5.89 51.37 54.99
C LEU C 343 4.86 50.30 55.31
N CYS C 344 4.85 49.81 56.53
CA CYS C 344 3.89 48.78 56.88
C CYS C 344 2.47 49.31 56.73
N SER C 345 2.28 50.59 57.07
CA SER C 345 0.98 51.23 56.91
C SER C 345 0.64 51.31 55.43
N LEU C 346 1.61 51.64 54.59
CA LEU C 346 1.42 51.70 53.15
C LEU C 346 1.02 50.34 52.60
N ALA C 347 1.73 49.30 53.04
CA ALA C 347 1.45 47.95 52.58
C ALA C 347 0.06 47.50 52.98
N ALA C 348 -0.33 47.80 54.22
CA ALA C 348 -1.65 47.43 54.71
C ALA C 348 -2.73 48.18 53.94
N ASP C 349 -2.47 49.45 53.64
CA ASP C 349 -3.43 50.27 52.89
C ASP C 349 -3.53 49.75 51.48
N GLY C 350 -2.41 49.34 50.93
CA GLY C 350 -2.35 48.79 49.58
C GLY C 350 -3.20 47.53 49.48
N ILE C 351 -3.02 46.61 50.41
CA ILE C 351 -3.79 45.37 50.37
C ILE C 351 -5.27 45.66 50.53
N TRP C 352 -5.62 46.48 51.51
CA TRP C 352 -7.01 46.80 51.78
C TRP C 352 -7.70 47.47 50.59
N ASN C 353 -7.02 48.42 49.96
CA ASN C 353 -7.61 49.20 48.87
C ASN C 353 -7.27 48.67 47.47
N GLN C 354 -6.78 47.44 47.39
CA GLN C 354 -6.44 46.82 46.11
C GLN C 354 -5.44 47.62 45.29
N LYS C 355 -4.36 48.04 45.92
CA LYS C 355 -3.30 48.77 45.21
C LYS C 355 -1.96 48.06 45.35
N ILE C 356 -1.37 47.75 44.21
CA ILE C 356 -0.04 47.13 44.17
C ILE C 356 0.99 48.13 43.66
N LEU C 357 0.58 48.93 42.69
CA LEU C 357 1.45 49.91 42.06
C LEU C 357 1.17 51.30 42.64
N PHE C 358 2.20 51.88 43.25
CA PHE C 358 2.06 53.13 44.00
C PHE C 358 2.72 54.30 43.29
N GLU C 359 2.18 55.50 43.50
CA GLU C 359 2.79 56.71 42.94
C GLU C 359 3.58 57.45 44.01
N GLU C 360 4.31 58.49 43.60
CA GLU C 360 5.08 59.28 44.54
C GLU C 360 4.19 59.88 45.62
N SER C 361 2.94 60.18 45.25
CA SER C 361 1.97 60.73 46.19
C SER C 361 1.65 59.74 47.31
N ASP C 362 1.67 58.45 47.00
CA ASP C 362 1.32 57.45 47.99
C ASP C 362 2.47 57.24 48.95
N LEU C 363 3.69 57.41 48.43
CA LEU C 363 4.86 57.31 49.28
C LEU C 363 4.94 58.53 50.20
N ARG C 364 4.71 59.72 49.65
CA ARG C 364 4.76 60.95 50.43
C ARG C 364 3.70 60.96 51.54
N ASN C 365 2.52 60.44 51.24
CA ASN C 365 1.41 60.46 52.18
C ASN C 365 1.67 59.59 53.42
N HIS C 366 2.71 58.76 53.36
CA HIS C 366 3.07 57.92 54.50
C HIS C 366 4.41 58.33 55.08
N GLY C 367 4.88 59.52 54.68
CA GLY C 367 6.12 60.08 55.19
C GLY C 367 7.37 59.45 54.58
N LEU C 368 7.24 58.87 53.39
CA LEU C 368 8.36 58.20 52.76
C LEU C 368 8.87 59.04 51.59
N GLN C 369 9.97 59.78 51.81
CA GLN C 369 10.45 60.69 50.77
C GLN C 369 11.92 61.07 50.90
N LYS C 370 12.68 60.84 49.83
CA LYS C 370 14.10 61.21 49.74
C LYS C 370 14.93 60.71 50.92
N ALA C 371 14.66 59.49 51.36
CA ALA C 371 15.40 58.89 52.46
C ALA C 371 15.38 57.38 52.34
N ASP C 372 14.31 56.76 52.84
CA ASP C 372 14.22 55.31 52.87
C ASP C 372 13.86 54.75 51.51
N VAL C 373 13.15 55.52 50.70
CA VAL C 373 12.74 55.01 49.40
C VAL C 373 13.98 54.68 48.58
N SER C 374 14.96 55.59 48.61
CA SER C 374 16.20 55.36 47.89
C SER C 374 16.94 54.17 48.49
N ALA C 375 16.95 54.07 49.82
CA ALA C 375 17.59 52.96 50.49
C ALA C 375 16.91 51.63 50.14
N PHE C 376 15.58 51.66 50.02
CA PHE C 376 14.81 50.47 49.70
C PHE C 376 15.08 50.01 48.28
N LEU C 377 15.36 50.96 47.39
CA LEU C 377 15.69 50.66 45.99
C LEU C 377 17.13 50.15 45.87
N ARG C 378 18.03 50.65 46.72
CA ARG C 378 19.40 50.15 46.72
C ARG C 378 19.42 48.70 47.19
N MET C 379 18.59 48.40 48.18
CA MET C 379 18.48 47.07 48.75
C MET C 379 17.44 46.23 48.01
N ASN C 380 17.56 44.91 48.12
CA ASN C 380 16.56 44.02 47.52
C ASN C 380 15.28 43.97 48.34
N LEU C 381 14.54 45.07 48.32
CA LEU C 381 13.27 45.19 49.01
C LEU C 381 12.19 45.79 48.12
N PHE C 382 12.55 46.88 47.42
CA PHE C 382 11.62 47.55 46.51
C PHE C 382 12.24 47.86 45.17
N GLN C 383 11.37 48.01 44.19
CA GLN C 383 11.77 48.38 42.84
C GLN C 383 10.91 49.53 42.34
N LYS C 384 11.44 50.32 41.41
CA LYS C 384 10.71 51.49 40.93
C LYS C 384 10.11 51.26 39.55
N GLU C 385 10.08 50.00 39.12
CA GLU C 385 9.48 49.61 37.84
C GLU C 385 10.03 50.46 36.71
N VAL C 386 11.07 49.98 36.06
CA VAL C 386 11.79 50.78 35.07
C VAL C 386 11.50 50.35 33.65
N ASP C 387 10.43 49.59 33.46
CA ASP C 387 10.04 49.18 32.12
C ASP C 387 9.22 50.29 31.46
N CYS C 388 9.88 51.42 31.23
CA CYS C 388 9.27 52.60 30.61
C CYS C 388 7.95 53.00 31.26
N GLU C 389 7.95 53.12 32.59
CA GLU C 389 6.74 53.46 33.33
C GLU C 389 6.98 54.42 34.50
N LYS C 390 5.91 54.81 35.17
CA LYS C 390 5.99 55.74 36.29
C LYS C 390 5.21 55.31 37.53
N PHE C 391 5.73 54.31 38.24
CA PHE C 391 5.15 53.85 39.50
C PHE C 391 6.13 52.99 40.29
N TYR C 392 5.82 52.75 41.56
CA TYR C 392 6.67 51.95 42.45
C TYR C 392 5.96 50.68 42.90
N SER C 393 6.73 49.65 43.23
CA SER C 393 6.13 48.40 43.69
C SER C 393 7.04 47.58 44.59
N PHE C 394 6.42 46.63 45.30
CA PHE C 394 7.11 45.68 46.17
C PHE C 394 7.76 44.62 45.29
N ILE C 395 8.90 44.08 45.72
CA ILE C 395 9.53 43.03 44.91
C ILE C 395 8.65 41.77 44.80
N HIS C 396 7.87 41.49 45.82
CA HIS C 396 6.98 40.32 45.76
C HIS C 396 5.66 40.62 46.45
N MET C 397 4.59 39.93 46.04
CA MET C 397 3.30 40.09 46.71
C MET C 397 3.32 39.49 48.10
N THR C 398 4.16 38.47 48.30
CA THR C 398 4.27 37.86 49.61
C THR C 398 4.96 38.84 50.56
N PHE C 399 5.81 39.71 50.02
CA PHE C 399 6.43 40.75 50.83
C PHE C 399 5.43 41.83 51.18
N GLN C 400 4.61 42.25 50.22
CA GLN C 400 3.61 43.28 50.52
C GLN C 400 2.66 42.78 51.60
N GLU C 401 2.25 41.52 51.49
CA GLU C 401 1.38 40.91 52.49
C GLU C 401 2.09 40.75 53.84
N PHE C 402 3.38 40.42 53.79
CA PHE C 402 4.20 40.33 55.00
C PHE C 402 4.25 41.67 55.73
N PHE C 403 4.51 42.74 55.00
CA PHE C 403 4.56 44.07 55.60
C PHE C 403 3.22 44.43 56.24
N ALA C 404 2.13 44.08 55.52
CA ALA C 404 0.79 44.35 56.09
C ALA C 404 0.59 43.55 57.35
N ALA C 405 1.07 42.33 57.42
CA ALA C 405 0.99 41.50 58.60
C ALA C 405 1.68 42.16 59.80
N MET C 406 2.86 42.76 59.50
CA MET C 406 3.62 43.43 60.56
C MET C 406 2.88 44.66 61.05
N TYR C 407 2.21 45.37 60.14
CA TYR C 407 1.48 46.58 60.49
C TYR C 407 0.56 46.38 61.69
N TYR C 408 -0.19 45.29 61.67
CA TYR C 408 -1.20 45.04 62.70
C TYR C 408 -0.59 44.88 64.09
N LEU C 409 0.72 44.66 64.16
CA LEU C 409 1.41 44.46 65.43
C LEU C 409 2.26 45.65 65.88
N LEU C 410 2.35 46.69 65.05
CA LEU C 410 3.24 47.79 65.40
C LEU C 410 2.57 48.78 66.33
N GLU C 411 3.37 49.41 67.18
CA GLU C 411 2.86 50.43 68.10
C GLU C 411 1.59 49.97 68.80
N LEU C 427 -3.28 53.31 56.69
CA LEU C 427 -3.93 53.12 57.98
C LEU C 427 -5.42 52.78 57.80
N PRO C 428 -5.73 51.73 57.02
CA PRO C 428 -7.07 51.34 56.58
C PRO C 428 -7.98 50.85 57.70
N SER C 429 -7.39 50.37 58.79
CA SER C 429 -8.18 49.81 59.89
C SER C 429 -7.31 49.50 61.10
N ARG C 430 -6.29 48.69 60.87
CA ARG C 430 -5.43 48.14 61.91
C ARG C 430 -6.26 47.28 62.85
N ASP C 431 -7.21 46.56 62.27
CA ASP C 431 -8.06 45.66 63.02
C ASP C 431 -7.99 44.24 62.46
N VAL C 432 -7.42 43.33 63.26
CA VAL C 432 -7.24 41.96 62.81
C VAL C 432 -8.59 41.25 62.64
N THR C 433 -9.62 41.67 63.36
CA THR C 433 -10.91 41.03 63.18
C THR C 433 -11.36 41.22 61.73
N VAL C 434 -11.20 42.44 61.23
CA VAL C 434 -11.56 42.75 59.86
C VAL C 434 -10.67 41.98 58.90
N LEU C 435 -9.38 41.90 59.21
CA LEU C 435 -8.44 41.15 58.39
C LEU C 435 -8.89 39.70 58.20
N LEU C 436 -9.22 39.06 59.31
CA LEU C 436 -9.60 37.65 59.29
C LEU C 436 -10.94 37.42 58.59
N GLU C 437 -11.89 38.33 58.81
CA GLU C 437 -13.21 38.22 58.19
C GLU C 437 -13.14 38.28 56.66
N ASN C 438 -12.19 39.07 56.15
CA ASN C 438 -12.06 39.27 54.71
C ASN C 438 -11.11 38.26 54.07
N TYR C 439 -10.73 37.23 54.81
CA TYR C 439 -9.84 36.19 54.30
C TYR C 439 -10.43 35.53 53.06
N GLY C 440 -11.70 35.13 53.15
CA GLY C 440 -12.35 34.40 52.06
C GLY C 440 -12.85 35.31 50.95
N LYS C 441 -11.96 36.13 50.39
CA LYS C 441 -12.34 37.04 49.33
C LYS C 441 -11.28 37.18 48.24
N PHE C 442 -11.71 37.06 46.99
CA PHE C 442 -10.87 37.24 45.82
C PHE C 442 -10.36 38.67 45.73
N GLU C 443 -11.27 39.61 45.93
CA GLU C 443 -10.96 41.03 45.77
C GLU C 443 -9.81 41.48 46.66
N LYS C 444 -9.70 40.91 47.85
CA LYS C 444 -8.65 41.30 48.79
C LYS C 444 -7.36 40.51 48.61
N GLY C 445 -7.36 39.59 47.64
CA GLY C 445 -6.19 38.77 47.38
C GLY C 445 -6.09 37.56 48.28
N TYR C 446 -7.22 37.20 48.93
CA TYR C 446 -7.31 36.07 49.85
C TYR C 446 -6.55 36.27 51.17
N LEU C 447 -5.59 37.20 51.19
CA LEU C 447 -4.91 37.58 52.43
C LEU C 447 -4.31 36.36 53.12
N ILE C 448 -3.85 35.39 52.34
CA ILE C 448 -3.33 34.17 52.89
C ILE C 448 -2.07 34.42 53.69
N PHE C 449 -1.16 35.18 53.12
CA PHE C 449 0.10 35.45 53.77
C PHE C 449 -0.02 36.54 54.81
N VAL C 450 -0.99 37.44 54.66
CA VAL C 450 -1.09 38.49 55.66
C VAL C 450 -1.42 37.84 56.98
N VAL C 451 -2.39 36.92 56.95
CA VAL C 451 -2.77 36.18 58.14
C VAL C 451 -1.72 35.18 58.58
N ARG C 452 -1.16 34.41 57.64
CA ARG C 452 -0.16 33.42 58.01
C ARG C 452 1.08 34.06 58.66
N PHE C 453 1.53 35.19 58.10
CA PHE C 453 2.67 35.87 58.69
C PHE C 453 2.28 36.42 60.05
N LEU C 454 1.05 36.92 60.17
CA LEU C 454 0.59 37.43 61.46
C LEU C 454 0.68 36.33 62.50
N PHE C 455 0.29 35.11 62.15
CA PHE C 455 0.39 34.00 63.08
C PHE C 455 1.82 33.79 63.57
N GLY C 456 2.77 33.77 62.65
CA GLY C 456 4.18 33.58 62.99
C GLY C 456 4.74 34.74 63.81
N LEU C 457 4.34 35.97 63.46
CA LEU C 457 4.81 37.17 64.11
C LEU C 457 4.27 37.32 65.54
N VAL C 458 3.05 36.86 65.76
CA VAL C 458 2.45 36.96 67.09
C VAL C 458 2.98 35.88 68.02
N ASN C 459 4.07 36.22 68.70
CA ASN C 459 4.70 35.30 69.64
C ASN C 459 5.31 36.07 70.81
N GLN C 460 5.88 35.33 71.76
CA GLN C 460 6.54 35.91 72.92
C GLN C 460 8.04 35.78 72.79
N GLU C 461 8.48 34.76 72.04
CA GLU C 461 9.90 34.48 71.89
C GLU C 461 10.51 35.37 70.83
N ARG C 462 10.54 36.67 71.12
CA ARG C 462 11.02 37.68 70.20
C ARG C 462 12.32 38.31 70.66
N THR C 463 13.08 38.84 69.70
CA THR C 463 14.35 39.49 69.98
C THR C 463 14.41 40.88 69.35
N SER C 464 15.63 41.31 69.01
CA SER C 464 15.83 42.62 68.37
C SER C 464 15.58 42.49 66.87
N TYR C 465 16.26 43.34 66.10
CA TYR C 465 16.12 43.24 64.65
C TYR C 465 14.67 43.30 64.22
N LEU C 466 14.00 44.40 64.57
CA LEU C 466 12.59 44.68 64.27
C LEU C 466 11.59 43.85 65.07
N GLU C 467 12.00 42.72 65.64
CA GLU C 467 11.05 41.87 66.36
C GLU C 467 10.61 42.52 67.67
N LYS C 468 11.36 43.53 68.10
CA LYS C 468 11.06 44.27 69.33
C LYS C 468 10.10 45.42 69.06
N LYS C 469 9.74 45.63 67.79
CA LYS C 469 8.83 46.72 67.44
C LYS C 469 7.38 46.24 67.45
N LEU C 470 7.21 44.98 67.82
CA LEU C 470 5.90 44.36 67.90
C LEU C 470 5.36 44.52 69.32
N SER C 471 4.22 45.21 69.44
CA SER C 471 3.66 45.53 70.75
C SER C 471 3.12 44.30 71.45
N CYS C 472 3.44 44.18 72.74
CA CYS C 472 3.04 43.03 73.54
C CYS C 472 1.54 42.90 73.71
N LYS C 473 0.89 43.98 74.14
CA LYS C 473 -0.54 43.95 74.39
C LYS C 473 -1.30 43.62 73.13
N ILE C 474 -0.85 44.19 72.02
CA ILE C 474 -1.49 44.00 70.73
C ILE C 474 -1.35 42.56 70.28
N SER C 475 -0.15 42.01 70.42
CA SER C 475 0.10 40.63 70.04
C SER C 475 -0.75 39.67 70.87
N GLN C 476 -0.89 39.96 72.17
CA GLN C 476 -1.67 39.11 73.06
C GLN C 476 -3.15 39.11 72.69
N GLN C 477 -3.68 40.29 72.37
CA GLN C 477 -5.07 40.40 71.98
C GLN C 477 -5.32 39.65 70.68
N ILE C 478 -4.39 39.77 69.75
CA ILE C 478 -4.47 39.09 68.47
C ILE C 478 -4.34 37.59 68.63
N ARG C 479 -3.40 37.14 69.47
CA ARG C 479 -3.22 35.72 69.70
C ARG C 479 -4.54 35.07 70.07
N LEU C 480 -5.28 35.72 70.97
CA LEU C 480 -6.58 35.20 71.38
C LEU C 480 -7.58 35.17 70.23
N GLU C 481 -7.58 36.22 69.40
CA GLU C 481 -8.49 36.28 68.26
C GLU C 481 -8.14 35.23 67.21
N LEU C 482 -6.85 34.98 67.02
CA LEU C 482 -6.41 34.00 66.04
C LEU C 482 -6.84 32.59 66.44
N LEU C 483 -6.79 32.29 67.74
CA LEU C 483 -7.20 30.97 68.20
C LEU C 483 -8.71 30.78 68.01
N LYS C 484 -9.48 31.83 68.29
CA LYS C 484 -10.93 31.79 68.08
C LYS C 484 -11.26 31.62 66.60
N TRP C 485 -10.48 32.28 65.75
CA TRP C 485 -10.65 32.17 64.30
C TRP C 485 -10.47 30.72 63.88
N ILE C 486 -9.43 30.06 64.41
CA ILE C 486 -9.21 28.65 64.11
C ILE C 486 -10.40 27.83 64.55
N GLU C 487 -10.91 28.07 65.76
CA GLU C 487 -12.06 27.31 66.23
C GLU C 487 -13.23 27.40 65.27
N VAL C 488 -13.53 28.61 64.81
CA VAL C 488 -14.65 28.83 63.92
C VAL C 488 -14.46 28.15 62.57
N LYS C 489 -13.27 28.26 62.00
CA LYS C 489 -13.01 27.67 60.69
C LYS C 489 -12.77 26.17 60.78
N ALA C 490 -12.18 25.70 61.88
CA ALA C 490 -11.89 24.28 62.06
C ALA C 490 -13.18 23.47 62.11
N LYS C 491 -14.24 24.07 62.65
CA LYS C 491 -15.53 23.38 62.76
C LYS C 491 -16.31 23.42 61.45
N ALA C 492 -15.82 24.16 60.46
CA ALA C 492 -16.52 24.33 59.20
C ALA C 492 -16.08 23.27 58.18
N LYS C 493 -16.79 22.14 58.17
CA LYS C 493 -16.43 21.04 57.27
C LYS C 493 -16.98 21.31 55.88
N LYS C 494 -16.41 22.31 55.23
CA LYS C 494 -16.91 22.79 53.94
C LYS C 494 -15.78 23.01 52.93
N LEU C 495 -16.11 22.93 51.64
CA LEU C 495 -15.15 23.19 50.56
C LEU C 495 -15.33 24.58 49.96
N GLN C 496 -14.29 25.41 50.07
CA GLN C 496 -14.34 26.79 49.59
C GLN C 496 -12.94 27.42 49.59
N ILE C 497 -12.88 28.68 49.19
CA ILE C 497 -11.64 29.47 49.22
C ILE C 497 -11.13 29.73 50.65
N GLN C 498 -12.04 29.70 51.62
CA GLN C 498 -11.69 29.81 53.04
C GLN C 498 -10.98 28.50 53.42
N PRO C 499 -10.18 28.47 54.49
CA PRO C 499 -9.26 27.40 54.82
C PRO C 499 -9.93 26.04 54.73
N SER C 500 -9.22 25.11 54.08
CA SER C 500 -9.73 23.75 53.84
C SER C 500 -9.08 22.77 54.80
N GLN C 501 -8.81 23.24 56.00
CA GLN C 501 -8.16 22.47 57.06
C GLN C 501 -6.69 22.21 56.72
N LEU C 502 -6.17 22.98 55.79
CA LEU C 502 -4.75 22.94 55.44
C LEU C 502 -4.06 24.20 55.92
N GLU C 503 -4.58 25.34 55.49
CA GLU C 503 -3.99 26.64 55.80
C GLU C 503 -3.94 26.87 57.31
N LEU C 504 -4.88 26.26 58.03
CA LEU C 504 -4.93 26.39 59.48
C LEU C 504 -3.70 25.72 60.10
N PHE C 505 -3.25 24.63 59.49
CA PHE C 505 -2.10 23.89 60.01
C PHE C 505 -0.80 24.56 59.63
N TYR C 506 -0.76 25.17 58.44
CA TYR C 506 0.44 25.89 58.02
C TYR C 506 0.64 27.08 58.94
N CYS C 507 -0.47 27.72 59.34
CA CYS C 507 -0.43 28.84 60.26
C CYS C 507 0.08 28.42 61.63
N LEU C 508 -0.38 27.27 62.11
CA LEU C 508 0.06 26.72 63.39
C LEU C 508 1.52 26.30 63.33
N TYR C 509 1.98 25.82 62.18
CA TYR C 509 3.38 25.47 62.02
C TYR C 509 4.25 26.70 62.23
N GLU C 510 3.85 27.81 61.61
CA GLU C 510 4.58 29.07 61.74
C GLU C 510 4.59 29.56 63.19
N MET C 511 3.45 29.43 63.84
CA MET C 511 3.34 29.75 65.25
C MET C 511 3.75 28.54 66.08
N GLN C 512 5.04 28.23 66.03
CA GLN C 512 5.55 27.01 66.64
C GLN C 512 5.69 27.16 68.15
N GLU C 513 4.56 27.23 68.83
CA GLU C 513 4.51 27.37 70.28
C GLU C 513 3.52 26.34 70.84
N GLU C 514 3.93 25.62 71.88
CA GLU C 514 3.15 24.49 72.38
C GLU C 514 1.76 24.83 72.92
N ASP C 515 1.63 25.92 73.66
CA ASP C 515 0.33 26.24 74.25
C ASP C 515 -0.68 26.57 73.16
N PHE C 516 -0.32 27.51 72.29
CA PHE C 516 -1.21 27.94 71.23
C PHE C 516 -1.56 26.80 70.29
N VAL C 517 -0.56 26.04 69.87
CA VAL C 517 -0.78 24.97 68.90
C VAL C 517 -1.62 23.85 69.47
N GLN C 518 -1.30 23.39 70.67
CA GLN C 518 -2.02 22.28 71.25
C GLN C 518 -3.49 22.63 71.51
N ARG C 519 -3.76 23.88 71.90
CA ARG C 519 -5.14 24.32 72.09
C ARG C 519 -5.89 24.33 70.77
N ALA C 520 -5.22 24.76 69.70
CA ALA C 520 -5.84 24.81 68.39
C ALA C 520 -6.29 23.41 67.94
N MET C 521 -5.49 22.40 68.30
CA MET C 521 -5.78 21.03 67.86
C MET C 521 -7.08 20.50 68.45
N ASP C 522 -7.59 21.14 69.49
CA ASP C 522 -8.81 20.68 70.15
C ASP C 522 -10.02 20.90 69.28
N TYR C 523 -9.85 21.64 68.19
CA TYR C 523 -10.96 21.95 67.31
C TYR C 523 -10.93 21.10 66.05
N PHE C 524 -10.04 20.11 66.01
CA PHE C 524 -9.92 19.24 64.85
C PHE C 524 -10.05 17.76 65.21
N PRO C 525 -11.24 17.30 65.64
CA PRO C 525 -11.53 15.92 66.03
C PRO C 525 -11.44 14.98 64.82
N LYS C 526 -11.60 15.56 63.63
CA LYS C 526 -11.51 14.82 62.38
C LYS C 526 -10.66 15.61 61.40
N ILE C 527 -9.59 15.02 60.92
CA ILE C 527 -8.68 15.71 60.02
C ILE C 527 -8.63 15.07 58.63
N GLU C 528 -8.93 15.89 57.61
CA GLU C 528 -8.88 15.44 56.21
C GLU C 528 -7.91 16.32 55.42
N ILE C 529 -6.71 15.82 55.16
CA ILE C 529 -5.68 16.62 54.52
C ILE C 529 -5.02 15.91 53.34
N ASN C 530 -4.36 16.69 52.49
CA ASN C 530 -3.69 16.20 51.29
C ASN C 530 -2.23 16.64 51.23
N LEU C 531 -1.32 15.67 51.10
CA LEU C 531 0.11 15.94 51.09
C LEU C 531 0.71 15.72 49.70
N SER C 532 1.36 16.76 49.13
CA SER C 532 1.96 16.61 47.81
C SER C 532 3.48 16.83 47.82
N THR C 533 3.98 17.52 48.83
CA THR C 533 5.43 17.75 48.92
C THR C 533 5.99 17.49 50.31
N ARG C 534 7.32 17.61 50.42
CA ARG C 534 8.01 17.33 51.68
C ARG C 534 7.59 18.30 52.78
N MET C 535 7.35 19.56 52.40
CA MET C 535 6.95 20.56 53.37
C MET C 535 5.57 20.26 53.94
N ASP C 536 4.75 19.55 53.17
CA ASP C 536 3.40 19.22 53.62
C ASP C 536 3.47 18.13 54.65
N HIS C 537 4.39 17.19 54.43
CA HIS C 537 4.59 16.09 55.36
C HIS C 537 5.16 16.63 56.66
N MET C 538 6.06 17.60 56.53
CA MET C 538 6.69 18.23 57.68
C MET C 538 5.66 18.97 58.54
N VAL C 539 4.79 19.74 57.90
CA VAL C 539 3.75 20.48 58.61
C VAL C 539 2.73 19.53 59.23
N SER C 540 2.30 18.53 58.46
CA SER C 540 1.32 17.57 58.94
C SER C 540 1.83 16.80 60.15
N SER C 541 3.08 16.35 60.09
CA SER C 541 3.64 15.61 61.22
C SER C 541 3.70 16.47 62.47
N PHE C 542 4.11 17.72 62.33
CA PHE C 542 4.16 18.63 63.47
C PHE C 542 2.80 18.80 64.11
N CYS C 543 1.80 19.06 63.28
CA CYS C 543 0.46 19.31 63.79
C CYS C 543 -0.18 18.06 64.39
N ILE C 544 -0.09 16.93 63.71
CA ILE C 544 -0.77 15.72 64.18
C ILE C 544 -0.12 15.21 65.46
N GLU C 545 1.20 15.41 65.59
CA GLU C 545 1.95 15.00 66.78
C GLU C 545 1.40 15.68 68.03
N ASN C 546 0.85 16.88 67.86
CA ASN C 546 0.37 17.68 68.98
C ASN C 546 -1.15 17.57 69.16
N CYS C 547 -1.76 16.61 68.46
CA CYS C 547 -3.20 16.42 68.61
C CYS C 547 -3.50 15.37 69.67
N HIS C 548 -4.22 15.78 70.70
CA HIS C 548 -4.56 14.88 71.80
C HIS C 548 -6.05 14.55 71.81
N ARG C 549 -6.78 15.13 70.86
CA ARG C 549 -8.22 14.93 70.77
C ARG C 549 -8.69 14.66 69.34
N VAL C 550 -7.90 13.93 68.58
CA VAL C 550 -8.27 13.57 67.21
C VAL C 550 -8.70 12.13 67.17
N GLU C 551 -9.89 11.88 66.63
CA GLU C 551 -10.42 10.52 66.59
C GLU C 551 -10.15 9.84 65.27
N SER C 552 -10.20 10.61 64.18
CA SER C 552 -9.96 10.03 62.87
C SER C 552 -9.11 10.93 62.00
N LEU C 553 -8.34 10.30 61.13
CA LEU C 553 -7.46 11.00 60.20
C LEU C 553 -7.53 10.39 58.82
N SER C 554 -7.69 11.25 57.81
CA SER C 554 -7.67 10.84 56.43
C SER C 554 -6.51 11.53 55.70
N LEU C 555 -5.60 10.73 55.17
CA LEU C 555 -4.44 11.29 54.49
C LEU C 555 -4.46 10.98 53.01
N GLY C 556 -4.56 12.03 52.21
CA GLY C 556 -4.49 11.87 50.77
C GLY C 556 -3.04 12.07 50.34
N PHE C 557 -2.56 11.21 49.46
CA PHE C 557 -1.19 11.35 48.99
C PHE C 557 -1.14 11.63 47.51
N LEU C 558 -0.40 12.66 47.14
CA LEU C 558 -0.25 13.09 45.75
C LEU C 558 1.18 12.86 45.29
N HIS C 559 1.37 12.76 43.98
CA HIS C 559 2.71 12.55 43.44
C HIS C 559 3.68 13.53 44.09
N ASN C 560 4.74 12.99 44.68
CA ASN C 560 5.74 13.78 45.39
C ASN C 560 7.07 13.76 44.66
N LEU C 599 4.29 8.22 44.03
CA LEU C 599 4.45 7.93 45.45
C LEU C 599 5.31 6.69 45.67
N THR C 600 4.70 5.61 46.15
CA THR C 600 5.45 4.39 46.49
C THR C 600 6.82 4.72 47.05
N SER C 601 6.86 5.40 48.19
CA SER C 601 8.12 5.84 48.78
C SER C 601 8.06 5.82 50.29
N SER C 602 9.19 6.11 50.92
CA SER C 602 9.32 6.14 52.37
C SER C 602 8.92 7.49 52.96
N PHE C 603 8.47 8.40 52.10
CA PHE C 603 8.10 9.74 52.56
C PHE C 603 7.00 9.66 53.61
N CYS C 604 6.08 8.72 53.42
CA CYS C 604 4.94 8.54 54.32
C CYS C 604 5.38 8.11 55.71
N ARG C 605 6.63 7.67 55.85
CA ARG C 605 7.17 7.26 57.14
C ARG C 605 7.10 8.41 58.12
N GLY C 606 7.26 9.64 57.63
CA GLY C 606 7.25 10.82 58.46
C GLY C 606 5.91 11.02 59.15
N LEU C 607 4.87 10.39 58.62
CA LEU C 607 3.55 10.48 59.22
C LEU C 607 3.24 9.22 60.00
N PHE C 608 3.48 8.07 59.39
CA PHE C 608 3.09 6.80 60.00
C PHE C 608 3.82 6.59 61.32
N SER C 609 5.08 7.01 61.38
CA SER C 609 5.88 6.90 62.60
C SER C 609 5.26 7.71 63.74
N VAL C 610 4.69 8.87 63.39
CA VAL C 610 4.07 9.77 64.35
C VAL C 610 2.68 9.31 64.74
N LEU C 611 1.90 8.87 63.75
CA LEU C 611 0.52 8.49 64.00
C LEU C 611 0.42 7.33 64.97
N SER C 612 1.38 6.41 64.88
CA SER C 612 1.41 5.22 65.71
C SER C 612 1.65 5.53 67.19
N THR C 613 2.05 6.75 67.50
CA THR C 613 2.27 7.12 68.90
C THR C 613 1.11 7.95 69.45
N SER C 614 0.10 8.20 68.63
CA SER C 614 -1.06 8.97 69.05
C SER C 614 -1.90 8.20 70.05
N GLN C 615 -2.39 8.88 71.06
CA GLN C 615 -3.20 8.22 72.07
C GLN C 615 -4.70 8.51 71.88
N SER C 616 -5.05 9.21 70.80
CA SER C 616 -6.45 9.51 70.55
C SER C 616 -6.93 8.97 69.20
N LEU C 617 -6.01 8.73 68.28
CA LEU C 617 -6.40 8.31 66.93
C LEU C 617 -6.94 6.89 66.94
N THR C 618 -8.15 6.71 66.42
CA THR C 618 -8.79 5.41 66.36
C THR C 618 -8.87 4.89 64.93
N GLU C 619 -9.16 5.78 63.99
CA GLU C 619 -9.37 5.39 62.60
C GLU C 619 -8.44 6.09 61.62
N LEU C 620 -7.72 5.29 60.83
CA LEU C 620 -6.83 5.84 59.80
C LEU C 620 -7.33 5.48 58.40
N ASP C 621 -7.64 6.51 57.63
CA ASP C 621 -8.18 6.35 56.27
C ASP C 621 -7.15 6.70 55.20
N LEU C 622 -6.73 5.70 54.44
CA LEU C 622 -5.75 5.87 53.38
C LEU C 622 -6.35 5.51 52.02
N SER C 623 -7.63 5.84 51.84
CA SER C 623 -8.34 5.49 50.61
C SER C 623 -7.76 6.12 49.35
N ASP C 624 -7.72 5.30 48.30
CA ASP C 624 -7.32 5.67 46.95
C ASP C 624 -5.98 6.38 46.85
N ASN C 625 -5.02 5.92 47.65
CA ASN C 625 -3.68 6.46 47.58
C ASN C 625 -2.75 5.48 46.90
N SER C 626 -1.96 5.95 45.93
CA SER C 626 -1.04 5.08 45.21
C SER C 626 0.20 4.74 46.04
N LEU C 627 -0.04 4.08 47.16
CA LEU C 627 1.02 3.60 48.02
C LEU C 627 1.24 2.13 47.74
N GLY C 628 2.36 1.81 47.10
CA GLY C 628 2.61 0.44 46.68
C GLY C 628 3.09 -0.35 47.88
N ASP C 629 3.49 -1.58 47.64
CA ASP C 629 3.87 -2.46 48.74
C ASP C 629 4.83 -1.78 49.73
N PRO C 630 5.89 -1.06 49.28
CA PRO C 630 6.80 -0.31 50.12
C PRO C 630 6.09 0.65 51.08
N GLY C 631 4.97 1.22 50.63
CA GLY C 631 4.22 2.15 51.47
C GLY C 631 3.45 1.39 52.53
N MET C 632 3.01 0.19 52.15
CA MET C 632 2.26 -0.66 53.06
C MET C 632 3.20 -1.27 54.09
N ARG C 633 4.44 -1.53 53.67
CA ARG C 633 5.42 -2.08 54.60
C ARG C 633 5.76 -1.05 55.68
N VAL C 634 5.91 0.21 55.29
CA VAL C 634 6.18 1.25 56.27
C VAL C 634 5.04 1.35 57.25
N LEU C 635 3.81 1.32 56.73
CA LEU C 635 2.63 1.37 57.59
C LEU C 635 2.60 0.18 58.53
N CYS C 636 2.87 -1.01 57.99
CA CYS C 636 2.81 -2.23 58.78
C CYS C 636 3.87 -2.27 59.87
N GLU C 637 5.02 -1.63 59.65
CA GLU C 637 6.02 -1.56 60.70
C GLU C 637 5.49 -0.71 61.86
N THR C 638 4.87 0.41 61.53
CA THR C 638 4.36 1.34 62.53
C THR C 638 3.11 0.82 63.22
N LEU C 639 2.35 -0.02 62.54
CA LEU C 639 1.12 -0.59 63.12
C LEU C 639 1.42 -1.63 64.18
N GLN C 640 2.69 -2.00 64.34
CA GLN C 640 3.06 -2.98 65.35
C GLN C 640 3.46 -2.30 66.66
N HIS C 641 3.47 -0.97 66.67
CA HIS C 641 3.80 -0.23 67.89
C HIS C 641 2.73 -0.51 68.95
N PRO C 642 3.12 -0.82 70.19
CA PRO C 642 2.24 -1.17 71.30
C PRO C 642 1.33 -0.02 71.73
N GLY C 643 1.66 1.20 71.33
CA GLY C 643 0.89 2.38 71.70
C GLY C 643 -0.02 2.88 70.58
N CYS C 644 -0.19 2.09 69.53
CA CYS C 644 -0.98 2.52 68.36
C CYS C 644 -2.38 3.00 68.71
N ASN C 645 -3.16 2.15 69.38
CA ASN C 645 -4.55 2.44 69.72
C ASN C 645 -5.45 2.57 68.48
N ILE C 646 -4.94 2.13 67.34
CA ILE C 646 -5.71 2.18 66.10
C ILE C 646 -6.61 0.97 66.03
N ARG C 647 -7.90 1.21 65.84
CA ARG C 647 -8.86 0.11 65.84
C ARG C 647 -9.40 -0.14 64.43
N ARG C 648 -9.39 0.91 63.60
CA ARG C 648 -9.94 0.78 62.25
C ARG C 648 -8.96 1.29 61.20
N LEU C 649 -8.67 0.44 60.21
CA LEU C 649 -7.78 0.81 59.12
C LEU C 649 -8.44 0.57 57.77
N TRP C 650 -8.57 1.62 56.97
CA TRP C 650 -9.26 1.50 55.69
C TRP C 650 -8.35 1.82 54.52
N LEU C 651 -8.30 0.90 53.55
CA LEU C 651 -7.52 1.08 52.34
C LEU C 651 -8.48 1.23 51.15
N GLY C 652 -8.05 1.92 50.10
CA GLY C 652 -8.87 2.08 48.91
C GLY C 652 -8.16 1.51 47.68
N ARG C 653 -8.34 2.15 46.53
CA ARG C 653 -7.74 1.65 45.30
C ARG C 653 -6.25 1.95 45.29
N CYS C 654 -5.52 1.26 46.15
CA CYS C 654 -4.09 1.50 46.33
C CYS C 654 -3.24 0.62 45.44
N GLY C 655 -3.83 -0.44 44.88
CA GLY C 655 -3.10 -1.35 44.02
C GLY C 655 -2.14 -2.25 44.79
N LEU C 656 -2.50 -2.60 46.02
CA LEU C 656 -1.63 -3.43 46.83
C LEU C 656 -1.50 -4.82 46.20
N SER C 657 -0.30 -5.39 46.24
CA SER C 657 -0.09 -6.71 45.67
C SER C 657 -0.22 -7.79 46.73
N HIS C 658 -0.38 -9.03 46.27
CA HIS C 658 -0.49 -10.18 47.17
C HIS C 658 0.73 -10.29 48.07
N GLU C 659 1.83 -9.72 47.63
CA GLU C 659 3.06 -9.77 48.40
C GLU C 659 2.93 -9.07 49.75
N CYS C 660 2.13 -8.00 49.79
CA CYS C 660 2.03 -7.18 50.99
C CYS C 660 1.28 -7.90 52.10
N CYS C 661 0.65 -9.02 51.78
CA CYS C 661 -0.12 -9.75 52.78
C CYS C 661 0.79 -10.36 53.83
N PHE C 662 2.09 -10.45 53.53
CA PHE C 662 3.04 -10.94 54.52
C PHE C 662 3.08 -9.98 55.69
N ASP C 663 3.17 -8.69 55.37
CA ASP C 663 3.31 -7.64 56.38
C ASP C 663 1.97 -7.35 57.05
N ILE C 664 0.88 -7.52 56.31
CA ILE C 664 -0.44 -7.36 56.91
C ILE C 664 -0.62 -8.43 57.97
N SER C 665 -0.19 -9.65 57.64
CA SER C 665 -0.25 -10.78 58.56
C SER C 665 0.60 -10.51 59.81
N LEU C 666 1.79 -9.93 59.62
CA LEU C 666 2.65 -9.60 60.76
C LEU C 666 1.95 -8.64 61.71
N VAL C 667 1.17 -7.72 61.16
CA VAL C 667 0.42 -6.79 62.01
C VAL C 667 -0.69 -7.52 62.75
N LEU C 668 -1.43 -8.35 62.05
CA LEU C 668 -2.55 -9.07 62.65
C LEU C 668 -2.09 -9.98 63.80
N SER C 669 -0.91 -10.58 63.64
CA SER C 669 -0.38 -11.50 64.63
C SER C 669 0.07 -10.84 65.95
N SER C 670 0.24 -9.52 65.95
CA SER C 670 0.74 -8.86 67.16
C SER C 670 -0.13 -7.67 67.60
N ASN C 671 -0.86 -7.08 66.65
CA ASN C 671 -1.72 -5.94 66.97
C ASN C 671 -3.08 -6.46 67.41
N GLN C 672 -3.33 -6.38 68.71
CA GLN C 672 -4.52 -6.94 69.31
C GLN C 672 -5.64 -5.92 69.40
N LYS C 673 -5.42 -4.75 68.82
CA LYS C 673 -6.40 -3.66 68.89
C LYS C 673 -7.20 -3.54 67.60
N LEU C 674 -6.58 -3.90 66.48
CA LEU C 674 -7.25 -3.74 65.19
C LEU C 674 -8.52 -4.59 65.13
N VAL C 675 -9.63 -3.93 64.80
CA VAL C 675 -10.94 -4.57 64.71
C VAL C 675 -11.45 -4.63 63.27
N GLU C 676 -11.28 -3.53 62.55
CA GLU C 676 -11.80 -3.42 61.19
C GLU C 676 -10.68 -3.20 60.17
N LEU C 677 -10.58 -4.09 59.19
CA LEU C 677 -9.55 -3.99 58.17
C LEU C 677 -10.12 -4.17 56.77
N ASP C 678 -10.11 -3.09 55.99
CA ASP C 678 -10.65 -3.13 54.63
C ASP C 678 -9.54 -3.19 53.59
N LEU C 679 -9.41 -4.35 52.95
CA LEU C 679 -8.35 -4.60 51.97
C LEU C 679 -8.90 -4.67 50.55
N SER C 680 -10.10 -4.14 50.35
CA SER C 680 -10.77 -4.19 49.05
C SER C 680 -10.09 -3.33 48.00
N ASP C 681 -10.44 -3.57 46.75
CA ASP C 681 -9.90 -2.82 45.60
C ASP C 681 -8.38 -2.91 45.49
N ASN C 682 -7.86 -4.11 45.70
CA ASN C 682 -6.44 -4.39 45.59
C ASN C 682 -6.22 -5.66 44.78
N ALA C 683 -4.96 -6.07 44.62
CA ALA C 683 -4.63 -7.25 43.83
C ALA C 683 -4.22 -8.39 44.74
N LEU C 684 -4.88 -8.50 45.88
CA LEU C 684 -4.53 -9.51 46.87
C LEU C 684 -5.19 -10.83 46.50
N GLY C 685 -4.66 -11.48 45.48
CA GLY C 685 -5.27 -12.68 44.92
C GLY C 685 -5.17 -13.88 45.87
N ASP C 686 -5.54 -15.05 45.37
CA ASP C 686 -5.64 -16.25 46.21
C ASP C 686 -4.40 -16.49 47.05
N PHE C 687 -3.21 -16.26 46.49
CA PHE C 687 -2.00 -16.42 47.29
C PHE C 687 -2.00 -15.46 48.47
N GLY C 688 -2.35 -14.20 48.19
CA GLY C 688 -2.34 -13.19 49.22
C GLY C 688 -3.26 -13.59 50.36
N ILE C 689 -4.36 -14.23 50.01
CA ILE C 689 -5.30 -14.69 51.03
C ILE C 689 -4.73 -15.88 51.80
N ARG C 690 -4.14 -16.83 51.09
CA ARG C 690 -3.51 -17.99 51.74
C ARG C 690 -2.51 -17.51 52.79
N LEU C 691 -1.72 -16.50 52.42
CA LEU C 691 -0.73 -15.92 53.31
C LEU C 691 -1.37 -15.04 54.39
N LEU C 692 -2.37 -14.26 54.01
CA LEU C 692 -3.06 -13.38 54.96
C LEU C 692 -3.69 -14.20 56.08
N CYS C 693 -4.24 -15.35 55.71
CA CYS C 693 -4.94 -16.22 56.65
C CYS C 693 -4.04 -16.71 57.77
N VAL C 694 -2.73 -16.58 57.59
CA VAL C 694 -1.80 -16.95 58.64
C VAL C 694 -1.99 -16.04 59.85
N GLY C 695 -2.19 -14.75 59.57
CA GLY C 695 -2.41 -13.78 60.63
C GLY C 695 -3.83 -13.87 61.16
N LEU C 696 -4.78 -14.17 60.28
CA LEU C 696 -6.19 -14.23 60.66
C LEU C 696 -6.46 -15.40 61.60
N LYS C 697 -5.73 -16.50 61.42
CA LYS C 697 -5.86 -17.68 62.28
C LYS C 697 -4.98 -17.60 63.52
N HIS C 698 -4.20 -16.53 63.63
CA HIS C 698 -3.23 -16.40 64.69
C HIS C 698 -3.90 -16.11 66.04
N LEU C 699 -3.33 -16.67 67.09
CA LEU C 699 -3.85 -16.44 68.43
C LEU C 699 -3.81 -14.96 68.76
N LEU C 700 -4.83 -14.50 69.46
CA LEU C 700 -4.99 -13.10 69.87
C LEU C 700 -5.27 -12.15 68.72
N CYS C 701 -5.58 -12.69 67.55
CA CYS C 701 -6.01 -11.84 66.45
C CYS C 701 -7.47 -11.49 66.65
N ASN C 702 -7.74 -10.21 66.88
CA ASN C 702 -9.08 -9.77 67.25
C ASN C 702 -9.84 -9.13 66.10
N LEU C 703 -9.35 -9.31 64.89
CA LEU C 703 -10.03 -8.70 63.74
C LEU C 703 -11.45 -9.25 63.63
N LYS C 704 -12.43 -8.35 63.53
CA LYS C 704 -13.82 -8.78 63.46
C LYS C 704 -14.41 -8.58 62.07
N LYS C 705 -14.02 -7.50 61.41
CA LYS C 705 -14.58 -7.18 60.10
C LYS C 705 -13.51 -7.18 59.02
N LEU C 706 -13.65 -8.09 58.06
CA LEU C 706 -12.68 -8.22 56.99
C LEU C 706 -13.32 -8.06 55.61
N TRP C 707 -12.84 -7.09 54.84
CA TRP C 707 -13.34 -6.88 53.49
C TRP C 707 -12.31 -7.30 52.44
N LEU C 708 -12.66 -8.31 51.64
CA LEU C 708 -11.80 -8.81 50.59
C LEU C 708 -12.50 -8.65 49.25
N VAL C 709 -13.31 -7.62 49.16
CA VAL C 709 -14.09 -7.31 47.97
C VAL C 709 -13.20 -6.81 46.83
N SER C 710 -13.47 -7.31 45.63
CA SER C 710 -12.70 -6.94 44.43
C SER C 710 -11.21 -7.17 44.64
N CYS C 711 -10.83 -8.39 45.04
CA CYS C 711 -9.44 -8.71 45.30
C CYS C 711 -8.91 -9.81 44.38
N CYS C 712 -9.51 -9.93 43.21
CA CYS C 712 -9.08 -10.91 42.22
C CYS C 712 -9.03 -12.31 42.79
N LEU C 713 -10.04 -12.68 43.56
CA LEU C 713 -10.09 -14.00 44.19
C LEU C 713 -10.91 -14.99 43.40
N THR C 714 -10.58 -16.27 43.54
CA THR C 714 -11.38 -17.34 42.95
C THR C 714 -11.85 -18.29 44.03
N SER C 715 -12.58 -19.32 43.62
CA SER C 715 -13.12 -20.31 44.55
C SER C 715 -12.02 -21.02 45.34
N ALA C 716 -10.80 -21.00 44.81
CA ALA C 716 -9.69 -21.67 45.45
C ALA C 716 -9.43 -21.10 46.85
N CYS C 717 -9.65 -19.80 47.02
CA CYS C 717 -9.32 -19.14 48.28
C CYS C 717 -10.30 -19.50 49.39
N CYS C 718 -11.42 -20.11 49.01
CA CYS C 718 -12.44 -20.43 49.98
C CYS C 718 -11.97 -21.46 50.98
N GLN C 719 -10.97 -22.26 50.59
CA GLN C 719 -10.47 -23.28 51.50
C GLN C 719 -9.81 -22.64 52.71
N ASP C 720 -9.10 -21.54 52.48
CA ASP C 720 -8.40 -20.87 53.56
C ASP C 720 -9.32 -19.93 54.32
N LEU C 721 -10.26 -19.32 53.61
CA LEU C 721 -11.21 -18.42 54.26
C LEU C 721 -12.14 -19.20 55.17
N ALA C 722 -12.52 -20.40 54.74
CA ALA C 722 -13.37 -21.25 55.54
C ALA C 722 -12.63 -21.66 56.81
N SER C 723 -11.34 -21.94 56.68
CA SER C 723 -10.51 -22.31 57.82
C SER C 723 -10.41 -21.16 58.81
N VAL C 724 -10.30 -19.93 58.29
CA VAL C 724 -10.23 -18.76 59.17
C VAL C 724 -11.52 -18.60 59.97
N LEU C 725 -12.65 -18.71 59.29
CA LEU C 725 -13.93 -18.51 59.95
C LEU C 725 -14.15 -19.56 61.04
N SER C 726 -13.77 -20.80 60.77
CA SER C 726 -13.90 -21.86 61.76
C SER C 726 -12.88 -21.72 62.90
N THR C 727 -11.62 -21.45 62.53
CA THR C 727 -10.52 -21.38 63.48
C THR C 727 -10.60 -20.18 64.41
N SER C 728 -10.88 -19.01 63.86
CA SER C 728 -10.90 -17.80 64.67
C SER C 728 -12.23 -17.58 65.37
N HIS C 729 -12.15 -17.17 66.63
CA HIS C 729 -13.33 -16.85 67.42
C HIS C 729 -13.74 -15.39 67.23
N SER C 730 -12.90 -14.64 66.54
CA SER C 730 -13.09 -13.20 66.41
C SER C 730 -13.70 -12.73 65.09
N LEU C 731 -13.65 -13.54 64.04
CA LEU C 731 -14.17 -13.09 62.75
C LEU C 731 -15.68 -13.26 62.67
N THR C 732 -16.40 -12.16 62.51
CA THR C 732 -17.86 -12.20 62.48
C THR C 732 -18.42 -11.64 61.18
N ARG C 733 -17.65 -10.79 60.51
CA ARG C 733 -18.10 -10.17 59.28
C ARG C 733 -17.13 -10.43 58.14
N LEU C 734 -17.61 -11.09 57.08
CA LEU C 734 -16.73 -11.42 55.96
C LEU C 734 -17.36 -11.07 54.62
N TYR C 735 -16.73 -10.14 53.90
CA TYR C 735 -17.23 -9.70 52.60
C TYR C 735 -16.27 -10.12 51.49
N VAL C 736 -16.75 -10.96 50.57
CA VAL C 736 -15.89 -11.51 49.53
C VAL C 736 -16.47 -11.40 48.12
N GLY C 737 -17.42 -10.50 47.92
CA GLY C 737 -18.05 -10.36 46.61
C GLY C 737 -17.14 -9.61 45.64
N GLU C 738 -17.61 -9.44 44.41
CA GLU C 738 -16.85 -8.81 43.33
C GLU C 738 -15.61 -9.63 43.03
N ASN C 739 -15.77 -10.95 43.09
CA ASN C 739 -14.71 -11.91 42.84
C ASN C 739 -15.27 -13.06 42.00
N ALA C 740 -14.58 -14.20 41.98
CA ALA C 740 -15.03 -15.36 41.22
C ALA C 740 -15.33 -16.54 42.14
N LEU C 741 -15.83 -16.25 43.34
CA LEU C 741 -16.15 -17.30 44.31
C LEU C 741 -17.54 -17.88 44.03
N GLY C 742 -17.64 -18.64 42.94
CA GLY C 742 -18.92 -19.18 42.48
C GLY C 742 -19.39 -20.33 43.35
N ASP C 743 -20.43 -21.04 42.91
CA ASP C 743 -21.06 -22.08 43.70
C ASP C 743 -20.08 -23.11 44.29
N SER C 744 -19.05 -23.47 43.52
CA SER C 744 -18.08 -24.45 43.98
C SER C 744 -17.21 -23.89 45.11
N GLY C 745 -17.19 -22.57 45.22
CA GLY C 745 -16.41 -21.86 46.24
C GLY C 745 -17.22 -21.68 47.50
N VAL C 746 -18.42 -21.14 47.35
CA VAL C 746 -19.27 -20.88 48.51
C VAL C 746 -19.61 -22.18 49.23
N ALA C 747 -19.68 -23.27 48.48
CA ALA C 747 -19.95 -24.57 49.08
C ALA C 747 -18.92 -24.89 50.16
N ILE C 748 -17.68 -24.45 49.94
CA ILE C 748 -16.61 -24.66 50.89
C ILE C 748 -16.83 -23.78 52.11
N LEU C 749 -17.18 -22.53 51.87
CA LEU C 749 -17.43 -21.60 52.95
C LEU C 749 -18.60 -22.08 53.79
N CYS C 750 -19.63 -22.62 53.12
CA CYS C 750 -20.84 -23.11 53.79
C CYS C 750 -20.54 -24.31 54.67
N GLU C 751 -19.68 -25.20 54.18
CA GLU C 751 -19.34 -26.40 54.94
C GLU C 751 -18.83 -26.04 56.34
N LYS C 752 -18.09 -24.94 56.43
CA LYS C 752 -17.60 -24.53 57.74
C LYS C 752 -18.49 -23.47 58.39
N ALA C 753 -19.13 -22.63 57.58
CA ALA C 753 -19.98 -21.56 58.10
C ALA C 753 -21.18 -22.12 58.85
N LYS C 754 -21.67 -23.29 58.41
CA LYS C 754 -22.82 -23.94 59.03
C LYS C 754 -22.51 -24.47 60.42
N ASN C 755 -21.24 -24.58 60.78
CA ASN C 755 -20.89 -25.14 62.08
C ASN C 755 -21.69 -24.43 63.18
N PRO C 756 -22.36 -25.15 64.07
CA PRO C 756 -23.14 -24.64 65.19
C PRO C 756 -22.35 -23.66 66.07
N GLN C 757 -21.02 -23.77 66.06
CA GLN C 757 -20.16 -22.91 66.85
C GLN C 757 -19.60 -21.73 66.05
N CYS C 758 -20.04 -21.61 64.81
CA CYS C 758 -19.61 -20.54 63.91
C CYS C 758 -20.08 -19.19 64.42
N ASN C 759 -19.21 -18.20 64.36
CA ASN C 759 -19.54 -16.86 64.84
C ASN C 759 -19.86 -15.89 63.71
N LEU C 760 -20.09 -16.41 62.52
CA LEU C 760 -20.41 -15.54 61.38
C LEU C 760 -21.73 -14.83 61.60
N GLN C 761 -21.71 -13.51 61.44
CA GLN C 761 -22.91 -12.69 61.59
C GLN C 761 -23.36 -12.11 60.25
N LYS C 762 -22.42 -11.71 59.41
CA LYS C 762 -22.77 -11.16 58.10
C LYS C 762 -22.06 -11.89 56.97
N LEU C 763 -22.84 -12.44 56.05
CA LEU C 763 -22.30 -13.20 54.93
C LEU C 763 -22.36 -12.40 53.63
N GLY C 764 -21.22 -11.80 53.26
CA GLY C 764 -21.13 -10.89 52.11
C GLY C 764 -20.88 -11.60 50.78
N LEU C 765 -21.82 -12.43 50.38
CA LEU C 765 -21.76 -13.13 49.10
C LEU C 765 -22.49 -12.37 48.02
N VAL C 766 -21.96 -11.19 47.67
CA VAL C 766 -22.67 -10.29 46.77
C VAL C 766 -22.39 -10.67 45.31
N ASN C 767 -21.46 -9.99 44.67
CA ASN C 767 -21.20 -10.31 43.28
C ASN C 767 -20.23 -11.47 43.18
N SER C 768 -20.76 -12.68 43.34
CA SER C 768 -19.96 -13.89 43.32
C SER C 768 -20.36 -14.81 42.18
N GLY C 769 -21.45 -14.47 41.48
CA GLY C 769 -21.92 -15.27 40.36
C GLY C 769 -22.56 -16.58 40.81
N LEU C 770 -23.21 -16.57 41.97
CA LEU C 770 -23.82 -17.78 42.52
C LEU C 770 -25.15 -18.10 41.84
N THR C 771 -25.47 -19.39 41.76
CA THR C 771 -26.77 -19.80 41.26
C THR C 771 -27.49 -20.74 42.24
N SER C 772 -28.50 -21.45 41.74
CA SER C 772 -29.36 -22.30 42.56
C SER C 772 -28.63 -23.52 43.15
N VAL C 773 -27.52 -23.92 42.53
CA VAL C 773 -26.81 -25.13 42.95
C VAL C 773 -26.33 -25.06 44.38
N CYS C 774 -25.72 -23.94 44.76
CA CYS C 774 -25.19 -23.76 46.10
C CYS C 774 -26.25 -23.37 47.12
N CYS C 775 -27.48 -23.16 46.68
CA CYS C 775 -28.49 -22.66 47.59
C CYS C 775 -28.87 -23.70 48.65
N SER C 776 -28.67 -24.98 48.35
CA SER C 776 -28.91 -26.01 49.35
C SER C 776 -27.84 -25.96 50.44
N ALA C 777 -26.63 -25.51 50.07
CA ALA C 777 -25.56 -25.36 51.04
C ALA C 777 -25.84 -24.17 51.94
N LEU C 778 -26.39 -23.10 51.33
CA LEU C 778 -26.76 -21.93 52.09
C LEU C 778 -27.89 -22.29 53.05
N SER C 779 -28.81 -23.14 52.59
CA SER C 779 -29.92 -23.55 53.42
C SER C 779 -29.42 -24.20 54.71
N SER C 780 -28.43 -25.08 54.58
CA SER C 780 -27.83 -25.74 55.74
C SER C 780 -27.19 -24.74 56.68
N VAL C 781 -26.59 -23.69 56.13
CA VAL C 781 -25.96 -22.67 56.98
C VAL C 781 -27.01 -21.89 57.75
N LEU C 782 -28.04 -21.43 57.06
CA LEU C 782 -29.05 -20.57 57.67
C LEU C 782 -29.84 -21.28 58.76
N SER C 783 -30.08 -22.57 58.57
CA SER C 783 -30.84 -23.36 59.53
C SER C 783 -29.99 -23.88 60.68
N THR C 784 -28.66 -23.68 60.62
CA THR C 784 -27.78 -24.23 61.64
C THR C 784 -27.08 -23.14 62.43
N ASN C 785 -26.54 -22.14 61.73
CA ASN C 785 -25.81 -21.06 62.38
C ASN C 785 -26.77 -19.97 62.86
N GLN C 786 -26.99 -19.94 64.17
CA GLN C 786 -27.96 -19.04 64.78
C GLN C 786 -27.40 -17.65 64.98
N ASN C 787 -26.11 -17.48 64.66
CA ASN C 787 -25.47 -16.18 64.80
C ASN C 787 -25.51 -15.40 63.51
N LEU C 788 -26.06 -16.00 62.45
CA LEU C 788 -26.07 -15.35 61.14
C LEU C 788 -27.32 -14.51 60.99
N THR C 789 -27.13 -13.20 60.90
CA THR C 789 -28.26 -12.28 60.89
C THR C 789 -28.43 -11.51 59.58
N HIS C 790 -27.38 -11.45 58.75
CA HIS C 790 -27.49 -10.71 57.49
C HIS C 790 -26.96 -11.47 56.27
N LEU C 791 -27.80 -11.54 55.22
CA LEU C 791 -27.39 -12.10 53.93
C LEU C 791 -27.42 -11.05 52.83
N TYR C 792 -26.33 -10.96 52.08
CA TYR C 792 -26.25 -10.05 50.95
C TYR C 792 -25.99 -10.81 49.67
N LEU C 793 -27.05 -11.12 48.91
CA LEU C 793 -26.93 -12.00 47.75
C LEU C 793 -27.10 -11.28 46.40
N ARG C 794 -26.96 -9.97 46.42
CA ARG C 794 -27.08 -9.15 45.22
C ARG C 794 -25.95 -9.40 44.22
N GLY C 795 -26.28 -9.55 42.94
CA GLY C 795 -25.28 -9.72 41.90
C GLY C 795 -25.25 -11.16 41.41
N ASN C 796 -25.96 -12.03 42.12
CA ASN C 796 -26.02 -13.44 41.77
C ASN C 796 -27.18 -13.72 40.81
N THR C 797 -27.32 -14.97 40.39
CA THR C 797 -28.42 -15.35 39.51
C THR C 797 -29.06 -16.63 40.02
N LEU C 798 -29.87 -16.51 41.06
CA LEU C 798 -30.43 -17.64 41.77
C LEU C 798 -31.66 -18.21 41.08
N GLY C 799 -32.47 -17.31 40.52
CA GLY C 799 -33.71 -17.73 39.88
C GLY C 799 -34.72 -18.14 40.93
N ASP C 800 -35.83 -18.72 40.49
CA ASP C 800 -36.89 -19.12 41.40
C ASP C 800 -36.45 -20.31 42.23
N LYS C 801 -35.74 -21.23 41.60
CA LYS C 801 -35.24 -22.42 42.29
C LYS C 801 -34.30 -22.04 43.42
N GLY C 802 -33.40 -21.10 43.17
CA GLY C 802 -32.44 -20.69 44.18
C GLY C 802 -33.12 -20.10 45.41
N ILE C 803 -34.05 -19.17 45.19
CA ILE C 803 -34.75 -18.57 46.32
C ILE C 803 -35.64 -19.58 47.04
N LYS C 804 -36.22 -20.53 46.29
CA LYS C 804 -37.03 -21.57 46.91
C LYS C 804 -36.20 -22.38 47.89
N LEU C 805 -35.00 -22.78 47.47
CA LEU C 805 -34.11 -23.55 48.33
C LEU C 805 -33.70 -22.74 49.54
N LEU C 806 -33.42 -21.45 49.34
CA LEU C 806 -33.04 -20.61 50.46
C LEU C 806 -34.20 -20.48 51.43
N CYS C 807 -35.42 -20.30 50.90
CA CYS C 807 -36.60 -20.17 51.74
C CYS C 807 -36.78 -21.40 52.61
N GLU C 808 -36.56 -22.58 52.05
CA GLU C 808 -36.69 -23.80 52.83
C GLU C 808 -35.81 -23.74 54.07
N GLY C 809 -34.61 -23.19 53.92
CA GLY C 809 -33.70 -23.00 55.05
C GLY C 809 -34.25 -21.94 56.00
N LEU C 810 -34.75 -20.84 55.45
CA LEU C 810 -35.23 -19.70 56.22
C LEU C 810 -36.53 -20.02 56.95
N LEU C 811 -37.25 -21.02 56.46
CA LEU C 811 -38.51 -21.44 57.07
C LEU C 811 -38.26 -22.39 58.22
N HIS C 812 -37.00 -22.77 58.44
CA HIS C 812 -36.64 -23.66 59.53
C HIS C 812 -36.78 -22.92 60.87
N PRO C 813 -37.34 -23.56 61.92
CA PRO C 813 -37.51 -23.04 63.26
C PRO C 813 -36.24 -22.44 63.89
N ASP C 814 -35.06 -22.94 63.52
CA ASP C 814 -33.83 -22.44 64.13
C ASP C 814 -33.12 -21.36 63.30
N CYS C 815 -33.76 -20.87 62.25
CA CYS C 815 -33.14 -19.81 61.48
C CYS C 815 -33.36 -18.46 62.16
N LYS C 816 -32.29 -17.70 62.35
CA LYS C 816 -32.37 -16.42 63.06
C LYS C 816 -32.09 -15.22 62.16
N LEU C 817 -32.13 -15.43 60.85
CA LEU C 817 -31.82 -14.35 59.92
C LEU C 817 -32.75 -13.16 60.10
N GLN C 818 -32.18 -11.96 60.19
CA GLN C 818 -32.96 -10.76 60.37
C GLN C 818 -33.07 -9.96 59.07
N VAL C 819 -31.97 -9.88 58.34
CA VAL C 819 -31.92 -9.09 57.13
C VAL C 819 -31.57 -9.91 55.89
N LEU C 820 -32.47 -9.89 54.91
CA LEU C 820 -32.23 -10.58 53.66
C LEU C 820 -32.32 -9.64 52.46
N GLU C 821 -31.19 -9.46 51.77
CA GLU C 821 -31.13 -8.59 50.61
C GLU C 821 -31.10 -9.39 49.31
N LEU C 822 -32.16 -9.26 48.53
CA LEU C 822 -32.33 -9.98 47.27
C LEU C 822 -32.64 -9.05 46.11
N ASP C 823 -31.63 -8.33 45.64
CA ASP C 823 -31.86 -7.39 44.56
C ASP C 823 -31.56 -8.00 43.20
N ASN C 824 -30.33 -7.87 42.75
CA ASN C 824 -29.99 -8.45 41.47
C ASN C 824 -29.72 -9.92 41.65
N CYS C 825 -30.78 -10.70 41.82
CA CYS C 825 -30.67 -12.14 42.04
C CYS C 825 -31.34 -12.92 40.91
N ASN C 826 -31.80 -12.19 39.90
CA ASN C 826 -32.47 -12.74 38.73
C ASN C 826 -33.68 -13.59 39.09
N LEU C 827 -34.53 -13.07 40.00
CA LEU C 827 -35.73 -13.81 40.37
C LEU C 827 -36.87 -13.41 39.44
N THR C 828 -37.87 -14.27 39.36
CA THR C 828 -39.04 -14.02 38.52
C THR C 828 -40.33 -14.15 39.33
N SER C 829 -41.45 -13.80 38.70
CA SER C 829 -42.74 -13.80 39.38
C SER C 829 -43.16 -15.18 39.87
N HIS C 830 -42.53 -16.21 39.32
CA HIS C 830 -42.86 -17.58 39.68
C HIS C 830 -42.46 -17.90 41.12
N CYS C 831 -41.60 -17.06 41.70
CA CYS C 831 -41.15 -17.28 43.07
C CYS C 831 -41.99 -16.50 44.08
N CYS C 832 -42.99 -15.77 43.60
CA CYS C 832 -43.76 -14.92 44.51
C CYS C 832 -44.48 -15.75 45.57
N TRP C 833 -44.76 -17.02 45.26
CA TRP C 833 -45.42 -17.90 46.21
C TRP C 833 -44.46 -18.41 47.26
N ASP C 834 -43.16 -18.40 46.95
CA ASP C 834 -42.16 -18.85 47.91
C ASP C 834 -41.83 -17.69 48.82
N LEU C 835 -41.84 -16.48 48.25
CA LEU C 835 -41.63 -15.27 49.01
C LEU C 835 -42.84 -15.00 49.90
N SER C 836 -44.03 -15.32 49.40
CA SER C 836 -45.24 -15.17 50.19
C SER C 836 -45.22 -16.15 51.37
N THR C 837 -44.76 -17.37 51.11
CA THR C 837 -44.61 -18.38 52.15
C THR C 837 -43.60 -17.91 53.18
N LEU C 838 -42.49 -17.33 52.70
CA LEU C 838 -41.46 -16.82 53.58
C LEU C 838 -42.01 -15.71 54.46
N LEU C 839 -42.73 -14.76 53.85
CA LEU C 839 -43.31 -13.65 54.61
C LEU C 839 -44.33 -14.15 55.63
N THR C 840 -45.12 -15.13 55.24
CA THR C 840 -46.18 -15.65 56.10
C THR C 840 -45.65 -16.42 57.30
N SER C 841 -44.68 -17.31 57.06
CA SER C 841 -44.21 -18.20 58.12
C SER C 841 -42.95 -17.72 58.86
N SER C 842 -42.11 -16.91 58.22
CA SER C 842 -40.88 -16.49 58.86
C SER C 842 -41.17 -15.65 60.10
N GLN C 843 -40.46 -15.94 61.19
CA GLN C 843 -40.63 -15.18 62.42
C GLN C 843 -39.43 -14.30 62.74
N SER C 844 -38.27 -14.68 62.20
CA SER C 844 -37.01 -14.01 62.54
C SER C 844 -36.72 -12.77 61.68
N LEU C 845 -37.21 -12.76 60.44
CA LEU C 845 -36.91 -11.66 59.53
C LEU C 845 -37.51 -10.35 60.01
N ARG C 846 -36.75 -9.28 59.85
CA ARG C 846 -37.20 -7.94 60.18
C ARG C 846 -37.11 -7.07 58.95
N LYS C 847 -36.20 -7.45 58.05
CA LYS C 847 -35.99 -6.75 56.80
C LYS C 847 -35.84 -7.73 55.64
N LEU C 848 -36.60 -7.50 54.57
CA LEU C 848 -36.53 -8.28 53.35
C LEU C 848 -36.60 -7.34 52.18
N SER C 849 -35.48 -7.17 51.48
CA SER C 849 -35.44 -6.20 50.40
C SER C 849 -35.38 -6.86 49.05
N LEU C 850 -36.45 -6.70 48.28
CA LEU C 850 -36.54 -7.26 46.94
C LEU C 850 -36.23 -6.17 45.92
N GLY C 851 -35.29 -6.44 45.03
CA GLY C 851 -34.90 -5.41 44.06
C GLY C 851 -35.46 -5.67 42.67
N ASN C 852 -34.59 -5.53 41.66
CA ASN C 852 -35.04 -5.55 40.28
C ASN C 852 -35.29 -6.98 39.77
N ASN C 853 -36.27 -7.62 40.36
CA ASN C 853 -36.69 -8.96 39.99
C ASN C 853 -37.95 -8.87 39.14
N ASP C 854 -38.20 -9.86 38.28
CA ASP C 854 -39.40 -9.78 37.45
C ASP C 854 -40.61 -10.32 38.19
N LEU C 855 -41.03 -9.58 39.20
CA LEU C 855 -42.15 -9.97 40.05
C LEU C 855 -43.44 -9.34 39.54
N GLY C 856 -43.31 -8.16 38.94
CA GLY C 856 -44.43 -7.44 38.37
C GLY C 856 -45.45 -7.00 39.40
N ASP C 857 -46.68 -6.79 38.92
CA ASP C 857 -47.76 -6.30 39.75
C ASP C 857 -48.36 -7.43 40.57
N LEU C 858 -48.31 -8.64 40.02
CA LEU C 858 -48.85 -9.78 40.73
C LEU C 858 -48.09 -10.02 42.02
N GLY C 859 -46.76 -9.95 41.95
CA GLY C 859 -45.93 -10.17 43.12
C GLY C 859 -46.26 -9.17 44.20
N VAL C 860 -46.25 -7.89 43.87
CA VAL C 860 -46.51 -6.88 44.88
C VAL C 860 -47.91 -6.99 45.46
N MET C 861 -48.91 -7.22 44.62
CA MET C 861 -50.27 -7.31 45.13
C MET C 861 -50.41 -8.45 46.12
N MET C 862 -49.76 -9.59 45.80
CA MET C 862 -49.76 -10.73 46.71
C MET C 862 -49.11 -10.35 48.03
N PHE C 863 -47.95 -9.72 47.94
CA PHE C 863 -47.19 -9.35 49.13
C PHE C 863 -47.97 -8.37 50.00
N CYS C 864 -48.61 -7.40 49.37
CA CYS C 864 -49.34 -6.40 50.13
C CYS C 864 -50.39 -7.03 51.04
N GLU C 865 -51.08 -8.05 50.54
CA GLU C 865 -52.06 -8.75 51.36
C GLU C 865 -51.39 -9.62 52.44
N VAL C 866 -50.32 -10.31 52.06
CA VAL C 866 -49.61 -11.19 52.97
C VAL C 866 -49.01 -10.41 54.14
N LEU C 867 -48.48 -9.23 53.85
CA LEU C 867 -47.83 -8.39 54.84
C LEU C 867 -48.79 -7.87 55.90
N LYS C 868 -50.09 -8.02 55.66
CA LYS C 868 -51.08 -7.56 56.63
C LYS C 868 -51.45 -8.68 57.61
N GLN C 869 -51.03 -9.90 57.31
CA GLN C 869 -51.39 -11.06 58.12
C GLN C 869 -50.42 -11.27 59.27
N GLN C 870 -50.39 -10.32 60.20
CA GLN C 870 -49.50 -10.39 61.36
C GLN C 870 -48.05 -10.65 60.96
N SER C 871 -47.56 -9.91 59.97
CA SER C 871 -46.19 -10.04 59.48
C SER C 871 -45.18 -9.47 60.47
N CYS C 872 -43.97 -10.04 60.46
CA CYS C 872 -42.88 -9.57 61.30
C CYS C 872 -41.92 -8.67 60.51
N LEU C 873 -42.23 -8.45 59.24
CA LEU C 873 -41.39 -7.60 58.39
C LEU C 873 -41.77 -6.14 58.56
N LEU C 874 -40.86 -5.37 59.14
CA LEU C 874 -41.13 -3.99 59.50
C LEU C 874 -40.26 -3.00 58.73
N GLN C 875 -39.19 -3.50 58.14
CA GLN C 875 -38.23 -2.66 57.42
C GLN C 875 -38.47 -2.66 55.93
N ASN C 876 -37.60 -1.95 55.20
CA ASN C 876 -37.73 -1.70 53.77
C ASN C 876 -38.04 -2.98 52.97
N LEU C 877 -39.14 -2.92 52.22
CA LEU C 877 -39.60 -4.03 51.39
C LEU C 877 -38.76 -4.19 50.12
N GLY C 878 -38.01 -3.14 49.78
CA GLY C 878 -37.21 -3.11 48.56
C GLY C 878 -37.96 -2.42 47.42
N LEU C 879 -38.36 -3.21 46.43
CA LEU C 879 -39.00 -2.71 45.22
C LEU C 879 -38.08 -1.76 44.45
N SER C 880 -36.78 -2.03 44.52
CA SER C 880 -35.78 -1.17 43.89
C SER C 880 -35.78 -1.32 42.38
N GLU C 881 -35.79 -0.19 41.68
CA GLU C 881 -35.77 -0.13 40.23
C GLU C 881 -36.95 -0.88 39.62
N MET C 882 -38.06 -0.94 40.36
CA MET C 882 -39.28 -1.55 39.87
C MET C 882 -40.26 -0.50 39.38
N TYR C 883 -41.13 -0.90 38.45
CA TYR C 883 -42.18 -0.02 37.98
C TYR C 883 -43.50 -0.79 37.98
N PHE C 884 -44.56 -0.16 38.46
CA PHE C 884 -45.85 -0.84 38.60
C PHE C 884 -47.01 -0.02 38.06
N ASN C 885 -48.19 -0.64 37.98
CA ASN C 885 -49.41 0.05 37.52
C ASN C 885 -50.10 0.79 38.68
N TYR C 886 -51.26 1.40 38.36
CA TYR C 886 -51.99 2.21 39.32
C TYR C 886 -52.48 1.45 40.55
N GLU C 887 -53.12 0.31 40.33
CA GLU C 887 -53.69 -0.47 41.43
C GLU C 887 -52.61 -0.96 42.39
N THR C 888 -51.47 -1.36 41.84
CA THR C 888 -50.36 -1.80 42.65
C THR C 888 -49.82 -0.65 43.48
N LYS C 889 -49.67 0.51 42.84
CA LYS C 889 -49.19 1.70 43.52
C LYS C 889 -50.13 2.06 44.67
N SER C 890 -51.44 1.97 44.41
CA SER C 890 -52.43 2.26 45.43
C SER C 890 -52.29 1.28 46.59
N ALA C 891 -52.13 0.00 46.26
CA ALA C 891 -51.98 -1.03 47.28
C ALA C 891 -50.76 -0.76 48.16
N LEU C 892 -49.67 -0.31 47.53
CA LEU C 892 -48.45 -0.02 48.27
C LEU C 892 -48.61 1.17 49.19
N GLU C 893 -49.21 2.25 48.70
CA GLU C 893 -49.44 3.43 49.53
C GLU C 893 -50.43 3.10 50.64
N THR C 894 -51.44 2.29 50.30
CA THR C 894 -52.45 1.89 51.26
C THR C 894 -51.80 1.10 52.38
N LEU C 895 -50.94 0.16 52.02
CA LEU C 895 -50.24 -0.66 53.00
C LEU C 895 -49.49 0.21 54.00
N GLN C 896 -48.80 1.24 53.51
CA GLN C 896 -48.05 2.13 54.37
C GLN C 896 -48.94 2.81 55.39
N GLU C 897 -50.15 3.19 54.99
CA GLU C 897 -51.08 3.87 55.87
C GLU C 897 -51.85 2.94 56.81
N GLU C 898 -52.26 1.77 56.32
CA GLU C 898 -53.05 0.84 57.12
C GLU C 898 -52.24 0.14 58.20
N LYS C 899 -50.96 -0.10 57.93
CA LYS C 899 -50.10 -0.80 58.88
C LYS C 899 -48.82 0.01 59.21
N PRO C 900 -48.91 1.00 60.10
CA PRO C 900 -47.89 1.96 60.49
C PRO C 900 -46.61 1.31 61.02
N GLU C 901 -46.72 0.06 61.48
CA GLU C 901 -45.57 -0.65 62.01
C GLU C 901 -44.54 -0.94 60.92
N LEU C 902 -44.95 -0.83 59.66
CA LEU C 902 -44.04 -1.01 58.54
C LEU C 902 -43.42 0.35 58.22
N THR C 903 -42.14 0.49 58.49
CA THR C 903 -41.50 1.79 58.40
C THR C 903 -41.33 2.24 56.94
N VAL C 904 -40.91 1.33 56.08
CA VAL C 904 -40.66 1.70 54.68
C VAL C 904 -41.23 0.73 53.64
N VAL C 905 -42.32 1.12 52.99
CA VAL C 905 -42.82 0.38 51.84
C VAL C 905 -41.89 0.55 50.64
N PHE C 906 -41.40 1.77 50.46
CA PHE C 906 -40.51 2.16 49.37
C PHE C 906 -41.17 2.06 48.01
N GLU C 907 -42.16 2.89 47.76
CA GLU C 907 -42.76 2.95 46.45
C GLU C 907 -41.72 3.53 45.48
N PRO C 908 -41.67 3.05 44.23
CA PRO C 908 -40.72 3.44 43.20
C PRO C 908 -40.82 4.91 42.78
N SER C 909 -41.97 5.53 43.05
CA SER C 909 -42.28 6.93 42.74
C SER C 909 -43.78 7.13 42.54
N LYS D 7 35.17 -2.28 -28.09
CA LYS D 7 35.27 -1.42 -29.27
C LYS D 7 34.08 -1.63 -30.20
N LYS D 8 34.30 -2.36 -31.29
CA LYS D 8 33.24 -2.64 -32.24
C LYS D 8 32.54 -3.95 -31.90
N ASP D 9 31.26 -3.86 -31.57
CA ASP D 9 30.47 -5.01 -31.16
C ASP D 9 29.95 -5.80 -32.35
N TYR D 10 30.36 -7.06 -32.45
CA TYR D 10 29.90 -7.92 -33.54
C TYR D 10 28.39 -7.89 -33.64
N ARG D 11 27.71 -7.86 -32.50
CA ARG D 11 26.24 -7.87 -32.49
C ARG D 11 25.68 -6.78 -33.39
N LYS D 12 26.32 -5.60 -33.37
CA LYS D 12 25.85 -4.49 -34.19
C LYS D 12 26.18 -4.73 -35.65
N LYS D 13 27.39 -5.25 -35.91
CA LYS D 13 27.80 -5.53 -37.27
C LYS D 13 26.90 -6.58 -37.91
N TYR D 14 26.49 -7.56 -37.12
CA TYR D 14 25.62 -8.62 -37.59
C TYR D 14 24.23 -8.07 -37.94
N ARG D 15 23.67 -7.24 -37.07
CA ARG D 15 22.38 -6.65 -37.37
C ARG D 15 22.42 -5.86 -38.67
N LYS D 16 23.52 -5.13 -38.91
CA LYS D 16 23.68 -4.40 -40.16
C LYS D 16 23.71 -5.35 -41.36
N TYR D 17 24.47 -6.43 -41.22
CA TYR D 17 24.57 -7.46 -42.26
C TYR D 17 23.19 -8.01 -42.60
N VAL D 18 22.45 -8.36 -41.56
CA VAL D 18 21.12 -8.92 -41.74
C VAL D 18 20.16 -7.93 -42.39
N ARG D 19 20.17 -6.69 -41.92
CA ARG D 19 19.27 -5.67 -42.45
C ARG D 19 19.50 -5.45 -43.94
N SER D 20 20.77 -5.41 -44.35
CA SER D 20 21.11 -5.21 -45.75
C SER D 20 20.86 -6.46 -46.59
N ARG D 21 21.02 -7.64 -45.97
CA ARG D 21 20.88 -8.90 -46.68
C ARG D 21 19.43 -9.24 -47.01
N PHE D 22 18.56 -9.19 -46.00
CA PHE D 22 17.18 -9.63 -46.19
C PHE D 22 16.27 -8.51 -46.71
N GLN D 23 16.59 -8.00 -47.90
CA GLN D 23 15.78 -6.98 -48.55
C GLN D 23 14.93 -7.55 -49.68
N CYS D 24 15.34 -8.69 -50.22
CA CYS D 24 14.61 -9.29 -51.33
C CYS D 24 13.66 -10.37 -50.83
N ILE D 25 12.53 -10.52 -51.51
CA ILE D 25 11.52 -11.51 -51.14
C ILE D 25 11.98 -12.93 -51.48
N GLU D 26 12.50 -13.10 -52.68
CA GLU D 26 12.98 -14.40 -53.14
C GLU D 26 14.38 -14.69 -52.59
N ASP D 27 15.19 -13.64 -52.49
CA ASP D 27 16.59 -13.73 -52.08
C ASP D 27 17.35 -14.69 -52.99
N ARG D 28 16.99 -14.65 -54.27
CA ARG D 28 17.62 -15.47 -55.31
C ARG D 28 17.50 -14.71 -56.63
N ASN D 29 18.28 -15.12 -57.63
CA ASN D 29 18.33 -14.39 -58.90
C ASN D 29 17.13 -14.67 -59.78
N ALA D 30 17.23 -14.25 -61.04
CA ALA D 30 16.14 -14.39 -62.02
C ALA D 30 14.92 -13.59 -61.56
N ARG D 31 15.15 -12.45 -60.95
CA ARG D 31 14.05 -11.62 -60.50
C ARG D 31 13.57 -10.71 -61.62
N LEU D 32 13.01 -11.32 -62.67
CA LEU D 32 12.50 -10.59 -63.82
C LEU D 32 13.44 -9.48 -64.27
N GLY D 33 14.67 -9.84 -64.64
CA GLY D 33 15.66 -8.85 -65.04
C GLY D 33 16.52 -8.41 -63.86
N GLU D 34 16.57 -9.24 -62.83
CA GLU D 34 17.37 -8.96 -61.63
C GLU D 34 16.97 -7.67 -60.93
N SER D 35 15.66 -7.42 -60.86
CA SER D 35 15.14 -6.27 -60.15
C SER D 35 15.08 -6.58 -58.67
N VAL D 36 14.81 -5.57 -57.84
CA VAL D 36 14.68 -5.82 -56.42
C VAL D 36 13.21 -5.88 -56.04
N SER D 37 12.78 -7.05 -55.58
CA SER D 37 11.39 -7.31 -55.24
C SER D 37 10.93 -6.59 -53.96
N LEU D 38 11.87 -6.31 -53.08
CA LEU D 38 11.63 -5.54 -51.85
C LEU D 38 10.71 -6.21 -50.84
N ASN D 39 11.26 -6.50 -49.65
CA ASN D 39 10.46 -7.05 -48.55
C ASN D 39 9.48 -6.02 -48.02
N LYS D 40 9.63 -4.78 -48.49
CA LYS D 40 8.73 -3.70 -48.15
C LYS D 40 7.33 -3.96 -48.69
N ARG D 41 7.24 -4.87 -49.66
CA ARG D 41 5.97 -5.23 -50.29
C ARG D 41 5.26 -6.35 -49.53
N TYR D 42 5.84 -6.78 -48.42
CA TYR D 42 5.29 -7.89 -47.65
C TYR D 42 3.82 -7.69 -47.34
N THR D 43 3.03 -8.72 -47.65
CA THR D 43 1.60 -8.70 -47.37
C THR D 43 1.31 -9.53 -46.12
N ARG D 44 0.59 -8.93 -45.18
CA ARG D 44 0.34 -9.58 -43.90
C ARG D 44 -0.39 -10.92 -44.05
N LEU D 45 0.08 -11.92 -43.32
CA LEU D 45 -0.51 -13.25 -43.30
C LEU D 45 -1.45 -13.39 -42.12
N ARG D 46 -2.42 -14.29 -42.24
CA ARG D 46 -3.35 -14.56 -41.16
C ARG D 46 -2.79 -15.66 -40.25
N LEU D 47 -2.54 -15.30 -39.00
CA LEU D 47 -1.94 -16.24 -38.06
C LEU D 47 -2.92 -16.59 -36.94
N ILE D 48 -3.17 -17.88 -36.78
CA ILE D 48 -4.10 -18.38 -35.76
C ILE D 48 -3.36 -19.27 -34.76
N LYS D 49 -3.58 -19.05 -33.48
CA LYS D 49 -2.90 -19.86 -32.47
C LYS D 49 -3.78 -20.97 -31.92
N GLU D 50 -3.17 -22.10 -31.59
CA GLU D 50 -3.87 -23.22 -31.00
C GLU D 50 -3.34 -23.52 -29.60
N SER D 75 -8.51 -17.71 -32.07
CA SER D 75 -7.93 -16.40 -31.75
C SER D 75 -6.65 -16.17 -32.55
N PRO D 76 -6.43 -14.95 -33.03
CA PRO D 76 -5.29 -14.49 -33.82
C PRO D 76 -4.04 -14.35 -32.98
N ILE D 77 -2.88 -14.49 -33.62
CA ILE D 77 -1.61 -14.28 -32.97
C ILE D 77 -0.69 -13.37 -33.79
N LYS D 78 0.17 -12.64 -33.10
CA LYS D 78 1.13 -11.74 -33.75
C LYS D 78 2.52 -12.37 -33.73
N MET D 79 3.44 -11.83 -34.53
CA MET D 79 4.82 -12.31 -34.50
C MET D 79 5.51 -11.88 -33.22
N GLU D 80 5.01 -10.81 -32.59
CA GLU D 80 5.50 -10.36 -31.30
C GLU D 80 5.07 -11.32 -30.19
N LEU D 81 5.94 -11.46 -29.18
CA LEU D 81 5.63 -12.23 -27.97
C LEU D 81 5.46 -13.73 -28.20
N LEU D 82 6.04 -14.28 -29.26
CA LEU D 82 5.84 -15.70 -29.55
C LEU D 82 6.41 -16.62 -28.48
N PHE D 83 7.52 -16.20 -27.88
CA PHE D 83 8.21 -17.04 -26.91
C PHE D 83 7.92 -16.59 -25.48
N ASP D 84 6.95 -15.71 -25.31
CA ASP D 84 6.60 -15.22 -23.99
C ASP D 84 5.53 -16.09 -23.34
N PRO D 85 5.43 -16.09 -22.00
CA PRO D 85 4.40 -16.73 -21.21
C PRO D 85 3.00 -16.22 -21.54
N ASP D 86 2.01 -17.07 -21.32
CA ASP D 86 0.60 -16.73 -21.54
C ASP D 86 -0.05 -16.25 -20.24
N ASP D 87 -1.36 -16.47 -20.12
CA ASP D 87 -2.14 -15.88 -19.04
C ASP D 87 -2.10 -16.65 -17.71
N GLU D 88 -1.42 -17.80 -17.65
CA GLU D 88 -1.38 -18.55 -16.40
C GLU D 88 -0.06 -19.30 -16.20
N HIS D 89 0.29 -19.54 -14.94
CA HIS D 89 1.51 -20.26 -14.53
C HIS D 89 2.79 -19.45 -14.80
N SER D 90 2.73 -18.52 -15.74
CA SER D 90 3.85 -17.68 -16.14
C SER D 90 5.08 -18.48 -16.55
N GLU D 91 4.84 -19.53 -17.34
CA GLU D 91 5.94 -20.34 -17.85
C GLU D 91 6.39 -19.83 -19.22
N PRO D 92 7.69 -19.82 -19.50
CA PRO D 92 8.32 -19.40 -20.73
C PRO D 92 8.08 -20.40 -21.86
N VAL D 93 8.18 -19.94 -23.09
CA VAL D 93 8.07 -20.82 -24.24
C VAL D 93 9.40 -20.87 -24.98
N HIS D 94 9.94 -22.07 -25.14
CA HIS D 94 11.22 -22.21 -25.81
C HIS D 94 11.05 -22.56 -27.29
N THR D 95 9.98 -23.28 -27.60
CA THR D 95 9.78 -23.74 -28.97
C THR D 95 8.45 -23.29 -29.54
N VAL D 96 8.50 -22.70 -30.74
CA VAL D 96 7.31 -22.28 -31.46
C VAL D 96 7.32 -22.89 -32.87
N VAL D 97 6.23 -23.54 -33.25
CA VAL D 97 6.18 -24.21 -34.55
C VAL D 97 5.06 -23.65 -35.42
N PHE D 98 5.43 -23.29 -36.65
CA PHE D 98 4.48 -22.75 -37.61
C PHE D 98 4.16 -23.78 -38.70
N GLN D 99 2.86 -24.08 -38.83
CA GLN D 99 2.41 -25.10 -39.78
C GLN D 99 1.38 -24.55 -40.76
N GLY D 100 1.24 -25.20 -41.90
CA GLY D 100 0.25 -24.81 -42.90
C GLY D 100 0.55 -25.47 -44.25
N ALA D 101 -0.19 -25.04 -45.27
CA ALA D 101 -0.05 -25.57 -46.63
C ALA D 101 1.27 -25.11 -47.26
N ALA D 102 1.69 -25.78 -48.31
CA ALA D 102 2.90 -25.38 -49.02
C ALA D 102 2.68 -24.05 -49.74
N GLY D 103 3.74 -23.25 -49.87
CA GLY D 103 3.67 -22.01 -50.63
C GLY D 103 2.83 -20.93 -49.95
N ILE D 104 2.86 -20.89 -48.63
CA ILE D 104 2.05 -19.93 -47.88
C ILE D 104 2.86 -18.86 -47.17
N GLY D 105 4.11 -18.69 -47.58
CA GLY D 105 4.94 -17.64 -47.02
C GLY D 105 5.56 -17.97 -45.68
N LYS D 106 5.77 -19.25 -45.38
CA LYS D 106 6.40 -19.58 -44.11
C LYS D 106 7.82 -19.00 -44.11
N THR D 107 8.45 -19.07 -45.27
CA THR D 107 9.79 -18.52 -45.50
C THR D 107 9.77 -17.01 -45.45
N ILE D 108 8.75 -16.42 -46.05
CA ILE D 108 8.67 -14.98 -46.17
C ILE D 108 8.39 -14.38 -44.79
N LEU D 109 7.56 -15.07 -44.02
CA LEU D 109 7.27 -14.66 -42.65
C LEU D 109 8.54 -14.71 -41.82
N ALA D 110 9.34 -15.76 -42.02
CA ALA D 110 10.62 -15.90 -41.36
C ALA D 110 11.57 -14.78 -41.75
N ARG D 111 11.57 -14.42 -43.03
CA ARG D 111 12.41 -13.34 -43.52
C ARG D 111 11.96 -12.01 -42.94
N LYS D 112 10.64 -11.82 -42.83
CA LYS D 112 10.11 -10.60 -42.25
C LYS D 112 10.53 -10.49 -40.79
N MET D 113 10.44 -11.59 -40.05
CA MET D 113 10.83 -11.58 -38.64
C MET D 113 12.30 -11.19 -38.52
N MET D 114 13.14 -11.77 -39.38
CA MET D 114 14.56 -11.48 -39.39
C MET D 114 14.86 -10.02 -39.68
N LEU D 115 14.16 -9.46 -40.67
CA LEU D 115 14.37 -8.06 -41.03
C LEU D 115 13.89 -7.12 -39.92
N ASP D 116 12.73 -7.40 -39.35
CA ASP D 116 12.20 -6.55 -38.29
C ASP D 116 13.08 -6.60 -37.04
N TRP D 117 13.69 -7.76 -36.79
CA TRP D 117 14.63 -7.87 -35.69
C TRP D 117 15.87 -7.01 -35.93
N ALA D 118 16.46 -7.12 -37.11
CA ALA D 118 17.68 -6.38 -37.43
C ALA D 118 17.43 -4.87 -37.38
N SER D 119 16.23 -4.45 -37.77
CA SER D 119 15.86 -3.04 -37.77
C SER D 119 15.58 -2.52 -36.36
N GLY D 120 15.54 -3.42 -35.38
CA GLY D 120 15.31 -3.05 -33.99
C GLY D 120 13.84 -2.82 -33.67
N THR D 121 12.94 -3.46 -34.40
CA THR D 121 11.51 -3.26 -34.13
C THR D 121 10.86 -4.51 -33.54
N LEU D 122 11.45 -5.67 -33.77
CA LEU D 122 10.88 -6.92 -33.28
C LEU D 122 11.88 -7.75 -32.46
N TYR D 123 11.53 -7.99 -31.19
CA TYR D 123 12.38 -8.71 -30.23
C TYR D 123 13.71 -7.99 -30.02
N GLN D 124 13.69 -6.67 -30.14
CA GLN D 124 14.88 -5.85 -29.99
C GLN D 124 15.36 -5.80 -28.55
N ASP D 125 14.49 -6.19 -27.63
CA ASP D 125 14.81 -6.21 -26.22
C ASP D 125 14.73 -7.63 -25.67
N ARG D 126 14.69 -8.63 -26.55
CA ARG D 126 14.57 -10.01 -26.10
C ARG D 126 15.75 -10.88 -26.49
N PHE D 127 16.24 -10.74 -27.73
CA PHE D 127 17.33 -11.59 -28.19
C PHE D 127 18.52 -10.77 -28.67
N ASP D 128 19.72 -11.25 -28.38
CA ASP D 128 20.94 -10.60 -28.83
C ASP D 128 21.28 -11.00 -30.26
N TYR D 129 20.99 -12.26 -30.59
CA TYR D 129 21.27 -12.77 -31.93
C TYR D 129 20.11 -13.58 -32.48
N LEU D 130 19.96 -13.52 -33.80
CA LEU D 130 18.95 -14.28 -34.52
C LEU D 130 19.58 -14.95 -35.75
N PHE D 131 19.44 -16.27 -35.83
CA PHE D 131 20.07 -17.06 -36.89
C PHE D 131 19.04 -17.74 -37.79
N TYR D 132 19.26 -17.67 -39.12
CA TYR D 132 18.34 -18.28 -40.08
C TYR D 132 18.99 -19.50 -40.76
N ILE D 133 18.46 -20.69 -40.44
CA ILE D 133 18.99 -21.91 -41.01
C ILE D 133 18.02 -22.51 -42.03
N HIS D 134 18.52 -22.72 -43.25
CA HIS D 134 17.70 -23.26 -44.34
C HIS D 134 17.94 -24.76 -44.49
N CYS D 135 16.87 -25.55 -44.28
CA CYS D 135 16.99 -27.01 -44.24
C CYS D 135 17.47 -27.62 -45.54
N ARG D 136 17.09 -27.03 -46.67
CA ARG D 136 17.46 -27.56 -47.98
C ARG D 136 18.97 -27.49 -48.19
N GLU D 137 19.65 -26.64 -47.41
CA GLU D 137 21.07 -26.42 -47.53
C GLU D 137 21.86 -27.21 -46.49
N VAL D 138 21.15 -27.96 -45.65
CA VAL D 138 21.78 -28.70 -44.57
C VAL D 138 22.18 -30.10 -45.00
N SER D 139 23.42 -30.47 -44.72
CA SER D 139 23.88 -31.83 -44.98
C SER D 139 23.60 -32.69 -43.77
N LEU D 140 22.71 -33.67 -43.95
CA LEU D 140 22.25 -34.50 -42.84
C LEU D 140 23.22 -35.64 -42.53
N VAL D 141 23.94 -36.09 -43.54
CA VAL D 141 24.79 -37.25 -43.39
C VAL D 141 26.26 -36.92 -43.12
N THR D 142 26.65 -35.67 -43.31
CA THR D 142 28.04 -35.28 -43.07
C THR D 142 28.25 -34.90 -41.62
N GLN D 143 29.52 -34.85 -41.20
CA GLN D 143 29.88 -34.53 -39.82
C GLN D 143 30.39 -33.10 -39.66
N ARG D 144 29.82 -32.39 -38.67
CA ARG D 144 30.25 -31.03 -38.39
C ARG D 144 29.94 -30.60 -36.96
N SER D 145 30.67 -29.60 -36.48
CA SER D 145 30.38 -28.92 -35.22
C SER D 145 29.26 -27.93 -35.46
N LEU D 146 28.77 -27.26 -34.40
CA LEU D 146 27.67 -26.33 -34.61
C LEU D 146 28.19 -25.02 -35.18
N GLY D 147 28.59 -25.08 -36.46
CA GLY D 147 29.16 -23.95 -37.17
C GLY D 147 28.08 -23.15 -37.86
N ASP D 148 26.83 -23.52 -37.60
CA ASP D 148 25.68 -22.85 -38.19
C ASP D 148 25.63 -21.40 -37.76
N LEU D 149 26.20 -21.11 -36.60
CA LEU D 149 26.20 -19.77 -36.04
C LEU D 149 27.26 -18.89 -36.70
N ILE D 150 28.10 -19.53 -37.52
CA ILE D 150 29.14 -18.84 -38.26
C ILE D 150 28.73 -18.75 -39.73
N MET D 151 28.36 -19.90 -40.30
CA MET D 151 28.04 -20.03 -41.72
C MET D 151 26.82 -19.21 -42.14
N SER D 152 25.84 -19.08 -41.26
CA SER D 152 24.62 -18.36 -41.58
C SER D 152 24.74 -16.85 -41.42
N CYS D 153 25.90 -16.38 -40.96
CA CYS D 153 26.09 -14.97 -40.67
C CYS D 153 27.03 -14.28 -41.65
N CYS D 154 27.88 -13.41 -41.10
CA CYS D 154 28.74 -12.55 -41.90
C CYS D 154 29.89 -13.33 -42.54
N PRO D 155 30.48 -12.81 -43.62
CA PRO D 155 31.70 -13.25 -44.28
C PRO D 155 32.89 -13.33 -43.32
N ASP D 156 32.83 -12.59 -42.23
CA ASP D 156 33.91 -12.58 -41.23
C ASP D 156 34.04 -13.98 -40.62
N PRO D 157 35.17 -14.66 -40.82
CA PRO D 157 35.45 -16.04 -40.43
C PRO D 157 35.64 -16.22 -38.92
N ASN D 158 35.76 -15.12 -38.17
CA ASN D 158 36.06 -15.23 -36.76
C ASN D 158 35.16 -14.36 -35.86
N PRO D 159 33.85 -14.63 -35.80
CA PRO D 159 32.89 -14.04 -34.88
C PRO D 159 33.16 -14.56 -33.47
N PRO D 160 32.71 -13.83 -32.44
CA PRO D 160 32.88 -14.12 -31.03
C PRO D 160 31.96 -15.23 -30.55
N ILE D 161 32.15 -16.42 -31.12
CA ILE D 161 31.33 -17.59 -30.82
C ILE D 161 31.57 -18.05 -29.38
N HIS D 162 32.82 -17.94 -28.95
CA HIS D 162 33.24 -18.37 -27.62
C HIS D 162 32.92 -17.36 -26.53
N LYS D 163 32.34 -16.22 -26.90
CA LYS D 163 32.01 -15.19 -25.93
C LYS D 163 30.49 -15.02 -25.78
N ILE D 164 29.97 -13.87 -26.20
CA ILE D 164 28.55 -13.55 -26.06
C ILE D 164 27.64 -14.44 -26.89
N VAL D 165 28.12 -14.92 -28.04
CA VAL D 165 27.30 -15.70 -28.95
C VAL D 165 26.99 -17.11 -28.43
N ARG D 166 27.67 -17.55 -27.38
CA ARG D 166 27.34 -18.87 -26.82
C ARG D 166 26.48 -18.77 -25.57
N LYS D 167 26.05 -17.55 -25.22
CA LYS D 167 25.24 -17.37 -24.03
C LYS D 167 23.79 -17.81 -24.27
N PRO D 168 23.31 -18.81 -23.52
CA PRO D 168 22.01 -19.45 -23.69
C PRO D 168 20.89 -18.50 -23.33
N SER D 169 19.74 -18.66 -23.98
CA SER D 169 18.52 -17.89 -23.72
C SER D 169 18.55 -16.51 -24.38
N ARG D 170 19.71 -16.09 -24.90
CA ARG D 170 19.81 -14.78 -25.55
C ARG D 170 19.74 -14.91 -27.06
N ILE D 171 19.57 -16.15 -27.54
CA ILE D 171 19.56 -16.41 -28.96
C ILE D 171 18.30 -17.08 -29.46
N LEU D 172 17.78 -16.54 -30.57
CA LEU D 172 16.65 -17.13 -31.27
C LEU D 172 17.12 -17.74 -32.59
N PHE D 173 16.75 -18.99 -32.81
CA PHE D 173 17.07 -19.68 -34.05
C PHE D 173 15.80 -19.89 -34.85
N LEU D 174 15.93 -19.88 -36.18
CA LEU D 174 14.80 -20.24 -37.03
C LEU D 174 15.20 -21.35 -38.00
N MET D 175 14.43 -22.44 -37.99
CA MET D 175 14.68 -23.59 -38.86
C MET D 175 13.59 -23.69 -39.92
N ASP D 176 13.97 -23.41 -41.16
CA ASP D 176 13.00 -23.34 -42.24
C ASP D 176 12.95 -24.58 -43.14
N GLY D 177 11.86 -25.35 -43.01
CA GLY D 177 11.67 -26.52 -43.86
C GLY D 177 12.10 -27.83 -43.24
N PHE D 178 11.56 -28.17 -42.07
CA PHE D 178 11.92 -29.45 -41.46
C PHE D 178 11.71 -30.59 -42.46
N ASP D 179 10.61 -30.53 -43.20
CA ASP D 179 10.27 -31.56 -44.17
C ASP D 179 11.20 -31.58 -45.38
N GLU D 180 12.06 -30.57 -45.51
CA GLU D 180 13.00 -30.48 -46.62
C GLU D 180 14.36 -31.07 -46.30
N LEU D 181 14.52 -31.61 -45.09
CA LEU D 181 15.78 -32.25 -44.75
C LEU D 181 15.97 -33.46 -45.63
N GLN D 182 17.14 -33.58 -46.27
CA GLN D 182 17.38 -34.67 -47.20
C GLN D 182 18.18 -35.80 -46.57
N GLY D 183 18.10 -36.98 -47.16
CA GLY D 183 18.80 -38.16 -46.65
C GLY D 183 17.95 -38.85 -45.60
N ALA D 184 18.58 -39.76 -44.84
CA ALA D 184 17.88 -40.50 -43.81
C ALA D 184 17.71 -39.62 -42.57
N PHE D 185 16.70 -39.90 -41.77
CA PHE D 185 16.48 -39.13 -40.55
C PHE D 185 15.77 -39.97 -39.49
N ASP D 186 16.13 -39.74 -38.23
CA ASP D 186 15.49 -40.42 -37.11
C ASP D 186 15.33 -39.47 -35.94
N GLU D 187 14.35 -39.76 -35.09
CA GLU D 187 14.05 -38.94 -33.93
C GLU D 187 14.54 -39.57 -32.64
N HIS D 188 14.68 -40.89 -32.64
CA HIS D 188 15.03 -41.62 -31.43
C HIS D 188 16.49 -42.03 -31.43
N ILE D 189 17.36 -41.06 -31.15
CA ILE D 189 18.80 -41.24 -31.25
C ILE D 189 19.48 -41.22 -29.88
N GLY D 190 20.23 -42.27 -29.59
CA GLY D 190 21.00 -42.36 -28.35
C GLY D 190 22.01 -41.21 -28.20
N PRO D 191 23.04 -41.17 -29.05
CA PRO D 191 24.09 -40.17 -29.07
C PRO D 191 23.59 -38.88 -29.71
N LEU D 192 22.76 -38.15 -28.97
CA LEU D 192 22.13 -36.94 -29.48
C LEU D 192 23.15 -35.87 -29.86
N CYS D 193 24.25 -35.80 -29.13
CA CYS D 193 25.33 -34.82 -29.36
C CYS D 193 25.08 -33.46 -28.73
N THR D 194 25.44 -33.34 -27.46
CA THR D 194 25.47 -32.05 -26.79
C THR D 194 26.90 -31.53 -26.90
N ASP D 195 27.13 -30.28 -26.52
CA ASP D 195 28.46 -29.65 -26.63
C ASP D 195 28.73 -29.19 -28.06
N TRP D 196 28.39 -27.93 -28.35
CA TRP D 196 28.47 -27.35 -29.68
C TRP D 196 29.87 -27.41 -30.30
N GLN D 197 30.90 -27.56 -29.47
CA GLN D 197 32.27 -27.61 -29.97
C GLN D 197 32.61 -28.95 -30.60
N LYS D 198 31.78 -29.96 -30.37
CA LYS D 198 32.05 -31.30 -30.90
C LYS D 198 31.31 -31.51 -32.22
N ALA D 199 31.92 -32.28 -33.11
CA ALA D 199 31.32 -32.53 -34.41
C ALA D 199 30.63 -33.89 -34.48
N GLU D 200 29.46 -33.91 -35.11
CA GLU D 200 28.70 -35.15 -35.31
C GLU D 200 27.84 -35.02 -36.57
N ARG D 201 27.14 -36.08 -36.95
CA ARG D 201 26.28 -36.06 -38.13
C ARG D 201 25.22 -34.97 -38.04
N GLY D 202 24.91 -34.34 -39.17
CA GLY D 202 23.94 -33.27 -39.25
C GLY D 202 22.54 -33.63 -38.72
N ASP D 203 22.09 -34.87 -38.97
CA ASP D 203 20.76 -35.26 -38.51
C ASP D 203 20.73 -35.36 -36.99
N ILE D 204 21.80 -35.90 -36.44
CA ILE D 204 21.96 -36.02 -35.01
C ILE D 204 22.05 -34.64 -34.37
N LEU D 205 22.80 -33.75 -34.99
CA LEU D 205 23.02 -32.41 -34.49
C LEU D 205 21.70 -31.63 -34.43
N LEU D 206 20.87 -31.77 -35.46
CA LEU D 206 19.57 -31.09 -35.46
C LEU D 206 18.67 -31.59 -34.36
N SER D 207 18.68 -32.90 -34.10
CA SER D 207 17.84 -33.46 -33.04
C SER D 207 18.20 -32.86 -31.69
N SER D 208 19.50 -32.76 -31.41
CA SER D 208 19.99 -32.22 -30.15
C SER D 208 19.58 -30.75 -29.97
N LEU D 209 19.67 -29.97 -31.04
CA LEU D 209 19.27 -28.56 -30.95
C LEU D 209 17.76 -28.43 -30.76
N ILE D 210 16.98 -29.22 -31.50
CA ILE D 210 15.52 -29.13 -31.44
C ILE D 210 15.01 -29.53 -30.05
N ARG D 211 15.60 -30.57 -29.47
CA ARG D 211 15.21 -31.06 -28.15
C ARG D 211 15.73 -30.18 -27.02
N LYS D 212 16.47 -29.12 -27.37
CA LYS D 212 17.05 -28.19 -26.41
C LYS D 212 18.05 -28.87 -25.48
N LYS D 213 18.83 -29.81 -26.02
CA LYS D 213 19.89 -30.44 -25.25
C LYS D 213 21.19 -29.73 -25.58
N LEU D 214 21.27 -29.26 -26.82
CA LEU D 214 22.41 -28.50 -27.31
C LEU D 214 22.11 -27.01 -27.19
N LEU D 215 23.01 -26.27 -26.56
CA LEU D 215 22.80 -24.84 -26.34
C LEU D 215 21.41 -24.61 -25.73
N PRO D 216 21.15 -25.18 -24.54
CA PRO D 216 19.88 -25.26 -23.88
C PRO D 216 19.35 -23.88 -23.52
N GLU D 217 18.03 -23.80 -23.40
CA GLU D 217 17.32 -22.55 -23.10
C GLU D 217 17.28 -21.59 -24.28
N ALA D 218 17.90 -21.95 -25.40
CA ALA D 218 17.79 -21.13 -26.60
C ALA D 218 16.38 -21.23 -27.15
N SER D 219 15.93 -20.18 -27.83
CA SER D 219 14.61 -20.19 -28.44
C SER D 219 14.71 -20.68 -29.87
N LEU D 220 13.78 -21.53 -30.28
CA LEU D 220 13.79 -22.04 -31.66
C LEU D 220 12.41 -21.98 -32.32
N LEU D 221 12.37 -21.36 -33.49
CA LEU D 221 11.17 -21.27 -34.31
C LEU D 221 11.30 -22.23 -35.48
N ILE D 222 10.35 -23.14 -35.63
CA ILE D 222 10.42 -24.13 -36.69
C ILE D 222 9.25 -24.01 -37.65
N THR D 223 9.51 -24.05 -38.95
CA THR D 223 8.45 -24.05 -39.93
C THR D 223 8.42 -25.41 -40.63
N THR D 224 7.23 -25.97 -40.79
CA THR D 224 7.11 -27.29 -41.41
C THR D 224 5.72 -27.56 -42.00
N ARG D 225 5.68 -28.42 -43.01
CA ARG D 225 4.39 -28.93 -43.49
C ARG D 225 3.83 -29.91 -42.45
N PRO D 226 2.53 -29.85 -42.12
CA PRO D 226 1.89 -30.60 -41.06
C PRO D 226 2.03 -32.10 -41.24
N VAL D 227 2.22 -32.53 -42.48
CA VAL D 227 2.40 -33.95 -42.77
C VAL D 227 3.67 -34.48 -42.11
N ALA D 228 4.66 -33.61 -41.95
CA ALA D 228 5.94 -34.00 -41.37
C ALA D 228 5.93 -33.81 -39.86
N LEU D 229 4.82 -33.34 -39.31
CA LEU D 229 4.76 -33.11 -37.87
C LEU D 229 5.02 -34.41 -37.13
N GLU D 230 4.57 -35.52 -37.70
CA GLU D 230 4.71 -36.81 -37.04
C GLU D 230 6.18 -37.18 -36.80
N LYS D 231 7.09 -36.61 -37.59
CA LYS D 231 8.51 -36.89 -37.46
C LYS D 231 9.22 -35.77 -36.70
N LEU D 232 8.46 -34.77 -36.28
CA LEU D 232 9.00 -33.63 -35.56
C LEU D 232 8.52 -33.63 -34.10
N GLN D 233 7.31 -34.12 -33.88
CA GLN D 233 6.65 -34.09 -32.58
C GLN D 233 7.49 -34.75 -31.48
N HIS D 234 8.33 -35.70 -31.88
CA HIS D 234 9.15 -36.47 -30.95
C HIS D 234 10.33 -35.64 -30.47
N LEU D 235 10.63 -34.57 -31.21
CA LEU D 235 11.74 -33.70 -30.90
C LEU D 235 11.26 -32.44 -30.16
N LEU D 236 10.00 -32.09 -30.38
CA LEU D 236 9.43 -30.86 -29.83
C LEU D 236 9.01 -30.98 -28.36
N ASP D 237 8.45 -32.13 -28.00
CA ASP D 237 7.92 -32.39 -26.66
C ASP D 237 6.72 -31.48 -26.32
N HIS D 238 6.96 -30.19 -26.14
CA HIS D 238 5.89 -29.26 -25.77
C HIS D 238 5.94 -27.91 -26.51
N PRO D 239 5.68 -27.91 -27.83
CA PRO D 239 5.75 -26.77 -28.73
C PRO D 239 4.52 -25.86 -28.63
N ARG D 240 4.69 -24.58 -28.98
CA ARG D 240 3.56 -23.71 -29.21
C ARG D 240 3.13 -23.86 -30.67
N HIS D 241 1.84 -24.07 -30.91
CA HIS D 241 1.36 -24.31 -32.27
C HIS D 241 0.66 -23.12 -32.89
N VAL D 242 1.23 -22.63 -34.00
CA VAL D 242 0.63 -21.53 -34.76
C VAL D 242 0.38 -21.96 -36.20
N GLU D 243 -0.83 -21.73 -36.68
CA GLU D 243 -1.18 -22.08 -38.04
C GLU D 243 -1.13 -20.85 -38.95
N ILE D 244 -0.52 -21.01 -40.11
CA ILE D 244 -0.43 -19.93 -41.09
C ILE D 244 -1.47 -20.15 -42.18
N LEU D 245 -2.35 -19.17 -42.33
CA LEU D 245 -3.43 -19.22 -43.29
C LEU D 245 -3.12 -18.35 -44.50
N GLY D 246 -3.85 -18.56 -45.60
CA GLY D 246 -3.59 -17.83 -46.83
C GLY D 246 -4.20 -16.44 -46.80
N PHE D 247 -4.22 -15.79 -47.96
CA PHE D 247 -4.69 -14.41 -48.06
C PHE D 247 -6.20 -14.32 -48.10
N SER D 248 -6.75 -13.37 -47.37
CA SER D 248 -8.17 -13.08 -47.44
C SER D 248 -8.46 -12.29 -48.71
N GLU D 249 -9.73 -12.14 -49.04
CA GLU D 249 -10.10 -11.45 -50.27
C GLU D 249 -9.55 -10.02 -50.32
N ALA D 250 -9.52 -9.35 -49.17
CA ALA D 250 -8.99 -8.00 -49.09
C ALA D 250 -7.50 -7.97 -49.43
N LYS D 251 -6.79 -9.03 -49.04
CA LYS D 251 -5.35 -9.10 -49.27
C LYS D 251 -5.08 -9.58 -50.69
N ARG D 252 -6.00 -10.34 -51.25
CA ARG D 252 -5.87 -10.77 -52.63
C ARG D 252 -5.83 -9.56 -53.56
N LYS D 253 -6.74 -8.61 -53.30
CA LYS D 253 -6.77 -7.38 -54.07
C LYS D 253 -5.50 -6.57 -53.85
N GLU D 254 -5.08 -6.45 -52.59
CA GLU D 254 -3.89 -5.68 -52.26
C GLU D 254 -2.67 -6.22 -53.02
N TYR D 255 -2.55 -7.54 -53.09
CA TYR D 255 -1.42 -8.16 -53.78
C TYR D 255 -1.33 -7.68 -55.22
N PHE D 256 -2.46 -7.72 -55.94
CA PHE D 256 -2.47 -7.29 -57.34
C PHE D 256 -2.05 -5.84 -57.50
N PHE D 257 -2.51 -4.99 -56.60
CA PHE D 257 -2.23 -3.56 -56.68
C PHE D 257 -0.78 -3.24 -56.34
N LYS D 258 -0.14 -4.06 -55.51
CA LYS D 258 1.29 -3.87 -55.25
C LYS D 258 2.14 -4.54 -56.33
N TYR D 259 1.67 -5.67 -56.86
CA TYR D 259 2.40 -6.42 -57.88
C TYR D 259 2.46 -5.66 -59.20
N PHE D 260 1.32 -5.14 -59.64
CA PHE D 260 1.23 -4.41 -60.90
C PHE D 260 1.31 -2.91 -60.65
N SER D 261 2.42 -2.30 -61.08
CA SER D 261 2.68 -0.89 -60.81
C SER D 261 1.63 0.02 -61.46
N ASP D 262 1.05 -0.46 -62.55
CA ASP D 262 -0.02 0.27 -63.22
C ASP D 262 -1.37 -0.16 -62.67
N GLU D 263 -2.02 0.73 -61.94
CA GLU D 263 -3.31 0.43 -61.32
C GLU D 263 -4.30 -0.12 -62.33
N ALA D 264 -4.25 0.38 -63.56
CA ALA D 264 -5.19 -0.09 -64.58
C ALA D 264 -5.00 -1.59 -64.83
N GLN D 265 -3.76 -2.04 -64.74
CA GLN D 265 -3.45 -3.45 -64.99
C GLN D 265 -3.77 -4.27 -63.75
N ALA D 266 -3.57 -3.67 -62.58
CA ALA D 266 -3.89 -4.34 -61.33
C ALA D 266 -5.38 -4.63 -61.27
N ARG D 267 -6.17 -3.67 -61.75
CA ARG D 267 -7.62 -3.82 -61.78
C ARG D 267 -8.04 -4.87 -62.79
N ALA D 268 -7.42 -4.86 -63.96
CA ALA D 268 -7.74 -5.85 -64.98
C ALA D 268 -7.39 -7.25 -64.51
N ALA D 269 -6.23 -7.39 -63.89
CA ALA D 269 -5.76 -8.68 -63.41
C ALA D 269 -6.62 -9.19 -62.27
N PHE D 270 -6.92 -8.28 -61.33
CA PHE D 270 -7.76 -8.64 -60.19
C PHE D 270 -9.14 -9.07 -60.64
N SER D 271 -9.75 -8.26 -61.50
CA SER D 271 -11.09 -8.56 -61.98
C SER D 271 -11.14 -9.88 -62.72
N LEU D 272 -10.16 -10.12 -63.59
CA LEU D 272 -10.12 -11.37 -64.36
C LEU D 272 -10.13 -12.59 -63.46
N ILE D 273 -9.31 -12.58 -62.42
CA ILE D 273 -9.21 -13.71 -61.53
C ILE D 273 -10.39 -13.75 -60.57
N GLN D 274 -10.83 -12.60 -60.07
CA GLN D 274 -11.97 -12.54 -59.16
C GLN D 274 -13.21 -13.19 -59.76
N GLU D 275 -13.40 -13.03 -61.07
CA GLU D 275 -14.54 -13.64 -61.77
C GLU D 275 -14.45 -15.17 -61.80
N ASN D 276 -13.24 -15.70 -61.64
CA ASN D 276 -13.00 -17.14 -61.64
C ASN D 276 -12.95 -17.63 -60.21
N GLU D 277 -14.10 -18.02 -59.68
CA GLU D 277 -14.20 -18.35 -58.25
C GLU D 277 -13.19 -19.40 -57.83
N VAL D 278 -12.99 -20.41 -58.68
CA VAL D 278 -12.11 -21.51 -58.33
C VAL D 278 -10.65 -21.07 -58.31
N LEU D 279 -10.22 -20.34 -59.34
CA LEU D 279 -8.85 -19.88 -59.41
C LEU D 279 -8.57 -18.84 -58.33
N PHE D 280 -9.55 -17.96 -58.09
CA PHE D 280 -9.43 -16.92 -57.08
C PHE D 280 -9.21 -17.55 -55.71
N THR D 281 -9.99 -18.60 -55.42
CA THR D 281 -9.89 -19.35 -54.17
C THR D 281 -8.52 -20.02 -54.04
N MET D 282 -8.04 -20.65 -55.11
CA MET D 282 -6.73 -21.29 -55.05
C MET D 282 -5.65 -20.25 -54.80
N CYS D 283 -5.83 -19.06 -55.36
CA CYS D 283 -4.88 -17.96 -55.22
C CYS D 283 -4.84 -17.41 -53.80
N PHE D 284 -5.64 -17.98 -52.89
CA PHE D 284 -5.54 -17.64 -51.47
C PHE D 284 -4.17 -18.10 -51.00
N ILE D 285 -3.61 -19.09 -51.68
CA ILE D 285 -2.26 -19.53 -51.41
C ILE D 285 -1.32 -18.59 -52.17
N PRO D 286 -0.46 -17.83 -51.49
CA PRO D 286 0.47 -16.86 -52.03
C PRO D 286 1.23 -17.36 -53.24
N LEU D 287 1.65 -18.63 -53.23
CA LEU D 287 2.36 -19.17 -54.37
C LEU D 287 1.47 -19.24 -55.61
N VAL D 288 0.22 -19.66 -55.45
CA VAL D 288 -0.66 -19.76 -56.59
C VAL D 288 -0.90 -18.36 -57.14
N CYS D 289 -1.10 -17.41 -56.25
CA CYS D 289 -1.31 -16.03 -56.64
C CYS D 289 -0.14 -15.52 -57.48
N TRP D 290 1.08 -15.77 -57.01
CA TRP D 290 2.30 -15.37 -57.70
C TRP D 290 2.38 -15.99 -59.09
N ILE D 291 2.09 -17.28 -59.19
CA ILE D 291 2.18 -17.98 -60.48
C ILE D 291 1.23 -17.32 -61.47
N VAL D 292 0.01 -17.04 -61.00
CA VAL D 292 -1.01 -16.42 -61.83
C VAL D 292 -0.64 -14.98 -62.20
N CYS D 293 -0.18 -14.19 -61.24
CA CYS D 293 0.17 -12.80 -61.51
C CYS D 293 1.32 -12.71 -62.50
N THR D 294 2.30 -13.60 -62.37
CA THR D 294 3.45 -13.60 -63.26
C THR D 294 3.01 -13.90 -64.69
N GLY D 295 2.14 -14.90 -64.86
CA GLY D 295 1.66 -15.25 -66.19
C GLY D 295 0.90 -14.08 -66.83
N LEU D 296 0.08 -13.40 -66.04
CA LEU D 296 -0.69 -12.27 -66.56
C LEU D 296 0.23 -11.12 -66.95
N LYS D 297 1.29 -10.89 -66.17
CA LYS D 297 2.25 -9.84 -66.48
C LYS D 297 2.92 -10.10 -67.81
N GLN D 298 3.28 -11.35 -68.05
CA GLN D 298 3.92 -11.73 -69.31
C GLN D 298 2.97 -11.57 -70.49
N GLN D 299 1.69 -11.92 -70.29
CA GLN D 299 0.69 -11.74 -71.33
C GLN D 299 0.52 -10.26 -71.67
N MET D 300 0.61 -9.42 -70.65
CA MET D 300 0.56 -7.98 -70.82
C MET D 300 1.72 -7.49 -71.68
N GLU D 301 2.93 -7.89 -71.30
CA GLU D 301 4.13 -7.47 -72.02
C GLU D 301 4.13 -7.93 -73.47
N SER D 302 3.59 -9.11 -73.72
CA SER D 302 3.54 -9.70 -75.05
C SER D 302 2.37 -9.20 -75.90
N GLY D 303 1.51 -8.37 -75.33
CA GLY D 303 0.36 -7.83 -76.07
C GLY D 303 -0.76 -8.84 -76.28
N LYS D 304 -0.96 -9.73 -75.31
CA LYS D 304 -1.98 -10.77 -75.41
C LYS D 304 -3.29 -10.34 -74.74
N SER D 305 -4.33 -11.16 -74.89
CA SER D 305 -5.66 -10.90 -74.34
C SER D 305 -5.72 -11.03 -72.82
N LEU D 306 -4.71 -11.66 -72.24
CA LEU D 306 -4.63 -11.96 -70.81
C LEU D 306 -5.70 -12.93 -70.34
N ALA D 307 -6.29 -13.68 -71.27
CA ALA D 307 -7.27 -14.68 -70.88
C ALA D 307 -6.61 -15.79 -70.08
N GLN D 308 -7.33 -16.30 -69.08
CA GLN D 308 -6.87 -17.43 -68.29
C GLN D 308 -8.06 -18.24 -67.82
N THR D 309 -8.06 -19.53 -68.12
CA THR D 309 -9.19 -20.39 -67.82
C THR D 309 -8.84 -21.55 -66.89
N SER D 310 -7.76 -21.40 -66.12
CA SER D 310 -7.33 -22.46 -65.22
C SER D 310 -8.36 -22.72 -64.14
N LYS D 311 -8.58 -24.00 -63.81
CA LYS D 311 -9.53 -24.40 -62.78
C LYS D 311 -8.88 -25.23 -61.69
N THR D 312 -7.77 -25.87 -62.00
CA THR D 312 -7.13 -26.77 -61.05
C THR D 312 -5.71 -26.32 -60.75
N THR D 313 -5.11 -26.90 -59.71
CA THR D 313 -3.75 -26.56 -59.34
C THR D 313 -2.83 -26.96 -60.49
N THR D 314 -3.12 -28.11 -61.06
CA THR D 314 -2.36 -28.63 -62.18
C THR D 314 -2.47 -27.67 -63.35
N ALA D 315 -3.68 -27.21 -63.64
CA ALA D 315 -3.88 -26.29 -64.76
C ALA D 315 -3.05 -25.02 -64.57
N VAL D 316 -2.93 -24.55 -63.33
CA VAL D 316 -2.12 -23.37 -63.04
C VAL D 316 -0.65 -23.61 -63.34
N TYR D 317 -0.15 -24.78 -62.90
CA TYR D 317 1.25 -25.15 -63.09
C TYR D 317 1.56 -25.48 -64.55
N VAL D 318 0.63 -26.12 -65.24
CA VAL D 318 0.80 -26.46 -66.65
C VAL D 318 0.77 -25.19 -67.48
N PHE D 319 -0.22 -24.34 -67.23
CA PHE D 319 -0.35 -23.06 -67.93
C PHE D 319 0.92 -22.26 -67.79
N PHE D 320 1.41 -22.11 -66.57
CA PHE D 320 2.60 -21.33 -66.34
C PHE D 320 3.80 -21.92 -67.06
N LEU D 321 4.04 -23.22 -66.90
CA LEU D 321 5.23 -23.81 -67.50
C LEU D 321 5.20 -23.72 -69.02
N SER D 322 4.07 -24.05 -69.62
CA SER D 322 3.99 -24.07 -71.07
C SER D 322 3.96 -22.68 -71.65
N SER D 323 3.33 -21.74 -70.93
CA SER D 323 3.29 -20.37 -71.39
C SER D 323 4.69 -19.79 -71.47
N LEU D 324 5.50 -20.08 -70.46
CA LEU D 324 6.87 -19.57 -70.39
C LEU D 324 7.80 -20.24 -71.40
N LEU D 325 7.68 -21.55 -71.61
CA LEU D 325 8.57 -22.26 -72.51
C LEU D 325 8.18 -22.20 -73.99
N GLN D 326 6.88 -22.04 -74.26
CA GLN D 326 6.41 -22.07 -75.64
C GLN D 326 7.17 -21.15 -76.61
N PRO D 327 7.48 -19.89 -76.26
CA PRO D 327 8.15 -18.92 -77.10
C PRO D 327 9.43 -19.48 -77.70
N LEU D 336 14.02 -24.15 -73.89
CA LEU D 336 12.58 -24.07 -74.10
C LEU D 336 11.94 -25.45 -74.02
N CYS D 337 10.85 -25.64 -74.77
CA CYS D 337 10.08 -26.88 -74.74
C CYS D 337 10.91 -28.11 -75.13
N ALA D 338 11.92 -27.88 -75.96
CA ALA D 338 12.77 -28.94 -76.49
C ALA D 338 13.51 -29.71 -75.39
N HIS D 339 13.68 -29.08 -74.23
CA HIS D 339 14.45 -29.69 -73.16
C HIS D 339 13.57 -30.13 -71.99
N LEU D 340 12.26 -30.22 -72.21
CA LEU D 340 11.35 -30.64 -71.15
C LEU D 340 11.70 -32.02 -70.62
N TRP D 341 12.04 -32.93 -71.53
CA TRP D 341 12.39 -34.30 -71.15
C TRP D 341 13.57 -34.34 -70.20
N GLY D 342 14.67 -33.69 -70.58
CA GLY D 342 15.88 -33.73 -69.79
C GLY D 342 15.62 -33.18 -68.39
N LEU D 343 14.84 -32.10 -68.32
CA LEU D 343 14.52 -31.51 -67.04
C LEU D 343 13.59 -32.37 -66.20
N CYS D 344 12.55 -32.92 -66.82
CA CYS D 344 11.62 -33.74 -66.07
C CYS D 344 12.33 -34.95 -65.50
N SER D 345 13.27 -35.52 -66.27
CA SER D 345 14.06 -36.64 -65.80
C SER D 345 14.93 -36.20 -64.62
N LEU D 346 15.52 -35.01 -64.71
CA LEU D 346 16.34 -34.47 -63.64
C LEU D 346 15.51 -34.28 -62.37
N ALA D 347 14.32 -33.72 -62.53
CA ALA D 347 13.44 -33.48 -61.39
C ALA D 347 13.04 -34.79 -60.73
N ALA D 348 12.70 -35.79 -61.54
CA ALA D 348 12.30 -37.09 -61.02
C ALA D 348 13.46 -37.75 -60.30
N ASP D 349 14.67 -37.62 -60.85
CA ASP D 349 15.86 -38.19 -60.24
C ASP D 349 16.15 -37.47 -58.94
N GLY D 350 15.94 -36.16 -58.95
CA GLY D 350 16.15 -35.33 -57.76
C GLY D 350 15.24 -35.77 -56.64
N ILE D 351 13.95 -35.95 -56.93
CA ILE D 351 13.02 -36.35 -55.89
C ILE D 351 13.37 -37.74 -55.37
N TRP D 352 13.62 -38.68 -56.28
CA TRP D 352 13.93 -40.05 -55.88
C TRP D 352 15.20 -40.14 -55.03
N ASN D 353 16.23 -39.41 -55.42
CA ASN D 353 17.52 -39.48 -54.75
C ASN D 353 17.70 -38.40 -53.69
N GLN D 354 16.61 -37.73 -53.31
CA GLN D 354 16.65 -36.73 -52.25
C GLN D 354 17.63 -35.59 -52.54
N LYS D 355 17.58 -35.02 -53.73
CA LYS D 355 18.44 -33.91 -54.09
C LYS D 355 17.63 -32.66 -54.47
N ILE D 356 17.92 -31.56 -53.77
CA ILE D 356 17.28 -30.27 -54.06
C ILE D 356 18.24 -29.35 -54.80
N LEU D 357 19.50 -29.37 -54.37
CA LEU D 357 20.53 -28.50 -54.91
C LEU D 357 21.43 -29.28 -55.87
N PHE D 358 21.47 -28.83 -57.13
CA PHE D 358 22.14 -29.56 -58.20
C PHE D 358 23.41 -28.87 -58.67
N GLU D 359 24.37 -29.65 -59.17
CA GLU D 359 25.61 -29.07 -59.69
C GLU D 359 25.58 -29.05 -61.22
N GLU D 360 26.59 -28.42 -61.82
CA GLU D 360 26.68 -28.37 -63.27
C GLU D 360 26.74 -29.78 -63.86
N SER D 361 27.33 -30.71 -63.12
CA SER D 361 27.44 -32.10 -63.56
C SER D 361 26.06 -32.75 -63.68
N ASP D 362 25.12 -32.35 -62.83
CA ASP D 362 23.80 -32.96 -62.83
C ASP D 362 23.00 -32.42 -64.01
N LEU D 363 23.26 -31.16 -64.35
CA LEU D 363 22.60 -30.57 -65.50
C LEU D 363 23.15 -31.18 -66.79
N ARG D 364 24.48 -31.31 -66.87
CA ARG D 364 25.11 -31.87 -68.07
C ARG D 364 24.69 -33.32 -68.31
N ASN D 365 24.55 -34.08 -67.24
CA ASN D 365 24.22 -35.50 -67.34
C ASN D 365 22.83 -35.75 -67.90
N HIS D 366 22.01 -34.70 -67.99
CA HIS D 366 20.67 -34.82 -68.53
C HIS D 366 20.55 -34.06 -69.85
N GLY D 367 21.70 -33.67 -70.41
CA GLY D 367 21.75 -32.98 -71.69
C GLY D 367 21.39 -31.50 -71.59
N LEU D 368 21.53 -30.92 -70.40
CA LEU D 368 21.16 -29.52 -70.20
C LEU D 368 22.42 -28.67 -70.06
N GLN D 369 22.80 -27.96 -71.12
CA GLN D 369 24.04 -27.19 -71.09
C GLN D 369 24.08 -26.06 -72.12
N LYS D 370 24.32 -24.84 -71.62
CA LYS D 370 24.45 -23.65 -72.46
C LYS D 370 23.30 -23.47 -73.45
N ALA D 371 22.08 -23.74 -72.99
CA ALA D 371 20.89 -23.60 -73.81
C ALA D 371 19.68 -23.30 -72.95
N ASP D 372 19.10 -24.35 -72.38
CA ASP D 372 17.88 -24.23 -71.62
C ASP D 372 18.13 -23.65 -70.25
N VAL D 373 19.31 -23.89 -69.70
CA VAL D 373 19.61 -23.42 -68.35
C VAL D 373 19.54 -21.91 -68.33
N SER D 374 20.15 -21.29 -69.34
CA SER D 374 20.13 -19.83 -69.43
C SER D 374 18.70 -19.34 -69.61
N ALA D 375 17.93 -20.04 -70.44
CA ALA D 375 16.54 -19.66 -70.67
C ALA D 375 15.72 -19.80 -69.38
N PHE D 376 15.99 -20.87 -68.64
CA PHE D 376 15.28 -21.13 -67.39
C PHE D 376 15.61 -20.11 -66.32
N LEU D 377 16.84 -19.59 -66.35
CA LEU D 377 17.28 -18.56 -65.41
C LEU D 377 16.72 -17.19 -65.79
N ARG D 378 16.51 -16.95 -67.09
CA ARG D 378 15.90 -15.70 -67.52
C ARG D 378 14.44 -15.66 -67.08
N MET D 379 13.79 -16.82 -67.13
CA MET D 379 12.39 -16.98 -66.76
C MET D 379 12.21 -17.33 -65.28
N ASN D 380 11.02 -17.10 -64.74
CA ASN D 380 10.76 -17.46 -63.36
C ASN D 380 10.48 -18.95 -63.21
N LEU D 381 11.51 -19.76 -63.46
CA LEU D 381 11.45 -21.21 -63.37
C LEU D 381 12.60 -21.76 -62.54
N PHE D 382 13.82 -21.32 -62.85
CA PHE D 382 14.99 -21.77 -62.11
C PHE D 382 15.85 -20.62 -61.66
N GLN D 383 16.60 -20.87 -60.59
CA GLN D 383 17.54 -19.90 -60.06
C GLN D 383 18.87 -20.58 -59.83
N LYS D 384 19.96 -19.80 -59.87
CA LYS D 384 21.30 -20.37 -59.75
C LYS D 384 21.89 -20.16 -58.37
N GLU D 385 21.05 -19.74 -57.43
CA GLU D 385 21.46 -19.55 -56.03
C GLU D 385 22.70 -18.67 -55.95
N VAL D 386 22.48 -17.37 -55.79
CA VAL D 386 23.58 -16.42 -55.88
C VAL D 386 24.00 -15.88 -54.52
N ASP D 387 23.58 -16.56 -53.46
CA ASP D 387 23.97 -16.16 -52.11
C ASP D 387 25.35 -16.73 -51.78
N CYS D 388 26.35 -16.28 -52.52
CA CYS D 388 27.74 -16.72 -52.36
C CYS D 388 27.89 -18.24 -52.33
N GLU D 389 27.27 -18.92 -53.29
CA GLU D 389 27.32 -20.39 -53.36
C GLU D 389 27.55 -20.88 -54.79
N LYS D 390 27.70 -22.20 -54.93
CA LYS D 390 27.90 -22.81 -56.25
C LYS D 390 27.01 -24.03 -56.48
N PHE D 391 25.72 -23.77 -56.76
CA PHE D 391 24.76 -24.82 -57.09
C PHE D 391 23.50 -24.22 -57.72
N TYR D 392 22.67 -25.08 -58.30
CA TYR D 392 21.42 -24.67 -58.94
C TYR D 392 20.22 -25.27 -58.23
N SER D 393 19.07 -24.60 -58.34
CA SER D 393 17.87 -25.13 -57.70
C SER D 393 16.60 -24.71 -58.44
N PHE D 394 15.52 -25.43 -58.15
CA PHE D 394 14.20 -25.13 -58.67
C PHE D 394 13.65 -23.91 -57.95
N ILE D 395 12.90 -23.06 -58.64
CA ILE D 395 12.35 -21.87 -58.01
C ILE D 395 11.38 -22.25 -56.87
N HIS D 396 10.66 -23.35 -57.04
CA HIS D 396 9.75 -23.83 -55.99
C HIS D 396 9.85 -25.35 -55.86
N MET D 397 9.63 -25.85 -54.65
CA MET D 397 9.63 -27.30 -54.44
C MET D 397 8.41 -27.95 -55.08
N THR D 398 7.32 -27.19 -55.20
CA THR D 398 6.13 -27.72 -55.85
C THR D 398 6.38 -27.83 -57.35
N PHE D 399 7.29 -27.00 -57.87
CA PHE D 399 7.65 -27.10 -59.28
C PHE D 399 8.48 -28.35 -59.51
N GLN D 400 9.44 -28.61 -58.62
CA GLN D 400 10.26 -29.81 -58.79
C GLN D 400 9.40 -31.06 -58.76
N GLU D 401 8.44 -31.11 -57.85
CA GLU D 401 7.54 -32.25 -57.77
C GLU D 401 6.60 -32.30 -58.97
N PHE D 402 6.18 -31.13 -59.46
CA PHE D 402 5.37 -31.05 -60.68
C PHE D 402 6.13 -31.61 -61.88
N PHE D 403 7.39 -31.20 -62.06
CA PHE D 403 8.19 -31.70 -63.16
C PHE D 403 8.34 -33.22 -63.07
N ALA D 404 8.56 -33.72 -61.85
CA ALA D 404 8.70 -35.17 -61.67
C ALA D 404 7.40 -35.86 -62.07
N ALA D 405 6.25 -35.27 -61.74
CA ALA D 405 4.96 -35.82 -62.11
C ALA D 405 4.82 -35.93 -63.62
N MET D 406 5.32 -34.91 -64.33
CA MET D 406 5.25 -34.90 -65.78
C MET D 406 6.14 -35.99 -66.36
N TYR D 407 7.28 -36.23 -65.74
CA TYR D 407 8.24 -37.23 -66.22
C TYR D 407 7.57 -38.57 -66.47
N TYR D 408 6.75 -38.99 -65.53
CA TYR D 408 6.12 -40.31 -65.59
C TYR D 408 5.19 -40.46 -66.78
N LEU D 409 4.81 -39.34 -67.40
CA LEU D 409 3.88 -39.35 -68.52
C LEU D 409 4.53 -39.07 -69.87
N LEU D 410 5.83 -38.76 -69.89
CA LEU D 410 6.46 -38.38 -71.15
C LEU D 410 6.92 -39.60 -71.94
N GLU D 411 6.91 -39.46 -73.26
CA GLU D 411 7.37 -40.52 -74.13
C GLU D 411 6.78 -41.87 -73.74
N LEU D 427 16.45 -40.47 -64.37
CA LEU D 427 15.62 -41.58 -64.82
C LEU D 427 15.65 -42.73 -63.81
N PRO D 428 15.23 -42.47 -62.56
CA PRO D 428 15.33 -43.34 -61.41
C PRO D 428 14.46 -44.59 -61.49
N SER D 429 13.40 -44.54 -62.30
CA SER D 429 12.46 -45.65 -62.40
C SER D 429 11.48 -45.45 -63.54
N ARG D 430 10.80 -44.31 -63.50
CA ARG D 430 9.69 -44.00 -64.40
C ARG D 430 8.58 -45.02 -64.22
N ASP D 431 8.37 -45.41 -62.96
CA ASP D 431 7.33 -46.35 -62.59
C ASP D 431 6.41 -45.76 -61.55
N VAL D 432 5.16 -45.53 -61.92
CA VAL D 432 4.20 -44.93 -61.03
C VAL D 432 3.86 -45.84 -59.85
N THR D 433 3.97 -47.17 -60.05
CA THR D 433 3.69 -48.05 -58.93
C THR D 433 4.64 -47.75 -57.79
N VAL D 434 5.92 -47.59 -58.13
CA VAL D 434 6.94 -47.26 -57.16
C VAL D 434 6.66 -45.89 -56.55
N LEU D 435 6.27 -44.93 -57.39
CA LEU D 435 5.95 -43.60 -56.93
C LEU D 435 4.86 -43.64 -55.84
N LEU D 436 3.79 -44.33 -56.12
CA LEU D 436 2.65 -44.40 -55.21
C LEU D 436 2.99 -45.15 -53.92
N GLU D 437 3.77 -46.23 -54.03
CA GLU D 437 4.15 -47.02 -52.87
C GLU D 437 4.98 -46.21 -51.88
N ASN D 438 5.80 -45.29 -52.39
CA ASN D 438 6.69 -44.48 -51.56
C ASN D 438 6.04 -43.18 -51.09
N TYR D 439 4.73 -43.05 -51.29
CA TYR D 439 4.00 -41.86 -50.88
C TYR D 439 4.14 -41.63 -49.37
N GLY D 440 3.93 -42.69 -48.60
CA GLY D 440 3.94 -42.58 -47.14
C GLY D 440 5.35 -42.60 -46.56
N LYS D 441 6.21 -41.71 -47.05
CA LYS D 441 7.59 -41.66 -46.56
C LYS D 441 8.12 -40.25 -46.43
N PHE D 442 8.71 -39.96 -45.26
CA PHE D 442 9.37 -38.69 -44.96
C PHE D 442 10.55 -38.46 -45.87
N GLU D 443 11.38 -39.47 -46.02
CA GLU D 443 12.62 -39.35 -46.78
C GLU D 443 12.39 -38.89 -48.21
N LYS D 444 11.30 -39.33 -48.82
CA LYS D 444 11.02 -38.99 -50.21
C LYS D 444 10.28 -37.67 -50.34
N GLY D 445 10.00 -37.03 -49.21
CA GLY D 445 9.29 -35.75 -49.21
C GLY D 445 7.78 -35.91 -49.31
N TYR D 446 7.28 -37.11 -49.00
CA TYR D 446 5.86 -37.46 -49.05
C TYR D 446 5.26 -37.49 -50.46
N LEU D 447 5.93 -36.87 -51.42
CA LEU D 447 5.53 -36.97 -52.82
C LEU D 447 4.06 -36.58 -53.02
N ILE D 448 3.59 -35.64 -52.21
CA ILE D 448 2.18 -35.26 -52.25
C ILE D 448 1.81 -34.64 -53.57
N PHE D 449 2.65 -33.71 -54.03
CA PHE D 449 2.37 -33.03 -55.27
C PHE D 449 2.79 -33.85 -56.47
N VAL D 450 3.75 -34.74 -56.30
CA VAL D 450 4.16 -35.51 -57.47
C VAL D 450 2.97 -36.35 -57.90
N VAL D 451 2.32 -36.99 -56.91
CA VAL D 451 1.15 -37.79 -57.18
C VAL D 451 -0.07 -36.94 -57.53
N ARG D 452 -0.32 -35.86 -56.77
CA ARG D 452 -1.47 -35.02 -57.06
C ARG D 452 -1.41 -34.43 -58.47
N PHE D 453 -0.25 -33.96 -58.88
CA PHE D 453 -0.12 -33.42 -60.23
C PHE D 453 -0.28 -34.54 -61.25
N LEU D 454 0.23 -35.72 -60.94
CA LEU D 454 0.07 -36.86 -61.83
C LEU D 454 -1.42 -37.09 -62.07
N PHE D 455 -2.22 -37.03 -61.00
CA PHE D 455 -3.67 -37.22 -61.16
C PHE D 455 -4.27 -36.21 -62.13
N GLY D 456 -3.92 -34.93 -61.98
CA GLY D 456 -4.44 -33.88 -62.86
C GLY D 456 -3.95 -34.02 -64.30
N LEU D 457 -2.68 -34.38 -64.45
CA LEU D 457 -2.05 -34.53 -65.74
C LEU D 457 -2.58 -35.74 -66.52
N VAL D 458 -2.93 -36.80 -65.82
CA VAL D 458 -3.47 -37.99 -66.48
C VAL D 458 -4.92 -37.80 -66.86
N ASN D 459 -5.13 -37.29 -68.07
CA ASN D 459 -6.47 -37.05 -68.58
C ASN D 459 -6.49 -37.26 -70.10
N GLN D 460 -7.67 -37.11 -70.68
CA GLN D 460 -7.88 -37.23 -72.12
C GLN D 460 -8.11 -35.86 -72.72
N GLU D 461 -8.66 -34.95 -71.92
CA GLU D 461 -9.00 -33.61 -72.40
C GLU D 461 -7.77 -32.72 -72.43
N ARG D 462 -6.84 -33.07 -73.31
CA ARG D 462 -5.56 -32.38 -73.41
C ARG D 462 -5.44 -31.60 -74.71
N THR D 463 -4.59 -30.58 -74.69
CA THR D 463 -4.35 -29.74 -75.87
C THR D 463 -2.86 -29.62 -76.17
N SER D 464 -2.47 -28.50 -76.75
CA SER D 464 -1.07 -28.25 -77.08
C SER D 464 -0.36 -27.68 -75.85
N TYR D 465 0.66 -26.87 -76.07
CA TYR D 465 1.34 -26.24 -74.94
C TYR D 465 1.80 -27.28 -73.92
N LEU D 466 2.64 -28.20 -74.39
CA LEU D 466 3.22 -29.29 -73.60
C LEU D 466 2.24 -30.41 -73.22
N GLU D 467 0.94 -30.16 -73.28
CA GLU D 467 -0.03 -31.18 -72.87
C GLU D 467 -0.09 -32.32 -73.89
N LYS D 468 0.44 -32.05 -75.09
CA LYS D 468 0.47 -33.03 -76.17
C LYS D 468 1.72 -33.91 -76.09
N LYS D 469 2.60 -33.63 -75.14
CA LYS D 469 3.84 -34.39 -75.00
C LYS D 469 3.63 -35.57 -74.06
N LEU D 470 2.41 -35.68 -73.55
CA LEU D 470 2.03 -36.77 -72.66
C LEU D 470 1.57 -37.96 -73.50
N SER D 471 2.13 -39.13 -73.21
CA SER D 471 1.82 -40.32 -73.99
C SER D 471 0.50 -40.95 -73.57
N CYS D 472 -0.39 -41.15 -74.54
CA CYS D 472 -1.73 -41.66 -74.29
C CYS D 472 -1.72 -43.01 -73.58
N LYS D 473 -0.96 -43.96 -74.11
CA LYS D 473 -0.94 -45.30 -73.53
C LYS D 473 -0.45 -45.27 -72.09
N ILE D 474 0.53 -44.43 -71.84
CA ILE D 474 1.12 -44.32 -70.51
C ILE D 474 0.11 -43.73 -69.52
N SER D 475 -0.59 -42.68 -69.96
CA SER D 475 -1.60 -42.07 -69.10
C SER D 475 -2.74 -43.03 -68.82
N GLN D 476 -3.12 -43.85 -69.80
CA GLN D 476 -4.20 -44.81 -69.60
C GLN D 476 -3.82 -45.88 -68.59
N GLN D 477 -2.58 -46.37 -68.68
CA GLN D 477 -2.11 -47.40 -67.76
C GLN D 477 -2.05 -46.83 -66.34
N ILE D 478 -1.60 -45.59 -66.23
CA ILE D 478 -1.51 -44.91 -64.95
C ILE D 478 -2.88 -44.62 -64.38
N ARG D 479 -3.81 -44.16 -65.22
CA ARG D 479 -5.16 -43.86 -64.76
C ARG D 479 -5.73 -45.07 -64.02
N LEU D 480 -5.54 -46.26 -64.58
CA LEU D 480 -6.03 -47.48 -63.96
C LEU D 480 -5.33 -47.73 -62.61
N GLU D 481 -4.01 -47.50 -62.57
CA GLU D 481 -3.26 -47.71 -61.33
C GLU D 481 -3.66 -46.71 -60.25
N LEU D 482 -3.94 -45.48 -60.66
CA LEU D 482 -4.32 -44.44 -59.72
C LEU D 482 -5.67 -44.76 -59.07
N LEU D 483 -6.59 -45.31 -59.84
CA LEU D 483 -7.90 -45.66 -59.30
C LEU D 483 -7.77 -46.80 -58.29
N LYS D 484 -6.92 -47.79 -58.62
CA LYS D 484 -6.66 -48.90 -57.70
C LYS D 484 -6.01 -48.41 -56.42
N TRP D 485 -5.11 -47.44 -56.55
CA TRP D 485 -4.44 -46.84 -55.41
C TRP D 485 -5.46 -46.21 -54.48
N ILE D 486 -6.43 -45.49 -55.06
CA ILE D 486 -7.49 -44.90 -54.25
C ILE D 486 -8.28 -45.98 -53.54
N GLU D 487 -8.62 -47.06 -54.24
CA GLU D 487 -9.37 -48.14 -53.59
C GLU D 487 -8.64 -48.67 -52.37
N VAL D 488 -7.34 -48.91 -52.51
CA VAL D 488 -6.55 -49.45 -51.41
C VAL D 488 -6.46 -48.49 -50.23
N LYS D 489 -6.23 -47.21 -50.50
CA LYS D 489 -6.10 -46.24 -49.42
C LYS D 489 -7.45 -45.82 -48.85
N ALA D 490 -8.47 -45.79 -49.69
CA ALA D 490 -9.81 -45.38 -49.26
C ALA D 490 -10.36 -46.36 -48.22
N LYS D 491 -9.99 -47.63 -48.36
CA LYS D 491 -10.45 -48.67 -47.43
C LYS D 491 -9.65 -48.69 -46.13
N ALA D 492 -8.58 -47.90 -46.07
CA ALA D 492 -7.69 -47.89 -44.92
C ALA D 492 -8.12 -46.83 -43.90
N LYS D 493 -8.99 -47.22 -42.97
CA LYS D 493 -9.50 -46.28 -41.99
C LYS D 493 -8.49 -46.10 -40.86
N LYS D 494 -7.38 -45.46 -41.20
CA LYS D 494 -6.25 -45.33 -40.28
C LYS D 494 -5.69 -43.90 -40.27
N LEU D 495 -5.05 -43.52 -39.16
CA LEU D 495 -4.41 -42.21 -39.02
C LEU D 495 -2.89 -42.31 -39.20
N GLN D 496 -2.37 -41.63 -40.23
CA GLN D 496 -0.96 -41.67 -40.57
C GLN D 496 -0.60 -40.60 -41.60
N ILE D 497 0.67 -40.56 -41.99
CA ILE D 497 1.15 -39.66 -43.05
C ILE D 497 0.57 -39.99 -44.43
N GLN D 498 0.17 -41.24 -44.63
CA GLN D 498 -0.51 -41.65 -45.85
C GLN D 498 -1.91 -41.02 -45.82
N PRO D 499 -2.59 -40.87 -46.96
CA PRO D 499 -3.78 -40.06 -47.13
C PRO D 499 -4.80 -40.35 -46.03
N SER D 500 -5.34 -39.26 -45.47
CA SER D 500 -6.28 -39.35 -44.36
C SER D 500 -7.71 -39.11 -44.84
N GLN D 501 -7.97 -39.56 -46.06
CA GLN D 501 -9.27 -39.41 -46.72
C GLN D 501 -9.51 -37.95 -47.11
N LEU D 502 -8.44 -37.17 -47.14
CA LEU D 502 -8.50 -35.79 -47.61
C LEU D 502 -7.77 -35.66 -48.94
N GLU D 503 -6.50 -36.07 -48.95
CA GLU D 503 -5.66 -35.94 -50.13
C GLU D 503 -6.22 -36.70 -51.32
N LEU D 504 -6.98 -37.77 -51.04
CA LEU D 504 -7.60 -38.55 -52.08
C LEU D 504 -8.64 -37.71 -52.82
N PHE D 505 -9.32 -36.82 -52.08
CA PHE D 505 -10.35 -35.99 -52.66
C PHE D 505 -9.76 -34.80 -53.41
N TYR D 506 -8.64 -34.28 -52.91
CA TYR D 506 -7.97 -33.18 -53.61
C TYR D 506 -7.44 -33.68 -54.94
N CYS D 507 -6.98 -34.93 -54.95
CA CYS D 507 -6.50 -35.55 -56.18
C CYS D 507 -7.63 -35.73 -57.18
N LEU D 508 -8.79 -36.15 -56.70
CA LEU D 508 -9.96 -36.32 -57.54
C LEU D 508 -10.49 -34.98 -58.04
N TYR D 509 -10.36 -33.93 -57.23
CA TYR D 509 -10.77 -32.60 -57.68
C TYR D 509 -9.93 -32.20 -58.89
N GLU D 510 -8.61 -32.42 -58.80
CA GLU D 510 -7.70 -32.09 -59.90
C GLU D 510 -8.03 -32.90 -61.15
N MET D 511 -8.33 -34.18 -60.96
CA MET D 511 -8.76 -35.03 -62.06
C MET D 511 -10.27 -34.88 -62.23
N GLN D 512 -10.67 -33.71 -62.71
CA GLN D 512 -12.09 -33.37 -62.77
C GLN D 512 -12.75 -34.02 -63.98
N GLU D 513 -12.90 -35.33 -63.92
CA GLU D 513 -13.52 -36.13 -64.98
C GLU D 513 -14.56 -37.06 -64.35
N GLU D 514 -15.76 -37.12 -64.93
CA GLU D 514 -16.86 -37.82 -64.29
C GLU D 514 -16.66 -39.32 -64.12
N ASP D 515 -16.11 -40.01 -65.11
CA ASP D 515 -15.98 -41.46 -65.02
C ASP D 515 -15.01 -41.83 -63.91
N PHE D 516 -13.82 -41.26 -63.95
CA PHE D 516 -12.79 -41.55 -62.96
C PHE D 516 -13.23 -41.18 -61.56
N VAL D 517 -13.78 -39.99 -61.41
CA VAL D 517 -14.17 -39.49 -60.09
C VAL D 517 -15.31 -40.29 -59.48
N GLN D 518 -16.35 -40.55 -60.27
CA GLN D 518 -17.49 -41.26 -59.74
C GLN D 518 -17.14 -42.69 -59.34
N ARG D 519 -16.24 -43.33 -60.10
CA ARG D 519 -15.79 -44.68 -59.73
C ARG D 519 -15.00 -44.65 -58.43
N ALA D 520 -14.17 -43.62 -58.25
CA ALA D 520 -13.38 -43.50 -57.04
C ALA D 520 -14.27 -43.41 -55.81
N MET D 521 -15.42 -42.74 -55.96
CA MET D 521 -16.32 -42.52 -54.83
C MET D 521 -16.91 -43.81 -54.29
N ASP D 522 -16.84 -44.88 -55.08
CA ASP D 522 -17.42 -46.17 -54.69
C ASP D 522 -16.63 -46.80 -53.56
N TYR D 523 -15.47 -46.24 -53.26
CA TYR D 523 -14.62 -46.80 -52.24
C TYR D 523 -14.69 -46.01 -50.95
N PHE D 524 -15.62 -45.06 -50.88
CA PHE D 524 -15.78 -44.23 -49.69
C PHE D 524 -17.20 -44.27 -49.14
N PRO D 525 -17.68 -45.42 -48.60
CA PRO D 525 -19.01 -45.61 -48.04
C PRO D 525 -19.20 -44.78 -46.78
N LYS D 526 -18.07 -44.44 -46.15
CA LYS D 526 -18.07 -43.60 -44.95
C LYS D 526 -17.00 -42.54 -45.10
N ILE D 527 -17.40 -41.28 -45.03
CA ILE D 527 -16.46 -40.18 -45.22
C ILE D 527 -16.28 -39.34 -43.97
N GLU D 528 -15.03 -39.16 -43.57
CA GLU D 528 -14.68 -38.34 -42.42
C GLU D 528 -13.68 -37.27 -42.83
N ILE D 529 -14.12 -36.02 -42.91
CA ILE D 529 -13.26 -34.95 -43.42
C ILE D 529 -13.27 -33.71 -42.53
N ASN D 530 -12.21 -32.91 -42.66
CA ASN D 530 -12.03 -31.68 -41.89
C ASN D 530 -11.79 -30.49 -42.81
N LEU D 531 -12.66 -29.49 -42.71
CA LEU D 531 -12.62 -28.35 -43.61
C LEU D 531 -12.26 -27.07 -42.86
N SER D 532 -11.20 -26.37 -43.30
CA SER D 532 -10.77 -25.15 -42.64
C SER D 532 -10.78 -23.92 -43.55
N THR D 533 -10.77 -24.14 -44.86
CA THR D 533 -10.79 -23.01 -45.77
C THR D 533 -11.77 -23.18 -46.93
N ARG D 534 -11.90 -22.14 -47.74
CA ARG D 534 -12.87 -22.15 -48.83
C ARG D 534 -12.57 -23.23 -49.85
N MET D 535 -11.28 -23.48 -50.09
CA MET D 535 -10.88 -24.48 -51.04
C MET D 535 -11.25 -25.88 -50.58
N ASP D 536 -11.39 -26.07 -49.26
CA ASP D 536 -11.70 -27.37 -48.72
C ASP D 536 -13.17 -27.65 -48.94
N HIS D 537 -13.98 -26.62 -48.81
CA HIS D 537 -15.41 -26.74 -49.03
C HIS D 537 -15.69 -26.93 -50.51
N MET D 538 -14.87 -26.30 -51.35
CA MET D 538 -14.99 -26.43 -52.79
C MET D 538 -14.72 -27.87 -53.22
N VAL D 539 -13.66 -28.47 -52.68
CA VAL D 539 -13.31 -29.85 -52.97
C VAL D 539 -14.33 -30.81 -52.38
N SER D 540 -14.73 -30.57 -51.13
CA SER D 540 -15.69 -31.43 -50.46
C SER D 540 -17.02 -31.45 -51.20
N SER D 541 -17.49 -30.28 -51.61
CA SER D 541 -18.75 -30.16 -52.33
C SER D 541 -18.70 -30.94 -53.64
N PHE D 542 -17.62 -30.73 -54.40
CA PHE D 542 -17.44 -31.44 -55.67
C PHE D 542 -17.44 -32.95 -55.49
N CYS D 543 -16.66 -33.42 -54.53
CA CYS D 543 -16.52 -34.85 -54.35
C CYS D 543 -17.80 -35.50 -53.81
N ILE D 544 -18.43 -34.88 -52.81
CA ILE D 544 -19.61 -35.51 -52.22
C ILE D 544 -20.78 -35.51 -53.20
N GLU D 545 -20.83 -34.48 -54.06
CA GLU D 545 -21.86 -34.38 -55.08
C GLU D 545 -21.86 -35.60 -56.01
N ASN D 546 -20.69 -36.19 -56.20
CA ASN D 546 -20.53 -37.31 -57.12
C ASN D 546 -20.52 -38.66 -56.40
N CYS D 547 -20.89 -38.66 -55.12
CA CYS D 547 -20.95 -39.91 -54.37
C CYS D 547 -22.35 -40.50 -54.43
N HIS D 548 -22.44 -41.71 -54.97
CA HIS D 548 -23.73 -42.39 -55.11
C HIS D 548 -23.83 -43.59 -54.18
N ARG D 549 -22.76 -43.83 -53.44
CA ARG D 549 -22.70 -44.98 -52.53
C ARG D 549 -22.14 -44.61 -51.16
N VAL D 550 -22.47 -43.43 -50.67
CA VAL D 550 -22.02 -43.00 -49.35
C VAL D 550 -23.17 -43.09 -48.36
N GLU D 551 -22.93 -43.77 -47.25
CA GLU D 551 -23.98 -43.97 -46.26
C GLU D 551 -23.92 -42.93 -45.15
N SER D 552 -22.70 -42.56 -44.75
CA SER D 552 -22.55 -41.60 -43.67
C SER D 552 -21.43 -40.62 -43.94
N LEU D 553 -21.61 -39.40 -43.41
CA LEU D 553 -20.63 -38.34 -43.55
C LEU D 553 -20.41 -37.60 -42.24
N SER D 554 -19.15 -37.47 -41.86
CA SER D 554 -18.76 -36.73 -40.66
C SER D 554 -17.96 -35.50 -41.04
N LEU D 555 -18.44 -34.34 -40.64
CA LEU D 555 -17.80 -33.09 -41.02
C LEU D 555 -17.23 -32.33 -39.84
N GLY D 556 -15.92 -32.14 -39.86
CA GLY D 556 -15.25 -31.31 -38.88
C GLY D 556 -15.13 -29.91 -39.44
N PHE D 557 -15.49 -28.91 -38.65
CA PHE D 557 -15.41 -27.53 -39.11
C PHE D 557 -14.38 -26.77 -38.29
N LEU D 558 -13.41 -26.19 -38.98
CA LEU D 558 -12.33 -25.47 -38.34
C LEU D 558 -12.40 -23.98 -38.64
N HIS D 559 -11.83 -23.16 -37.77
CA HIS D 559 -11.85 -21.72 -37.95
C HIS D 559 -11.63 -21.38 -39.42
N ASN D 560 -12.62 -20.70 -40.01
CA ASN D 560 -12.61 -20.42 -41.44
C ASN D 560 -12.62 -18.93 -41.71
N LEU D 599 -16.36 -19.86 -37.11
CA LEU D 599 -17.35 -20.44 -38.02
C LEU D 599 -18.63 -19.60 -38.01
N THR D 600 -19.71 -20.16 -37.47
CA THR D 600 -21.01 -19.48 -37.38
C THR D 600 -21.32 -18.58 -38.59
N SER D 601 -21.49 -19.19 -39.75
CA SER D 601 -21.81 -18.42 -40.95
C SER D 601 -22.40 -19.27 -42.07
N SER D 602 -22.59 -18.64 -43.22
CA SER D 602 -23.17 -19.26 -44.41
C SER D 602 -22.12 -19.98 -45.26
N PHE D 603 -20.89 -19.96 -44.78
CA PHE D 603 -19.75 -20.55 -45.47
C PHE D 603 -19.98 -22.04 -45.77
N CYS D 604 -20.81 -22.69 -44.96
CA CYS D 604 -21.09 -24.12 -45.11
C CYS D 604 -22.27 -24.40 -46.02
N ARG D 605 -22.96 -23.34 -46.46
CA ARG D 605 -24.14 -23.48 -47.31
C ARG D 605 -23.85 -24.27 -48.57
N GLY D 606 -22.67 -24.05 -49.16
CA GLY D 606 -22.30 -24.70 -50.41
C GLY D 606 -22.19 -26.21 -50.28
N LEU D 607 -22.00 -26.69 -49.04
CA LEU D 607 -21.88 -28.12 -48.81
C LEU D 607 -23.22 -28.71 -48.38
N PHE D 608 -23.90 -28.02 -47.46
CA PHE D 608 -25.17 -28.53 -46.95
C PHE D 608 -26.20 -28.61 -48.07
N SER D 609 -26.14 -27.64 -49.00
CA SER D 609 -27.05 -27.61 -50.14
C SER D 609 -26.90 -28.86 -50.99
N VAL D 610 -25.67 -29.34 -51.12
CA VAL D 610 -25.37 -30.54 -51.90
C VAL D 610 -25.76 -31.80 -51.14
N LEU D 611 -25.48 -31.85 -49.85
CA LEU D 611 -25.74 -33.07 -49.09
C LEU D 611 -27.22 -33.42 -49.10
N SER D 612 -28.08 -32.41 -49.07
CA SER D 612 -29.52 -32.62 -49.05
C SER D 612 -30.06 -33.20 -50.35
N THR D 613 -29.25 -33.23 -51.40
CA THR D 613 -29.70 -33.79 -52.67
C THR D 613 -29.13 -35.18 -52.89
N SER D 614 -28.36 -35.68 -51.92
CA SER D 614 -27.77 -37.01 -52.02
C SER D 614 -28.83 -38.09 -51.90
N GLN D 615 -28.70 -39.13 -52.70
CA GLN D 615 -29.67 -40.20 -52.65
C GLN D 615 -29.15 -41.41 -51.89
N SER D 616 -27.95 -41.30 -51.31
CA SER D 616 -27.40 -42.41 -50.56
C SER D 616 -27.10 -42.05 -49.10
N LEU D 617 -26.93 -40.75 -48.82
CA LEU D 617 -26.55 -40.34 -47.47
C LEU D 617 -27.69 -40.55 -46.49
N THR D 618 -27.42 -41.27 -45.42
CA THR D 618 -28.41 -41.57 -44.39
C THR D 618 -28.11 -40.84 -43.10
N GLU D 619 -26.82 -40.79 -42.73
CA GLU D 619 -26.42 -40.22 -41.46
C GLU D 619 -25.42 -39.06 -41.59
N LEU D 620 -25.78 -37.92 -40.99
CA LEU D 620 -24.90 -36.76 -41.01
C LEU D 620 -24.43 -36.41 -39.59
N ASP D 621 -23.11 -36.44 -39.41
CA ASP D 621 -22.50 -36.19 -38.11
C ASP D 621 -21.79 -34.82 -38.08
N LEU D 622 -22.35 -33.91 -37.30
CA LEU D 622 -21.82 -32.55 -37.17
C LEU D 622 -21.30 -32.31 -35.76
N SER D 623 -20.88 -33.37 -35.10
CA SER D 623 -20.49 -33.32 -33.70
C SER D 623 -19.30 -32.41 -33.39
N ASP D 624 -19.42 -31.71 -32.26
CA ASP D 624 -18.39 -30.84 -31.68
C ASP D 624 -17.87 -29.79 -32.65
N ASN D 625 -18.79 -29.19 -33.40
CA ASN D 625 -18.44 -28.11 -34.31
C ASN D 625 -19.13 -26.82 -33.92
N SER D 626 -18.37 -25.72 -33.87
CA SER D 626 -18.91 -24.43 -33.43
C SER D 626 -19.77 -23.76 -34.51
N LEU D 627 -20.87 -24.43 -34.83
CA LEU D 627 -21.84 -23.91 -35.77
C LEU D 627 -22.97 -23.29 -34.96
N GLY D 628 -23.01 -21.97 -34.90
CA GLY D 628 -23.99 -21.29 -34.07
C GLY D 628 -25.33 -21.30 -34.77
N ASP D 629 -26.30 -20.61 -34.20
CA ASP D 629 -27.64 -20.65 -34.73
C ASP D 629 -27.68 -20.45 -36.26
N PRO D 630 -26.96 -19.45 -36.85
CA PRO D 630 -26.85 -19.23 -38.28
C PRO D 630 -26.43 -20.48 -39.05
N GLY D 631 -25.58 -21.31 -38.45
CA GLY D 631 -25.13 -22.54 -39.11
C GLY D 631 -26.24 -23.57 -39.08
N MET D 632 -26.99 -23.57 -37.98
CA MET D 632 -28.08 -24.51 -37.81
C MET D 632 -29.24 -24.11 -38.71
N ARG D 633 -29.41 -22.81 -38.93
CA ARG D 633 -30.47 -22.34 -39.80
C ARG D 633 -30.21 -22.77 -41.24
N VAL D 634 -28.95 -22.66 -41.68
CA VAL D 634 -28.62 -23.09 -43.03
C VAL D 634 -28.88 -24.58 -43.18
N LEU D 635 -28.49 -25.35 -42.17
CA LEU D 635 -28.75 -26.78 -42.18
C LEU D 635 -30.24 -27.07 -42.23
N CYS D 636 -31.00 -26.36 -41.39
CA CYS D 636 -32.44 -26.58 -41.30
C CYS D 636 -33.17 -26.23 -42.60
N GLU D 637 -32.64 -25.28 -43.36
CA GLU D 637 -33.25 -25.00 -44.66
C GLU D 637 -33.03 -26.17 -45.61
N THR D 638 -31.83 -26.73 -45.60
CA THR D 638 -31.49 -27.83 -46.48
C THR D 638 -32.14 -29.15 -46.06
N LEU D 639 -32.43 -29.29 -44.76
CA LEU D 639 -33.07 -30.50 -44.24
C LEU D 639 -34.54 -30.59 -44.62
N GLN D 640 -35.08 -29.53 -45.22
CA GLN D 640 -36.48 -29.55 -45.64
C GLN D 640 -36.62 -29.99 -47.08
N HIS D 641 -35.49 -30.25 -47.76
CA HIS D 641 -35.53 -30.71 -49.14
C HIS D 641 -36.20 -32.09 -49.19
N PRO D 642 -37.15 -32.32 -50.10
CA PRO D 642 -37.91 -33.54 -50.25
C PRO D 642 -37.05 -34.74 -50.64
N GLY D 643 -35.85 -34.48 -51.15
CA GLY D 643 -34.95 -35.54 -51.58
C GLY D 643 -33.83 -35.84 -50.58
N CYS D 644 -33.95 -35.32 -49.36
CA CYS D 644 -32.89 -35.48 -48.35
C CYS D 644 -32.49 -36.93 -48.12
N ASN D 645 -33.45 -37.78 -47.76
CA ASN D 645 -33.20 -39.18 -47.43
C ASN D 645 -32.34 -39.34 -46.18
N ILE D 646 -32.19 -38.26 -45.42
CA ILE D 646 -31.42 -38.29 -44.19
C ILE D 646 -32.30 -38.82 -43.06
N ARG D 647 -31.83 -39.85 -42.38
CA ARG D 647 -32.63 -40.47 -41.34
C ARG D 647 -32.05 -40.18 -39.96
N ARG D 648 -30.74 -39.95 -39.90
CA ARG D 648 -30.09 -39.72 -38.62
C ARG D 648 -29.23 -38.45 -38.64
N LEU D 649 -29.49 -37.56 -37.68
CA LEU D 649 -28.72 -36.32 -37.57
C LEU D 649 -28.16 -36.16 -36.16
N TRP D 650 -26.84 -36.07 -36.06
CA TRP D 650 -26.20 -35.98 -34.75
C TRP D 650 -25.44 -34.68 -34.56
N LEU D 651 -25.74 -34.02 -33.45
CA LEU D 651 -25.05 -32.78 -33.07
C LEU D 651 -24.20 -33.04 -31.82
N GLY D 652 -23.15 -32.25 -31.64
CA GLY D 652 -22.29 -32.38 -30.46
C GLY D 652 -22.23 -31.06 -29.71
N ARG D 653 -21.06 -30.75 -29.14
CA ARG D 653 -20.92 -29.52 -28.36
C ARG D 653 -20.85 -28.31 -29.28
N CYS D 654 -21.98 -28.01 -29.92
CA CYS D 654 -22.07 -26.95 -30.91
C CYS D 654 -22.46 -25.62 -30.30
N GLY D 655 -22.99 -25.64 -29.07
CA GLY D 655 -23.41 -24.41 -28.42
C GLY D 655 -24.69 -23.84 -29.01
N LEU D 656 -25.58 -24.70 -29.50
CA LEU D 656 -26.82 -24.21 -30.10
C LEU D 656 -27.67 -23.56 -29.03
N SER D 657 -28.32 -22.45 -29.39
CA SER D 657 -29.17 -21.74 -28.43
C SER D 657 -30.62 -22.17 -28.55
N HIS D 658 -31.39 -21.88 -27.52
CA HIS D 658 -32.83 -22.18 -27.49
C HIS D 658 -33.54 -21.61 -28.70
N GLU D 659 -32.98 -20.54 -29.25
CA GLU D 659 -33.59 -19.87 -30.38
C GLU D 659 -33.71 -20.80 -31.59
N CYS D 660 -32.72 -21.68 -31.77
CA CYS D 660 -32.66 -22.52 -32.96
C CYS D 660 -33.74 -23.59 -32.97
N CYS D 661 -34.43 -23.77 -31.83
CA CYS D 661 -35.45 -24.80 -31.76
C CYS D 661 -36.63 -24.47 -32.65
N PHE D 662 -36.76 -23.19 -33.03
CA PHE D 662 -37.79 -22.78 -33.97
C PHE D 662 -37.58 -23.50 -35.30
N ASP D 663 -36.33 -23.50 -35.76
CA ASP D 663 -35.97 -24.08 -37.04
C ASP D 663 -35.87 -25.60 -36.97
N ILE D 664 -35.48 -26.12 -35.82
CA ILE D 664 -35.45 -27.57 -35.66
C ILE D 664 -36.87 -28.10 -35.76
N SER D 665 -37.80 -27.41 -35.09
CA SER D 665 -39.21 -27.76 -35.15
C SER D 665 -39.72 -27.67 -36.58
N LEU D 666 -39.31 -26.62 -37.29
CA LEU D 666 -39.71 -26.42 -38.68
C LEU D 666 -39.32 -27.62 -39.54
N VAL D 667 -38.15 -28.20 -39.26
CA VAL D 667 -37.72 -29.39 -39.98
C VAL D 667 -38.56 -30.60 -39.59
N LEU D 668 -38.80 -30.77 -38.29
CA LEU D 668 -39.58 -31.91 -37.81
C LEU D 668 -41.00 -31.93 -38.38
N SER D 669 -41.58 -30.75 -38.55
CA SER D 669 -42.95 -30.62 -39.04
C SER D 669 -43.12 -31.00 -40.52
N SER D 670 -42.03 -31.07 -41.28
CA SER D 670 -42.16 -31.38 -42.71
C SER D 670 -41.27 -32.55 -43.15
N ASN D 671 -40.20 -32.80 -42.42
CA ASN D 671 -39.29 -33.89 -42.77
C ASN D 671 -39.76 -35.17 -42.13
N GLN D 672 -40.34 -36.05 -42.95
CA GLN D 672 -40.97 -37.26 -42.48
C GLN D 672 -40.00 -38.44 -42.48
N LYS D 673 -38.74 -38.17 -42.77
CA LYS D 673 -37.73 -39.21 -42.86
C LYS D 673 -36.86 -39.28 -41.61
N LEU D 674 -36.66 -38.14 -40.96
CA LEU D 674 -35.77 -38.10 -39.80
C LEU D 674 -36.29 -39.00 -38.68
N VAL D 675 -35.43 -39.90 -38.21
CA VAL D 675 -35.76 -40.85 -37.16
C VAL D 675 -35.01 -40.55 -35.87
N GLU D 676 -33.72 -40.24 -36.00
CA GLU D 676 -32.87 -40.03 -34.83
C GLU D 676 -32.31 -38.61 -34.80
N LEU D 677 -32.58 -37.88 -33.73
CA LEU D 677 -32.09 -36.51 -33.61
C LEU D 677 -31.44 -36.26 -32.24
N ASP D 678 -30.13 -36.06 -32.25
CA ASP D 678 -29.40 -35.82 -31.01
C ASP D 678 -29.05 -34.36 -30.82
N LEU D 679 -29.72 -33.72 -29.86
CA LEU D 679 -29.56 -32.29 -29.60
C LEU D 679 -28.81 -32.03 -28.29
N SER D 680 -28.11 -33.05 -27.80
CA SER D 680 -27.41 -32.95 -26.53
C SER D 680 -26.22 -31.99 -26.58
N ASP D 681 -25.73 -31.61 -25.40
CA ASP D 681 -24.59 -30.71 -25.26
C ASP D 681 -24.79 -29.34 -25.91
N ASN D 682 -25.99 -28.80 -25.74
CA ASN D 682 -26.36 -27.50 -26.27
C ASN D 682 -27.04 -26.67 -25.17
N ALA D 683 -27.47 -25.46 -25.51
CA ALA D 683 -28.10 -24.58 -24.54
C ALA D 683 -29.60 -24.49 -24.81
N LEU D 684 -30.18 -25.60 -25.23
CA LEU D 684 -31.60 -25.62 -25.59
C LEU D 684 -32.44 -25.79 -24.34
N GLY D 685 -32.55 -24.71 -23.56
CA GLY D 685 -33.21 -24.76 -22.27
C GLY D 685 -34.71 -24.94 -22.41
N ASP D 686 -35.42 -24.81 -21.29
CA ASP D 686 -36.85 -25.10 -21.23
C ASP D 686 -37.64 -24.42 -22.34
N PHE D 687 -37.29 -23.18 -22.66
CA PHE D 687 -37.97 -22.46 -23.74
C PHE D 687 -37.77 -23.18 -25.06
N GLY D 688 -36.53 -23.58 -25.33
CA GLY D 688 -36.22 -24.25 -26.58
C GLY D 688 -37.03 -25.53 -26.71
N ILE D 689 -37.21 -26.23 -25.59
CA ILE D 689 -37.98 -27.47 -25.60
C ILE D 689 -39.45 -27.17 -25.87
N ARG D 690 -39.98 -26.13 -25.25
CA ARG D 690 -41.35 -25.72 -25.48
C ARG D 690 -41.61 -25.56 -26.98
N LEU D 691 -40.64 -24.98 -27.69
CA LEU D 691 -40.74 -24.79 -29.13
C LEU D 691 -40.47 -26.09 -29.89
N LEU D 692 -39.50 -26.86 -29.43
CA LEU D 692 -39.16 -28.12 -30.08
C LEU D 692 -40.38 -29.03 -30.10
N CYS D 693 -41.11 -29.02 -28.99
CA CYS D 693 -42.28 -29.87 -28.80
C CYS D 693 -43.39 -29.56 -29.81
N VAL D 694 -43.33 -28.41 -30.45
CA VAL D 694 -44.30 -28.07 -31.46
C VAL D 694 -44.12 -28.98 -32.66
N GLY D 695 -42.87 -29.25 -33.00
CA GLY D 695 -42.54 -30.12 -34.12
C GLY D 695 -42.74 -31.58 -33.72
N LEU D 696 -42.41 -31.89 -32.46
CA LEU D 696 -42.51 -33.26 -31.97
C LEU D 696 -43.96 -33.74 -31.91
N LYS D 697 -44.87 -32.82 -31.60
CA LYS D 697 -46.31 -33.13 -31.54
C LYS D 697 -46.98 -32.99 -32.90
N HIS D 698 -46.22 -32.57 -33.90
CA HIS D 698 -46.78 -32.28 -35.21
C HIS D 698 -47.15 -33.56 -35.95
N LEU D 699 -48.23 -33.50 -36.70
CA LEU D 699 -48.66 -34.64 -37.49
C LEU D 699 -47.59 -35.02 -38.49
N LEU D 700 -47.42 -36.33 -38.68
CA LEU D 700 -46.43 -36.90 -39.60
C LEU D 700 -45.00 -36.74 -39.11
N CYS D 701 -44.82 -36.32 -37.86
CA CYS D 701 -43.47 -36.28 -37.30
C CYS D 701 -43.08 -37.69 -36.87
N ASN D 702 -42.08 -38.25 -37.51
CA ASN D 702 -41.73 -39.65 -37.31
C ASN D 702 -40.49 -39.84 -36.43
N LEU D 703 -40.08 -38.78 -35.75
CA LEU D 703 -38.88 -38.89 -34.91
C LEU D 703 -39.12 -39.94 -33.83
N LYS D 704 -38.18 -40.88 -33.69
CA LYS D 704 -38.33 -41.94 -32.71
C LYS D 704 -37.38 -41.79 -31.53
N LYS D 705 -36.16 -41.31 -31.82
CA LYS D 705 -35.15 -41.19 -30.78
C LYS D 705 -34.73 -39.74 -30.58
N LEU D 706 -34.97 -39.22 -29.38
CA LEU D 706 -34.63 -37.84 -29.08
C LEU D 706 -33.72 -37.73 -27.86
N TRP D 707 -32.57 -37.09 -28.04
CA TRP D 707 -31.64 -36.88 -26.94
C TRP D 707 -31.59 -35.42 -26.55
N LEU D 708 -31.98 -35.14 -25.31
CA LEU D 708 -31.98 -33.79 -24.76
C LEU D 708 -31.06 -33.72 -23.55
N VAL D 709 -30.03 -34.55 -23.58
CA VAL D 709 -29.06 -34.67 -22.51
C VAL D 709 -28.17 -33.44 -22.41
N SER D 710 -27.93 -32.97 -21.19
CA SER D 710 -27.11 -31.79 -20.95
C SER D 710 -27.60 -30.58 -21.75
N CYS D 711 -28.89 -30.26 -21.62
CA CYS D 711 -29.48 -29.15 -22.36
C CYS D 711 -30.02 -28.05 -21.44
N CYS D 712 -29.44 -27.96 -20.25
CA CYS D 712 -29.81 -26.92 -19.30
C CYS D 712 -31.31 -26.92 -19.02
N LEU D 713 -31.87 -28.10 -18.85
CA LEU D 713 -33.31 -28.23 -18.61
C LEU D 713 -33.65 -28.34 -17.14
N THR D 714 -34.85 -27.91 -16.78
CA THR D 714 -35.34 -28.09 -15.41
C THR D 714 -36.64 -28.87 -15.43
N SER D 715 -37.22 -29.09 -14.26
CA SER D 715 -38.47 -29.83 -14.13
C SER D 715 -39.60 -29.17 -14.89
N ALA D 716 -39.47 -27.88 -15.16
CA ALA D 716 -40.52 -27.14 -15.85
C ALA D 716 -40.80 -27.72 -17.24
N CYS D 717 -39.75 -28.22 -17.90
CA CYS D 717 -39.88 -28.69 -19.28
C CYS D 717 -40.63 -30.02 -19.36
N CYS D 718 -40.82 -30.66 -18.22
CA CYS D 718 -41.45 -31.96 -18.20
C CYS D 718 -42.91 -31.86 -18.62
N GLN D 719 -43.50 -30.68 -18.47
CA GLN D 719 -44.90 -30.53 -18.85
C GLN D 719 -45.07 -30.68 -20.36
N ASP D 720 -44.10 -30.18 -21.12
CA ASP D 720 -44.19 -30.24 -22.56
C ASP D 720 -43.68 -31.58 -23.07
N LEU D 721 -42.66 -32.12 -22.41
CA LEU D 721 -42.11 -33.40 -22.83
C LEU D 721 -43.12 -34.52 -22.59
N ALA D 722 -43.86 -34.41 -21.47
CA ALA D 722 -44.88 -35.39 -21.15
C ALA D 722 -45.99 -35.34 -22.21
N SER D 723 -46.34 -34.13 -22.64
CA SER D 723 -47.34 -33.95 -23.68
C SER D 723 -46.88 -34.55 -25.00
N VAL D 724 -45.59 -34.43 -25.31
CA VAL D 724 -45.07 -35.00 -26.54
C VAL D 724 -45.18 -36.52 -26.51
N LEU D 725 -44.77 -37.12 -25.41
CA LEU D 725 -44.78 -38.58 -25.32
C LEU D 725 -46.20 -39.12 -25.43
N SER D 726 -47.16 -38.45 -24.82
CA SER D 726 -48.56 -38.87 -24.92
C SER D 726 -49.15 -38.59 -26.30
N THR D 727 -48.88 -37.39 -26.83
CA THR D 727 -49.47 -36.94 -28.09
C THR D 727 -48.91 -37.69 -29.31
N SER D 728 -47.60 -37.85 -29.36
CA SER D 728 -46.97 -38.48 -30.52
C SER D 728 -46.99 -40.00 -30.44
N HIS D 729 -47.30 -40.63 -31.57
CA HIS D 729 -47.29 -42.07 -31.68
C HIS D 729 -45.91 -42.58 -32.06
N SER D 730 -45.00 -41.66 -32.38
CA SER D 730 -43.70 -42.02 -32.92
C SER D 730 -42.54 -41.95 -31.93
N LEU D 731 -42.69 -41.25 -30.82
CA LEU D 731 -41.57 -41.12 -29.88
C LEU D 731 -41.49 -42.33 -28.95
N THR D 732 -40.37 -43.04 -29.03
CA THR D 732 -40.21 -44.25 -28.23
C THR D 732 -39.00 -44.18 -27.32
N ARG D 733 -38.03 -43.33 -27.67
CA ARG D 733 -36.81 -43.23 -26.89
C ARG D 733 -36.57 -41.78 -26.47
N LEU D 734 -36.51 -41.54 -25.16
CA LEU D 734 -36.32 -40.18 -24.68
C LEU D 734 -35.26 -40.11 -23.58
N TYR D 735 -34.18 -39.37 -23.87
CA TYR D 735 -33.09 -39.22 -22.92
C TYR D 735 -32.99 -37.77 -22.43
N VAL D 736 -33.15 -37.59 -21.12
CA VAL D 736 -33.19 -36.24 -20.56
C VAL D 736 -32.30 -36.06 -19.34
N GLY D 737 -31.30 -36.91 -19.18
CA GLY D 737 -30.42 -36.82 -18.02
C GLY D 737 -29.41 -35.68 -18.18
N GLU D 738 -28.57 -35.49 -17.16
CA GLU D 738 -27.58 -34.42 -17.11
C GLU D 738 -28.28 -33.07 -17.13
N ASN D 739 -29.43 -33.02 -16.43
CA ASN D 739 -30.24 -31.82 -16.32
C ASN D 739 -30.71 -31.66 -14.87
N ALA D 740 -31.76 -30.87 -14.65
CA ALA D 740 -32.30 -30.67 -13.30
C ALA D 740 -33.73 -31.19 -13.19
N LEU D 741 -34.03 -32.27 -13.90
CA LEU D 741 -35.38 -32.84 -13.87
C LEU D 741 -35.55 -33.77 -12.68
N GLY D 742 -35.62 -33.18 -11.49
CA GLY D 742 -35.67 -33.94 -10.24
C GLY D 742 -37.06 -34.58 -10.05
N ASP D 743 -37.29 -35.13 -8.86
CA ASP D 743 -38.51 -35.90 -8.58
C ASP D 743 -39.79 -35.16 -8.97
N SER D 744 -39.84 -33.85 -8.74
CA SER D 744 -41.03 -33.07 -9.05
C SER D 744 -41.26 -32.97 -10.56
N GLY D 745 -40.21 -33.23 -11.33
CA GLY D 745 -40.26 -33.18 -12.78
C GLY D 745 -40.64 -34.53 -13.36
N VAL D 746 -39.95 -35.58 -12.92
CA VAL D 746 -40.21 -36.90 -13.46
C VAL D 746 -41.62 -37.34 -13.14
N ALA D 747 -42.16 -36.85 -12.02
CA ALA D 747 -43.53 -37.18 -11.65
C ALA D 747 -44.49 -36.78 -12.78
N ILE D 748 -44.16 -35.69 -13.48
CA ILE D 748 -44.97 -35.21 -14.58
C ILE D 748 -44.83 -36.16 -15.75
N LEU D 749 -43.58 -36.54 -16.04
CA LEU D 749 -43.32 -37.46 -17.14
C LEU D 749 -44.00 -38.80 -16.88
N CYS D 750 -43.98 -39.24 -15.63
CA CYS D 750 -44.58 -40.52 -15.23
C CYS D 750 -46.08 -40.50 -15.39
N GLU D 751 -46.71 -39.38 -15.04
CA GLU D 751 -48.15 -39.26 -15.13
C GLU D 751 -48.63 -39.58 -16.54
N LYS D 752 -47.86 -39.19 -17.54
CA LYS D 752 -48.24 -39.48 -18.91
C LYS D 752 -47.56 -40.74 -19.45
N ALA D 753 -46.34 -41.02 -18.98
CA ALA D 753 -45.60 -42.19 -19.46
C ALA D 753 -46.30 -43.49 -19.09
N LYS D 754 -46.99 -43.49 -17.94
CA LYS D 754 -47.69 -44.67 -17.47
C LYS D 754 -48.91 -45.01 -18.32
N ASN D 755 -49.37 -44.08 -19.16
CA ASN D 755 -50.57 -44.34 -19.94
C ASN D 755 -50.43 -45.68 -20.65
N PRO D 756 -51.43 -46.58 -20.55
CA PRO D 756 -51.47 -47.89 -21.19
C PRO D 756 -51.18 -47.84 -22.69
N GLN D 757 -51.44 -46.70 -23.32
CA GLN D 757 -51.24 -46.53 -24.75
C GLN D 757 -49.91 -45.85 -25.07
N CYS D 758 -49.10 -45.62 -24.04
CA CYS D 758 -47.80 -44.99 -24.19
C CYS D 758 -46.85 -45.88 -24.97
N ASN D 759 -46.07 -45.29 -25.86
CA ASN D 759 -45.14 -46.06 -26.69
C ASN D 759 -43.69 -45.92 -26.21
N LEU D 760 -43.50 -45.44 -25.00
CA LEU D 760 -42.15 -45.29 -24.46
C LEU D 760 -41.49 -46.64 -24.30
N GLN D 761 -40.29 -46.78 -24.86
CA GLN D 761 -39.51 -48.00 -24.74
C GLN D 761 -38.28 -47.83 -23.87
N LYS D 762 -37.62 -46.67 -23.98
CA LYS D 762 -36.43 -46.41 -23.17
C LYS D 762 -36.55 -45.10 -22.40
N LEU D 763 -36.45 -45.19 -21.07
CA LEU D 763 -36.59 -44.02 -20.22
C LEU D 763 -35.22 -43.57 -19.66
N GLY D 764 -34.66 -42.55 -20.30
CA GLY D 764 -33.30 -42.08 -20.00
C GLY D 764 -33.23 -41.07 -18.86
N LEU D 765 -33.63 -41.52 -17.68
CA LEU D 765 -33.57 -40.70 -16.47
C LEU D 765 -32.27 -40.92 -15.72
N VAL D 766 -31.16 -40.51 -16.33
CA VAL D 766 -29.85 -40.82 -15.79
C VAL D 766 -29.47 -39.79 -14.73
N ASN D 767 -28.66 -38.80 -15.10
CA ASN D 767 -28.26 -37.82 -14.10
C ASN D 767 -29.33 -36.75 -13.98
N SER D 768 -30.37 -37.07 -13.24
CA SER D 768 -31.50 -36.17 -13.05
C SER D 768 -31.66 -35.73 -11.60
N GLY D 769 -30.88 -36.34 -10.71
CA GLY D 769 -30.95 -36.03 -9.28
C GLY D 769 -32.23 -36.55 -8.63
N LEU D 770 -32.69 -37.72 -9.07
CA LEU D 770 -33.91 -38.31 -8.54
C LEU D 770 -33.64 -39.04 -7.24
N THR D 771 -34.66 -39.13 -6.40
CA THR D 771 -34.55 -39.95 -5.20
C THR D 771 -35.77 -40.86 -5.02
N SER D 772 -35.97 -41.34 -3.79
CA SER D 772 -37.02 -42.31 -3.48
C SER D 772 -38.44 -41.76 -3.64
N VAL D 773 -38.60 -40.45 -3.59
CA VAL D 773 -39.93 -39.84 -3.63
C VAL D 773 -40.68 -40.15 -4.92
N CYS D 774 -40.01 -40.06 -6.05
CA CYS D 774 -40.61 -40.32 -7.35
C CYS D 774 -40.66 -41.80 -7.71
N CYS D 775 -40.11 -42.66 -6.86
CA CYS D 775 -40.03 -44.06 -7.24
C CYS D 775 -41.41 -44.72 -7.26
N SER D 776 -42.38 -44.17 -6.53
CA SER D 776 -43.74 -44.68 -6.60
C SER D 776 -44.37 -44.33 -7.94
N ALA D 777 -43.93 -43.22 -8.54
CA ALA D 777 -44.43 -42.81 -9.84
C ALA D 777 -43.81 -43.67 -10.93
N LEU D 778 -42.52 -43.99 -10.76
CA LEU D 778 -41.82 -44.85 -11.70
C LEU D 778 -42.41 -46.26 -11.64
N SER D 779 -42.80 -46.68 -10.44
CA SER D 779 -43.43 -47.97 -10.23
C SER D 779 -44.74 -48.06 -11.02
N SER D 780 -45.55 -47.00 -10.96
CA SER D 780 -46.81 -46.96 -11.69
C SER D 780 -46.57 -47.08 -13.20
N VAL D 781 -45.48 -46.50 -13.68
CA VAL D 781 -45.16 -46.61 -15.09
C VAL D 781 -44.80 -48.05 -15.44
N LEU D 782 -43.94 -48.66 -14.62
CA LEU D 782 -43.47 -50.02 -14.86
C LEU D 782 -44.59 -51.05 -14.91
N SER D 783 -45.56 -50.91 -14.02
CA SER D 783 -46.67 -51.85 -13.94
C SER D 783 -47.80 -51.55 -14.92
N THR D 784 -47.71 -50.44 -15.65
CA THR D 784 -48.81 -50.04 -16.54
C THR D 784 -48.38 -50.05 -18.01
N ASN D 785 -47.21 -49.47 -18.28
CA ASN D 785 -46.70 -49.37 -19.64
C ASN D 785 -45.90 -50.62 -20.02
N GLN D 786 -46.52 -51.47 -20.82
CA GLN D 786 -45.92 -52.76 -21.18
C GLN D 786 -44.92 -52.61 -22.32
N ASN D 787 -44.78 -51.40 -22.84
CA ASN D 787 -43.84 -51.14 -23.90
C ASN D 787 -42.50 -50.68 -23.37
N LEU D 788 -42.40 -50.49 -22.05
CA LEU D 788 -41.17 -49.98 -21.46
C LEU D 788 -40.22 -51.13 -21.17
N THR D 789 -39.07 -51.12 -21.83
CA THR D 789 -38.14 -52.23 -21.70
C THR D 789 -36.82 -51.85 -21.04
N HIS D 790 -36.47 -50.55 -21.03
CA HIS D 790 -35.19 -50.15 -20.46
C HIS D 790 -35.29 -48.96 -19.49
N LEU D 791 -34.71 -49.12 -18.29
CA LEU D 791 -34.55 -48.03 -17.32
C LEU D 791 -33.08 -47.71 -17.10
N TYR D 792 -32.74 -46.44 -17.19
CA TYR D 792 -31.37 -46.00 -16.93
C TYR D 792 -31.38 -44.98 -15.79
N LEU D 793 -31.07 -45.43 -14.56
CA LEU D 793 -31.20 -44.56 -13.39
C LEU D 793 -29.87 -44.15 -12.77
N ARG D 794 -28.78 -44.31 -13.49
CA ARG D 794 -27.46 -43.95 -12.98
C ARG D 794 -27.31 -42.45 -12.76
N GLY D 795 -26.77 -42.08 -11.59
CA GLY D 795 -26.53 -40.67 -11.27
C GLY D 795 -27.49 -40.16 -10.22
N ASN D 796 -28.52 -40.94 -9.95
CA ASN D 796 -29.54 -40.57 -8.97
C ASN D 796 -29.14 -41.01 -7.56
N THR D 797 -29.97 -40.70 -6.57
CA THR D 797 -29.70 -41.10 -5.19
C THR D 797 -30.97 -41.65 -4.56
N LEU D 798 -31.27 -42.91 -4.88
CA LEU D 798 -32.52 -43.55 -4.50
C LEU D 798 -32.46 -44.19 -3.12
N GLY D 799 -31.32 -44.78 -2.81
CA GLY D 799 -31.16 -45.48 -1.55
C GLY D 799 -31.94 -46.79 -1.58
N ASP D 800 -32.12 -47.39 -0.41
CA ASP D 800 -32.80 -48.67 -0.32
C ASP D 800 -34.29 -48.48 -0.55
N LYS D 801 -34.84 -47.41 0.01
CA LYS D 801 -36.26 -47.13 -0.13
C LYS D 801 -36.63 -46.97 -1.60
N GLY D 802 -35.83 -46.23 -2.35
CA GLY D 802 -36.13 -46.00 -3.76
C GLY D 802 -36.16 -47.30 -4.55
N ILE D 803 -35.13 -48.13 -4.41
CA ILE D 803 -35.11 -49.38 -5.16
C ILE D 803 -36.20 -50.33 -4.70
N LYS D 804 -36.54 -50.31 -3.41
CA LYS D 804 -37.61 -51.16 -2.91
C LYS D 804 -38.93 -50.80 -3.59
N LEU D 805 -39.21 -49.51 -3.72
CA LEU D 805 -40.42 -49.06 -4.39
C LEU D 805 -40.42 -49.48 -5.86
N LEU D 806 -39.26 -49.38 -6.51
CA LEU D 806 -39.18 -49.81 -7.90
C LEU D 806 -39.42 -51.31 -7.99
N CYS D 807 -38.88 -52.07 -7.02
CA CYS D 807 -39.05 -53.51 -7.01
C CYS D 807 -40.52 -53.88 -6.96
N GLU D 808 -41.30 -53.16 -6.16
CA GLU D 808 -42.73 -53.45 -6.10
C GLU D 808 -43.36 -53.33 -7.48
N GLY D 809 -42.91 -52.33 -8.24
CA GLY D 809 -43.37 -52.15 -9.62
C GLY D 809 -42.88 -53.29 -10.51
N LEU D 810 -41.60 -53.62 -10.39
CA LEU D 810 -40.94 -54.64 -11.19
C LEU D 810 -41.48 -56.05 -10.91
N LEU D 811 -41.96 -56.24 -9.68
CA LEU D 811 -42.51 -57.52 -9.25
C LEU D 811 -43.95 -57.70 -9.72
N HIS D 812 -44.53 -56.65 -10.30
CA HIS D 812 -45.91 -56.72 -10.79
C HIS D 812 -45.98 -57.64 -12.00
N PRO D 813 -47.01 -58.51 -12.10
CA PRO D 813 -47.27 -59.43 -13.20
C PRO D 813 -47.27 -58.76 -14.59
N ASP D 814 -47.65 -57.49 -14.69
CA ASP D 814 -47.71 -56.83 -15.98
C ASP D 814 -46.48 -55.99 -16.33
N CYS D 815 -45.42 -56.09 -15.53
CA CYS D 815 -44.21 -55.34 -15.83
C CYS D 815 -43.38 -56.11 -16.87
N LYS D 816 -42.97 -55.42 -17.93
CA LYS D 816 -42.24 -56.05 -19.03
C LYS D 816 -40.80 -55.54 -19.15
N LEU D 817 -40.30 -54.86 -18.12
CA LEU D 817 -38.97 -54.30 -18.19
C LEU D 817 -37.93 -55.40 -18.41
N GLN D 818 -37.03 -55.20 -19.37
CA GLN D 818 -36.02 -56.20 -19.68
C GLN D 818 -34.65 -55.80 -19.13
N VAL D 819 -34.34 -54.51 -19.21
CA VAL D 819 -33.04 -54.01 -18.79
C VAL D 819 -33.14 -52.95 -17.70
N LEU D 820 -32.51 -53.21 -16.57
CA LEU D 820 -32.48 -52.26 -15.48
C LEU D 820 -31.05 -51.92 -15.05
N GLU D 821 -30.67 -50.67 -15.26
CA GLU D 821 -29.33 -50.20 -14.92
C GLU D 821 -29.33 -49.39 -13.62
N LEU D 822 -28.65 -49.93 -12.61
CA LEU D 822 -28.59 -49.34 -11.28
C LEU D 822 -27.15 -49.18 -10.80
N ASP D 823 -26.46 -48.18 -11.33
CA ASP D 823 -25.07 -48.00 -10.95
C ASP D 823 -24.94 -46.96 -9.85
N ASN D 824 -24.75 -45.71 -10.24
CA ASN D 824 -24.62 -44.68 -9.21
C ASN D 824 -26.00 -44.28 -8.76
N CYS D 825 -26.62 -45.13 -7.94
CA CYS D 825 -27.96 -44.91 -7.44
C CYS D 825 -27.97 -44.78 -5.91
N ASN D 826 -26.76 -44.82 -5.34
CA ASN D 826 -26.55 -44.71 -3.89
C ASN D 826 -27.29 -45.80 -3.12
N LEU D 827 -27.21 -47.04 -3.58
CA LEU D 827 -27.88 -48.13 -2.88
C LEU D 827 -26.90 -48.74 -1.87
N THR D 828 -27.44 -49.43 -0.87
CA THR D 828 -26.63 -50.08 0.15
C THR D 828 -27.01 -51.54 0.31
N SER D 829 -26.24 -52.28 1.10
CA SER D 829 -26.45 -53.71 1.32
C SER D 829 -27.81 -54.00 1.94
N HIS D 830 -28.42 -52.99 2.53
CA HIS D 830 -29.71 -53.16 3.17
C HIS D 830 -30.80 -53.46 2.16
N CYS D 831 -30.53 -53.16 0.89
CA CYS D 831 -31.52 -53.40 -0.16
C CYS D 831 -31.28 -54.71 -0.87
N CYS D 832 -30.25 -55.45 -0.48
CA CYS D 832 -29.93 -56.69 -1.19
C CYS D 832 -31.05 -57.70 -1.06
N TRP D 833 -31.86 -57.55 -0.01
CA TRP D 833 -33.00 -58.43 0.20
C TRP D 833 -34.12 -58.15 -0.81
N ASP D 834 -34.21 -56.90 -1.27
CA ASP D 834 -35.25 -56.52 -2.23
C ASP D 834 -34.77 -56.85 -3.63
N LEU D 835 -33.46 -56.72 -3.84
CA LEU D 835 -32.86 -57.11 -5.11
C LEU D 835 -32.88 -58.62 -5.24
N SER D 836 -32.72 -59.34 -4.13
CA SER D 836 -32.81 -60.79 -4.13
C SER D 836 -34.24 -61.22 -4.44
N THR D 837 -35.21 -60.50 -3.88
CA THR D 837 -36.62 -60.75 -4.15
C THR D 837 -36.90 -60.49 -5.62
N LEU D 838 -36.33 -59.40 -6.15
CA LEU D 838 -36.48 -59.04 -7.54
C LEU D 838 -35.92 -60.14 -8.44
N LEU D 839 -34.72 -60.61 -8.14
CA LEU D 839 -34.10 -61.68 -8.92
C LEU D 839 -34.92 -62.96 -8.87
N THR D 840 -35.44 -63.27 -7.68
CA THR D 840 -36.19 -64.50 -7.48
C THR D 840 -37.52 -64.53 -8.22
N SER D 841 -38.29 -63.44 -8.10
CA SER D 841 -39.64 -63.42 -8.65
C SER D 841 -39.78 -62.79 -10.04
N SER D 842 -38.87 -61.90 -10.42
CA SER D 842 -38.99 -61.23 -11.72
C SER D 842 -38.89 -62.23 -12.86
N GLN D 843 -39.80 -62.10 -13.83
CA GLN D 843 -39.78 -62.99 -14.98
C GLN D 843 -39.36 -62.27 -16.26
N SER D 844 -39.54 -60.94 -16.29
CA SER D 844 -39.33 -60.15 -17.50
C SER D 844 -37.87 -59.70 -17.68
N LEU D 845 -37.16 -59.49 -16.57
CA LEU D 845 -35.79 -58.98 -16.66
C LEU D 845 -34.86 -59.96 -17.34
N ARG D 846 -33.96 -59.43 -18.15
CA ARG D 846 -32.96 -60.23 -18.82
C ARG D 846 -31.58 -59.70 -18.45
N LYS D 847 -31.56 -58.40 -18.11
CA LYS D 847 -30.35 -57.72 -17.70
C LYS D 847 -30.63 -56.85 -16.47
N LEU D 848 -29.81 -57.02 -15.45
CA LEU D 848 -29.88 -56.22 -14.23
C LEU D 848 -28.47 -55.91 -13.78
N SER D 849 -28.09 -54.65 -13.91
CA SER D 849 -26.71 -54.28 -13.66
C SER D 849 -26.57 -53.39 -12.43
N LEU D 850 -25.90 -53.92 -11.41
CA LEU D 850 -25.65 -53.16 -10.20
C LEU D 850 -24.23 -52.61 -10.25
N GLY D 851 -24.09 -51.33 -10.00
CA GLY D 851 -22.76 -50.71 -10.07
C GLY D 851 -22.18 -50.43 -8.70
N ASN D 852 -21.66 -49.22 -8.52
CA ASN D 852 -20.93 -48.89 -7.31
C ASN D 852 -21.85 -48.60 -6.13
N ASN D 853 -22.57 -49.63 -5.70
CA ASN D 853 -23.46 -49.56 -4.56
C ASN D 853 -22.79 -50.25 -3.37
N ASP D 854 -23.16 -49.86 -2.16
CA ASP D 854 -22.53 -50.48 -1.00
C ASP D 854 -23.21 -51.78 -0.63
N LEU D 855 -23.08 -52.77 -1.51
CA LEU D 855 -23.69 -54.08 -1.31
C LEU D 855 -22.74 -55.01 -0.57
N GLY D 856 -21.44 -54.78 -0.75
CA GLY D 856 -20.42 -55.57 -0.09
C GLY D 856 -20.47 -57.03 -0.52
N ASP D 857 -19.95 -57.88 0.35
CA ASP D 857 -19.87 -59.30 0.08
C ASP D 857 -21.20 -59.99 0.36
N LEU D 858 -21.95 -59.46 1.33
CA LEU D 858 -23.24 -60.05 1.67
C LEU D 858 -24.19 -59.98 0.49
N GLY D 859 -24.30 -58.80 -0.11
CA GLY D 859 -25.22 -58.63 -1.22
C GLY D 859 -24.87 -59.55 -2.37
N VAL D 860 -23.60 -59.55 -2.78
CA VAL D 860 -23.20 -60.35 -3.92
C VAL D 860 -23.25 -61.85 -3.65
N MET D 861 -22.82 -62.27 -2.46
CA MET D 861 -22.86 -63.70 -2.13
C MET D 861 -24.30 -64.19 -2.14
N MET D 862 -25.21 -63.36 -1.62
CA MET D 862 -26.62 -63.70 -1.59
C MET D 862 -27.13 -63.84 -3.01
N PHE D 863 -26.76 -62.91 -3.89
CA PHE D 863 -27.19 -62.97 -5.28
C PHE D 863 -26.68 -64.22 -5.95
N CYS D 864 -25.41 -64.57 -5.69
CA CYS D 864 -24.84 -65.75 -6.33
C CYS D 864 -25.72 -66.98 -6.12
N GLU D 865 -26.24 -67.15 -4.91
CA GLU D 865 -27.12 -68.28 -4.63
C GLU D 865 -28.50 -68.11 -5.27
N VAL D 866 -29.04 -66.90 -5.21
CA VAL D 866 -30.36 -66.61 -5.77
C VAL D 866 -30.39 -66.81 -7.28
N LEU D 867 -29.31 -66.44 -7.94
CA LEU D 867 -29.19 -66.52 -9.39
C LEU D 867 -29.18 -67.96 -9.89
N LYS D 868 -29.01 -68.92 -8.99
CA LYS D 868 -29.00 -70.32 -9.38
C LYS D 868 -30.40 -70.93 -9.31
N GLN D 869 -31.34 -70.18 -8.71
CA GLN D 869 -32.70 -70.69 -8.51
C GLN D 869 -33.60 -70.40 -9.71
N GLN D 870 -33.27 -71.00 -10.85
CA GLN D 870 -34.05 -70.83 -12.08
C GLN D 870 -34.24 -69.36 -12.42
N SER D 871 -33.16 -68.57 -12.35
CA SER D 871 -33.21 -67.15 -12.66
C SER D 871 -33.35 -66.89 -14.15
N CYS D 872 -34.00 -65.77 -14.48
CA CYS D 872 -34.16 -65.35 -15.87
C CYS D 872 -33.11 -64.30 -16.26
N LEU D 873 -32.24 -63.96 -15.33
CA LEU D 873 -31.19 -62.97 -15.59
C LEU D 873 -29.98 -63.63 -16.22
N LEU D 874 -29.73 -63.29 -17.50
CA LEU D 874 -28.70 -63.95 -18.28
C LEU D 874 -27.59 -62.99 -18.69
N GLN D 875 -27.85 -61.69 -18.58
CA GLN D 875 -26.90 -60.68 -18.99
C GLN D 875 -26.11 -60.11 -17.81
N ASN D 876 -25.25 -59.14 -18.11
CA ASN D 876 -24.29 -58.58 -17.16
C ASN D 876 -24.92 -58.24 -15.81
N LEU D 877 -24.33 -58.81 -14.76
CA LEU D 877 -24.80 -58.62 -13.38
C LEU D 877 -24.39 -57.25 -12.82
N GLY D 878 -23.44 -56.59 -13.48
CA GLY D 878 -22.91 -55.32 -13.00
C GLY D 878 -21.61 -55.52 -12.24
N LEU D 879 -21.63 -55.21 -10.94
CA LEU D 879 -20.46 -55.27 -10.06
C LEU D 879 -19.41 -54.25 -10.50
N SER D 880 -19.87 -53.15 -11.09
CA SER D 880 -18.96 -52.12 -11.60
C SER D 880 -18.30 -51.33 -10.47
N GLU D 881 -16.99 -51.19 -10.55
CA GLU D 881 -16.20 -50.45 -9.56
C GLU D 881 -16.36 -51.02 -8.15
N MET D 882 -16.64 -52.32 -8.08
CA MET D 882 -16.76 -53.01 -6.80
C MET D 882 -15.50 -53.78 -6.47
N TYR D 883 -15.25 -53.97 -5.18
CA TYR D 883 -14.15 -54.79 -4.73
C TYR D 883 -14.64 -55.74 -3.65
N PHE D 884 -14.19 -56.99 -3.70
CA PHE D 884 -14.70 -58.01 -2.77
C PHE D 884 -13.59 -58.86 -2.19
N ASN D 885 -13.96 -59.77 -1.27
CA ASN D 885 -13.00 -60.68 -0.68
C ASN D 885 -12.85 -61.97 -1.51
N TYR D 886 -12.01 -62.89 -1.02
CA TYR D 886 -11.70 -64.13 -1.73
C TYR D 886 -12.92 -65.01 -1.99
N GLU D 887 -13.71 -65.24 -0.95
CA GLU D 887 -14.85 -66.14 -1.05
C GLU D 887 -15.90 -65.63 -2.03
N THR D 888 -16.14 -64.32 -2.03
CA THR D 888 -17.08 -63.73 -2.96
C THR D 888 -16.56 -63.89 -4.38
N LYS D 889 -15.27 -63.63 -4.57
CA LYS D 889 -14.67 -63.77 -5.89
C LYS D 889 -14.79 -65.20 -6.38
N SER D 890 -14.56 -66.16 -5.49
CA SER D 890 -14.68 -67.56 -5.83
C SER D 890 -16.12 -67.89 -6.23
N ALA D 891 -17.07 -67.39 -5.43
CA ALA D 891 -18.49 -67.63 -5.72
C ALA D 891 -18.87 -67.06 -7.08
N LEU D 892 -18.35 -65.89 -7.41
CA LEU D 892 -18.65 -65.27 -8.70
C LEU D 892 -18.09 -66.06 -9.87
N GLU D 893 -16.83 -66.50 -9.75
CA GLU D 893 -16.23 -67.31 -10.80
C GLU D 893 -16.93 -68.66 -10.90
N THR D 894 -17.31 -69.20 -9.75
CA THR D 894 -18.00 -70.47 -9.71
C THR D 894 -19.35 -70.35 -10.43
N LEU D 895 -20.07 -69.28 -10.14
CA LEU D 895 -21.36 -69.04 -10.78
C LEU D 895 -21.24 -69.04 -12.30
N GLN D 896 -20.21 -68.37 -12.81
CA GLN D 896 -20.00 -68.31 -14.26
C GLN D 896 -19.82 -69.71 -14.85
N GLU D 897 -19.14 -70.60 -14.12
CA GLU D 897 -18.88 -71.95 -14.61
C GLU D 897 -20.06 -72.91 -14.40
N GLU D 898 -20.73 -72.81 -13.26
CA GLU D 898 -21.83 -73.73 -12.94
C GLU D 898 -23.08 -73.46 -13.75
N LYS D 899 -23.33 -72.20 -14.11
CA LYS D 899 -24.52 -71.81 -14.85
C LYS D 899 -24.19 -71.05 -16.14
N PRO D 900 -23.79 -71.75 -17.22
CA PRO D 900 -23.31 -71.25 -18.50
C PRO D 900 -24.30 -70.32 -19.19
N GLU D 901 -25.59 -70.41 -18.82
CA GLU D 901 -26.60 -69.57 -19.43
C GLU D 901 -26.41 -68.11 -19.05
N LEU D 902 -25.62 -67.85 -18.01
CA LEU D 902 -25.31 -66.48 -17.63
C LEU D 902 -24.08 -66.04 -18.40
N THR D 903 -24.27 -65.09 -19.31
CA THR D 903 -23.21 -64.73 -20.23
C THR D 903 -22.10 -63.93 -19.53
N VAL D 904 -22.49 -62.97 -18.69
CA VAL D 904 -21.49 -62.12 -18.04
C VAL D 904 -21.69 -61.91 -16.54
N VAL D 905 -20.87 -62.58 -15.73
CA VAL D 905 -20.84 -62.30 -14.29
C VAL D 905 -20.20 -60.93 -14.04
N PHE D 906 -19.15 -60.64 -14.79
CA PHE D 906 -18.38 -59.39 -14.69
C PHE D 906 -17.67 -59.23 -13.36
N GLU D 907 -16.76 -60.14 -13.05
CA GLU D 907 -15.96 -59.99 -11.84
C GLU D 907 -15.10 -58.73 -12.02
N PRO D 908 -14.88 -57.96 -10.96
CA PRO D 908 -14.14 -56.69 -10.94
C PRO D 908 -12.66 -56.84 -11.32
N SER D 909 -12.13 -58.06 -11.21
CA SER D 909 -10.74 -58.41 -11.54
C SER D 909 -10.28 -59.61 -10.71
N LYS E 7 26.61 -27.26 24.02
CA LYS E 7 27.31 -26.78 25.21
C LYS E 7 28.21 -25.61 24.88
N LYS E 8 29.52 -25.87 24.80
CA LYS E 8 30.47 -24.82 24.47
C LYS E 8 30.69 -24.75 22.97
N ASP E 9 30.35 -23.61 22.37
CA ASP E 9 30.46 -23.42 20.94
C ASP E 9 31.89 -23.03 20.55
N TYR E 10 32.53 -23.88 19.75
CA TYR E 10 33.89 -23.62 19.28
C TYR E 10 33.99 -22.22 18.71
N ARG E 11 32.95 -21.80 18.00
CA ARG E 11 32.93 -20.48 17.37
C ARG E 11 33.29 -19.38 18.37
N LYS E 12 32.77 -19.50 19.60
CA LYS E 12 33.03 -18.50 20.63
C LYS E 12 34.46 -18.61 21.13
N LYS E 13 34.93 -19.84 21.29
CA LYS E 13 36.30 -20.07 21.73
C LYS E 13 37.30 -19.52 20.73
N TYR E 14 36.99 -19.68 19.45
CA TYR E 14 37.84 -19.18 18.38
C TYR E 14 37.82 -17.65 18.37
N ARG E 15 36.62 -17.08 18.48
CA ARG E 15 36.48 -15.63 18.56
C ARG E 15 37.42 -15.06 19.62
N LYS E 16 37.41 -15.68 20.81
CA LYS E 16 38.28 -15.24 21.90
C LYS E 16 39.75 -15.36 21.55
N TYR E 17 40.12 -16.48 20.93
CA TYR E 17 41.49 -16.73 20.52
C TYR E 17 42.00 -15.65 19.57
N VAL E 18 41.20 -15.33 18.55
CA VAL E 18 41.60 -14.33 17.58
C VAL E 18 41.73 -12.95 18.24
N ARG E 19 40.76 -12.61 19.10
CA ARG E 19 40.79 -11.33 19.78
C ARG E 19 42.03 -11.15 20.65
N SER E 20 42.38 -12.19 21.42
CA SER E 20 43.53 -12.13 22.29
C SER E 20 44.85 -12.25 21.54
N ARG E 21 44.86 -13.03 20.47
CA ARG E 21 46.07 -13.25 19.70
C ARG E 21 46.55 -11.99 18.99
N PHE E 22 45.66 -11.32 18.28
CA PHE E 22 46.07 -10.20 17.46
C PHE E 22 46.00 -8.87 18.21
N GLN E 23 46.84 -8.75 19.23
CA GLN E 23 46.97 -7.51 20.00
C GLN E 23 48.19 -6.70 19.57
N CYS E 24 49.18 -7.38 19.01
CA CYS E 24 50.41 -6.71 18.59
C CYS E 24 50.35 -6.36 17.11
N ILE E 25 50.97 -5.24 16.77
CA ILE E 25 51.01 -4.77 15.38
C ILE E 25 51.94 -5.62 14.52
N GLU E 26 53.13 -5.89 15.03
CA GLU E 26 54.13 -6.64 14.27
C GLU E 26 53.93 -8.14 14.44
N ASP E 27 53.37 -8.54 15.58
CA ASP E 27 53.14 -9.95 15.89
C ASP E 27 54.42 -10.77 15.78
N ARG E 28 55.49 -10.24 16.38
CA ARG E 28 56.79 -10.88 16.40
C ARG E 28 57.58 -10.38 17.59
N ASN E 29 58.67 -11.08 17.92
CA ASN E 29 59.53 -10.67 19.03
C ASN E 29 60.45 -9.55 18.62
N ALA E 30 61.40 -9.20 19.49
CA ALA E 30 62.33 -8.11 19.24
C ALA E 30 61.59 -6.79 19.17
N ARG E 31 60.55 -6.65 19.99
CA ARG E 31 59.78 -5.42 20.01
C ARG E 31 60.42 -4.43 20.98
N LEU E 32 61.62 -3.98 20.64
CA LEU E 32 62.36 -3.03 21.47
C LEU E 32 62.26 -3.36 22.96
N GLY E 33 62.74 -4.53 23.35
CA GLY E 33 62.64 -4.96 24.75
C GLY E 33 61.38 -5.76 25.03
N GLU E 34 60.81 -6.33 23.97
CA GLU E 34 59.60 -7.14 24.07
C GLU E 34 58.41 -6.39 24.66
N SER E 35 58.25 -5.13 24.27
CA SER E 35 57.12 -4.33 24.70
C SER E 35 55.91 -4.68 23.85
N VAL E 36 54.73 -4.22 24.25
CA VAL E 36 53.54 -4.48 23.45
C VAL E 36 53.17 -3.25 22.62
N SER E 37 53.22 -3.40 21.31
CA SER E 37 52.99 -2.31 20.36
C SER E 37 51.52 -1.88 20.30
N LEU E 38 50.61 -2.80 20.59
CA LEU E 38 49.17 -2.52 20.65
C LEU E 38 48.52 -2.14 19.32
N ASN E 39 47.60 -2.97 18.85
CA ASN E 39 46.84 -2.68 17.64
C ASN E 39 45.90 -1.49 17.84
N LYS E 40 45.80 -1.06 19.08
CA LYS E 40 45.00 0.11 19.45
C LYS E 40 45.60 1.38 18.86
N ARG E 41 46.86 1.31 18.43
CA ARG E 41 47.56 2.44 17.85
C ARG E 41 47.37 2.49 16.33
N TYR E 42 46.56 1.60 15.79
CA TYR E 42 46.35 1.52 14.36
C TYR E 42 45.99 2.86 13.75
N THR E 43 46.72 3.24 12.70
CA THR E 43 46.46 4.48 11.99
C THR E 43 45.67 4.18 10.71
N ARG E 44 44.56 4.89 10.53
CA ARG E 44 43.68 4.62 9.40
C ARG E 44 44.39 4.78 8.05
N LEU E 45 44.18 3.79 7.18
CA LEU E 45 44.73 3.81 5.83
C LEU E 45 43.71 4.38 4.86
N ARG E 46 44.18 4.94 3.76
CA ARG E 46 43.31 5.47 2.72
C ARG E 46 42.98 4.38 1.70
N LEU E 47 41.70 4.04 1.62
CA LEU E 47 41.27 2.97 0.74
C LEU E 47 40.42 3.50 -0.40
N ILE E 48 40.84 3.23 -1.63
CA ILE E 48 40.13 3.68 -2.82
C ILE E 48 39.64 2.49 -3.64
N LYS E 49 38.38 2.52 -4.06
CA LYS E 49 37.84 1.41 -4.83
C LYS E 49 37.83 1.70 -6.33
N GLU E 50 38.02 0.65 -7.11
CA GLU E 50 37.97 0.75 -8.57
C GLU E 50 36.85 -0.11 -9.14
N SER E 75 36.48 7.24 -5.53
CA SER E 75 35.62 7.13 -4.36
C SER E 75 36.25 6.20 -3.32
N PRO E 76 36.14 6.55 -2.03
CA PRO E 76 36.66 5.83 -0.88
C PRO E 76 35.86 4.57 -0.57
N ILE E 77 36.51 3.60 0.06
CA ILE E 77 35.84 2.38 0.51
C ILE E 77 36.20 2.04 1.95
N LYS E 78 35.27 1.38 2.63
CA LYS E 78 35.47 0.95 4.01
C LYS E 78 35.68 -0.56 4.08
N MET E 79 36.16 -1.04 5.23
CA MET E 79 36.30 -2.49 5.41
C MET E 79 34.92 -3.14 5.55
N GLU E 80 33.94 -2.38 5.99
CA GLU E 80 32.58 -2.86 6.07
C GLU E 80 31.98 -3.01 4.67
N LEU E 81 31.12 -4.01 4.49
CA LEU E 81 30.38 -4.20 3.24
C LEU E 81 31.25 -4.60 2.02
N LEU E 82 32.45 -5.13 2.26
CA LEU E 82 33.32 -5.49 1.13
C LEU E 82 32.73 -6.55 0.23
N PHE E 83 31.98 -7.48 0.81
CA PHE E 83 31.44 -8.59 0.04
C PHE E 83 29.97 -8.40 -0.31
N ASP E 84 29.45 -7.20 -0.06
CA ASP E 84 28.04 -6.93 -0.34
C ASP E 84 27.87 -6.47 -1.79
N PRO E 85 26.68 -6.64 -2.36
CA PRO E 85 26.25 -6.11 -3.65
C PRO E 85 26.32 -4.59 -3.70
N ASP E 86 26.52 -4.06 -4.90
CA ASP E 86 26.57 -2.62 -5.12
C ASP E 86 25.19 -2.10 -5.53
N ASP E 87 25.18 -1.02 -6.32
CA ASP E 87 23.94 -0.30 -6.59
C ASP E 87 23.08 -0.89 -7.73
N GLU E 88 23.54 -1.96 -8.38
CA GLU E 88 22.74 -2.53 -9.48
C GLU E 88 22.90 -4.04 -9.58
N HIS E 89 21.89 -4.71 -10.13
CA HIS E 89 21.85 -6.17 -10.35
C HIS E 89 21.74 -6.97 -9.05
N SER E 90 22.19 -6.37 -7.95
CA SER E 90 22.17 -7.00 -6.63
C SER E 90 22.90 -8.33 -6.60
N GLU E 91 24.07 -8.38 -7.24
CA GLU E 91 24.90 -9.57 -7.24
C GLU E 91 25.89 -9.52 -6.08
N PRO E 92 26.15 -10.65 -5.42
CA PRO E 92 27.08 -10.81 -4.32
C PRO E 92 28.53 -10.75 -4.79
N VAL E 93 29.44 -10.44 -3.88
CA VAL E 93 30.86 -10.47 -4.17
C VAL E 93 31.53 -11.55 -3.35
N HIS E 94 32.33 -12.40 -4.00
CA HIS E 94 33.00 -13.48 -3.30
C HIS E 94 34.47 -13.17 -3.01
N THR E 95 35.12 -12.47 -3.92
CA THR E 95 36.55 -12.20 -3.76
C THR E 95 36.88 -10.71 -3.88
N VAL E 96 37.65 -10.22 -2.93
CA VAL E 96 38.13 -8.83 -2.95
C VAL E 96 39.65 -8.82 -2.81
N VAL E 97 40.31 -8.11 -3.70
CA VAL E 97 41.77 -8.09 -3.72
C VAL E 97 42.31 -6.70 -3.40
N PHE E 98 43.19 -6.65 -2.41
CA PHE E 98 43.83 -5.40 -1.98
C PHE E 98 45.23 -5.28 -2.56
N GLN E 99 45.46 -4.18 -3.28
CA GLN E 99 46.73 -3.96 -3.95
C GLN E 99 47.35 -2.62 -3.57
N GLY E 100 48.68 -2.54 -3.67
CA GLY E 100 49.39 -1.30 -3.42
C GLY E 100 50.89 -1.54 -3.29
N ALA E 101 51.63 -0.51 -2.89
CA ALA E 101 53.07 -0.58 -2.73
C ALA E 101 53.45 -1.46 -1.54
N ALA E 102 54.70 -1.92 -1.51
CA ALA E 102 55.18 -2.71 -0.38
C ALA E 102 55.25 -1.86 0.88
N GLY E 103 55.03 -2.49 2.04
CA GLY E 103 55.19 -1.79 3.31
C GLY E 103 54.09 -0.76 3.58
N ILE E 104 52.87 -1.04 3.11
CA ILE E 104 51.78 -0.08 3.26
C ILE E 104 50.68 -0.57 4.20
N GLY E 105 51.00 -1.56 5.01
CA GLY E 105 50.05 -2.06 6.00
C GLY E 105 48.97 -2.98 5.44
N LYS E 106 49.27 -3.72 4.36
CA LYS E 106 48.25 -4.63 3.85
C LYS E 106 47.98 -5.69 4.92
N THR E 107 49.04 -6.10 5.60
CA THR E 107 48.96 -7.07 6.70
C THR E 107 48.27 -6.45 7.91
N ILE E 108 48.63 -5.20 8.18
CA ILE E 108 48.13 -4.53 9.37
C ILE E 108 46.64 -4.28 9.23
N LEU E 109 46.20 -3.97 8.02
CA LEU E 109 44.79 -3.80 7.73
C LEU E 109 44.06 -5.12 7.99
N ALA E 110 44.67 -6.23 7.55
CA ALA E 110 44.13 -7.56 7.81
C ALA E 110 44.09 -7.86 9.30
N ARG E 111 45.12 -7.43 10.02
CA ARG E 111 45.17 -7.67 11.46
C ARG E 111 44.12 -6.84 12.19
N LYS E 112 43.92 -5.60 11.78
CA LYS E 112 42.89 -4.76 12.35
C LYS E 112 41.54 -5.39 12.08
N MET E 113 41.35 -5.90 10.87
CA MET E 113 40.13 -6.58 10.49
C MET E 113 39.84 -7.75 11.40
N MET E 114 40.85 -8.59 11.65
CA MET E 114 40.68 -9.75 12.50
C MET E 114 40.29 -9.35 13.92
N LEU E 115 40.91 -8.29 14.42
CA LEU E 115 40.61 -7.84 15.77
C LEU E 115 39.19 -7.29 15.84
N ASP E 116 38.80 -6.49 14.84
CA ASP E 116 37.46 -5.91 14.82
C ASP E 116 36.39 -6.99 14.64
N TRP E 117 36.71 -8.02 13.86
CA TRP E 117 35.78 -9.13 13.73
C TRP E 117 35.63 -9.89 15.03
N ALA E 118 36.75 -10.23 15.65
CA ALA E 118 36.74 -11.00 16.89
C ALA E 118 36.04 -10.22 18.01
N SER E 119 36.18 -8.90 17.98
CA SER E 119 35.54 -8.02 18.96
C SER E 119 34.03 -7.90 18.72
N GLY E 120 33.55 -8.42 17.58
CA GLY E 120 32.14 -8.39 17.24
C GLY E 120 31.69 -7.05 16.66
N THR E 121 32.60 -6.33 16.00
CA THR E 121 32.22 -5.04 15.44
C THR E 121 32.24 -5.08 13.90
N LEU E 122 33.03 -5.99 13.33
CA LEU E 122 33.16 -6.05 11.87
C LEU E 122 32.77 -7.43 11.31
N TYR E 123 31.75 -7.43 10.45
CA TYR E 123 31.19 -8.65 9.84
C TYR E 123 30.59 -9.56 10.91
N GLN E 124 30.16 -8.98 12.02
CA GLN E 124 29.65 -9.74 13.15
C GLN E 124 28.32 -10.42 12.85
N ASP E 125 27.66 -9.99 11.78
CA ASP E 125 26.41 -10.58 11.36
C ASP E 125 26.52 -11.17 9.95
N ARG E 126 27.75 -11.38 9.49
CA ARG E 126 27.95 -11.92 8.15
C ARG E 126 28.73 -13.24 8.12
N PHE E 127 29.78 -13.36 8.94
CA PHE E 127 30.58 -14.58 8.91
C PHE E 127 30.69 -15.20 10.30
N ASP E 128 30.68 -16.53 10.35
CA ASP E 128 30.82 -17.26 11.60
C ASP E 128 32.29 -17.45 11.95
N TYR E 129 33.12 -17.63 10.93
CA TYR E 129 34.55 -17.84 11.16
C TYR E 129 35.41 -16.99 10.24
N LEU E 130 36.57 -16.59 10.77
CA LEU E 130 37.57 -15.84 10.01
C LEU E 130 38.93 -16.49 10.13
N PHE E 131 39.48 -16.93 9.00
CA PHE E 131 40.76 -17.62 8.99
C PHE E 131 41.83 -16.81 8.27
N TYR E 132 42.98 -16.65 8.93
CA TYR E 132 44.10 -15.90 8.35
C TYR E 132 45.26 -16.82 7.98
N ILE E 133 45.58 -16.83 6.69
CA ILE E 133 46.65 -17.67 6.18
C ILE E 133 47.76 -16.79 5.61
N HIS E 134 48.92 -16.78 6.27
CA HIS E 134 50.03 -16.00 5.75
C HIS E 134 50.70 -16.82 4.66
N CYS E 135 51.01 -16.20 3.54
CA CYS E 135 51.62 -16.92 2.42
C CYS E 135 53.06 -17.35 2.70
N ARG E 136 53.75 -16.62 3.56
CA ARG E 136 55.15 -16.87 3.84
C ARG E 136 55.36 -18.27 4.42
N GLU E 137 54.41 -18.73 5.23
CA GLU E 137 54.53 -20.02 5.90
C GLU E 137 53.94 -21.17 5.09
N VAL E 138 53.39 -20.86 3.92
CA VAL E 138 52.75 -21.89 3.11
C VAL E 138 53.74 -22.63 2.23
N SER E 139 53.74 -23.95 2.33
CA SER E 139 54.56 -24.78 1.47
C SER E 139 53.83 -25.03 0.16
N LEU E 140 54.54 -24.97 -0.96
CA LEU E 140 53.91 -25.19 -2.26
C LEU E 140 54.21 -26.57 -2.85
N VAL E 141 55.33 -27.15 -2.45
CA VAL E 141 55.77 -28.41 -3.05
C VAL E 141 55.36 -29.63 -2.24
N THR E 142 54.98 -29.43 -0.99
CA THR E 142 54.57 -30.55 -0.15
C THR E 142 53.09 -30.86 -0.37
N GLN E 143 52.67 -32.03 0.08
CA GLN E 143 51.29 -32.47 -0.07
C GLN E 143 50.52 -32.45 1.24
N ARG E 144 49.34 -31.82 1.22
CA ARG E 144 48.50 -31.76 2.42
C ARG E 144 47.02 -31.57 2.09
N SER E 145 46.17 -31.98 3.03
CA SER E 145 44.73 -31.70 2.98
C SER E 145 44.52 -30.26 3.40
N LEU E 146 43.29 -29.76 3.34
CA LEU E 146 43.08 -28.37 3.71
C LEU E 146 43.03 -28.24 5.23
N GLY E 147 44.19 -28.38 5.84
CA GLY E 147 44.35 -28.33 7.29
C GLY E 147 44.59 -26.90 7.74
N ASP E 148 44.50 -25.97 6.79
CA ASP E 148 44.73 -24.56 7.06
C ASP E 148 43.71 -24.05 8.08
N LEU E 149 42.52 -24.65 8.07
CA LEU E 149 41.43 -24.24 8.96
C LEU E 149 41.69 -24.74 10.37
N ILE E 150 42.66 -25.62 10.54
CA ILE E 150 43.05 -26.15 11.83
C ILE E 150 44.32 -25.46 12.31
N MET E 151 45.31 -25.40 11.41
CA MET E 151 46.63 -24.86 11.72
C MET E 151 46.59 -23.36 12.04
N SER E 152 45.64 -22.64 11.44
CA SER E 152 45.52 -21.20 11.68
C SER E 152 44.68 -20.88 12.92
N CYS E 153 44.26 -21.92 13.65
CA CYS E 153 43.43 -21.73 14.84
C CYS E 153 44.19 -22.01 16.13
N CYS E 154 43.44 -21.99 17.23
CA CYS E 154 44.00 -22.21 18.56
C CYS E 154 44.56 -23.64 18.65
N PRO E 155 45.33 -23.97 19.70
CA PRO E 155 46.01 -25.24 19.91
C PRO E 155 45.10 -26.47 19.90
N ASP E 156 43.79 -26.28 20.09
CA ASP E 156 42.88 -27.42 20.13
C ASP E 156 42.98 -28.21 18.82
N PRO E 157 43.46 -29.46 18.87
CA PRO E 157 43.75 -30.33 17.74
C PRO E 157 42.50 -30.88 17.06
N ASN E 158 41.33 -30.71 17.68
CA ASN E 158 40.11 -31.29 17.13
C ASN E 158 38.92 -30.33 17.10
N PRO E 159 38.99 -29.26 16.29
CA PRO E 159 37.92 -28.33 16.01
C PRO E 159 36.88 -29.04 15.14
N PRO E 160 35.63 -28.56 15.15
CA PRO E 160 34.48 -29.11 14.46
C PRO E 160 34.50 -28.80 12.96
N ILE E 161 35.53 -29.30 12.29
CA ILE E 161 35.75 -29.06 10.86
C ILE E 161 34.65 -29.75 10.06
N HIS E 162 34.25 -30.93 10.51
CA HIS E 162 33.26 -31.74 9.83
C HIS E 162 31.82 -31.30 10.11
N LYS E 163 31.65 -30.27 10.94
CA LYS E 163 30.33 -29.78 11.29
C LYS E 163 30.07 -28.40 10.70
N ILE E 164 29.93 -27.40 11.56
CA ILE E 164 29.61 -26.04 11.14
C ILE E 164 30.74 -25.36 10.36
N VAL E 165 31.99 -25.74 10.64
CA VAL E 165 33.13 -25.09 10.01
C VAL E 165 33.28 -25.44 8.52
N ARG E 166 32.53 -26.42 8.03
CA ARG E 166 32.59 -26.72 6.60
C ARG E 166 31.41 -26.15 5.84
N LYS E 167 30.56 -25.36 6.53
CA LYS E 167 29.39 -24.79 5.88
C LYS E 167 29.80 -23.59 5.00
N PRO E 168 29.51 -23.63 3.70
CA PRO E 168 29.92 -22.66 2.70
C PRO E 168 29.20 -21.34 2.90
N SER E 169 29.88 -20.25 2.56
CA SER E 169 29.35 -18.89 2.61
C SER E 169 29.36 -18.29 4.03
N ARG E 170 29.64 -19.11 5.04
CA ARG E 170 29.67 -18.60 6.41
C ARG E 170 31.08 -18.31 6.87
N ILE E 171 32.05 -18.53 5.99
CA ILE E 171 33.44 -18.37 6.35
C ILE E 171 34.20 -17.38 5.47
N LEU E 172 34.95 -16.50 6.12
CA LEU E 172 35.81 -15.54 5.46
C LEU E 172 37.28 -15.93 5.61
N PHE E 173 37.99 -16.01 4.50
CA PHE E 173 39.41 -16.30 4.51
C PHE E 173 40.22 -15.09 4.06
N LEU E 174 41.44 -14.94 4.56
CA LEU E 174 42.35 -13.94 4.00
C LEU E 174 43.71 -14.56 3.70
N MET E 175 44.19 -14.33 2.48
CA MET E 175 45.47 -14.81 2.00
C MET E 175 46.46 -13.65 1.90
N ASP E 176 47.44 -13.63 2.80
CA ASP E 176 48.34 -12.48 2.92
C ASP E 176 49.70 -12.66 2.24
N GLY E 177 49.92 -11.94 1.14
CA GLY E 177 51.21 -11.98 0.46
C GLY E 177 51.27 -12.99 -0.67
N PHE E 178 50.34 -12.90 -1.61
CA PHE E 178 50.35 -13.81 -2.76
C PHE E 178 51.74 -13.86 -3.40
N ASP E 179 52.37 -12.70 -3.53
CA ASP E 179 53.68 -12.60 -4.17
C ASP E 179 54.82 -13.21 -3.34
N GLU E 180 54.53 -13.57 -2.08
CA GLU E 180 55.53 -14.19 -1.21
C GLU E 180 55.49 -15.70 -1.24
N LEU E 181 54.60 -16.27 -2.05
CA LEU E 181 54.55 -17.74 -2.13
C LEU E 181 55.88 -18.26 -2.66
N GLN E 182 56.49 -19.20 -1.94
CA GLN E 182 57.80 -19.70 -2.33
C GLN E 182 57.72 -21.06 -3.02
N GLY E 183 58.40 -21.17 -4.15
CA GLY E 183 58.43 -22.41 -4.93
C GLY E 183 57.93 -22.14 -6.34
N ALA E 184 57.76 -23.20 -7.12
CA ALA E 184 57.24 -23.05 -8.47
C ALA E 184 55.73 -22.81 -8.39
N PHE E 185 55.20 -22.07 -9.34
CA PHE E 185 53.77 -21.77 -9.31
C PHE E 185 53.19 -21.67 -10.70
N ASP E 186 51.97 -22.17 -10.87
CA ASP E 186 51.25 -22.09 -12.14
C ASP E 186 49.77 -21.84 -11.87
N GLU E 187 49.11 -21.22 -12.85
CA GLU E 187 47.71 -20.87 -12.73
C GLU E 187 46.81 -21.81 -13.51
N HIS E 188 47.37 -22.48 -14.51
CA HIS E 188 46.57 -23.30 -15.40
C HIS E 188 46.79 -24.79 -15.16
N ILE E 189 46.20 -25.29 -14.08
CA ILE E 189 46.42 -26.66 -13.64
C ILE E 189 45.15 -27.49 -13.78
N GLY E 190 45.24 -28.59 -14.51
CA GLY E 190 44.09 -29.48 -14.71
C GLY E 190 43.56 -30.03 -13.38
N PRO E 191 44.38 -30.76 -12.64
CA PRO E 191 44.09 -31.30 -11.32
C PRO E 191 44.04 -30.20 -10.27
N LEU E 192 42.97 -29.41 -10.31
CA LEU E 192 42.80 -28.28 -9.39
C LEU E 192 42.70 -28.73 -7.94
N CYS E 193 42.09 -29.90 -7.72
CA CYS E 193 41.88 -30.46 -6.38
C CYS E 193 40.74 -29.79 -5.63
N THR E 194 39.57 -30.43 -5.68
CA THR E 194 38.43 -30.02 -4.89
C THR E 194 38.25 -31.04 -3.77
N ASP E 195 37.40 -30.74 -2.80
CA ASP E 195 37.19 -31.62 -1.63
C ASP E 195 38.31 -31.41 -0.61
N TRP E 196 38.03 -30.57 0.38
CA TRP E 196 38.99 -30.21 1.44
C TRP E 196 39.58 -31.43 2.16
N GLN E 197 38.88 -32.56 2.07
CA GLN E 197 39.28 -33.78 2.73
C GLN E 197 40.47 -34.47 2.07
N LYS E 198 40.74 -34.13 0.81
CA LYS E 198 41.82 -34.78 0.07
C LYS E 198 43.09 -33.96 0.04
N ALA E 199 44.23 -34.65 0.09
CA ALA E 199 45.53 -33.98 0.10
C ALA E 199 46.14 -33.86 -1.29
N GLU E 200 46.72 -32.70 -1.57
CA GLU E 200 47.42 -32.46 -2.84
C GLU E 200 48.51 -31.40 -2.61
N ARG E 201 49.28 -31.10 -3.65
CA ARG E 201 50.34 -30.09 -3.53
C ARG E 201 49.78 -28.75 -3.09
N GLY E 202 50.54 -28.06 -2.25
CA GLY E 202 50.15 -26.76 -1.70
C GLY E 202 49.84 -25.70 -2.76
N ASP E 203 50.56 -25.69 -3.88
CA ASP E 203 50.30 -24.66 -4.90
C ASP E 203 48.96 -24.92 -5.56
N ILE E 204 48.67 -26.19 -5.81
CA ILE E 204 47.41 -26.61 -6.38
C ILE E 204 46.25 -26.29 -5.45
N LEU E 205 46.46 -26.56 -4.16
CA LEU E 205 45.43 -26.34 -3.15
C LEU E 205 45.05 -24.87 -3.08
N LEU E 206 46.04 -23.98 -3.18
CA LEU E 206 45.77 -22.54 -3.16
C LEU E 206 44.95 -22.11 -4.37
N SER E 207 45.28 -22.66 -5.54
CA SER E 207 44.55 -22.31 -6.76
C SER E 207 43.07 -22.67 -6.64
N SER E 208 42.79 -23.85 -6.13
CA SER E 208 41.42 -24.32 -5.99
C SER E 208 40.60 -23.43 -5.05
N LEU E 209 41.20 -22.99 -3.95
CA LEU E 209 40.49 -22.11 -3.03
C LEU E 209 40.26 -20.74 -3.67
N ILE E 210 41.28 -20.20 -4.35
CA ILE E 210 41.17 -18.89 -4.97
C ILE E 210 40.11 -18.87 -6.07
N ARG E 211 40.06 -19.94 -6.87
CA ARG E 211 39.11 -20.06 -7.96
C ARG E 211 37.69 -20.38 -7.50
N LYS E 212 37.50 -20.53 -6.20
CA LYS E 212 36.20 -20.86 -5.61
C LYS E 212 35.70 -22.24 -6.03
N LYS E 213 36.62 -23.20 -6.17
CA LYS E 213 36.24 -24.57 -6.48
C LYS E 213 36.26 -25.37 -5.19
N LEU E 214 37.16 -24.98 -4.30
CA LEU E 214 37.31 -25.57 -2.98
C LEU E 214 36.59 -24.70 -1.97
N LEU E 215 35.69 -25.31 -1.20
CA LEU E 215 34.83 -24.56 -0.30
C LEU E 215 34.12 -23.43 -1.05
N PRO E 216 33.29 -23.77 -2.04
CA PRO E 216 32.64 -22.85 -2.94
C PRO E 216 31.72 -21.93 -2.17
N GLU E 217 31.55 -20.72 -2.68
CA GLU E 217 30.75 -19.66 -2.06
C GLU E 217 31.41 -19.07 -0.80
N ALA E 218 32.62 -19.54 -0.45
CA ALA E 218 33.34 -18.94 0.65
C ALA E 218 33.83 -17.56 0.22
N SER E 219 33.99 -16.67 1.19
CA SER E 219 34.50 -15.33 0.89
C SER E 219 36.01 -15.28 1.10
N LEU E 220 36.73 -14.68 0.16
CA LEU E 220 38.18 -14.63 0.24
C LEU E 220 38.75 -13.22 -0.01
N LEU E 221 39.62 -12.79 0.89
CA LEU E 221 40.38 -11.56 0.72
C LEU E 221 41.83 -11.89 0.39
N ILE E 222 42.38 -11.20 -0.60
CA ILE E 222 43.77 -11.43 -0.98
C ILE E 222 44.56 -10.14 -0.98
N THR E 223 45.76 -10.17 -0.43
CA THR E 223 46.64 -9.01 -0.49
C THR E 223 47.84 -9.35 -1.38
N THR E 224 48.17 -8.44 -2.29
CA THR E 224 49.29 -8.71 -3.21
C THR E 224 49.89 -7.43 -3.80
N ARG E 225 51.16 -7.49 -4.17
CA ARG E 225 51.77 -6.42 -4.93
C ARG E 225 51.25 -6.45 -6.37
N PRO E 226 50.91 -5.30 -6.98
CA PRO E 226 50.39 -5.15 -8.33
C PRO E 226 51.19 -5.94 -9.38
N VAL E 227 52.50 -6.03 -9.19
CA VAL E 227 53.36 -6.73 -10.12
C VAL E 227 52.99 -8.22 -10.22
N ALA E 228 52.48 -8.78 -9.13
CA ALA E 228 52.13 -10.18 -9.09
C ALA E 228 50.70 -10.43 -9.53
N LEU E 229 49.97 -9.36 -9.86
CA LEU E 229 48.58 -9.52 -10.24
C LEU E 229 48.48 -10.40 -11.47
N GLU E 230 49.48 -10.31 -12.35
CA GLU E 230 49.47 -11.05 -13.59
C GLU E 230 49.40 -12.56 -13.38
N LYS E 231 49.86 -13.04 -12.22
CA LYS E 231 49.86 -14.45 -11.92
C LYS E 231 48.69 -14.82 -11.01
N LEU E 232 47.87 -13.82 -10.69
CA LEU E 232 46.71 -14.02 -9.83
C LEU E 232 45.40 -13.85 -10.61
N GLN E 233 45.43 -12.97 -11.62
CA GLN E 233 44.24 -12.60 -12.39
C GLN E 233 43.55 -13.81 -13.01
N HIS E 234 44.31 -14.87 -13.28
CA HIS E 234 43.80 -16.07 -13.92
C HIS E 234 43.03 -16.93 -12.93
N LEU E 235 43.21 -16.64 -11.66
CA LEU E 235 42.59 -17.39 -10.59
C LEU E 235 41.36 -16.65 -10.06
N LEU E 236 41.37 -15.32 -10.21
CA LEU E 236 40.32 -14.47 -9.67
C LEU E 236 39.07 -14.40 -10.55
N ASP E 237 39.27 -14.35 -11.86
CA ASP E 237 38.18 -14.20 -12.84
C ASP E 237 37.46 -12.86 -12.73
N HIS E 238 36.73 -12.65 -11.64
CA HIS E 238 35.95 -11.42 -11.44
C HIS E 238 36.06 -10.85 -10.02
N PRO E 239 37.24 -10.34 -9.63
CA PRO E 239 37.57 -9.78 -8.32
C PRO E 239 37.06 -8.35 -8.16
N ARG E 240 36.86 -7.94 -6.92
CA ARG E 240 36.69 -6.52 -6.61
C ARG E 240 38.07 -5.92 -6.34
N HIS E 241 38.35 -4.76 -6.93
CA HIS E 241 39.68 -4.16 -6.80
C HIS E 241 39.70 -2.96 -5.85
N VAL E 242 40.49 -3.07 -4.78
CA VAL E 242 40.66 -1.98 -3.83
C VAL E 242 42.14 -1.64 -3.69
N GLU E 243 42.46 -0.36 -3.83
CA GLU E 243 43.84 0.10 -3.71
C GLU E 243 44.11 0.70 -2.33
N ILE E 244 45.25 0.32 -1.75
CA ILE E 244 45.65 0.85 -0.46
C ILE E 244 46.71 1.92 -0.63
N LEU E 245 46.40 3.11 -0.15
CA LEU E 245 47.29 4.26 -0.29
C LEU E 245 47.98 4.56 1.04
N GLY E 246 49.04 5.36 0.98
CA GLY E 246 49.85 5.67 2.17
C GLY E 246 49.21 6.74 3.05
N PHE E 247 49.98 7.24 4.00
CA PHE E 247 49.47 8.19 4.98
C PHE E 247 49.45 9.61 4.44
N SER E 248 48.37 10.33 4.73
CA SER E 248 48.28 11.75 4.42
C SER E 248 49.10 12.54 5.42
N GLU E 249 49.33 13.82 5.15
CA GLU E 249 50.14 14.64 6.05
C GLU E 249 49.55 14.69 7.46
N ALA E 250 48.23 14.69 7.55
CA ALA E 250 47.54 14.71 8.84
C ALA E 250 47.83 13.43 9.61
N LYS E 251 47.93 12.31 8.89
CA LYS E 251 48.18 11.01 9.53
C LYS E 251 49.65 10.85 9.84
N ARG E 252 50.50 11.52 9.07
CA ARG E 252 51.94 11.52 9.34
C ARG E 252 52.20 12.12 10.71
N LYS E 253 51.50 13.22 11.01
CA LYS E 253 51.62 13.85 12.32
C LYS E 253 51.19 12.90 13.43
N GLU E 254 50.05 12.23 13.22
CA GLU E 254 49.52 11.33 14.23
C GLU E 254 50.49 10.20 14.52
N TYR E 255 51.15 9.68 13.49
CA TYR E 255 52.08 8.58 13.69
C TYR E 255 53.14 8.98 14.70
N PHE E 256 53.74 10.16 14.52
CA PHE E 256 54.79 10.62 15.43
C PHE E 256 54.28 10.81 16.85
N PHE E 257 53.08 11.37 16.99
CA PHE E 257 52.55 11.63 18.32
C PHE E 257 52.12 10.35 19.03
N LYS E 258 51.76 9.32 18.28
CA LYS E 258 51.43 8.04 18.88
C LYS E 258 52.68 7.19 19.10
N TYR E 259 53.66 7.32 18.21
CA TYR E 259 54.91 6.55 18.30
C TYR E 259 55.77 7.02 19.47
N PHE E 260 55.96 8.33 19.59
CA PHE E 260 56.78 8.90 20.66
C PHE E 260 55.91 9.36 21.82
N SER E 261 56.06 8.70 22.96
CA SER E 261 55.21 8.99 24.12
C SER E 261 55.38 10.42 24.63
N ASP E 262 56.55 11.00 24.42
CA ASP E 262 56.80 12.38 24.78
C ASP E 262 56.43 13.31 23.63
N GLU E 263 55.37 14.09 23.82
CA GLU E 263 54.88 15.00 22.80
C GLU E 263 56.00 15.91 22.28
N ALA E 264 56.89 16.32 23.17
CA ALA E 264 57.98 17.21 22.79
C ALA E 264 58.91 16.54 21.78
N GLN E 265 59.09 15.23 21.92
CA GLN E 265 59.97 14.49 21.04
C GLN E 265 59.25 14.18 19.74
N ALA E 266 57.94 13.94 19.85
CA ALA E 266 57.14 13.68 18.66
C ALA E 266 57.14 14.90 17.77
N ARG E 267 57.07 16.07 18.37
CA ARG E 267 57.07 17.32 17.65
C ARG E 267 58.41 17.56 16.96
N ALA E 268 59.50 17.38 17.73
CA ALA E 268 60.83 17.60 17.14
C ALA E 268 61.09 16.59 16.05
N ALA E 269 60.68 15.36 16.22
CA ALA E 269 60.88 14.31 15.25
C ALA E 269 60.10 14.60 13.96
N PHE E 270 58.83 15.00 14.16
CA PHE E 270 58.00 15.33 13.00
C PHE E 270 58.59 16.49 12.22
N SER E 271 58.96 17.55 12.91
CA SER E 271 59.47 18.75 12.27
C SER E 271 60.75 18.45 11.49
N LEU E 272 61.64 17.67 12.08
CA LEU E 272 62.88 17.29 11.40
C LEU E 272 62.61 16.70 10.04
N ILE E 273 61.64 15.79 9.98
CA ILE E 273 61.31 15.12 8.74
C ILE E 273 60.50 16.02 7.82
N GLN E 274 59.55 16.77 8.37
CA GLN E 274 58.73 17.67 7.56
C GLN E 274 59.59 18.65 6.76
N GLU E 275 60.70 19.10 7.35
CA GLU E 275 61.62 20.01 6.67
C GLU E 275 62.30 19.35 5.48
N ASN E 276 62.35 18.01 5.49
CA ASN E 276 62.96 17.24 4.42
C ASN E 276 61.87 16.74 3.47
N GLU E 277 61.57 17.53 2.46
CA GLU E 277 60.42 17.24 1.60
C GLU E 277 60.48 15.84 1.02
N VAL E 278 61.66 15.41 0.61
CA VAL E 278 61.80 14.12 -0.05
C VAL E 278 61.59 12.97 0.93
N LEU E 279 62.22 13.06 2.10
CA LEU E 279 62.09 12.00 3.11
C LEU E 279 60.67 11.97 3.65
N PHE E 280 60.08 13.15 3.85
CA PHE E 280 58.71 13.27 4.34
C PHE E 280 57.74 12.57 3.40
N THR E 281 57.92 12.80 2.09
CA THR E 281 57.11 12.18 1.05
C THR E 281 57.28 10.67 1.06
N MET E 282 58.52 10.18 1.17
CA MET E 282 58.74 8.74 1.19
C MET E 282 58.07 8.12 2.41
N CYS E 283 58.05 8.87 3.51
CA CYS E 283 57.47 8.41 4.76
C CYS E 283 55.95 8.31 4.69
N PHE E 284 55.37 8.62 3.53
CA PHE E 284 53.95 8.39 3.31
C PHE E 284 53.73 6.89 3.33
N ILE E 285 54.78 6.13 3.01
CA ILE E 285 54.73 4.68 3.11
C ILE E 285 55.01 4.32 4.56
N PRO E 286 54.07 3.69 5.27
CA PRO E 286 54.15 3.31 6.68
C PRO E 286 55.47 2.66 7.05
N LEU E 287 56.01 1.81 6.18
CA LEU E 287 57.29 1.19 6.47
C LEU E 287 58.43 2.20 6.50
N VAL E 288 58.44 3.15 5.58
CA VAL E 288 59.51 4.13 5.58
C VAL E 288 59.41 4.96 6.84
N CYS E 289 58.19 5.33 7.19
CA CYS E 289 57.94 6.10 8.40
C CYS E 289 58.48 5.37 9.63
N TRP E 290 58.17 4.08 9.75
CA TRP E 290 58.63 3.27 10.86
C TRP E 290 60.16 3.20 10.93
N ILE E 291 60.80 3.00 9.78
CA ILE E 291 62.25 2.91 9.73
C ILE E 291 62.87 4.21 10.23
N VAL E 292 62.31 5.33 9.76
CA VAL E 292 62.78 6.65 10.14
C VAL E 292 62.52 6.94 11.62
N CYS E 293 61.31 6.65 12.10
CA CYS E 293 60.99 6.91 13.50
C CYS E 293 61.85 6.08 14.43
N THR E 294 62.10 4.83 14.06
CA THR E 294 62.93 3.96 14.87
C THR E 294 64.35 4.49 14.95
N GLY E 295 64.88 4.95 13.81
CA GLY E 295 66.23 5.51 13.78
C GLY E 295 66.33 6.74 14.69
N LEU E 296 65.32 7.60 14.64
CA LEU E 296 65.31 8.81 15.46
C LEU E 296 65.21 8.44 16.94
N LYS E 297 64.42 7.42 17.25
CA LYS E 297 64.29 6.96 18.63
C LYS E 297 65.63 6.48 19.18
N GLN E 298 66.39 5.77 18.34
CA GLN E 298 67.70 5.29 18.76
C GLN E 298 68.65 6.46 19.02
N GLN E 299 68.58 7.48 18.17
CA GLN E 299 69.40 8.67 18.36
C GLN E 299 69.02 9.39 19.64
N MET E 300 67.72 9.40 19.95
CA MET E 300 67.22 10.00 21.18
C MET E 300 67.79 9.31 22.40
N GLU E 301 67.67 7.97 22.43
CA GLU E 301 68.12 7.18 23.57
C GLU E 301 69.63 7.30 23.77
N SER E 302 70.37 7.42 22.66
CA SER E 302 71.82 7.51 22.71
C SER E 302 72.34 8.93 22.97
N GLY E 303 71.44 9.90 23.08
CA GLY E 303 71.82 11.29 23.35
C GLY E 303 72.46 12.00 22.15
N LYS E 304 72.00 11.68 20.95
CA LYS E 304 72.54 12.26 19.73
C LYS E 304 71.75 13.49 19.27
N SER E 305 72.24 14.16 18.23
CA SER E 305 71.62 15.37 17.68
C SER E 305 70.32 15.09 16.93
N LEU E 306 70.10 13.83 16.59
CA LEU E 306 68.94 13.37 15.82
C LEU E 306 68.92 13.90 14.40
N ALA E 307 70.06 14.35 13.90
CA ALA E 307 70.13 14.81 12.53
C ALA E 307 69.93 13.63 11.57
N GLN E 308 69.24 13.89 10.46
CA GLN E 308 69.05 12.90 9.43
C GLN E 308 68.98 13.59 8.07
N THR E 309 69.81 13.13 7.13
CA THR E 309 69.91 13.77 5.82
C THR E 309 69.56 12.82 4.68
N SER E 310 68.82 11.76 4.97
CA SER E 310 68.47 10.78 3.95
C SER E 310 67.59 11.41 2.87
N LYS E 311 67.85 11.06 1.61
CA LYS E 311 67.08 11.56 0.49
C LYS E 311 66.45 10.44 -0.34
N THR E 312 67.04 9.25 -0.27
CA THR E 312 66.59 8.14 -1.10
C THR E 312 66.13 6.98 -0.23
N THR E 313 65.45 6.02 -0.85
CA THR E 313 64.99 4.84 -0.13
C THR E 313 66.20 4.09 0.37
N THR E 314 67.23 4.02 -0.47
CA THR E 314 68.47 3.36 -0.12
C THR E 314 69.09 4.05 1.09
N ALA E 315 69.14 5.38 1.05
CA ALA E 315 69.75 6.13 2.17
C ALA E 315 69.00 5.83 3.46
N VAL E 316 67.69 5.67 3.41
CA VAL E 316 66.90 5.34 4.59
C VAL E 316 67.27 3.97 5.14
N TYR E 317 67.39 3.00 4.24
CA TYR E 317 67.73 1.62 4.62
C TYR E 317 69.18 1.47 5.08
N VAL E 318 70.09 2.21 4.44
CA VAL E 318 71.50 2.17 4.82
C VAL E 318 71.68 2.83 6.18
N PHE E 319 71.08 4.01 6.36
CA PHE E 319 71.15 4.72 7.62
C PHE E 319 70.64 3.85 8.76
N PHE E 320 69.46 3.27 8.57
CA PHE E 320 68.86 2.43 9.61
C PHE E 320 69.79 1.28 9.98
N LEU E 321 70.25 0.54 8.99
CA LEU E 321 71.08 -0.63 9.24
C LEU E 321 72.42 -0.27 9.88
N SER E 322 73.10 0.73 9.33
CA SER E 322 74.44 1.06 9.81
C SER E 322 74.39 1.73 11.17
N SER E 323 73.34 2.51 11.42
CA SER E 323 73.20 3.17 12.70
C SER E 323 73.07 2.14 13.81
N LEU E 324 72.24 1.12 13.57
CA LEU E 324 72.04 0.07 14.55
C LEU E 324 73.26 -0.86 14.73
N LEU E 325 73.96 -1.18 13.65
CA LEU E 325 75.11 -2.09 13.75
C LEU E 325 76.40 -1.42 14.18
N GLN E 326 76.57 -0.14 13.86
CA GLN E 326 77.83 0.55 14.15
C GLN E 326 78.34 0.40 15.60
N PRO E 327 77.50 0.54 16.64
CA PRO E 327 77.87 0.46 18.04
C PRO E 327 78.68 -0.80 18.34
N LEU E 336 77.30 -7.52 15.01
CA LEU E 336 77.38 -6.13 14.54
C LEU E 336 77.90 -6.09 13.10
N CYS E 337 78.63 -5.03 12.76
CA CYS E 337 79.12 -4.81 11.40
C CYS E 337 80.02 -5.94 10.90
N ALA E 338 80.68 -6.62 11.83
CA ALA E 338 81.61 -7.69 11.52
C ALA E 338 80.98 -8.85 10.78
N HIS E 339 79.66 -9.01 10.92
CA HIS E 339 78.97 -10.14 10.32
C HIS E 339 78.10 -9.73 9.13
N LEU E 340 78.31 -8.53 8.60
CA LEU E 340 77.52 -8.06 7.46
C LEU E 340 77.66 -9.00 6.27
N TRP E 341 78.88 -9.48 6.02
CA TRP E 341 79.13 -10.37 4.89
C TRP E 341 78.31 -11.64 4.99
N GLY E 342 78.41 -12.32 6.12
CA GLY E 342 77.73 -13.60 6.28
C GLY E 342 76.23 -13.44 6.11
N LEU E 343 75.70 -12.33 6.63
CA LEU E 343 74.27 -12.06 6.51
C LEU E 343 73.86 -11.69 5.09
N CYS E 344 74.63 -10.83 4.44
CA CYS E 344 74.29 -10.42 3.09
C CYS E 344 74.30 -11.64 2.18
N SER E 345 75.25 -12.54 2.41
CA SER E 345 75.32 -13.78 1.64
C SER E 345 74.09 -14.64 1.92
N LEU E 346 73.67 -14.70 3.18
CA LEU E 346 72.46 -15.45 3.55
C LEU E 346 71.24 -14.88 2.85
N ALA E 347 71.12 -13.55 2.87
CA ALA E 347 69.98 -12.89 2.26
C ALA E 347 69.94 -13.13 0.77
N ALA E 348 71.10 -13.05 0.12
CA ALA E 348 71.19 -13.28 -1.32
C ALA E 348 70.85 -14.73 -1.66
N ASP E 349 71.30 -15.65 -0.80
CA ASP E 349 71.04 -17.08 -1.01
C ASP E 349 69.56 -17.34 -0.81
N GLY E 350 68.97 -16.65 0.17
CA GLY E 350 67.56 -16.78 0.46
C GLY E 350 66.72 -16.34 -0.73
N ILE E 351 67.02 -15.18 -1.28
CA ILE E 351 66.25 -14.70 -2.42
C ILE E 351 66.40 -15.64 -3.60
N TRP E 352 67.64 -16.03 -3.92
CA TRP E 352 67.89 -16.89 -5.05
C TRP E 352 67.20 -18.25 -4.93
N ASN E 353 67.25 -18.84 -3.75
CA ASN E 353 66.69 -20.18 -3.52
C ASN E 353 65.28 -20.18 -2.97
N GLN E 354 64.61 -19.03 -3.04
CA GLN E 354 63.22 -18.93 -2.57
C GLN E 354 63.04 -19.33 -1.11
N LYS E 355 63.89 -18.81 -0.23
CA LYS E 355 63.79 -19.06 1.19
C LYS E 355 63.64 -17.77 1.98
N ILE E 356 62.57 -17.69 2.77
CA ILE E 356 62.34 -16.54 3.64
C ILE E 356 62.55 -16.95 5.09
N LEU E 357 62.12 -18.17 5.42
CA LEU E 357 62.20 -18.69 6.77
C LEU E 357 63.40 -19.62 6.91
N PHE E 358 64.32 -19.26 7.79
CA PHE E 358 65.60 -19.94 7.90
C PHE E 358 65.71 -20.76 9.18
N GLU E 359 66.47 -21.84 9.14
CA GLU E 359 66.71 -22.64 10.33
C GLU E 359 68.06 -22.32 10.95
N GLU E 360 68.33 -22.86 12.13
CA GLU E 360 69.61 -22.63 12.79
C GLU E 360 70.76 -23.09 11.90
N SER E 361 70.52 -24.13 11.11
CA SER E 361 71.53 -24.67 10.20
C SER E 361 71.90 -23.66 9.12
N ASP E 362 70.95 -22.82 8.72
CA ASP E 362 71.20 -21.86 7.66
C ASP E 362 72.00 -20.70 8.20
N LEU E 363 71.77 -20.38 9.47
CA LEU E 363 72.52 -19.33 10.12
C LEU E 363 73.96 -19.80 10.37
N ARG E 364 74.11 -21.03 10.85
CA ARG E 364 75.44 -21.58 11.13
C ARG E 364 76.28 -21.71 9.87
N ASN E 365 75.64 -22.08 8.76
CA ASN E 365 76.35 -22.29 7.50
C ASN E 365 76.95 -21.02 6.93
N HIS E 366 76.55 -19.87 7.47
CA HIS E 366 77.07 -18.59 7.02
C HIS E 366 77.91 -17.93 8.10
N GLY E 367 78.25 -18.71 9.13
CA GLY E 367 79.10 -18.24 10.22
C GLY E 367 78.36 -17.37 11.23
N LEU E 368 77.04 -17.49 11.30
CA LEU E 368 76.24 -16.67 12.19
C LEU E 368 75.76 -17.49 13.38
N GLN E 369 76.43 -17.36 14.52
CA GLN E 369 76.09 -18.20 15.67
C GLN E 369 76.54 -17.62 17.02
N LYS E 370 75.58 -17.48 17.93
CA LYS E 370 75.83 -17.02 19.30
C LYS E 370 76.62 -15.72 19.37
N ALA E 371 76.31 -14.79 18.47
CA ALA E 371 76.98 -13.50 18.44
C ALA E 371 76.05 -12.43 17.87
N ASP E 372 76.03 -12.35 16.54
CA ASP E 372 75.28 -11.31 15.87
C ASP E 372 73.80 -11.63 15.81
N VAL E 373 73.45 -12.92 15.82
CA VAL E 373 72.04 -13.28 15.73
C VAL E 373 71.30 -12.70 16.92
N SER E 374 71.90 -12.84 18.11
CA SER E 374 71.30 -12.29 19.31
C SER E 374 71.23 -10.77 19.23
N ALA E 375 72.30 -10.16 18.71
CA ALA E 375 72.33 -8.71 18.56
C ALA E 375 71.26 -8.25 17.57
N PHE E 376 71.05 -9.03 16.51
CA PHE E 376 70.07 -8.71 15.49
C PHE E 376 68.65 -8.80 16.04
N LEU E 377 68.45 -9.68 17.01
CA LEU E 377 67.15 -9.83 17.67
C LEU E 377 66.92 -8.74 18.70
N ARG E 378 68.00 -8.21 19.29
CA ARG E 378 67.88 -7.08 20.21
C ARG E 378 67.48 -5.82 19.45
N MET E 379 68.01 -5.67 18.24
CA MET E 379 67.73 -4.54 17.37
C MET E 379 66.55 -4.83 16.45
N ASN E 380 65.93 -3.79 15.90
CA ASN E 380 64.81 -4.03 14.98
C ASN E 380 65.29 -4.39 13.58
N LEU E 381 66.01 -5.50 13.49
CA LEU E 381 66.59 -5.99 12.24
C LEU E 381 66.07 -7.38 11.91
N PHE E 382 66.03 -8.26 12.92
CA PHE E 382 65.55 -9.64 12.75
C PHE E 382 64.61 -10.08 13.85
N GLN E 383 63.85 -11.13 13.54
CA GLN E 383 62.93 -11.74 14.48
C GLN E 383 63.12 -13.26 14.44
N LYS E 384 62.79 -13.93 15.54
CA LYS E 384 62.97 -15.38 15.60
C LYS E 384 61.65 -16.12 15.49
N GLU E 385 60.60 -15.39 15.10
CA GLU E 385 59.28 -15.97 14.91
C GLU E 385 58.84 -16.77 16.12
N VAL E 386 58.15 -16.10 17.04
CA VAL E 386 57.81 -16.72 18.32
C VAL E 386 56.35 -17.11 18.39
N ASP E 387 55.68 -17.20 17.25
CA ASP E 387 54.30 -17.64 17.21
C ASP E 387 54.25 -19.16 17.22
N CYS E 388 54.71 -19.75 18.33
CA CYS E 388 54.74 -21.20 18.51
C CYS E 388 55.39 -21.93 17.34
N GLU E 389 56.57 -21.48 16.92
CA GLU E 389 57.27 -22.07 15.78
C GLU E 389 58.78 -22.15 15.98
N LYS E 390 59.46 -22.75 15.00
CA LYS E 390 60.91 -22.92 15.07
C LYS E 390 61.64 -22.52 13.78
N PHE E 391 61.77 -21.22 13.56
CA PHE E 391 62.52 -20.68 12.42
C PHE E 391 62.83 -19.19 12.60
N TYR E 392 63.75 -18.66 11.79
CA TYR E 392 64.15 -17.27 11.85
C TYR E 392 63.78 -16.52 10.57
N SER E 393 63.60 -15.20 10.68
CA SER E 393 63.26 -14.41 9.50
C SER E 393 63.67 -12.94 9.63
N PHE E 394 63.67 -12.26 8.49
CA PHE E 394 63.94 -10.82 8.42
C PHE E 394 62.67 -10.09 8.86
N ILE E 395 62.82 -8.91 9.47
CA ILE E 395 61.63 -8.17 9.89
C ILE E 395 60.77 -7.84 8.67
N HIS E 396 61.42 -7.44 7.58
CA HIS E 396 60.72 -7.06 6.36
C HIS E 396 61.34 -7.72 5.13
N MET E 397 60.52 -7.92 4.09
CA MET E 397 61.04 -8.46 2.85
C MET E 397 61.92 -7.45 2.13
N THR E 398 61.67 -6.17 2.35
CA THR E 398 62.49 -5.14 1.75
C THR E 398 63.87 -5.15 2.38
N PHE E 399 63.96 -5.58 3.64
CA PHE E 399 65.26 -5.71 4.29
C PHE E 399 66.02 -6.87 3.69
N GLN E 400 65.34 -8.01 3.50
CA GLN E 400 66.02 -9.16 2.92
C GLN E 400 66.54 -8.85 1.53
N GLU E 401 65.71 -8.18 0.73
CA GLU E 401 66.13 -7.79 -0.62
C GLU E 401 67.22 -6.73 -0.58
N PHE E 402 67.15 -5.83 0.39
CA PHE E 402 68.18 -4.81 0.60
C PHE E 402 69.52 -5.46 0.91
N PHE E 403 69.53 -6.42 1.85
CA PHE E 403 70.75 -7.11 2.20
C PHE E 403 71.33 -7.84 0.98
N ALA E 404 70.43 -8.46 0.20
CA ALA E 404 70.90 -9.15 -1.01
C ALA E 404 71.50 -8.15 -1.97
N ALA E 405 70.96 -6.97 -2.10
CA ALA E 405 71.48 -5.92 -2.94
C ALA E 405 72.91 -5.54 -2.52
N MET E 406 73.08 -5.46 -1.19
CA MET E 406 74.41 -5.11 -0.66
C MET E 406 75.42 -6.21 -0.96
N TYR E 407 74.99 -7.46 -0.89
CA TYR E 407 75.87 -8.60 -1.14
C TYR E 407 76.65 -8.45 -2.43
N TYR E 408 75.96 -8.06 -3.49
CA TYR E 408 76.57 -7.99 -4.82
C TYR E 408 77.72 -6.98 -4.89
N LEU E 409 77.80 -6.08 -3.92
CA LEU E 409 78.85 -5.05 -3.91
C LEU E 409 79.95 -5.30 -2.89
N LEU E 410 79.83 -6.33 -2.07
CA LEU E 410 80.80 -6.52 -0.99
C LEU E 410 82.04 -7.23 -1.48
N GLU E 411 83.17 -6.91 -0.86
CA GLU E 411 84.44 -7.56 -1.17
C GLU E 411 84.67 -7.62 -2.68
N LEU E 427 75.88 -17.67 -1.02
CA LEU E 427 76.78 -17.33 -2.12
C LEU E 427 76.31 -17.94 -3.44
N PRO E 428 75.06 -17.67 -3.85
CA PRO E 428 74.35 -18.28 -4.95
C PRO E 428 74.91 -17.93 -6.33
N SER E 429 75.61 -16.81 -6.44
CA SER E 429 76.12 -16.36 -7.72
C SER E 429 77.07 -15.18 -7.58
N ARG E 430 76.53 -14.10 -7.01
CA ARG E 430 77.21 -12.81 -6.92
C ARG E 430 77.47 -12.27 -8.32
N ASP E 431 76.51 -12.53 -9.21
CA ASP E 431 76.58 -12.08 -10.60
C ASP E 431 75.40 -11.18 -10.95
N VAL E 432 75.69 -9.92 -11.24
CA VAL E 432 74.64 -8.96 -11.55
C VAL E 432 73.90 -9.32 -12.84
N THR E 433 74.57 -10.02 -13.76
CA THR E 433 73.90 -10.40 -14.99
C THR E 433 72.74 -11.32 -14.66
N VAL E 434 72.99 -12.28 -13.79
CA VAL E 434 71.98 -13.23 -13.36
C VAL E 434 70.87 -12.50 -12.60
N LEU E 435 71.26 -11.59 -11.72
CA LEU E 435 70.29 -10.83 -10.95
C LEU E 435 69.30 -10.10 -11.85
N LEU E 436 69.84 -9.37 -12.83
CA LEU E 436 69.04 -8.55 -13.70
C LEU E 436 68.18 -9.37 -14.66
N GLU E 437 68.72 -10.47 -15.18
CA GLU E 437 67.97 -11.33 -16.10
C GLU E 437 66.77 -11.97 -15.45
N ASN E 438 66.86 -12.25 -14.15
CA ASN E 438 65.79 -12.91 -13.42
C ASN E 438 64.81 -11.92 -12.80
N TYR E 439 64.93 -10.65 -13.18
CA TYR E 439 64.03 -9.62 -12.67
C TYR E 439 62.59 -9.94 -13.01
N GLY E 440 62.33 -10.28 -14.25
CA GLY E 440 60.96 -10.54 -14.73
C GLY E 440 60.47 -11.93 -14.36
N LYS E 441 60.54 -12.28 -13.08
CA LYS E 441 60.09 -13.60 -12.66
C LYS E 441 59.35 -13.58 -11.32
N PHE E 442 58.19 -14.23 -11.29
CA PHE E 442 57.38 -14.38 -10.08
C PHE E 442 58.12 -15.20 -9.03
N GLU E 443 58.70 -16.31 -9.47
CA GLU E 443 59.34 -17.25 -8.56
C GLU E 443 60.45 -16.60 -7.72
N LYS E 444 61.16 -15.64 -8.29
CA LYS E 444 62.27 -15.00 -7.59
C LYS E 444 61.81 -13.78 -6.78
N GLY E 445 60.51 -13.50 -6.81
CA GLY E 445 59.96 -12.37 -6.07
C GLY E 445 60.10 -11.04 -6.83
N TYR E 446 60.32 -11.13 -8.13
CA TYR E 446 60.49 -9.96 -9.01
C TYR E 446 61.78 -9.17 -8.76
N LEU E 447 62.40 -9.34 -7.59
CA LEU E 447 63.69 -8.74 -7.31
C LEU E 447 63.68 -7.23 -7.54
N ILE E 448 62.54 -6.60 -7.26
CA ILE E 448 62.39 -5.18 -7.53
C ILE E 448 63.31 -4.35 -6.66
N PHE E 449 63.33 -4.67 -5.37
CA PHE E 449 64.14 -3.90 -4.45
C PHE E 449 65.59 -4.36 -4.48
N VAL E 450 65.84 -5.61 -4.85
CA VAL E 450 67.22 -6.04 -4.87
C VAL E 450 67.96 -5.20 -5.90
N VAL E 451 67.35 -5.03 -7.07
CA VAL E 451 67.92 -4.22 -8.13
C VAL E 451 67.86 -2.73 -7.80
N ARG E 452 66.71 -2.24 -7.33
CA ARG E 452 66.59 -0.82 -7.02
C ARG E 452 67.58 -0.38 -5.96
N PHE E 453 67.77 -1.20 -4.91
CA PHE E 453 68.74 -0.83 -3.89
C PHE E 453 70.14 -0.89 -4.46
N LEU E 454 70.39 -1.86 -5.34
CA LEU E 454 71.70 -1.96 -5.97
C LEU E 454 72.00 -0.66 -6.71
N PHE E 455 71.01 -0.12 -7.41
CA PHE E 455 71.20 1.15 -8.12
C PHE E 455 71.62 2.26 -7.18
N GLY E 456 70.93 2.40 -6.05
CA GLY E 456 71.24 3.45 -5.08
C GLY E 456 72.60 3.23 -4.41
N LEU E 457 72.92 1.97 -4.13
CA LEU E 457 74.17 1.61 -3.47
C LEU E 457 75.40 1.81 -4.35
N VAL E 458 75.24 1.63 -5.66
CA VAL E 458 76.35 1.82 -6.57
C VAL E 458 76.61 3.27 -6.87
N ASN E 459 77.47 3.87 -6.07
CA ASN E 459 77.83 5.28 -6.24
C ASN E 459 79.28 5.51 -5.85
N GLN E 460 79.74 6.75 -6.01
CA GLN E 460 81.08 7.14 -5.64
C GLN E 460 81.03 7.99 -4.38
N GLU E 461 79.90 8.66 -4.16
CA GLU E 461 79.75 9.55 -3.02
C GLU E 461 79.38 8.76 -1.77
N ARG E 462 80.32 7.95 -1.32
CA ARG E 462 80.12 7.06 -0.20
C ARG E 462 80.94 7.48 1.01
N THR E 463 80.49 7.09 2.19
CA THR E 463 81.18 7.40 3.44
C THR E 463 81.40 6.14 4.28
N SER E 464 81.45 6.32 5.59
CA SER E 464 81.64 5.20 6.51
C SER E 464 80.29 4.54 6.78
N TYR E 465 80.14 3.97 7.97
CA TYR E 465 78.86 3.37 8.33
C TYR E 465 78.39 2.37 7.27
N LEU E 466 79.24 1.34 7.05
CA LEU E 466 78.99 0.26 6.10
C LEU E 466 79.16 0.66 4.62
N GLU E 467 79.03 1.95 4.30
CA GLU E 467 79.11 2.36 2.90
C GLU E 467 80.52 2.17 2.33
N LYS E 468 81.49 2.04 3.22
CA LYS E 468 82.89 1.85 2.85
C LYS E 468 83.21 0.39 2.60
N LYS E 469 82.25 -0.50 2.83
CA LYS E 469 82.46 -1.93 2.64
C LYS E 469 82.09 -2.35 1.22
N LEU E 470 81.70 -1.36 0.43
CA LEU E 470 81.32 -1.57 -0.96
C LEU E 470 82.56 -1.39 -1.84
N SER E 471 82.92 -2.43 -2.57
CA SER E 471 84.14 -2.42 -3.36
C SER E 471 84.04 -1.47 -4.55
N CYS E 472 85.10 -0.70 -4.77
CA CYS E 472 85.13 0.29 -5.84
C CYS E 472 85.09 -0.35 -7.22
N LYS E 473 85.97 -1.32 -7.45
CA LYS E 473 86.03 -1.97 -8.75
C LYS E 473 84.72 -2.64 -9.10
N ILE E 474 84.09 -3.24 -8.09
CA ILE E 474 82.83 -3.93 -8.32
C ILE E 474 81.74 -2.92 -8.64
N SER E 475 81.68 -1.84 -7.87
CA SER E 475 80.65 -0.84 -8.08
C SER E 475 80.75 -0.26 -9.48
N GLN E 476 81.97 -0.07 -9.96
CA GLN E 476 82.16 0.47 -11.31
C GLN E 476 81.66 -0.51 -12.36
N GLN E 477 81.96 -1.81 -12.16
CA GLN E 477 81.50 -2.83 -13.10
C GLN E 477 79.98 -2.96 -13.09
N ILE E 478 79.39 -2.87 -11.89
CA ILE E 478 77.95 -2.96 -11.74
C ILE E 478 77.28 -1.76 -12.39
N ARG E 479 77.83 -0.57 -12.18
CA ARG E 479 77.29 0.65 -12.76
C ARG E 479 77.16 0.52 -14.27
N LEU E 480 78.19 0.00 -14.91
CA LEU E 480 78.15 -0.17 -16.36
C LEU E 480 77.07 -1.17 -16.78
N GLU E 481 76.94 -2.26 -16.03
CA GLU E 481 75.93 -3.27 -16.36
C GLU E 481 74.51 -2.74 -16.15
N LEU E 482 74.33 -1.92 -15.11
CA LEU E 482 73.03 -1.35 -14.82
C LEU E 482 72.58 -0.39 -15.91
N LEU E 483 73.52 0.39 -16.46
CA LEU E 483 73.17 1.34 -17.52
C LEU E 483 72.78 0.59 -18.79
N LYS E 484 73.50 -0.49 -19.11
CA LYS E 484 73.17 -1.30 -20.27
C LYS E 484 71.81 -1.95 -20.11
N TRP E 485 71.50 -2.37 -18.88
CA TRP E 485 70.20 -2.96 -18.56
C TRP E 485 69.09 -1.97 -18.85
N ILE E 486 69.29 -0.71 -18.45
CA ILE E 486 68.31 0.32 -18.74
C ILE E 486 68.13 0.49 -20.23
N GLU E 487 69.23 0.53 -21.00
CA GLU E 487 69.11 0.68 -22.44
C GLU E 487 68.24 -0.42 -23.04
N VAL E 488 68.48 -1.65 -22.63
CA VAL E 488 67.74 -2.79 -23.16
C VAL E 488 66.26 -2.73 -22.81
N LYS E 489 65.95 -2.40 -21.56
CA LYS E 489 64.56 -2.37 -21.13
C LYS E 489 63.85 -1.10 -21.57
N ALA E 490 64.58 0.01 -21.66
CA ALA E 490 64.01 1.29 -22.06
C ALA E 490 63.49 1.22 -23.49
N LYS E 491 64.15 0.43 -24.33
CA LYS E 491 63.77 0.28 -25.73
C LYS E 491 62.61 -0.70 -25.92
N ALA E 492 62.22 -1.39 -24.83
CA ALA E 492 61.18 -2.41 -24.91
C ALA E 492 59.81 -1.81 -24.63
N LYS E 493 59.12 -1.36 -25.68
CA LYS E 493 57.82 -0.73 -25.51
C LYS E 493 56.74 -1.80 -25.37
N LYS E 494 56.78 -2.51 -24.25
CA LYS E 494 55.91 -3.65 -24.01
C LYS E 494 55.28 -3.62 -22.61
N LEU E 495 54.13 -4.27 -22.45
CA LEU E 495 53.45 -4.38 -21.16
C LEU E 495 53.66 -5.75 -20.52
N GLN E 496 54.30 -5.76 -19.35
CA GLN E 496 54.64 -7.00 -18.66
C GLN E 496 55.11 -6.72 -17.23
N ILE E 497 55.45 -7.78 -16.50
CA ILE E 497 56.02 -7.68 -15.15
C ILE E 497 57.41 -7.02 -15.13
N GLN E 498 58.12 -7.09 -16.25
CA GLN E 498 59.40 -6.39 -16.41
C GLN E 498 59.08 -4.89 -16.49
N PRO E 499 60.04 -4.01 -16.22
CA PRO E 499 59.83 -2.58 -16.01
C PRO E 499 58.95 -1.98 -17.09
N SER E 500 57.98 -1.19 -16.67
CA SER E 500 57.01 -0.56 -17.56
C SER E 500 57.33 0.91 -17.75
N GLN E 501 58.63 1.21 -17.77
CA GLN E 501 59.15 2.56 -17.92
C GLN E 501 58.87 3.39 -16.68
N LEU E 502 58.55 2.72 -15.58
CA LEU E 502 58.36 3.38 -14.29
C LEU E 502 59.51 3.01 -13.36
N GLU E 503 59.71 1.71 -13.16
CA GLU E 503 60.73 1.20 -12.25
C GLU E 503 62.12 1.68 -12.65
N LEU E 504 62.31 1.92 -13.94
CA LEU E 504 63.59 2.40 -14.44
C LEU E 504 63.87 3.81 -13.91
N PHE E 505 62.81 4.60 -13.75
CA PHE E 505 62.95 5.96 -13.27
C PHE E 505 63.11 6.01 -11.76
N TYR E 506 62.45 5.09 -11.06
CA TYR E 506 62.60 5.04 -9.60
C TYR E 506 64.04 4.65 -9.28
N CYS E 507 64.60 3.75 -10.09
CA CYS E 507 65.97 3.32 -9.93
C CYS E 507 66.94 4.48 -10.17
N LEU E 508 66.67 5.28 -11.19
CA LEU E 508 67.50 6.44 -11.50
C LEU E 508 67.37 7.53 -10.43
N TYR E 509 66.19 7.65 -9.82
CA TYR E 509 66.01 8.60 -8.73
C TYR E 509 66.93 8.23 -7.57
N GLU E 510 66.97 6.95 -7.24
CA GLU E 510 67.83 6.46 -6.16
C GLU E 510 69.30 6.70 -6.47
N MET E 511 69.67 6.45 -7.72
CA MET E 511 71.02 6.75 -8.18
C MET E 511 71.09 8.20 -8.63
N GLN E 512 71.00 9.09 -7.66
CA GLN E 512 70.90 10.52 -7.96
C GLN E 512 72.26 11.11 -8.30
N GLU E 513 72.77 10.72 -9.46
CA GLU E 513 74.06 11.19 -9.98
C GLU E 513 73.90 11.65 -11.43
N GLU E 514 74.42 12.83 -11.75
CA GLU E 514 74.15 13.44 -13.06
C GLU E 514 74.65 12.66 -14.27
N ASP E 515 75.85 12.08 -14.20
CA ASP E 515 76.38 11.40 -15.36
C ASP E 515 75.56 10.16 -15.68
N PHE E 516 75.37 9.31 -14.68
CA PHE E 516 74.62 8.07 -14.86
C PHE E 516 73.19 8.34 -15.30
N VAL E 517 72.53 9.27 -14.62
CA VAL E 517 71.13 9.55 -14.89
C VAL E 517 70.92 10.15 -16.27
N GLN E 518 71.71 11.17 -16.62
CA GLN E 518 71.51 11.82 -17.91
C GLN E 518 71.80 10.88 -19.07
N ARG E 519 72.77 9.98 -18.91
CA ARG E 519 73.05 9.00 -19.96
C ARG E 519 71.87 8.03 -20.10
N ALA E 520 71.27 7.63 -18.99
CA ALA E 520 70.14 6.73 -19.02
C ALA E 520 68.97 7.34 -19.81
N MET E 521 68.81 8.65 -19.69
CA MET E 521 67.69 9.34 -20.33
C MET E 521 67.76 9.28 -21.85
N ASP E 522 68.93 8.96 -22.40
CA ASP E 522 69.12 8.92 -23.84
C ASP E 522 68.39 7.74 -24.46
N TYR E 523 67.89 6.85 -23.62
CA TYR E 523 67.21 5.67 -24.11
C TYR E 523 65.70 5.79 -23.99
N PHE E 524 65.23 6.97 -23.63
CA PHE E 524 63.79 7.21 -23.48
C PHE E 524 63.29 8.38 -24.34
N PRO E 525 63.30 8.27 -25.68
CA PRO E 525 62.87 9.28 -26.63
C PRO E 525 61.36 9.53 -26.51
N LYS E 526 60.65 8.53 -26.00
CA LYS E 526 59.21 8.62 -25.77
C LYS E 526 58.88 8.06 -24.40
N ILE E 527 58.27 8.89 -23.56
CA ILE E 527 57.96 8.49 -22.20
C ILE E 527 56.47 8.40 -21.93
N GLU E 528 56.02 7.22 -21.52
CA GLU E 528 54.61 7.00 -21.16
C GLU E 528 54.50 6.53 -19.71
N ILE E 529 54.11 7.44 -18.83
CA ILE E 529 54.11 7.13 -17.40
C ILE E 529 52.80 7.50 -16.72
N ASN E 530 52.57 6.91 -15.55
CA ASN E 530 51.35 7.13 -14.76
C ASN E 530 51.68 7.55 -13.33
N LEU E 531 51.16 8.70 -12.93
CA LEU E 531 51.45 9.27 -11.62
C LEU E 531 50.22 9.23 -10.72
N SER E 532 50.33 8.59 -9.55
CA SER E 532 49.20 8.50 -8.63
C SER E 532 49.47 9.16 -7.28
N THR E 533 50.73 9.33 -6.93
CA THR E 533 51.05 9.97 -5.66
C THR E 533 52.15 11.02 -5.75
N ARG E 534 52.43 11.66 -4.63
CA ARG E 534 53.41 12.74 -4.56
C ARG E 534 54.82 12.26 -4.91
N MET E 535 55.14 11.04 -4.49
CA MET E 535 56.46 10.50 -4.75
C MET E 535 56.64 10.21 -6.23
N ASP E 536 55.54 9.99 -6.95
CA ASP E 536 55.62 9.67 -8.36
C ASP E 536 55.94 10.93 -9.13
N HIS E 537 55.35 12.03 -8.70
CA HIS E 537 55.59 13.32 -9.33
C HIS E 537 57.00 13.78 -9.02
N MET E 538 57.46 13.47 -7.82
CA MET E 538 58.82 13.81 -7.41
C MET E 538 59.85 13.09 -8.27
N VAL E 539 59.63 11.79 -8.49
CA VAL E 539 60.52 11.00 -9.34
C VAL E 539 60.43 11.41 -10.80
N SER E 540 59.21 11.59 -11.29
CA SER E 540 58.98 11.98 -12.67
C SER E 540 59.62 13.33 -12.97
N SER E 541 59.46 14.28 -12.05
CA SER E 541 60.03 15.61 -12.21
C SER E 541 61.55 15.53 -12.32
N PHE E 542 62.17 14.80 -11.38
CA PHE E 542 63.63 14.64 -11.40
C PHE E 542 64.11 14.05 -12.70
N CYS E 543 63.47 12.97 -13.13
CA CYS E 543 63.92 12.28 -14.32
C CYS E 543 63.70 13.10 -15.60
N ILE E 544 62.52 13.70 -15.75
CA ILE E 544 62.23 14.42 -16.98
C ILE E 544 63.07 15.69 -17.10
N GLU E 545 63.39 16.30 -15.96
CA GLU E 545 64.24 17.49 -15.93
C GLU E 545 65.60 17.21 -16.55
N ASN E 546 66.06 15.96 -16.47
CA ASN E 546 67.37 15.58 -16.95
C ASN E 546 67.31 14.92 -18.32
N CYS E 547 66.17 15.00 -18.99
CA CYS E 547 66.05 14.43 -20.32
C CYS E 547 66.36 15.48 -21.38
N HIS E 548 67.38 15.21 -22.19
CA HIS E 548 67.79 16.14 -23.23
C HIS E 548 67.46 15.60 -24.62
N ARG E 549 66.92 14.39 -24.66
CA ARG E 549 66.61 13.73 -25.92
C ARG E 549 65.22 13.09 -25.93
N VAL E 550 64.26 13.75 -25.29
CA VAL E 550 62.89 13.25 -25.26
C VAL E 550 62.03 14.07 -26.21
N GLU E 551 61.34 13.38 -27.11
CA GLU E 551 60.53 14.07 -28.11
C GLU E 551 59.08 14.19 -27.68
N SER E 552 58.57 13.15 -27.02
CA SER E 552 57.18 13.17 -26.59
C SER E 552 57.01 12.58 -25.21
N LEU E 553 56.02 13.10 -24.50
CA LEU E 553 55.69 12.66 -23.16
C LEU E 553 54.19 12.50 -22.97
N SER E 554 53.79 11.36 -22.40
CA SER E 554 52.41 11.10 -22.08
C SER E 554 52.26 10.89 -20.57
N LEU E 555 51.43 11.73 -19.96
CA LEU E 555 51.24 11.66 -18.51
C LEU E 555 49.84 11.23 -18.15
N GLY E 556 49.74 10.08 -17.50
CA GLY E 556 48.46 9.62 -16.99
C GLY E 556 48.34 10.07 -15.54
N PHE E 557 47.17 10.56 -15.17
CA PHE E 557 46.97 11.01 -13.80
C PHE E 557 45.89 10.21 -13.09
N LEU E 558 46.24 9.71 -11.92
CA LEU E 558 45.34 8.90 -11.12
C LEU E 558 44.97 9.60 -9.82
N HIS E 559 43.82 9.23 -9.25
CA HIS E 559 43.37 9.85 -8.01
C HIS E 559 44.54 10.03 -7.06
N ASN E 560 44.81 11.28 -6.72
CA ASN E 560 45.97 11.63 -5.90
C ASN E 560 45.57 11.97 -4.48
N LEU E 599 42.08 14.51 -8.56
CA LEU E 599 43.07 15.41 -9.16
C LEU E 599 42.59 16.85 -9.01
N THR E 600 42.64 17.62 -10.10
CA THR E 600 42.16 19.00 -10.12
C THR E 600 42.77 19.88 -9.02
N SER E 601 44.09 20.02 -9.05
CA SER E 601 44.78 20.86 -8.10
C SER E 601 46.14 21.29 -8.63
N SER E 602 46.94 21.89 -7.77
CA SER E 602 48.26 22.41 -8.12
C SER E 602 49.32 21.32 -8.07
N PHE E 603 48.90 20.12 -7.72
CA PHE E 603 49.78 18.97 -7.56
C PHE E 603 50.58 18.67 -8.84
N CYS E 604 50.03 19.04 -9.99
CA CYS E 604 50.67 18.78 -11.27
C CYS E 604 51.66 19.88 -11.66
N ARG E 605 51.70 20.96 -10.88
CA ARG E 605 52.59 22.09 -11.16
C ARG E 605 54.04 21.64 -11.18
N GLY E 606 54.38 20.67 -10.32
CA GLY E 606 55.75 20.18 -10.21
C GLY E 606 56.25 19.54 -11.50
N LEU E 607 55.34 19.19 -12.40
CA LEU E 607 55.73 18.62 -13.68
C LEU E 607 55.61 19.67 -14.76
N PHE E 608 54.48 20.37 -14.81
CA PHE E 608 54.25 21.33 -15.88
C PHE E 608 55.31 22.44 -15.87
N SER E 609 55.72 22.85 -14.67
CA SER E 609 56.76 23.87 -14.52
C SER E 609 58.09 23.43 -15.13
N VAL E 610 58.40 22.15 -15.00
CA VAL E 610 59.64 21.58 -15.50
C VAL E 610 59.56 21.30 -17.00
N LEU E 611 58.44 20.76 -17.44
CA LEU E 611 58.30 20.37 -18.84
C LEU E 611 58.43 21.57 -19.76
N SER E 612 57.95 22.72 -19.31
CA SER E 612 57.98 23.95 -20.10
C SER E 612 59.40 24.48 -20.30
N THR E 613 60.37 23.93 -19.57
CA THR E 613 61.75 24.36 -19.74
C THR E 613 62.57 23.37 -20.55
N SER E 614 61.92 22.28 -21.00
CA SER E 614 62.60 21.27 -21.80
C SER E 614 62.96 21.80 -23.18
N GLN E 615 64.14 21.44 -23.65
CA GLN E 615 64.55 21.89 -24.97
C GLN E 615 64.41 20.81 -26.03
N SER E 616 63.86 19.66 -25.65
CA SER E 616 63.67 18.58 -26.61
C SER E 616 62.21 18.17 -26.76
N LEU E 617 61.39 18.45 -25.74
CA LEU E 617 60.01 18.01 -25.77
C LEU E 617 59.20 18.77 -26.81
N THR E 618 58.55 18.04 -27.70
CA THR E 618 57.73 18.63 -28.75
C THR E 618 56.25 18.37 -28.54
N GLU E 619 55.92 17.17 -28.08
CA GLU E 619 54.52 16.78 -27.92
C GLU E 619 54.16 16.35 -26.50
N LEU E 620 53.13 16.99 -25.95
CA LEU E 620 52.65 16.65 -24.61
C LEU E 620 51.24 16.07 -24.66
N ASP E 621 51.11 14.82 -24.24
CA ASP E 621 49.85 14.09 -24.26
C ASP E 621 49.24 13.97 -22.87
N LEU E 622 48.11 14.66 -22.67
CA LEU E 622 47.41 14.65 -21.38
C LEU E 622 46.04 14.01 -21.53
N SER E 623 45.92 13.07 -22.48
CA SER E 623 44.65 12.46 -22.82
C SER E 623 43.99 11.68 -21.69
N ASP E 624 42.66 11.84 -21.61
CA ASP E 624 41.76 11.15 -20.71
C ASP E 624 42.17 11.27 -19.24
N ASN E 625 42.64 12.44 -18.85
CA ASN E 625 42.97 12.69 -17.45
C ASN E 625 41.96 13.66 -16.86
N SER E 626 41.48 13.37 -15.66
CA SER E 626 40.48 14.20 -15.02
C SER E 626 41.08 15.47 -14.43
N LEU E 627 41.63 16.31 -15.30
CA LEU E 627 42.21 17.57 -14.91
C LEU E 627 41.19 18.66 -15.19
N GLY E 628 40.64 19.22 -14.13
CA GLY E 628 39.63 20.24 -14.27
C GLY E 628 40.27 21.57 -14.61
N ASP E 629 39.46 22.61 -14.68
CA ASP E 629 39.98 23.90 -15.10
C ASP E 629 41.25 24.30 -14.34
N PRO E 630 41.34 24.14 -13.00
CA PRO E 630 42.53 24.39 -12.21
C PRO E 630 43.77 23.71 -12.77
N GLY E 631 43.61 22.53 -13.33
CA GLY E 631 44.74 21.79 -13.90
C GLY E 631 45.14 22.41 -15.24
N MET E 632 44.14 22.91 -15.96
CA MET E 632 44.37 23.51 -17.25
C MET E 632 44.99 24.89 -17.08
N ARG E 633 44.62 25.58 -16.00
CA ARG E 633 45.19 26.89 -15.73
C ARG E 633 46.68 26.77 -15.40
N VAL E 634 47.05 25.76 -14.61
CA VAL E 634 48.45 25.57 -14.29
C VAL E 634 49.24 25.28 -15.57
N LEU E 635 48.66 24.42 -16.42
CA LEU E 635 49.30 24.12 -17.70
C LEU E 635 49.44 25.38 -18.55
N CYS E 636 48.35 26.17 -18.62
CA CYS E 636 48.35 27.36 -19.45
C CYS E 636 49.35 28.41 -18.96
N GLU E 637 49.62 28.45 -17.67
CA GLU E 637 50.64 29.36 -17.17
C GLU E 637 52.02 28.93 -17.67
N THR E 638 52.28 27.64 -17.63
CA THR E 638 53.56 27.10 -18.03
C THR E 638 53.76 27.09 -19.54
N LEU E 639 52.65 27.02 -20.28
CA LEU E 639 52.72 27.03 -21.75
C LEU E 639 53.08 28.41 -22.31
N GLN E 640 53.15 29.42 -21.44
CA GLN E 640 53.52 30.75 -21.89
C GLN E 640 55.01 30.99 -21.76
N HIS E 641 55.74 30.01 -21.22
CA HIS E 641 57.18 30.14 -21.08
C HIS E 641 57.82 30.21 -22.46
N PRO E 642 58.74 31.17 -22.71
CA PRO E 642 59.39 31.42 -23.98
C PRO E 642 60.27 30.25 -24.44
N GLY E 643 60.63 29.37 -23.51
CA GLY E 643 61.50 28.23 -23.81
C GLY E 643 60.74 26.92 -23.97
N CYS E 644 59.40 26.98 -24.06
CA CYS E 644 58.58 25.77 -24.15
C CYS E 644 59.01 24.80 -25.24
N ASN E 645 59.05 25.28 -26.49
CA ASN E 645 59.37 24.46 -27.66
C ASN E 645 58.31 23.38 -27.90
N ILE E 646 57.17 23.50 -27.25
CA ILE E 646 56.07 22.55 -27.43
C ILE E 646 55.28 22.92 -28.67
N ARG E 647 55.13 21.98 -29.59
CA ARG E 647 54.45 22.26 -30.84
C ARG E 647 53.10 21.58 -30.90
N ARG E 648 52.95 20.47 -30.17
CA ARG E 648 51.71 19.72 -30.18
C ARG E 648 51.19 19.43 -28.78
N LEU E 649 49.93 19.81 -28.53
CA LEU E 649 49.30 19.57 -27.24
C LEU E 649 47.97 18.84 -27.42
N TRP E 650 47.86 17.66 -26.82
CA TRP E 650 46.65 16.85 -26.99
C TRP E 650 45.92 16.61 -25.68
N LEU E 651 44.63 16.92 -25.69
CA LEU E 651 43.76 16.69 -24.54
C LEU E 651 42.77 15.58 -24.87
N GLY E 652 42.28 14.87 -23.86
CA GLY E 652 41.28 13.82 -24.08
C GLY E 652 40.02 14.12 -23.28
N ARG E 653 39.38 13.08 -22.75
CA ARG E 653 38.14 13.26 -22.00
C ARG E 653 38.43 13.83 -20.62
N CYS E 654 38.86 15.10 -20.61
CA CYS E 654 39.27 15.76 -19.38
C CYS E 654 38.14 16.50 -18.71
N GLY E 655 37.06 16.74 -19.44
CA GLY E 655 35.91 17.46 -18.87
C GLY E 655 36.18 18.95 -18.70
N LEU E 656 36.99 19.53 -19.58
CA LEU E 656 37.32 20.95 -19.46
C LEU E 656 36.06 21.77 -19.69
N SER E 657 35.90 22.84 -18.93
CA SER E 657 34.72 23.69 -19.08
C SER E 657 35.01 24.86 -20.00
N HIS E 658 33.94 25.49 -20.48
CA HIS E 658 34.03 26.67 -21.35
C HIS E 658 34.85 27.76 -20.70
N GLU E 659 34.90 27.76 -19.39
CA GLU E 659 35.63 28.77 -18.66
C GLU E 659 37.12 28.76 -19.00
N CYS E 660 37.68 27.57 -19.23
CA CYS E 660 39.11 27.44 -19.45
C CYS E 660 39.56 28.03 -20.78
N CYS E 661 38.61 28.35 -21.65
CA CYS E 661 38.97 28.87 -22.96
C CYS E 661 39.61 30.25 -22.83
N PHE E 662 39.39 30.91 -21.71
CA PHE E 662 40.04 32.19 -21.44
C PHE E 662 41.56 31.99 -21.42
N ASP E 663 42.00 30.94 -20.72
CA ASP E 663 43.41 30.65 -20.54
C ASP E 663 44.00 29.98 -21.78
N ILE E 664 43.19 29.20 -22.49
CA ILE E 664 43.68 28.60 -23.71
C ILE E 664 43.99 29.70 -24.72
N SER E 665 43.09 30.67 -24.81
CA SER E 665 43.27 31.83 -25.68
C SER E 665 44.51 32.61 -25.27
N LEU E 666 44.69 32.77 -23.95
CA LEU E 666 45.85 33.48 -23.42
C LEU E 666 47.16 32.84 -23.89
N VAL E 667 47.17 31.51 -23.97
CA VAL E 667 48.34 30.81 -24.48
C VAL E 667 48.51 31.04 -25.98
N LEU E 668 47.41 30.93 -26.73
CA LEU E 668 47.48 31.11 -28.18
C LEU E 668 47.97 32.50 -28.58
N SER E 669 47.61 33.50 -27.79
CA SER E 669 47.97 34.88 -28.08
C SER E 669 49.47 35.19 -27.88
N SER E 670 50.21 34.32 -27.19
CA SER E 670 51.62 34.60 -26.94
C SER E 670 52.54 33.44 -27.33
N ASN E 671 52.00 32.23 -27.37
CA ASN E 671 52.80 31.05 -27.73
C ASN E 671 52.77 30.88 -29.24
N GLN E 672 53.89 31.22 -29.87
CA GLN E 672 53.99 31.24 -31.32
C GLN E 672 54.51 29.93 -31.87
N LYS E 673 54.66 28.94 -31.00
CA LYS E 673 55.21 27.65 -31.40
C LYS E 673 54.12 26.59 -31.56
N LEU E 674 53.04 26.71 -30.79
CA LEU E 674 51.99 25.70 -30.83
C LEU E 674 51.37 25.62 -32.22
N VAL E 675 51.35 24.40 -32.77
CA VAL E 675 50.81 24.13 -34.10
C VAL E 675 49.54 23.32 -34.04
N GLU E 676 49.52 22.29 -33.20
CA GLU E 676 48.40 21.38 -33.12
C GLU E 676 47.76 21.39 -31.72
N LEU E 677 46.47 21.72 -31.66
CA LEU E 677 45.77 21.76 -30.39
C LEU E 677 44.44 21.02 -30.45
N ASP E 678 44.37 19.90 -29.71
CA ASP E 678 43.17 19.08 -29.69
C ASP E 678 42.36 19.30 -28.42
N LEU E 679 41.21 19.96 -28.55
CA LEU E 679 40.36 20.29 -27.42
C LEU E 679 39.08 19.46 -27.40
N SER E 680 39.08 18.35 -28.12
CA SER E 680 37.90 17.50 -28.24
C SER E 680 37.54 16.80 -26.94
N ASP E 681 36.32 16.27 -26.88
CA ASP E 681 35.81 15.54 -25.72
C ASP E 681 35.81 16.38 -24.43
N ASN E 682 35.40 17.64 -24.57
CA ASN E 682 35.30 18.56 -23.45
C ASN E 682 33.96 19.28 -23.49
N ALA E 683 33.73 20.18 -22.54
CA ALA E 683 32.46 20.91 -22.46
C ALA E 683 32.66 22.35 -22.91
N LEU E 684 33.51 22.54 -23.91
CA LEU E 684 33.82 23.88 -24.38
C LEU E 684 32.76 24.35 -25.35
N GLY E 685 31.60 24.69 -24.82
CA GLY E 685 30.44 25.03 -25.64
C GLY E 685 30.63 26.35 -26.38
N ASP E 686 29.56 26.82 -27.01
CA ASP E 686 29.62 27.99 -27.88
C ASP E 686 30.31 29.18 -27.23
N PHE E 687 30.05 29.40 -25.94
CA PHE E 687 30.72 30.49 -25.23
C PHE E 687 32.22 30.31 -25.22
N GLY E 688 32.65 29.09 -24.92
CA GLY E 688 34.08 28.80 -24.84
C GLY E 688 34.74 29.04 -26.19
N ILE E 689 34.03 28.71 -27.27
CA ILE E 689 34.56 28.91 -28.61
C ILE E 689 34.67 30.41 -28.89
N ARG E 690 33.66 31.17 -28.50
CA ARG E 690 33.70 32.62 -28.69
C ARG E 690 34.99 33.18 -28.09
N LEU E 691 35.35 32.69 -26.91
CA LEU E 691 36.58 33.10 -26.24
C LEU E 691 37.83 32.52 -26.89
N LEU E 692 37.76 31.25 -27.29
CA LEU E 692 38.89 30.61 -27.92
C LEU E 692 39.29 31.37 -29.19
N CYS E 693 38.28 31.82 -29.91
CA CYS E 693 38.47 32.53 -31.17
C CYS E 693 39.23 33.83 -30.99
N VAL E 694 39.31 34.33 -29.76
CA VAL E 694 40.06 35.54 -29.49
C VAL E 694 41.55 35.26 -29.71
N GLY E 695 41.99 34.09 -29.28
CA GLY E 695 43.38 33.69 -29.45
C GLY E 695 43.62 33.26 -30.89
N LEU E 696 42.63 32.61 -31.49
CA LEU E 696 42.78 32.08 -32.85
C LEU E 696 42.90 33.21 -33.87
N LYS E 697 42.22 34.33 -33.61
CA LYS E 697 42.27 35.50 -34.49
C LYS E 697 43.42 36.43 -34.14
N HIS E 698 44.17 36.09 -33.09
CA HIS E 698 45.22 36.95 -32.57
C HIS E 698 46.43 36.96 -33.48
N LEU E 699 47.07 38.11 -33.60
CA LEU E 699 48.27 38.23 -34.40
C LEU E 699 49.34 37.30 -33.86
N LEU E 700 50.09 36.69 -34.78
CA LEU E 700 51.17 35.77 -34.47
C LEU E 700 50.69 34.44 -33.92
N CYS E 701 49.38 34.18 -33.98
CA CYS E 701 48.87 32.87 -33.59
C CYS E 701 49.10 31.92 -34.76
N ASN E 702 49.94 30.91 -34.54
CA ASN E 702 50.35 30.03 -35.61
C ASN E 702 49.66 28.67 -35.58
N LEU E 703 48.59 28.56 -34.81
CA LEU E 703 47.91 27.27 -34.73
C LEU E 703 47.40 26.87 -36.10
N LYS E 704 47.69 25.64 -36.52
CA LYS E 704 47.28 25.18 -37.84
C LYS E 704 46.17 24.16 -37.76
N LYS E 705 46.22 23.30 -36.75
CA LYS E 705 45.23 22.23 -36.62
C LYS E 705 44.43 22.36 -35.33
N LEU E 706 43.12 22.51 -35.47
CA LEU E 706 42.25 22.67 -34.31
C LEU E 706 41.11 21.65 -34.31
N TRP E 707 41.01 20.89 -33.21
CA TRP E 707 39.93 19.92 -33.08
C TRP E 707 38.93 20.36 -32.01
N LEU E 708 37.71 20.60 -32.44
CA LEU E 708 36.61 21.00 -31.56
C LEU E 708 35.51 19.96 -31.58
N VAL E 709 35.92 18.72 -31.81
CA VAL E 709 35.01 17.58 -31.91
C VAL E 709 34.40 17.23 -30.56
N SER E 710 33.11 16.95 -30.57
CA SER E 710 32.38 16.60 -29.35
C SER E 710 32.56 17.64 -28.26
N CYS E 711 32.29 18.91 -28.58
CA CYS E 711 32.46 19.99 -27.63
C CYS E 711 31.16 20.71 -27.32
N CYS E 712 30.04 20.00 -27.45
CA CYS E 712 28.73 20.54 -27.14
C CYS E 712 28.46 21.84 -27.88
N LEU E 713 28.81 21.87 -29.16
CA LEU E 713 28.63 23.09 -29.96
C LEU E 713 27.36 23.06 -30.77
N THR E 714 26.84 24.24 -31.07
CA THR E 714 25.69 24.38 -31.96
C THR E 714 26.03 25.27 -33.14
N SER E 715 25.07 25.47 -34.03
CA SER E 715 25.26 26.29 -35.21
C SER E 715 25.65 27.72 -34.85
N ALA E 716 25.33 28.13 -33.63
CA ALA E 716 25.61 29.49 -33.20
C ALA E 716 27.11 29.79 -33.22
N CYS E 717 27.94 28.78 -32.94
CA CYS E 717 29.38 28.99 -32.85
C CYS E 717 30.01 29.20 -34.21
N CYS E 718 29.26 28.91 -35.27
CA CYS E 718 29.81 29.00 -36.60
C CYS E 718 30.11 30.44 -36.98
N GLN E 719 29.44 31.38 -36.32
CA GLN E 719 29.70 32.78 -36.64
C GLN E 719 31.12 33.17 -36.23
N ASP E 720 31.58 32.63 -35.11
CA ASP E 720 32.89 32.97 -34.60
C ASP E 720 33.95 32.15 -35.30
N LEU E 721 33.62 30.89 -35.62
CA LEU E 721 34.55 30.03 -36.32
C LEU E 721 34.78 30.53 -37.73
N ALA E 722 33.72 31.06 -38.35
CA ALA E 722 33.82 31.64 -39.68
C ALA E 722 34.73 32.85 -39.67
N SER E 723 34.67 33.64 -38.59
CA SER E 723 35.53 34.79 -38.44
C SER E 723 36.99 34.34 -38.31
N VAL E 724 37.21 33.24 -37.60
CA VAL E 724 38.57 32.71 -37.43
C VAL E 724 39.18 32.21 -38.73
N LEU E 725 38.43 31.42 -39.48
CA LEU E 725 38.98 30.86 -40.72
C LEU E 725 39.22 31.94 -41.74
N SER E 726 38.41 33.00 -41.72
CA SER E 726 38.59 34.13 -42.60
C SER E 726 39.75 35.02 -42.15
N THR E 727 39.79 35.34 -40.85
CA THR E 727 40.76 36.27 -40.28
C THR E 727 42.17 35.70 -40.21
N SER E 728 42.31 34.46 -39.74
CA SER E 728 43.61 33.87 -39.53
C SER E 728 44.19 33.29 -40.81
N HIS E 729 45.47 33.56 -41.04
CA HIS E 729 46.20 33.02 -42.17
C HIS E 729 46.81 31.66 -41.83
N SER E 730 46.74 31.29 -40.56
CA SER E 730 47.43 30.10 -40.08
C SER E 730 46.55 28.87 -39.91
N LEU E 731 45.23 29.03 -39.80
CA LEU E 731 44.38 27.87 -39.59
C LEU E 731 44.09 27.17 -40.91
N THR E 732 44.48 25.90 -40.99
CA THR E 732 44.29 25.15 -42.22
C THR E 732 43.41 23.92 -42.02
N ARG E 733 43.31 23.45 -40.79
CA ARG E 733 42.54 22.25 -40.50
C ARG E 733 41.53 22.50 -39.39
N LEU E 734 40.25 22.34 -39.70
CA LEU E 734 39.22 22.59 -38.69
C LEU E 734 38.24 21.41 -38.59
N TYR E 735 38.23 20.76 -37.42
CA TYR E 735 37.34 19.62 -37.19
C TYR E 735 36.27 19.99 -36.16
N VAL E 736 35.01 19.93 -36.57
CA VAL E 736 33.91 20.36 -35.70
C VAL E 736 32.74 19.38 -35.64
N GLY E 737 32.98 18.12 -35.99
CA GLY E 737 31.90 17.14 -35.99
C GLY E 737 31.56 16.68 -34.58
N GLU E 738 30.57 15.80 -34.48
CA GLU E 738 30.06 15.29 -33.21
C GLU E 738 29.49 16.43 -32.40
N ASN E 739 28.83 17.35 -33.09
CA ASN E 739 28.20 18.51 -32.50
C ASN E 739 26.82 18.72 -33.14
N ALA E 740 26.26 19.93 -33.02
CA ALA E 740 24.96 20.23 -33.61
C ALA E 740 25.07 21.32 -34.69
N LEU E 741 26.18 21.34 -35.42
CA LEU E 741 26.39 22.34 -36.46
C LEU E 741 25.72 21.91 -37.76
N GLY E 742 24.39 21.94 -37.76
CA GLY E 742 23.60 21.46 -38.91
C GLY E 742 23.69 22.42 -40.09
N ASP E 743 22.85 22.19 -41.10
CA ASP E 743 22.93 22.95 -42.35
C ASP E 743 22.95 24.47 -42.15
N SER E 744 22.17 24.96 -41.19
CA SER E 744 22.10 26.41 -40.95
C SER E 744 23.41 26.93 -40.38
N GLY E 745 24.22 26.03 -39.83
CA GLY E 745 25.51 26.36 -39.26
C GLY E 745 26.63 26.28 -40.28
N VAL E 746 26.67 25.18 -41.01
CA VAL E 746 27.75 24.99 -41.97
C VAL E 746 27.65 26.04 -43.07
N ALA E 747 26.43 26.49 -43.36
CA ALA E 747 26.22 27.54 -44.35
C ALA E 747 27.00 28.80 -43.96
N ILE E 748 27.14 29.04 -42.65
CA ILE E 748 27.88 30.19 -42.17
C ILE E 748 29.36 29.99 -42.42
N LEU E 749 29.83 28.77 -42.13
CA LEU E 749 31.23 28.44 -42.36
C LEU E 749 31.54 28.49 -43.85
N CYS E 750 30.60 28.04 -44.68
CA CYS E 750 30.76 28.00 -46.13
C CYS E 750 30.88 29.40 -46.73
N GLU E 751 30.10 30.34 -46.19
CA GLU E 751 30.11 31.71 -46.66
C GLU E 751 31.51 32.30 -46.62
N LYS E 752 32.30 31.91 -45.63
CA LYS E 752 33.65 32.42 -45.52
C LYS E 752 34.68 31.42 -46.08
N ALA E 753 34.38 30.13 -45.96
CA ALA E 753 35.30 29.09 -46.41
C ALA E 753 35.49 29.16 -47.91
N LYS E 754 34.45 29.59 -48.64
CA LYS E 754 34.50 29.70 -50.09
C LYS E 754 35.41 30.84 -50.54
N ASN E 755 35.78 31.74 -49.64
CA ASN E 755 36.60 32.87 -50.03
C ASN E 755 37.84 32.36 -50.78
N PRO E 756 38.15 32.90 -51.97
CA PRO E 756 39.31 32.56 -52.78
C PRO E 756 40.63 32.59 -52.00
N GLN E 757 40.66 33.38 -50.93
CA GLN E 757 41.88 33.52 -50.12
C GLN E 757 41.86 32.62 -48.89
N CYS E 758 40.84 31.78 -48.78
CA CYS E 758 40.70 30.86 -47.66
C CYS E 758 41.81 29.82 -47.69
N ASN E 759 42.42 29.56 -46.54
CA ASN E 759 43.53 28.62 -46.46
C ASN E 759 43.15 27.29 -45.84
N LEU E 760 41.86 27.01 -45.71
CA LEU E 760 41.46 25.73 -45.14
C LEU E 760 41.70 24.61 -46.12
N GLN E 761 42.40 23.59 -45.66
CA GLN E 761 42.76 22.43 -46.46
C GLN E 761 41.87 21.24 -46.14
N LYS E 762 41.38 21.16 -44.91
CA LYS E 762 40.53 20.03 -44.52
C LYS E 762 39.28 20.50 -43.77
N LEU E 763 38.12 20.01 -44.19
CA LEU E 763 36.87 20.34 -43.50
C LEU E 763 36.30 19.13 -42.78
N GLY E 764 36.42 19.13 -41.46
CA GLY E 764 35.98 18.02 -40.61
C GLY E 764 34.50 18.16 -40.28
N LEU E 765 33.68 18.14 -41.32
CA LEU E 765 32.23 18.30 -41.20
C LEU E 765 31.60 16.93 -41.13
N VAL E 766 31.95 16.17 -40.11
CA VAL E 766 31.59 14.76 -40.01
C VAL E 766 30.21 14.61 -39.39
N ASN E 767 30.13 14.29 -38.11
CA ASN E 767 28.82 14.10 -37.50
C ASN E 767 28.23 15.42 -37.09
N SER E 768 27.68 16.13 -38.07
CA SER E 768 27.09 17.45 -37.84
C SER E 768 25.60 17.45 -38.13
N GLY E 769 25.08 16.34 -38.65
CA GLY E 769 23.67 16.24 -38.98
C GLY E 769 23.30 17.05 -40.22
N LEU E 770 24.21 17.10 -41.19
CA LEU E 770 23.98 17.88 -42.41
C LEU E 770 23.11 17.11 -43.39
N THR E 771 22.38 17.84 -44.22
CA THR E 771 21.65 17.21 -45.31
C THR E 771 21.87 17.93 -46.64
N SER E 772 20.97 17.71 -47.58
CA SER E 772 21.09 18.23 -48.95
C SER E 772 20.98 19.75 -49.03
N VAL E 773 20.36 20.38 -48.03
CA VAL E 773 20.12 21.81 -48.06
C VAL E 773 21.41 22.63 -48.14
N CYS E 774 22.40 22.26 -47.34
CA CYS E 774 23.67 22.96 -47.31
C CYS E 774 24.62 22.54 -48.41
N CYS E 775 24.23 21.56 -49.21
CA CYS E 775 25.16 21.05 -50.21
C CYS E 775 25.41 22.06 -51.32
N SER E 776 24.49 23.00 -51.53
CA SER E 776 24.74 24.04 -52.52
C SER E 776 25.78 25.03 -51.98
N ALA E 777 25.82 25.18 -50.65
CA ALA E 777 26.81 26.05 -50.03
C ALA E 777 28.18 25.39 -50.09
N LEU E 778 28.19 24.08 -49.86
CA LEU E 778 29.43 23.33 -49.94
C LEU E 778 29.93 23.31 -51.38
N SER E 779 29.00 23.25 -52.33
CA SER E 779 29.37 23.25 -53.74
C SER E 779 30.15 24.51 -54.08
N SER E 780 29.67 25.66 -53.60
CA SER E 780 30.35 26.93 -53.80
C SER E 780 31.75 26.94 -53.19
N VAL E 781 31.91 26.27 -52.05
CA VAL E 781 33.22 26.21 -51.42
C VAL E 781 34.18 25.38 -52.25
N LEU E 782 33.74 24.21 -52.68
CA LEU E 782 34.61 23.28 -53.39
C LEU E 782 35.06 23.83 -54.73
N SER E 783 34.19 24.57 -55.40
CA SER E 783 34.48 25.15 -56.70
C SER E 783 35.28 26.46 -56.60
N THR E 784 35.47 26.97 -55.38
CA THR E 784 36.13 28.27 -55.23
C THR E 784 37.46 28.16 -54.46
N ASN E 785 37.46 27.38 -53.38
CA ASN E 785 38.64 27.22 -52.53
C ASN E 785 39.58 26.17 -53.09
N GLN E 786 40.66 26.64 -53.72
CA GLN E 786 41.60 25.75 -54.40
C GLN E 786 42.59 25.13 -53.43
N ASN E 787 42.50 25.54 -52.17
CA ASN E 787 43.39 24.99 -51.15
C ASN E 787 42.72 23.85 -50.40
N LEU E 788 41.48 23.53 -50.76
CA LEU E 788 40.74 22.49 -50.07
C LEU E 788 40.97 21.14 -50.70
N THR E 789 41.57 20.23 -49.94
CA THR E 789 41.94 18.94 -50.47
C THR E 789 41.19 17.76 -49.84
N HIS E 790 40.63 17.94 -48.64
CA HIS E 790 39.94 16.82 -47.98
C HIS E 790 38.57 17.18 -47.41
N LEU E 791 37.57 16.33 -47.72
CA LEU E 791 36.23 16.43 -47.15
C LEU E 791 35.86 15.18 -46.37
N TYR E 792 35.41 15.37 -45.14
CA TYR E 792 34.94 14.26 -44.32
C TYR E 792 33.48 14.45 -43.97
N LEU E 793 32.58 13.77 -44.69
CA LEU E 793 31.13 14.03 -44.53
C LEU E 793 30.35 12.86 -43.89
N ARG E 794 31.06 11.98 -43.20
CA ARG E 794 30.45 10.83 -42.55
C ARG E 794 29.58 11.20 -41.35
N GLY E 795 28.40 10.60 -41.24
CA GLY E 795 27.52 10.83 -40.10
C GLY E 795 26.35 11.73 -40.49
N ASN E 796 26.41 12.26 -41.69
CA ASN E 796 25.36 13.15 -42.20
C ASN E 796 24.28 12.35 -42.94
N THR E 797 23.25 13.03 -43.42
CA THR E 797 22.19 12.38 -44.19
C THR E 797 21.84 13.19 -45.43
N LEU E 798 22.67 13.04 -46.46
CA LEU E 798 22.61 13.86 -47.66
C LEU E 798 21.64 13.29 -48.69
N GLY E 799 21.63 11.98 -48.80
CA GLY E 799 20.80 11.32 -49.81
C GLY E 799 21.38 11.54 -51.19
N ASP E 800 20.60 11.24 -52.22
CA ASP E 800 21.07 11.37 -53.58
C ASP E 800 21.17 12.83 -53.98
N LYS E 801 20.20 13.61 -53.54
CA LYS E 801 20.17 15.03 -53.86
C LYS E 801 21.42 15.72 -53.33
N GLY E 802 21.79 15.42 -52.09
CA GLY E 802 22.95 16.05 -51.48
C GLY E 802 24.23 15.76 -52.24
N ILE E 803 24.48 14.48 -52.52
CA ILE E 803 25.71 14.14 -53.24
C ILE E 803 25.70 14.67 -54.67
N LYS E 804 24.52 14.71 -55.30
CA LYS E 804 24.43 15.26 -56.64
C LYS E 804 24.86 16.72 -56.66
N LEU E 805 24.39 17.49 -55.68
CA LEU E 805 24.76 18.90 -55.58
C LEU E 805 26.26 19.05 -55.35
N LEU E 806 26.83 18.18 -54.51
CA LEU E 806 28.26 18.25 -54.28
C LEU E 806 29.00 17.91 -55.57
N CYS E 807 28.50 16.92 -56.31
CA CYS E 807 29.15 16.52 -57.55
C CYS E 807 29.22 17.69 -58.52
N GLU E 808 28.14 18.47 -58.61
CA GLU E 808 28.15 19.62 -59.51
C GLU E 808 29.30 20.56 -59.16
N GLY E 809 29.56 20.73 -57.87
CA GLY E 809 30.69 21.53 -57.41
C GLY E 809 32.01 20.85 -57.73
N LEU E 810 32.07 19.54 -57.49
CA LEU E 810 33.29 18.75 -57.67
C LEU E 810 33.64 18.57 -59.15
N LEU E 811 32.64 18.73 -60.01
CA LEU E 811 32.82 18.62 -61.45
C LEU E 811 33.33 19.93 -62.04
N HIS E 812 33.42 20.96 -61.21
CA HIS E 812 33.88 22.27 -61.66
C HIS E 812 35.39 22.20 -61.98
N PRO E 813 35.85 22.81 -63.08
CA PRO E 813 37.24 22.90 -63.50
C PRO E 813 38.22 23.38 -62.41
N ASP E 814 37.76 24.24 -61.50
CA ASP E 814 38.66 24.77 -60.48
C ASP E 814 38.61 24.02 -59.14
N CYS E 815 37.92 22.89 -59.10
CA CYS E 815 37.88 22.12 -57.86
C CYS E 815 39.16 21.29 -57.73
N LYS E 816 39.81 21.37 -56.58
CA LYS E 816 41.09 20.69 -56.36
C LYS E 816 41.00 19.60 -55.31
N LEU E 817 39.78 19.19 -54.94
CA LEU E 817 39.61 18.19 -53.91
C LEU E 817 40.30 16.89 -54.27
N GLN E 818 41.08 16.34 -53.34
CA GLN E 818 41.81 15.10 -53.58
C GLN E 818 41.13 13.92 -52.89
N VAL E 819 40.65 14.15 -51.66
CA VAL E 819 40.06 13.08 -50.87
C VAL E 819 38.63 13.37 -50.47
N LEU E 820 37.72 12.49 -50.87
CA LEU E 820 36.32 12.62 -50.49
C LEU E 820 35.82 11.37 -49.77
N GLU E 821 35.46 11.54 -48.50
CA GLU E 821 34.95 10.44 -47.69
C GLU E 821 33.43 10.50 -47.54
N LEU E 822 32.76 9.49 -48.08
CA LEU E 822 31.30 9.41 -48.09
C LEU E 822 30.82 8.08 -47.52
N ASP E 823 30.84 7.94 -46.20
CA ASP E 823 30.44 6.69 -45.60
C ASP E 823 29.00 6.74 -45.12
N ASN E 824 28.80 7.11 -43.88
CA ASN E 824 27.44 7.18 -43.38
C ASN E 824 26.82 8.50 -43.81
N CYS E 825 26.47 8.58 -45.09
CA CYS E 825 25.91 9.80 -45.68
C CYS E 825 24.48 9.55 -46.17
N ASN E 826 23.98 8.34 -45.90
CA ASN E 826 22.65 7.90 -46.30
C ASN E 826 22.41 8.00 -47.79
N LEU E 827 23.36 7.54 -48.59
CA LEU E 827 23.20 7.59 -50.04
C LEU E 827 22.57 6.28 -50.52
N THR E 828 21.96 6.33 -51.71
CA THR E 828 21.33 5.15 -52.30
C THR E 828 21.83 4.91 -53.72
N SER E 829 21.44 3.79 -54.31
CA SER E 829 21.87 3.40 -55.66
C SER E 829 21.43 4.40 -56.70
N HIS E 830 20.45 5.22 -56.37
CA HIS E 830 19.93 6.21 -57.30
C HIS E 830 20.96 7.27 -57.61
N CYS E 831 21.98 7.40 -56.75
CA CYS E 831 23.02 8.40 -56.94
C CYS E 831 24.23 7.83 -57.66
N CYS E 832 24.21 6.54 -57.97
CA CYS E 832 25.39 5.91 -58.56
C CYS E 832 25.70 6.53 -59.92
N TRP E 833 24.69 7.10 -60.56
CA TRP E 833 24.88 7.75 -61.84
C TRP E 833 25.66 9.07 -61.69
N ASP E 834 25.51 9.72 -60.54
CA ASP E 834 26.19 10.98 -60.30
C ASP E 834 27.60 10.71 -59.82
N LEU E 835 27.75 9.63 -59.06
CA LEU E 835 29.06 9.19 -58.62
C LEU E 835 29.86 8.66 -59.81
N SER E 836 29.17 8.02 -60.76
CA SER E 836 29.82 7.56 -61.98
C SER E 836 30.27 8.75 -62.82
N THR E 837 29.41 9.79 -62.86
CA THR E 837 29.76 11.02 -63.57
C THR E 837 30.97 11.67 -62.90
N LEU E 838 30.98 11.67 -61.57
CA LEU E 838 32.08 12.23 -60.80
C LEU E 838 33.37 11.47 -61.11
N LEU E 839 33.30 10.14 -61.09
CA LEU E 839 34.48 9.33 -61.41
C LEU E 839 34.97 9.56 -62.82
N THR E 840 34.04 9.69 -63.76
CA THR E 840 34.39 9.85 -65.16
C THR E 840 35.03 11.20 -65.47
N SER E 841 34.45 12.28 -64.94
CA SER E 841 34.92 13.62 -65.29
C SER E 841 35.90 14.25 -64.29
N SER E 842 35.87 13.84 -63.03
CA SER E 842 36.76 14.45 -62.04
C SER E 842 38.21 14.19 -62.38
N GLN E 843 39.04 15.23 -62.29
CA GLN E 843 40.47 15.08 -62.56
C GLN E 843 41.31 15.21 -61.30
N SER E 844 40.78 15.90 -60.28
CA SER E 844 41.52 16.21 -59.08
C SER E 844 41.49 15.10 -58.02
N LEU E 845 40.42 14.31 -57.98
CA LEU E 845 40.28 13.29 -56.95
C LEU E 845 41.33 12.20 -57.09
N ARG E 846 41.83 11.75 -55.95
CA ARG E 846 42.79 10.66 -55.91
C ARG E 846 42.22 9.56 -55.03
N LYS E 847 41.36 9.96 -54.11
CA LYS E 847 40.69 9.05 -53.20
C LYS E 847 39.21 9.41 -53.08
N LEU E 848 38.36 8.41 -53.26
CA LEU E 848 36.93 8.55 -53.12
C LEU E 848 36.38 7.30 -52.45
N SER E 849 35.97 7.45 -51.20
CA SER E 849 35.57 6.30 -50.42
C SER E 849 34.09 6.27 -50.13
N LEU E 850 33.41 5.28 -50.67
CA LEU E 850 31.98 5.11 -50.41
C LEU E 850 31.81 4.03 -49.35
N GLY E 851 31.05 4.34 -48.32
CA GLY E 851 30.87 3.39 -47.22
C GLY E 851 29.50 2.73 -47.25
N ASN E 852 28.84 2.72 -46.10
CA ASN E 852 27.61 1.98 -45.96
C ASN E 852 26.43 2.71 -46.58
N ASN E 853 26.42 2.73 -47.90
CA ASN E 853 25.37 3.36 -48.69
C ASN E 853 24.61 2.28 -49.44
N ASP E 854 23.34 2.52 -49.75
CA ASP E 854 22.57 1.49 -50.45
C ASP E 854 22.80 1.56 -51.95
N LEU E 855 24.03 1.23 -52.36
CA LEU E 855 24.42 1.25 -53.77
C LEU E 855 24.15 -0.09 -54.41
N GLY E 856 24.23 -1.14 -53.60
CA GLY E 856 24.00 -2.51 -54.06
C GLY E 856 25.02 -2.93 -55.09
N ASP E 857 24.62 -3.88 -55.92
CA ASP E 857 25.48 -4.44 -56.94
C ASP E 857 25.51 -3.56 -58.16
N LEU E 858 24.41 -2.87 -58.43
CA LEU E 858 24.34 -2.00 -59.60
C LEU E 858 25.35 -0.87 -59.49
N GLY E 859 25.37 -0.20 -58.34
CA GLY E 859 26.27 0.94 -58.17
C GLY E 859 27.72 0.50 -58.31
N VAL E 860 28.09 -0.56 -57.59
CA VAL E 860 29.47 -1.00 -57.61
C VAL E 860 29.90 -1.59 -58.94
N MET E 861 29.02 -2.38 -59.58
CA MET E 861 29.35 -2.95 -60.87
C MET E 861 29.56 -1.84 -61.90
N MET E 862 28.73 -0.82 -61.82
CA MET E 862 28.84 0.33 -62.71
C MET E 862 30.18 1.01 -62.51
N PHE E 863 30.56 1.20 -61.25
CA PHE E 863 31.83 1.84 -60.93
C PHE E 863 32.98 1.03 -61.48
N CYS E 864 32.92 -0.29 -61.33
CA CYS E 864 34.01 -1.13 -61.80
C CYS E 864 34.35 -0.84 -63.26
N GLU E 865 33.33 -0.68 -64.09
CA GLU E 865 33.55 -0.37 -65.50
C GLU E 865 34.04 1.07 -65.70
N VAL E 866 33.45 2.01 -64.97
CA VAL E 866 33.81 3.42 -65.08
C VAL E 866 35.26 3.66 -64.68
N LEU E 867 35.70 2.96 -63.65
CA LEU E 867 37.05 3.10 -63.11
C LEU E 867 38.13 2.64 -64.08
N LYS E 868 37.74 1.95 -65.15
CA LYS E 868 38.69 1.48 -66.14
C LYS E 868 38.88 2.52 -67.26
N GLN E 869 38.01 3.53 -67.28
CA GLN E 869 38.04 4.52 -68.36
C GLN E 869 38.97 5.67 -68.03
N GLN E 870 40.26 5.38 -67.94
CA GLN E 870 41.28 6.38 -67.65
C GLN E 870 40.95 7.18 -66.39
N SER E 871 40.56 6.49 -65.32
CA SER E 871 40.22 7.12 -64.06
C SER E 871 41.44 7.64 -63.32
N CYS E 872 41.25 8.70 -62.56
CA CYS E 872 42.32 9.28 -61.74
C CYS E 872 42.23 8.80 -60.29
N LEU E 873 41.25 7.95 -60.00
CA LEU E 873 41.07 7.43 -58.65
C LEU E 873 41.94 6.21 -58.41
N LEU E 874 42.93 6.37 -57.54
CA LEU E 874 43.94 5.34 -57.33
C LEU E 874 43.89 4.77 -55.92
N GLN E 875 43.22 5.47 -55.02
CA GLN E 875 43.14 5.07 -53.61
C GLN E 875 41.84 4.34 -53.28
N ASN E 876 41.69 4.00 -52.01
CA ASN E 876 40.60 3.17 -51.50
C ASN E 876 39.23 3.60 -52.02
N LEU E 877 38.52 2.66 -52.66
CA LEU E 877 37.21 2.88 -53.24
C LEU E 877 36.11 2.92 -52.17
N GLY E 878 36.43 2.44 -50.98
CA GLY E 878 35.46 2.34 -49.90
C GLY E 878 34.88 0.93 -49.81
N LEU E 879 33.59 0.82 -50.09
CA LEU E 879 32.84 -0.44 -49.96
C LEU E 879 32.80 -0.91 -48.52
N SER E 880 32.82 0.05 -47.59
CA SER E 880 32.85 -0.28 -46.17
C SER E 880 31.48 -0.76 -45.69
N GLU E 881 31.48 -1.88 -44.97
CA GLU E 881 30.27 -2.49 -44.44
C GLU E 881 29.28 -2.83 -45.54
N MET E 882 29.79 -3.09 -46.74
CA MET E 882 28.97 -3.50 -47.86
C MET E 882 29.05 -4.99 -48.09
N TYR E 883 27.98 -5.56 -48.63
CA TYR E 883 27.98 -6.97 -48.99
C TYR E 883 27.40 -7.10 -50.39
N PHE E 884 27.98 -8.00 -51.20
CA PHE E 884 27.57 -8.10 -52.60
C PHE E 884 27.43 -9.55 -53.06
N ASN E 885 26.99 -9.73 -54.30
CA ASN E 885 26.87 -11.07 -54.88
C ASN E 885 28.17 -11.53 -55.54
N TYR E 886 28.14 -12.71 -56.13
CA TYR E 886 29.33 -13.32 -56.75
C TYR E 886 29.91 -12.49 -57.88
N GLU E 887 29.07 -12.07 -58.80
CA GLU E 887 29.54 -11.34 -59.98
C GLU E 887 30.19 -10.02 -59.62
N THR E 888 29.62 -9.30 -58.65
CA THR E 888 30.20 -8.05 -58.20
C THR E 888 31.55 -8.31 -57.55
N LYS E 889 31.62 -9.35 -56.72
CA LYS E 889 32.87 -9.69 -56.06
C LYS E 889 33.94 -10.02 -57.09
N SER E 890 33.55 -10.76 -58.13
CA SER E 890 34.47 -11.12 -59.20
C SER E 890 34.95 -9.87 -59.92
N ALA E 891 34.02 -8.96 -60.22
CA ALA E 891 34.36 -7.72 -60.90
C ALA E 891 35.34 -6.89 -60.08
N LEU E 892 35.13 -6.86 -58.77
CA LEU E 892 36.01 -6.09 -57.89
C LEU E 892 37.42 -6.68 -57.84
N GLU E 893 37.51 -8.01 -57.71
CA GLU E 893 38.82 -8.66 -57.70
C GLU E 893 39.48 -8.50 -59.06
N THR E 894 38.69 -8.59 -60.12
CA THR E 894 39.20 -8.46 -61.47
C THR E 894 39.77 -7.06 -61.66
N LEU E 895 39.04 -6.04 -61.20
CA LEU E 895 39.50 -4.66 -61.30
C LEU E 895 40.86 -4.49 -60.66
N GLN E 896 41.05 -5.07 -59.48
CA GLN E 896 42.32 -4.96 -58.78
C GLN E 896 43.47 -5.53 -59.61
N GLU E 897 43.21 -6.62 -60.32
CA GLU E 897 44.23 -7.27 -61.13
C GLU E 897 44.45 -6.60 -62.50
N GLU E 898 43.37 -6.17 -63.15
CA GLU E 898 43.48 -5.59 -64.49
C GLU E 898 44.07 -4.20 -64.49
N LYS E 899 43.84 -3.44 -63.42
CA LYS E 899 44.32 -2.07 -63.32
C LYS E 899 45.16 -1.83 -62.04
N PRO E 900 46.44 -2.24 -62.04
CA PRO E 900 47.38 -2.24 -60.92
C PRO E 900 47.58 -0.86 -60.30
N GLU E 901 47.28 0.19 -61.06
CA GLU E 901 47.44 1.55 -60.57
C GLU E 901 46.46 1.86 -59.43
N LEU E 902 45.43 1.04 -59.30
CA LEU E 902 44.48 1.19 -58.20
C LEU E 902 45.00 0.38 -57.02
N THR E 903 45.40 1.08 -55.97
CA THR E 903 46.07 0.44 -54.85
C THR E 903 45.11 -0.38 -54.00
N VAL E 904 43.93 0.17 -53.73
CA VAL E 904 42.98 -0.52 -52.85
C VAL E 904 41.54 -0.56 -53.36
N VAL E 905 41.11 -1.71 -53.88
CA VAL E 905 39.71 -1.92 -54.19
C VAL E 905 38.88 -2.03 -52.90
N PHE E 906 39.45 -2.74 -51.92
CA PHE E 906 38.82 -2.99 -50.61
C PHE E 906 37.57 -3.83 -50.70
N GLU E 907 37.70 -5.05 -51.19
CA GLU E 907 36.57 -5.96 -51.20
C GLU E 907 36.19 -6.24 -49.74
N PRO E 908 34.90 -6.38 -49.43
CA PRO E 908 34.35 -6.58 -48.10
C PRO E 908 34.77 -7.89 -47.44
N SER E 909 35.23 -8.85 -48.26
CA SER E 909 35.67 -10.18 -47.84
C SER E 909 35.46 -11.20 -48.94
N LYS F 7 -21.49 8.97 38.59
CA LYS F 7 -22.00 7.90 39.44
C LYS F 7 -22.99 7.04 38.69
N LYS F 8 -24.28 7.21 38.98
CA LYS F 8 -25.32 6.47 38.29
C LYS F 8 -25.78 7.20 37.05
N ASP F 9 -25.58 6.58 35.89
CA ASP F 9 -25.90 7.16 34.60
C ASP F 9 -27.37 6.96 34.25
N TYR F 10 -28.12 8.06 34.15
CA TYR F 10 -29.53 8.00 33.80
C TYR F 10 -29.75 7.14 32.56
N ARG F 11 -28.84 7.23 31.61
CA ARG F 11 -28.98 6.47 30.37
C ARG F 11 -29.21 4.99 30.65
N LYS F 12 -28.52 4.46 31.66
CA LYS F 12 -28.66 3.05 32.01
C LYS F 12 -30.00 2.81 32.68
N LYS F 13 -30.40 3.72 33.56
CA LYS F 13 -31.68 3.61 34.26
C LYS F 13 -32.82 3.65 33.26
N TYR F 14 -32.69 4.49 32.23
CA TYR F 14 -33.71 4.62 31.21
C TYR F 14 -33.83 3.34 30.38
N ARG F 15 -32.70 2.77 29.99
CA ARG F 15 -32.75 1.51 29.23
C ARG F 15 -33.46 0.43 30.05
N LYS F 16 -33.19 0.37 31.36
CA LYS F 16 -33.87 -0.59 32.21
C LYS F 16 -35.38 -0.36 32.21
N TYR F 17 -35.76 0.91 32.34
CA TYR F 17 -37.17 1.32 32.33
C TYR F 17 -37.86 0.88 31.06
N VAL F 18 -37.24 1.16 29.91
CA VAL F 18 -37.82 0.82 28.63
C VAL F 18 -37.92 -0.70 28.44
N ARG F 19 -36.87 -1.42 28.82
CA ARG F 19 -36.85 -2.87 28.67
C ARG F 19 -37.96 -3.53 29.49
N SER F 20 -38.13 -3.09 30.74
CA SER F 20 -39.15 -3.65 31.62
C SER F 20 -40.56 -3.20 31.25
N ARG F 21 -40.68 -1.96 30.78
CA ARG F 21 -41.97 -1.39 30.44
C ARG F 21 -42.61 -2.09 29.26
N PHE F 22 -41.86 -2.25 28.17
CA PHE F 22 -42.44 -2.78 26.95
C PHE F 22 -42.31 -4.30 26.84
N GLN F 23 -43.01 -4.98 27.75
CA GLN F 23 -43.07 -6.44 27.75
C GLN F 23 -44.37 -6.94 27.16
N CYS F 24 -45.42 -6.12 27.22
CA CYS F 24 -46.72 -6.52 26.72
C CYS F 24 -46.95 -6.01 25.31
N ILE F 25 -47.69 -6.77 24.51
CA ILE F 25 -47.98 -6.40 23.14
C ILE F 25 -48.97 -5.25 23.06
N GLU F 26 -50.04 -5.34 23.84
CA GLU F 26 -51.07 -4.30 23.88
C GLU F 26 -50.62 -3.11 24.73
N ASP F 27 -49.90 -3.40 25.81
CA ASP F 27 -49.48 -2.41 26.78
C ASP F 27 -50.68 -1.68 27.36
N ARG F 28 -51.76 -2.44 27.55
CA ARG F 28 -53.01 -1.94 28.11
C ARG F 28 -53.73 -3.10 28.80
N ASN F 29 -54.71 -2.80 29.63
CA ASN F 29 -55.38 -3.82 30.43
C ASN F 29 -56.38 -4.63 29.63
N ALA F 30 -57.22 -5.40 30.34
CA ALA F 30 -58.21 -6.28 29.72
C ALA F 30 -57.53 -7.33 28.86
N ARG F 31 -56.37 -7.80 29.30
CA ARG F 31 -55.66 -8.83 28.55
C ARG F 31 -56.18 -10.22 28.93
N LEU F 32 -57.43 -10.48 28.58
CA LEU F 32 -58.09 -11.75 28.89
C LEU F 32 -57.76 -12.25 30.30
N GLY F 33 -58.15 -11.48 31.30
CA GLY F 33 -57.85 -11.85 32.68
C GLY F 33 -56.54 -11.22 33.16
N GLU F 34 -56.10 -10.16 32.50
CA GLU F 34 -54.88 -9.44 32.84
C GLU F 34 -53.64 -10.33 32.79
N SER F 35 -53.57 -11.19 31.77
CA SER F 35 -52.41 -12.04 31.55
C SER F 35 -51.34 -11.23 30.84
N VAL F 36 -50.13 -11.78 30.75
CA VAL F 36 -49.08 -11.08 30.02
C VAL F 36 -48.94 -11.67 28.62
N SER F 37 -49.20 -10.84 27.61
CA SER F 37 -49.19 -11.25 26.21
C SER F 37 -47.79 -11.51 25.68
N LEU F 38 -46.79 -10.85 26.26
CA LEU F 38 -45.37 -11.05 25.95
C LEU F 38 -44.96 -10.62 24.53
N ASN F 39 -44.07 -9.63 24.47
CA ASN F 39 -43.53 -9.19 23.18
C ASN F 39 -42.62 -10.26 22.58
N LYS F 40 -42.34 -11.29 23.36
CA LYS F 40 -41.56 -12.43 22.93
C LYS F 40 -42.30 -13.21 21.84
N ARG F 41 -43.61 -12.97 21.73
CA ARG F 41 -44.44 -13.65 20.75
C ARG F 41 -44.48 -12.87 19.43
N TYR F 42 -43.71 -11.80 19.35
CA TYR F 42 -43.70 -10.95 18.16
C TYR F 42 -43.49 -11.75 16.88
N THR F 43 -44.37 -11.52 15.91
CA THR F 43 -44.27 -12.18 14.61
C THR F 43 -43.67 -11.22 13.59
N ARG F 44 -42.63 -11.66 12.90
CA ARG F 44 -41.93 -10.80 11.96
C ARG F 44 -42.85 -10.26 10.87
N LEU F 45 -42.71 -8.96 10.59
CA LEU F 45 -43.47 -8.30 9.53
C LEU F 45 -42.63 -8.21 8.27
N ARG F 46 -43.31 -8.12 7.13
CA ARG F 46 -42.63 -7.98 5.85
C ARG F 46 -42.41 -6.51 5.54
N LEU F 47 -41.15 -6.11 5.46
CA LEU F 47 -40.81 -4.72 5.23
C LEU F 47 -40.15 -4.52 3.88
N ILE F 48 -40.74 -3.64 3.07
CA ILE F 48 -40.23 -3.36 1.72
C ILE F 48 -39.82 -1.89 1.61
N LYS F 49 -38.63 -1.65 1.06
CA LYS F 49 -38.16 -0.27 0.94
C LYS F 49 -38.37 0.29 -0.46
N GLU F 50 -38.64 1.59 -0.52
CA GLU F 50 -38.80 2.30 -1.78
C GLU F 50 -37.76 3.39 -1.94
N SER F 75 -37.20 -4.73 -2.99
CA SER F 75 -36.17 -5.23 -2.09
C SER F 75 -36.61 -5.04 -0.63
N PRO F 76 -36.32 -6.03 0.23
CA PRO F 76 -36.62 -6.07 1.65
C PRO F 76 -35.73 -5.14 2.46
N ILE F 77 -36.24 -4.70 3.61
CA ILE F 77 -35.46 -3.89 4.53
C ILE F 77 -35.57 -4.41 5.97
N LYS F 78 -34.54 -4.18 6.76
CA LYS F 78 -34.51 -4.57 8.16
C LYS F 78 -34.66 -3.35 9.07
N MET F 79 -34.94 -3.58 10.35
CA MET F 79 -35.00 -2.48 11.31
C MET F 79 -33.59 -1.94 11.57
N GLU F 80 -32.59 -2.78 11.37
CA GLU F 80 -31.21 -2.35 11.49
C GLU F 80 -30.84 -1.45 10.31
N LEU F 81 -29.95 -0.49 10.56
CA LEU F 81 -29.38 0.37 9.51
C LEU F 81 -30.39 1.33 8.86
N LEU F 82 -31.52 1.61 9.52
CA LEU F 82 -32.53 2.48 8.92
C LEU F 82 -32.03 3.88 8.62
N PHE F 83 -31.16 4.41 9.46
CA PHE F 83 -30.70 5.78 9.29
C PHE F 83 -29.32 5.85 8.65
N ASP F 84 -28.78 4.69 8.27
CA ASP F 84 -27.46 4.66 7.67
C ASP F 84 -27.51 5.13 6.22
N PRO F 85 -26.41 5.66 5.67
CA PRO F 85 -26.20 5.95 4.26
C PRO F 85 -26.34 4.70 3.41
N ASP F 86 -26.74 4.90 2.16
CA ASP F 86 -26.89 3.81 1.20
C ASP F 86 -25.62 3.65 0.36
N ASP F 87 -25.77 3.15 -0.86
CA ASP F 87 -24.63 2.74 -1.67
C ASP F 87 -23.92 3.87 -2.43
N GLU F 88 -24.43 5.10 -2.34
CA GLU F 88 -23.78 6.21 -3.06
C GLU F 88 -23.89 7.54 -2.31
N HIS F 89 -22.93 8.43 -2.57
CA HIS F 89 -22.87 9.78 -1.97
C HIS F 89 -22.52 9.77 -0.48
N SER F 90 -22.83 8.64 0.18
CA SER F 90 -22.58 8.47 1.61
C SER F 90 -23.24 9.54 2.47
N GLU F 91 -24.48 9.88 2.13
CA GLU F 91 -25.25 10.85 2.90
C GLU F 91 -26.06 10.14 3.98
N PRO F 92 -26.17 10.72 5.18
CA PRO F 92 -26.93 10.24 6.31
C PRO F 92 -28.42 10.40 6.10
N VAL F 93 -29.21 9.60 6.81
CA VAL F 93 -30.66 9.72 6.79
C VAL F 93 -31.15 10.20 8.14
N HIS F 94 -31.99 11.22 8.15
CA HIS F 94 -32.50 11.75 9.42
C HIS F 94 -33.94 11.30 9.70
N THR F 95 -34.70 11.01 8.65
CA THR F 95 -36.10 10.62 8.83
C THR F 95 -36.47 9.38 8.03
N VAL F 96 -37.16 8.46 8.69
CA VAL F 96 -37.70 7.29 8.01
C VAL F 96 -39.19 7.16 8.33
N VAL F 97 -40.02 7.00 7.31
CA VAL F 97 -41.45 6.94 7.53
C VAL F 97 -42.02 5.59 7.13
N PHE F 98 -42.74 4.98 8.07
CA PHE F 98 -43.35 3.69 7.86
C PHE F 98 -44.84 3.82 7.53
N GLN F 99 -45.23 3.27 6.38
CA GLN F 99 -46.60 3.39 5.91
C GLN F 99 -47.22 2.04 5.60
N GLY F 100 -48.55 1.97 5.68
CA GLY F 100 -49.28 0.75 5.34
C GLY F 100 -50.73 0.84 5.81
N ALA F 101 -51.45 -0.27 5.70
CA ALA F 101 -52.85 -0.35 6.08
C ALA F 101 -52.99 -0.27 7.60
N ALA F 102 -54.20 0.04 8.07
CA ALA F 102 -54.46 0.09 9.50
C ALA F 102 -54.37 -1.31 10.11
N GLY F 103 -53.94 -1.39 11.37
CA GLY F 103 -53.94 -2.66 12.09
C GLY F 103 -52.86 -3.64 11.59
N ILE F 104 -51.72 -3.10 11.15
CA ILE F 104 -50.66 -3.93 10.60
C ILE F 104 -49.41 -3.97 11.48
N GLY F 105 -49.55 -3.59 12.74
CA GLY F 105 -48.45 -3.67 13.67
C GLY F 105 -47.42 -2.56 13.56
N LYS F 106 -47.82 -1.38 13.09
CA LYS F 106 -46.88 -0.29 13.01
C LYS F 106 -46.38 0.04 14.41
N THR F 107 -47.31 0.00 15.36
CA THR F 107 -47.03 0.22 16.77
C THR F 107 -46.20 -0.91 17.34
N ILE F 108 -46.55 -2.13 16.97
CA ILE F 108 -45.91 -3.31 17.52
C ILE F 108 -44.48 -3.38 17.03
N LEU F 109 -44.25 -2.97 15.79
CA LEU F 109 -42.91 -2.90 15.24
C LEU F 109 -42.08 -1.91 16.06
N ALA F 110 -42.69 -0.75 16.38
CA ALA F 110 -42.05 0.25 17.22
C ALA F 110 -41.77 -0.30 18.62
N ARG F 111 -42.71 -1.08 19.15
CA ARG F 111 -42.52 -1.66 20.48
C ARG F 111 -41.41 -2.70 20.49
N LYS F 112 -41.33 -3.50 19.44
CA LYS F 112 -40.24 -4.48 19.32
C LYS F 112 -38.93 -3.73 19.24
N MET F 113 -38.90 -2.64 18.48
CA MET F 113 -37.73 -1.82 18.34
C MET F 113 -37.26 -1.30 19.69
N MET F 114 -38.19 -0.76 20.49
CA MET F 114 -37.84 -0.23 21.80
C MET F 114 -37.26 -1.29 22.70
N LEU F 115 -37.83 -2.49 22.66
CA LEU F 115 -37.35 -3.58 23.49
C LEU F 115 -35.96 -4.01 23.06
N ASP F 116 -35.74 -4.13 21.74
CA ASP F 116 -34.44 -4.55 21.24
C ASP F 116 -33.38 -3.47 21.50
N TRP F 117 -33.77 -2.21 21.44
CA TRP F 117 -32.83 -1.14 21.75
C TRP F 117 -32.43 -1.18 23.22
N ALA F 118 -33.43 -1.27 24.10
CA ALA F 118 -33.18 -1.27 25.54
C ALA F 118 -32.32 -2.45 25.96
N SER F 119 -32.49 -3.59 25.27
CA SER F 119 -31.73 -4.80 25.54
C SER F 119 -30.30 -4.72 25.00
N GLY F 120 -30.00 -3.66 24.24
CA GLY F 120 -28.68 -3.46 23.68
C GLY F 120 -28.41 -4.27 22.42
N THR F 121 -29.45 -4.60 21.67
CA THR F 121 -29.24 -5.38 20.45
C THR F 121 -29.52 -4.56 19.20
N LEU F 122 -30.34 -3.51 19.33
CA LEU F 122 -30.69 -2.70 18.17
C LEU F 122 -30.32 -1.22 18.35
N TYR F 123 -29.47 -0.72 17.47
CA TYR F 123 -28.94 0.66 17.50
C TYR F 123 -28.15 0.93 18.77
N GLN F 124 -27.56 -0.12 19.33
CA GLN F 124 -26.84 -0.03 20.60
C GLN F 124 -25.56 0.78 20.47
N ASP F 125 -25.12 0.98 19.25
CA ASP F 125 -23.92 1.76 18.96
C ASP F 125 -24.24 3.02 18.17
N ARG F 126 -25.52 3.42 18.14
CA ARG F 126 -25.90 4.60 17.38
C ARG F 126 -26.60 5.68 18.21
N PHE F 127 -27.47 5.28 19.14
CA PHE F 127 -28.21 6.28 19.89
C PHE F 127 -28.09 6.08 21.39
N ASP F 128 -28.01 7.19 22.12
CA ASP F 128 -27.92 7.16 23.57
C ASP F 128 -29.31 7.04 24.19
N TYR F 129 -30.29 7.68 23.56
CA TYR F 129 -31.65 7.66 24.07
C TYR F 129 -32.66 7.37 22.98
N LEU F 130 -33.73 6.68 23.36
CA LEU F 130 -34.86 6.40 22.48
C LEU F 130 -36.16 6.79 23.15
N PHE F 131 -36.88 7.73 22.54
CA PHE F 131 -38.14 8.20 23.12
C PHE F 131 -39.32 7.89 22.20
N TYR F 132 -40.39 7.38 22.81
CA TYR F 132 -41.60 7.03 22.07
C TYR F 132 -42.76 7.95 22.43
N ILE F 133 -43.26 8.65 21.43
CA ILE F 133 -44.35 9.58 21.62
C ILE F 133 -45.57 9.11 20.85
N HIS F 134 -46.62 8.72 21.57
CA HIS F 134 -47.85 8.30 20.90
C HIS F 134 -48.64 9.55 20.54
N CYS F 135 -49.15 9.62 19.32
CA CYS F 135 -49.90 10.78 18.87
C CYS F 135 -51.26 10.91 19.56
N ARG F 136 -51.82 9.80 19.99
CA ARG F 136 -53.15 9.79 20.61
C ARG F 136 -53.21 10.65 21.86
N GLU F 137 -52.12 10.64 22.62
CA GLU F 137 -52.08 11.35 23.90
C GLU F 137 -51.58 12.78 23.76
N VAL F 138 -51.26 13.20 22.54
CA VAL F 138 -50.73 14.54 22.32
C VAL F 138 -51.83 15.59 22.25
N SER F 139 -51.66 16.66 23.02
CA SER F 139 -52.58 17.78 22.96
C SER F 139 -52.06 18.77 21.92
N LEU F 140 -52.82 18.91 20.84
CA LEU F 140 -52.40 19.72 19.71
C LEU F 140 -52.64 21.20 19.92
N VAL F 141 -53.68 21.52 20.70
CA VAL F 141 -54.09 22.90 20.87
C VAL F 141 -53.55 23.57 22.13
N THR F 142 -53.00 22.78 23.05
CA THR F 142 -52.47 23.36 24.28
C THR F 142 -51.02 23.79 24.11
N GLN F 143 -50.54 24.62 25.04
CA GLN F 143 -49.17 25.14 24.98
C GLN F 143 -48.22 24.44 25.94
N ARG F 144 -47.08 23.99 25.42
CA ARG F 144 -46.06 23.34 26.25
C ARG F 144 -44.67 23.43 25.66
N SER F 145 -43.66 23.29 26.51
CA SER F 145 -42.26 23.16 26.10
C SER F 145 -42.04 21.72 25.65
N LEU F 146 -40.85 21.39 25.16
CA LEU F 146 -40.63 20.02 24.70
C LEU F 146 -40.37 19.12 25.89
N GLY F 147 -41.43 18.87 26.66
CA GLY F 147 -41.38 18.08 27.87
C GLY F 147 -41.64 16.62 27.54
N ASP F 148 -41.75 16.33 26.25
CA ASP F 148 -42.04 14.99 25.76
C ASP F 148 -40.93 14.04 26.20
N LEU F 149 -39.71 14.55 26.31
CA LEU F 149 -38.56 13.73 26.70
C LEU F 149 -38.58 13.39 28.19
N ILE F 150 -39.46 14.08 28.93
CA ILE F 150 -39.64 13.84 30.36
C ILE F 150 -40.88 12.97 30.56
N MET F 151 -41.99 13.39 29.96
CA MET F 151 -43.28 12.72 30.10
C MET F 151 -43.26 11.28 29.56
N SER F 152 -42.51 11.05 28.49
CA SER F 152 -42.51 9.74 27.84
C SER F 152 -41.52 8.75 28.49
N CYS F 153 -40.81 9.21 29.52
CA CYS F 153 -39.76 8.37 30.10
C CYS F 153 -40.07 7.99 31.54
N CYS F 154 -39.03 7.99 32.39
CA CYS F 154 -39.12 7.49 33.76
C CYS F 154 -39.98 8.40 34.64
N PRO F 155 -40.57 7.87 35.73
CA PRO F 155 -41.26 8.55 36.81
C PRO F 155 -40.41 9.64 37.47
N ASP F 156 -39.09 9.51 37.35
CA ASP F 156 -38.19 10.49 37.93
C ASP F 156 -38.40 11.84 37.27
N PRO F 157 -38.85 12.85 38.01
CA PRO F 157 -39.23 14.18 37.54
C PRO F 157 -38.06 15.03 37.07
N ASN F 158 -36.84 14.61 37.36
CA ASN F 158 -35.67 15.42 37.03
C ASN F 158 -34.54 14.67 36.31
N PRO F 159 -34.77 14.18 35.09
CA PRO F 159 -33.78 13.59 34.21
C PRO F 159 -32.85 14.70 33.71
N PRO F 160 -31.64 14.35 33.27
CA PRO F 160 -30.58 15.25 32.81
C PRO F 160 -30.87 15.79 31.41
N ILE F 161 -31.97 16.52 31.29
CA ILE F 161 -32.41 17.09 30.01
C ILE F 161 -31.42 18.15 29.54
N HIS F 162 -30.89 18.91 30.48
CA HIS F 162 -29.97 20.01 30.20
C HIS F 162 -28.54 19.54 29.96
N LYS F 163 -28.29 18.24 30.05
CA LYS F 163 -26.95 17.69 29.86
C LYS F 163 -26.88 16.82 28.60
N ILE F 164 -26.66 15.53 28.78
CA ILE F 164 -26.51 14.59 27.67
C ILE F 164 -27.78 14.42 26.84
N VAL F 165 -28.95 14.56 27.47
CA VAL F 165 -30.20 14.32 26.77
C VAL F 165 -30.57 15.44 25.78
N ARG F 166 -29.83 16.55 25.78
CA ARG F 166 -30.11 17.58 24.78
C ARG F 166 -29.10 17.54 23.63
N LYS F 167 -28.19 16.56 23.65
CA LYS F 167 -27.18 16.47 22.61
C LYS F 167 -27.79 15.95 21.29
N PRO F 168 -27.71 16.71 20.20
CA PRO F 168 -28.31 16.42 18.91
C PRO F 168 -27.61 15.24 18.25
N SER F 169 -28.39 14.48 17.48
CA SER F 169 -27.91 13.33 16.70
C SER F 169 -27.71 12.07 17.55
N ARG F 170 -27.78 12.20 18.88
CA ARG F 170 -27.60 11.04 19.74
C ARG F 170 -28.92 10.48 20.22
N ILE F 171 -30.01 11.08 19.77
CA ILE F 171 -31.32 10.66 20.23
C ILE F 171 -32.24 10.27 19.08
N LEU F 172 -32.87 9.10 19.24
CA LEU F 172 -33.83 8.58 18.29
C LEU F 172 -35.25 8.74 18.83
N PHE F 173 -36.12 9.33 18.03
CA PHE F 173 -37.52 9.50 18.40
C PHE F 173 -38.42 8.70 17.49
N LEU F 174 -39.56 8.25 18.01
CA LEU F 174 -40.59 7.69 17.14
C LEU F 174 -41.95 8.33 17.44
N MET F 175 -42.62 8.77 16.37
CA MET F 175 -43.93 9.39 16.44
C MET F 175 -44.99 8.43 15.90
N ASP F 176 -45.82 7.91 16.79
CA ASP F 176 -46.76 6.85 16.40
C ASP F 176 -48.18 7.34 16.13
N GLY F 177 -48.59 7.30 14.86
CA GLY F 177 -49.95 7.66 14.49
C GLY F 177 -50.12 9.13 14.12
N PHE F 178 -49.35 9.59 13.14
CA PHE F 178 -49.49 10.98 12.69
C PHE F 178 -50.96 11.29 12.39
N ASP F 179 -51.65 10.35 11.75
CA ASP F 179 -53.04 10.53 11.36
C ASP F 179 -54.01 10.56 12.55
N GLU F 180 -53.52 10.22 13.74
CA GLU F 180 -54.35 10.23 14.94
C GLU F 180 -54.24 11.54 15.71
N LEU F 181 -53.48 12.50 15.19
CA LEU F 181 -53.41 13.79 15.88
C LEU F 181 -54.79 14.42 15.86
N GLN F 182 -55.27 14.88 17.01
CA GLN F 182 -56.61 15.44 17.11
C GLN F 182 -56.58 16.97 17.09
N GLY F 183 -57.73 17.56 16.75
CA GLY F 183 -57.84 19.01 16.69
C GLY F 183 -57.41 19.52 15.33
N ALA F 184 -57.19 20.83 15.23
CA ALA F 184 -56.78 21.44 13.97
C ALA F 184 -55.30 21.19 13.74
N PHE F 185 -54.88 21.20 12.47
CA PHE F 185 -53.47 20.99 12.16
C PHE F 185 -53.12 21.68 10.84
N ASP F 186 -51.92 22.22 10.77
CA ASP F 186 -51.40 22.85 9.56
C ASP F 186 -49.92 22.58 9.40
N GLU F 187 -49.45 22.61 8.16
CA GLU F 187 -48.06 22.33 7.85
C GLU F 187 -47.28 23.60 7.54
N HIS F 188 -47.98 24.65 7.11
CA HIS F 188 -47.32 25.87 6.67
C HIS F 188 -47.41 26.97 7.72
N ILE F 189 -46.59 26.83 8.77
CA ILE F 189 -46.64 27.72 9.91
C ILE F 189 -45.36 28.56 10.04
N GLY F 190 -45.52 29.88 10.06
CA GLY F 190 -44.38 30.78 10.21
C GLY F 190 -43.64 30.56 11.54
N PRO F 191 -44.32 30.75 12.66
CA PRO F 191 -43.83 30.53 14.01
C PRO F 191 -43.67 29.04 14.31
N LEU F 192 -42.66 28.43 13.69
CA LEU F 192 -42.43 26.99 13.84
C LEU F 192 -42.07 26.60 15.27
N CYS F 193 -41.38 27.50 15.98
CA CYS F 193 -40.93 27.26 17.36
C CYS F 193 -39.70 26.37 17.44
N THR F 194 -38.56 27.01 17.57
CA THR F 194 -37.30 26.34 17.84
C THR F 194 -36.91 26.66 19.27
N ASP F 195 -35.90 25.96 19.80
CA ASP F 195 -35.51 26.09 21.20
C ASP F 195 -36.49 25.33 22.09
N TRP F 196 -36.15 24.08 22.39
CA TRP F 196 -36.98 23.16 23.18
C TRP F 196 -37.40 23.73 24.53
N GLN F 197 -36.69 24.75 24.98
CA GLN F 197 -36.94 25.38 26.27
C GLN F 197 -38.19 26.27 26.25
N LYS F 198 -38.63 26.65 25.06
CA LYS F 198 -39.79 27.54 24.93
C LYS F 198 -41.07 26.78 24.67
N ALA F 199 -42.15 27.26 25.27
CA ALA F 199 -43.45 26.60 25.12
C ALA F 199 -44.28 27.20 23.99
N GLU F 200 -44.92 26.34 23.23
CA GLU F 200 -45.81 26.77 22.15
C GLU F 200 -46.88 25.69 21.92
N ARG F 201 -47.82 25.94 21.01
CA ARG F 201 -48.88 24.98 20.72
C ARG F 201 -48.32 23.63 20.27
N GLY F 202 -48.99 22.56 20.67
CA GLY F 202 -48.57 21.20 20.35
C GLY F 202 -48.43 20.91 18.85
N ASP F 203 -49.34 21.47 18.03
CA ASP F 203 -49.27 21.22 16.59
C ASP F 203 -48.03 21.88 16.00
N ILE F 204 -47.74 23.09 16.47
CA ILE F 204 -46.56 23.82 16.05
C ILE F 204 -45.29 23.10 16.49
N LEU F 205 -45.29 22.63 17.73
CA LEU F 205 -44.13 21.95 18.30
C LEU F 205 -43.78 20.70 17.49
N LEU F 206 -44.81 19.94 17.10
CA LEU F 206 -44.58 18.74 16.29
C LEU F 206 -43.99 19.08 14.93
N SER F 207 -44.48 20.16 14.31
CA SER F 207 -43.99 20.54 13.00
C SER F 207 -42.49 20.84 13.04
N SER F 208 -42.07 21.61 14.05
CA SER F 208 -40.67 21.98 14.18
C SER F 208 -39.77 20.75 14.40
N LEU F 209 -40.23 19.79 15.19
CA LEU F 209 -39.44 18.59 15.43
C LEU F 209 -39.36 17.75 14.14
N ILE F 210 -40.48 17.61 13.44
CA ILE F 210 -40.52 16.81 12.22
C ILE F 210 -39.62 17.40 11.13
N ARG F 211 -39.64 18.73 11.00
CA ARG F 211 -38.84 19.44 10.01
C ARG F 211 -37.37 19.53 10.40
N LYS F 212 -37.02 19.01 11.57
CA LYS F 212 -35.66 19.05 12.10
C LYS F 212 -35.16 20.46 12.32
N LYS F 213 -36.05 21.34 12.80
CA LYS F 213 -35.66 22.70 13.15
C LYS F 213 -35.45 22.74 14.66
N LEU F 214 -36.22 21.91 15.35
CA LEU F 214 -36.13 21.74 16.78
C LEU F 214 -35.26 20.54 17.10
N LEU F 215 -34.26 20.73 17.95
CA LEU F 215 -33.33 19.66 18.28
C LEU F 215 -32.83 19.00 16.98
N PRO F 216 -32.15 19.77 16.14
CA PRO F 216 -31.75 19.43 14.78
C PRO F 216 -30.79 18.26 14.79
N GLU F 217 -30.76 17.54 13.67
CA GLU F 217 -29.93 16.35 13.48
C GLU F 217 -30.42 15.14 14.28
N ALA F 218 -31.51 15.30 15.02
CA ALA F 218 -32.10 14.16 15.71
C ALA F 218 -32.67 13.19 14.68
N SER F 219 -32.69 11.91 15.03
CA SER F 219 -33.26 10.90 14.14
C SER F 219 -34.72 10.66 14.52
N LEU F 220 -35.60 10.68 13.52
CA LEU F 220 -37.03 10.50 13.79
C LEU F 220 -37.70 9.46 12.90
N LEU F 221 -38.42 8.55 13.54
CA LEU F 221 -39.24 7.56 12.85
C LEU F 221 -40.71 7.96 12.97
N ILE F 222 -41.43 7.90 11.86
CA ILE F 222 -42.84 8.24 11.89
C ILE F 222 -43.69 7.12 11.31
N THR F 223 -44.79 6.81 11.99
CA THR F 223 -45.73 5.83 11.45
C THR F 223 -47.02 6.53 11.07
N THR F 224 -47.54 6.25 9.88
CA THR F 224 -48.76 6.91 9.43
C THR F 224 -49.50 6.13 8.35
N ARG F 225 -50.81 6.31 8.28
CA ARG F 225 -51.59 5.78 7.16
C ARG F 225 -51.28 6.59 5.89
N PRO F 226 -51.12 5.94 4.71
CA PRO F 226 -50.82 6.56 3.43
C PRO F 226 -51.72 7.74 3.10
N VAL F 227 -52.98 7.67 3.52
CA VAL F 227 -53.92 8.75 3.25
C VAL F 227 -53.51 10.06 3.90
N ALA F 228 -52.80 9.98 5.02
CA ALA F 228 -52.39 11.17 5.75
C ALA F 228 -51.03 11.65 5.30
N LEU F 229 -50.41 10.96 4.35
CA LEU F 229 -49.10 11.36 3.90
C LEU F 229 -49.14 12.77 3.33
N GLU F 230 -50.25 13.11 2.69
CA GLU F 230 -50.39 14.40 2.06
C GLU F 230 -50.24 15.57 3.04
N LYS F 231 -50.52 15.32 4.31
CA LYS F 231 -50.42 16.35 5.34
C LYS F 231 -49.11 16.22 6.12
N LEU F 232 -48.29 15.26 5.74
CA LEU F 232 -47.01 15.01 6.39
C LEU F 232 -45.85 15.35 5.46
N GLN F 233 -46.05 15.15 4.16
CA GLN F 233 -45.00 15.32 3.15
C GLN F 233 -44.37 16.71 3.17
N HIS F 234 -45.11 17.70 3.65
CA HIS F 234 -44.66 19.08 3.69
C HIS F 234 -43.69 19.30 4.84
N LEU F 235 -43.71 18.36 5.78
CA LEU F 235 -42.88 18.43 6.96
C LEU F 235 -41.64 17.57 6.81
N LEU F 236 -41.73 16.54 5.97
CA LEU F 236 -40.66 15.56 5.80
C LEU F 236 -39.56 16.03 4.85
N ASP F 237 -39.95 16.69 3.76
CA ASP F 237 -39.03 17.14 2.71
C ASP F 237 -38.37 15.98 1.96
N HIS F 238 -37.49 15.25 2.64
CA HIS F 238 -36.76 14.14 2.01
C HIS F 238 -36.66 12.88 2.90
N PRO F 239 -37.79 12.20 3.15
CA PRO F 239 -37.93 11.02 3.99
C PRO F 239 -37.48 9.75 3.27
N ARG F 240 -37.08 8.74 4.05
CA ARG F 240 -36.93 7.40 3.52
C ARG F 240 -38.28 6.68 3.64
N HIS F 241 -38.70 6.02 2.56
CA HIS F 241 -40.02 5.38 2.55
C HIS F 241 -39.96 3.87 2.70
N VAL F 242 -40.56 3.36 3.77
CA VAL F 242 -40.66 1.92 4.01
C VAL F 242 -42.11 1.49 4.18
N GLU F 243 -42.50 0.48 3.41
CA GLU F 243 -43.87 -0.01 3.48
C GLU F 243 -43.96 -1.27 4.35
N ILE F 244 -44.97 -1.31 5.21
CA ILE F 244 -45.20 -2.47 6.07
C ILE F 244 -46.33 -3.31 5.50
N LEU F 245 -46.01 -4.57 5.23
CA LEU F 245 -46.96 -5.50 4.63
C LEU F 245 -47.47 -6.48 5.69
N GLY F 246 -48.57 -7.16 5.37
CA GLY F 246 -49.20 -8.08 6.32
C GLY F 246 -48.49 -9.43 6.37
N PHE F 247 -49.12 -10.39 7.03
CA PHE F 247 -48.50 -11.70 7.25
C PHE F 247 -48.63 -12.60 6.04
N SER F 248 -47.54 -13.30 5.72
CA SER F 248 -47.56 -14.32 4.69
C SER F 248 -48.23 -15.58 5.22
N GLU F 249 -48.55 -16.52 4.34
CA GLU F 249 -49.22 -17.74 4.75
C GLU F 249 -48.43 -18.50 5.82
N ALA F 250 -47.11 -18.48 5.70
CA ALA F 250 -46.25 -19.14 6.67
C ALA F 250 -46.40 -18.50 8.04
N LYS F 251 -46.57 -17.19 8.07
CA LYS F 251 -46.68 -16.47 9.34
C LYS F 251 -48.10 -16.54 9.86
N ARG F 252 -49.06 -16.70 8.96
CA ARG F 252 -50.46 -16.87 9.38
C ARG F 252 -50.60 -18.13 10.22
N LYS F 253 -49.97 -19.21 9.77
CA LYS F 253 -49.98 -20.45 10.52
C LYS F 253 -49.25 -20.26 11.85
N GLU F 254 -48.08 -19.60 11.80
CA GLU F 254 -47.30 -19.37 13.01
C GLU F 254 -48.12 -18.67 14.08
N TYR F 255 -48.88 -17.65 13.68
CA TYR F 255 -49.68 -16.88 14.61
C TYR F 255 -50.62 -17.79 15.40
N PHE F 256 -51.34 -18.67 14.70
CA PHE F 256 -52.29 -19.56 15.36
C PHE F 256 -51.59 -20.47 16.37
N PHE F 257 -50.43 -20.97 15.99
CA PHE F 257 -49.68 -21.90 16.82
C PHE F 257 -49.07 -21.23 18.04
N LYS F 258 -48.76 -19.94 17.95
CA LYS F 258 -48.29 -19.21 19.12
C LYS F 258 -49.46 -18.71 19.97
N TYR F 259 -50.57 -18.37 19.32
CA TYR F 259 -51.76 -17.84 20.00
C TYR F 259 -52.45 -18.92 20.85
N PHE F 260 -52.66 -20.10 20.25
CA PHE F 260 -53.33 -21.19 20.92
C PHE F 260 -52.31 -22.16 21.53
N SER F 261 -52.26 -22.20 22.85
CA SER F 261 -51.24 -23.00 23.55
C SER F 261 -51.37 -24.49 23.28
N ASP F 262 -52.60 -24.93 22.98
CA ASP F 262 -52.82 -26.32 22.61
C ASP F 262 -52.73 -26.47 21.10
N GLU F 263 -51.71 -27.19 20.64
CA GLU F 263 -51.49 -27.35 19.21
C GLU F 263 -52.75 -27.85 18.52
N ALA F 264 -53.53 -28.71 19.19
CA ALA F 264 -54.74 -29.24 18.57
C ALA F 264 -55.72 -28.11 18.24
N GLN F 265 -55.75 -27.09 19.10
CA GLN F 265 -56.63 -25.95 18.89
C GLN F 265 -56.08 -25.08 17.79
N ALA F 266 -54.76 -24.93 17.76
CA ALA F 266 -54.10 -24.14 16.74
C ALA F 266 -54.36 -24.73 15.35
N ARG F 267 -54.34 -26.06 15.27
CA ARG F 267 -54.57 -26.74 14.01
C ARG F 267 -56.01 -26.57 13.56
N ALA F 268 -56.96 -26.72 14.50
CA ALA F 268 -58.37 -26.56 14.17
C ALA F 268 -58.67 -25.13 13.76
N ALA F 269 -58.10 -24.17 14.50
CA ALA F 269 -58.35 -22.76 14.23
C ALA F 269 -57.74 -22.36 12.90
N PHE F 270 -56.52 -22.85 12.62
CA PHE F 270 -55.85 -22.56 11.37
C PHE F 270 -56.58 -23.16 10.19
N SER F 271 -56.94 -24.43 10.30
CA SER F 271 -57.61 -25.12 9.21
C SER F 271 -58.96 -24.48 8.89
N LEU F 272 -59.72 -24.14 9.93
CA LEU F 272 -61.03 -23.53 9.74
C LEU F 272 -60.94 -22.27 8.89
N ILE F 273 -59.99 -21.41 9.22
CA ILE F 273 -59.84 -20.16 8.52
C ILE F 273 -59.17 -20.37 7.16
N GLN F 274 -58.17 -21.24 7.09
CA GLN F 274 -57.49 -21.53 5.83
C GLN F 274 -58.49 -21.96 4.74
N GLU F 275 -59.51 -22.71 5.13
CA GLU F 275 -60.53 -23.16 4.18
C GLU F 275 -61.38 -22.00 3.65
N ASN F 276 -61.41 -20.90 4.39
CA ASN F 276 -62.17 -19.71 4.01
C ASN F 276 -61.24 -18.73 3.32
N GLU F 277 -61.13 -18.83 2.00
CA GLU F 277 -60.13 -18.07 1.27
C GLU F 277 -60.22 -16.57 1.54
N VAL F 278 -61.44 -16.06 1.60
CA VAL F 278 -61.63 -14.63 1.76
C VAL F 278 -61.25 -14.17 3.16
N LEU F 279 -61.69 -14.89 4.18
CA LEU F 279 -61.35 -14.53 5.56
C LEU F 279 -59.88 -14.72 5.82
N PHE F 280 -59.30 -15.79 5.28
CA PHE F 280 -57.89 -16.08 5.42
C PHE F 280 -57.05 -14.95 4.86
N THR F 281 -57.44 -14.46 3.68
CA THR F 281 -56.77 -13.34 3.03
C THR F 281 -56.89 -12.07 3.85
N MET F 282 -58.08 -11.78 4.38
CA MET F 282 -58.24 -10.58 5.19
C MET F 282 -57.38 -10.67 6.44
N CYS F 283 -57.22 -11.88 6.96
CA CYS F 283 -56.43 -12.12 8.17
C CYS F 283 -54.93 -11.91 7.92
N PHE F 284 -54.55 -11.53 6.70
CA PHE F 284 -53.18 -11.14 6.42
C PHE F 284 -52.90 -9.88 7.21
N ILE F 285 -53.95 -9.13 7.53
CA ILE F 285 -53.84 -7.97 8.38
C ILE F 285 -53.91 -8.47 9.83
N PRO F 286 -52.84 -8.29 10.62
CA PRO F 286 -52.68 -8.74 12.00
C PRO F 286 -53.91 -8.45 12.86
N LEU F 287 -54.54 -7.29 12.68
CA LEU F 287 -55.71 -6.99 13.47
C LEU F 287 -56.88 -7.92 13.12
N VAL F 288 -57.06 -8.23 11.85
CA VAL F 288 -58.16 -9.10 11.47
C VAL F 288 -57.90 -10.48 12.04
N CYS F 289 -56.66 -10.92 11.94
CA CYS F 289 -56.26 -12.20 12.48
C CYS F 289 -56.59 -12.29 13.96
N TRP F 290 -56.21 -11.24 14.71
CA TRP F 290 -56.49 -11.16 16.14
C TRP F 290 -57.99 -11.25 16.44
N ILE F 291 -58.80 -10.49 15.70
CA ILE F 291 -60.24 -10.48 15.94
C ILE F 291 -60.78 -11.90 15.76
N VAL F 292 -60.35 -12.55 14.70
CA VAL F 292 -60.78 -13.90 14.39
C VAL F 292 -60.29 -14.91 15.43
N CYS F 293 -59.02 -14.85 15.80
CA CYS F 293 -58.46 -15.78 16.76
C CYS F 293 -59.14 -15.65 18.12
N THR F 294 -59.42 -14.41 18.52
CA THR F 294 -60.06 -14.15 19.81
C THR F 294 -61.46 -14.78 19.83
N GLY F 295 -62.21 -14.60 18.75
CA GLY F 295 -63.56 -15.15 18.66
C GLY F 295 -63.53 -16.68 18.74
N LEU F 296 -62.58 -17.29 18.04
CA LEU F 296 -62.47 -18.74 18.03
C LEU F 296 -62.10 -19.28 19.41
N LYS F 297 -61.22 -18.57 20.11
CA LYS F 297 -60.82 -18.97 21.47
C LYS F 297 -62.03 -18.95 22.40
N GLN F 298 -62.85 -17.92 22.27
CA GLN F 298 -64.04 -17.79 23.11
C GLN F 298 -65.05 -18.90 22.81
N GLN F 299 -65.19 -19.27 21.53
CA GLN F 299 -66.07 -20.36 21.14
C GLN F 299 -65.57 -21.67 21.73
N MET F 300 -64.25 -21.83 21.78
CA MET F 300 -63.64 -23.00 22.39
C MET F 300 -63.96 -23.07 23.87
N GLU F 301 -63.74 -21.96 24.58
CA GLU F 301 -64.00 -21.90 26.01
C GLU F 301 -65.47 -22.14 26.34
N SER F 302 -66.34 -21.67 25.45
CA SER F 302 -67.79 -21.77 25.64
C SER F 302 -68.36 -23.13 25.22
N GLY F 303 -67.54 -24.00 24.64
CA GLY F 303 -68.00 -25.31 24.19
C GLY F 303 -68.82 -25.26 22.90
N LYS F 304 -68.54 -24.28 22.05
CA LYS F 304 -69.28 -24.10 20.80
C LYS F 304 -68.63 -24.87 19.64
N SER F 305 -69.30 -24.86 18.49
CA SER F 305 -68.85 -25.56 17.28
C SER F 305 -67.64 -24.91 16.61
N LEU F 306 -67.35 -23.66 16.99
CA LEU F 306 -66.28 -22.86 16.42
C LEU F 306 -66.49 -22.53 14.95
N ALA F 307 -67.72 -22.64 14.47
CA ALA F 307 -68.02 -22.27 13.09
C ALA F 307 -67.87 -20.77 12.89
N GLN F 308 -67.38 -20.38 11.73
CA GLN F 308 -67.26 -18.97 11.38
C GLN F 308 -67.42 -18.81 9.88
N THR F 309 -68.38 -17.98 9.47
CA THR F 309 -68.71 -17.82 8.05
C THR F 309 -68.52 -16.39 7.55
N SER F 310 -67.69 -15.61 8.25
CA SER F 310 -67.47 -14.22 7.86
C SER F 310 -66.79 -14.15 6.49
N LYS F 311 -67.23 -13.18 5.67
CA LYS F 311 -66.67 -12.97 4.35
C LYS F 311 -66.13 -11.56 4.15
N THR F 312 -66.63 -10.62 4.93
CA THR F 312 -66.26 -9.23 4.74
C THR F 312 -65.64 -8.66 6.01
N THR F 313 -65.00 -7.49 5.88
CA THR F 313 -64.39 -6.85 7.04
C THR F 313 -65.47 -6.51 8.04
N THR F 314 -66.61 -6.07 7.54
CA THR F 314 -67.75 -5.74 8.37
C THR F 314 -68.21 -6.99 9.11
N ALA F 315 -68.32 -8.11 8.38
CA ALA F 315 -68.77 -9.36 9.00
C ALA F 315 -67.84 -9.75 10.14
N VAL F 316 -66.55 -9.51 10.00
CA VAL F 316 -65.60 -9.82 11.05
C VAL F 316 -65.85 -8.98 12.30
N TYR F 317 -66.07 -7.68 12.11
CA TYR F 317 -66.33 -6.76 13.21
C TYR F 317 -67.70 -6.96 13.83
N VAL F 318 -68.70 -7.28 13.01
CA VAL F 318 -70.05 -7.53 13.52
C VAL F 318 -70.10 -8.84 14.29
N PHE F 319 -69.49 -9.88 13.72
CA PHE F 319 -69.45 -11.18 14.38
C PHE F 319 -68.77 -11.05 15.72
N PHE F 320 -67.62 -10.41 15.76
CA PHE F 320 -66.89 -10.26 17.01
C PHE F 320 -67.70 -9.47 18.04
N LEU F 321 -68.20 -8.30 17.65
CA LEU F 321 -68.89 -7.48 18.62
C LEU F 321 -70.13 -8.17 19.18
N SER F 322 -70.93 -8.77 18.30
CA SER F 322 -72.15 -9.39 18.77
C SER F 322 -71.88 -10.69 19.52
N SER F 323 -70.84 -11.40 19.12
CA SER F 323 -70.47 -12.64 19.81
C SER F 323 -70.10 -12.34 21.26
N LEU F 324 -69.35 -11.27 21.45
CA LEU F 324 -68.89 -10.90 22.79
C LEU F 324 -70.01 -10.31 23.66
N LEU F 325 -70.89 -9.48 23.08
CA LEU F 325 -71.95 -8.84 23.86
C LEU F 325 -73.18 -9.71 24.07
N GLN F 326 -73.46 -10.63 23.15
CA GLN F 326 -74.68 -11.43 23.23
C GLN F 326 -74.93 -12.10 24.59
N PRO F 327 -73.92 -12.73 25.24
CA PRO F 327 -74.05 -13.43 26.50
C PRO F 327 -74.75 -12.57 27.56
N LEU F 336 -73.71 -5.08 28.17
CA LEU F 336 -73.93 -5.99 27.05
C LEU F 336 -74.65 -5.29 25.92
N CYS F 337 -75.47 -6.05 25.18
CA CYS F 337 -76.18 -5.52 24.00
C CYS F 337 -77.08 -4.35 24.33
N ALA F 338 -77.57 -4.30 25.56
CA ALA F 338 -78.51 -3.29 26.02
C ALA F 338 -77.93 -1.88 25.93
N HIS F 339 -76.60 -1.77 25.93
CA HIS F 339 -75.97 -0.46 25.94
C HIS F 339 -75.29 -0.13 24.61
N LEU F 340 -75.64 -0.87 23.56
CA LEU F 340 -75.04 -0.62 22.24
C LEU F 340 -75.32 0.80 21.77
N TRP F 341 -76.53 1.29 22.01
CA TRP F 341 -76.92 2.63 21.60
C TRP F 341 -76.03 3.68 22.22
N GLY F 342 -75.91 3.65 23.55
CA GLY F 342 -75.14 4.66 24.26
C GLY F 342 -73.70 4.68 23.79
N LEU F 343 -73.15 3.49 23.55
CA LEU F 343 -71.79 3.40 23.07
C LEU F 343 -71.61 3.87 21.65
N CYS F 344 -72.52 3.46 20.76
CA CYS F 344 -72.40 3.87 19.38
C CYS F 344 -72.52 5.39 19.27
N SER F 345 -73.38 5.98 20.08
CA SER F 345 -73.52 7.43 20.13
C SER F 345 -72.23 8.06 20.62
N LEU F 346 -71.61 7.45 21.63
CA LEU F 346 -70.33 7.93 22.16
C LEU F 346 -69.25 7.88 21.09
N ALA F 347 -69.19 6.77 20.37
CA ALA F 347 -68.19 6.60 19.32
C ALA F 347 -68.38 7.63 18.22
N ALA F 348 -69.64 7.87 17.82
CA ALA F 348 -69.94 8.84 16.79
C ALA F 348 -69.59 10.24 17.25
N ASP F 349 -69.87 10.54 18.52
CA ASP F 349 -69.55 11.85 19.08
C ASP F 349 -68.06 12.01 19.16
N GLY F 350 -67.37 10.93 19.49
CA GLY F 350 -65.91 10.92 19.58
C GLY F 350 -65.30 11.23 18.22
N ILE F 351 -65.74 10.54 17.19
CA ILE F 351 -65.18 10.77 15.87
C ILE F 351 -65.47 12.20 15.40
N TRP F 352 -66.71 12.64 15.54
CA TRP F 352 -67.09 13.97 15.09
C TRP F 352 -66.32 15.08 15.81
N ASN F 353 -66.16 14.94 17.13
CA ASN F 353 -65.51 15.97 17.93
C ASN F 353 -64.03 15.72 18.15
N GLN F 354 -63.46 14.79 17.39
CA GLN F 354 -62.03 14.51 17.47
C GLN F 354 -61.58 14.09 18.87
N LYS F 355 -62.30 13.16 19.48
CA LYS F 355 -61.95 12.65 20.80
C LYS F 355 -61.74 11.13 20.76
N ILE F 356 -60.57 10.70 21.21
CA ILE F 356 -60.25 9.28 21.29
C ILE F 356 -60.22 8.82 22.75
N LEU F 357 -59.71 9.69 23.61
CA LEU F 357 -59.56 9.40 25.04
C LEU F 357 -60.69 10.05 25.82
N PHE F 358 -61.48 9.22 26.50
CA PHE F 358 -62.70 9.69 27.17
C PHE F 358 -62.57 9.67 28.68
N GLU F 359 -63.28 10.56 29.35
CA GLU F 359 -63.29 10.58 30.81
C GLU F 359 -64.57 9.93 31.34
N GLU F 360 -64.63 9.75 32.66
CA GLU F 360 -65.82 9.17 33.27
C GLU F 360 -67.07 9.99 32.95
N SER F 361 -66.89 11.30 32.80
CA SER F 361 -67.98 12.20 32.48
C SER F 361 -68.56 11.91 31.10
N ASP F 362 -67.72 11.45 30.17
CA ASP F 362 -68.17 11.20 28.82
C ASP F 362 -68.94 9.89 28.77
N LEU F 363 -68.53 8.96 29.62
CA LEU F 363 -69.24 7.69 29.72
C LEU F 363 -70.59 7.90 30.39
N ARG F 364 -70.62 8.68 31.47
CA ARG F 364 -71.86 8.93 32.19
C ARG F 364 -72.87 9.68 31.32
N ASN F 365 -72.40 10.61 30.51
CA ASN F 365 -73.26 11.43 29.68
C ASN F 365 -74.01 10.63 28.61
N HIS F 366 -73.58 9.38 28.40
CA HIS F 366 -74.23 8.51 27.42
C HIS F 366 -74.92 7.34 28.11
N GLY F 367 -75.07 7.45 29.43
CA GLY F 367 -75.75 6.44 30.22
C GLY F 367 -74.91 5.20 30.47
N LEU F 368 -73.59 5.32 30.40
CA LEU F 368 -72.71 4.18 30.57
C LEU F 368 -72.02 4.26 31.93
N GLN F 369 -72.52 3.50 32.91
CA GLN F 369 -71.98 3.61 34.27
C GLN F 369 -72.25 2.38 35.15
N LYS F 370 -71.16 1.82 35.70
CA LYS F 370 -71.24 0.69 36.63
C LYS F 370 -72.08 -0.48 36.11
N ALA F 371 -71.94 -0.78 34.83
CA ALA F 371 -72.66 -1.88 34.22
C ALA F 371 -71.89 -2.42 33.02
N ASP F 372 -72.08 -1.78 31.88
CA ASP F 372 -71.48 -2.26 30.65
C ASP F 372 -70.02 -1.88 30.56
N VAL F 373 -69.63 -0.79 31.20
CA VAL F 373 -68.23 -0.36 31.12
C VAL F 373 -67.35 -1.44 31.69
N SER F 374 -67.76 -2.00 32.83
CA SER F 374 -67.01 -3.08 33.45
C SER F 374 -67.02 -4.31 32.55
N ALA F 375 -68.16 -4.60 31.94
CA ALA F 375 -68.27 -5.73 31.03
C ALA F 375 -67.37 -5.54 29.80
N PHE F 376 -67.30 -4.31 29.32
CA PHE F 376 -66.48 -3.98 28.15
C PHE F 376 -65.00 -4.13 28.46
N LEU F 377 -64.62 -3.85 29.71
CA LEU F 377 -63.24 -3.99 30.16
C LEU F 377 -62.88 -5.45 30.40
N ARG F 378 -63.85 -6.26 30.82
CA ARG F 378 -63.62 -7.69 30.99
C ARG F 378 -63.39 -8.35 29.63
N MET F 379 -64.13 -7.89 28.63
CA MET F 379 -64.05 -8.42 27.28
C MET F 379 -63.05 -7.65 26.42
N ASN F 380 -62.60 -8.27 25.33
CA ASN F 380 -61.68 -7.58 24.43
C ASN F 380 -62.41 -6.58 23.54
N LEU F 381 -62.86 -5.50 24.15
CA LEU F 381 -63.57 -4.42 23.47
C LEU F 381 -63.05 -3.04 23.87
N PHE F 382 -62.90 -2.83 25.19
CA PHE F 382 -62.40 -1.56 25.70
C PHE F 382 -61.33 -1.73 26.74
N GLN F 383 -60.50 -0.70 26.89
CA GLN F 383 -59.46 -0.68 27.89
C GLN F 383 -59.53 0.64 28.65
N LYS F 384 -59.03 0.63 29.89
CA LYS F 384 -59.12 1.83 30.72
C LYS F 384 -57.78 2.55 30.82
N GLU F 385 -56.85 2.19 29.94
CA GLU F 385 -55.53 2.83 29.87
C GLU F 385 -54.87 2.89 31.24
N VAL F 386 -54.07 1.88 31.53
CA VAL F 386 -53.52 1.73 32.87
C VAL F 386 -52.05 2.10 32.96
N ASP F 387 -51.57 2.82 31.94
CA ASP F 387 -50.19 3.28 31.96
C ASP F 387 -50.08 4.57 32.78
N CYS F 388 -50.36 4.44 34.08
CA CYS F 388 -50.32 5.57 35.02
C CYS F 388 -51.10 6.78 34.52
N GLU F 389 -52.35 6.58 34.11
CA GLU F 389 -53.18 7.66 33.58
C GLU F 389 -54.64 7.56 34.01
N LYS F 390 -55.42 8.56 33.62
CA LYS F 390 -56.84 8.60 33.99
C LYS F 390 -57.77 8.91 32.81
N PHE F 391 -57.99 7.93 31.95
CA PHE F 391 -58.92 8.04 30.83
C PHE F 391 -59.25 6.67 30.24
N TYR F 392 -60.29 6.61 29.42
CA TYR F 392 -60.74 5.37 28.78
C TYR F 392 -60.59 5.45 27.27
N SER F 393 -60.43 4.30 26.62
CA SER F 393 -60.28 4.28 25.17
C SER F 393 -60.75 2.98 24.52
N PHE F 394 -60.98 3.06 23.21
CA PHE F 394 -61.33 1.91 22.39
C PHE F 394 -60.07 1.09 22.14
N ILE F 395 -60.20 -0.23 22.00
CA ILE F 395 -59.02 -1.03 21.71
C ILE F 395 -58.38 -0.69 20.37
N HIS F 396 -59.17 -0.29 19.39
CA HIS F 396 -58.62 0.09 18.09
C HIS F 396 -59.41 1.24 17.49
N MET F 397 -58.76 2.03 16.63
CA MET F 397 -59.45 3.11 15.96
C MET F 397 -60.45 2.58 14.94
N THR F 398 -60.17 1.41 14.38
CA THR F 398 -61.08 0.81 13.42
C THR F 398 -62.35 0.37 14.13
N PHE F 399 -62.23 0.03 15.41
CA PHE F 399 -63.39 -0.31 16.22
C PHE F 399 -64.20 0.93 16.55
N GLN F 400 -63.54 2.02 16.93
CA GLN F 400 -64.27 3.25 17.23
C GLN F 400 -65.04 3.71 16.00
N GLU F 401 -64.39 3.64 14.84
CA GLU F 401 -65.04 4.01 13.60
C GLU F 401 -66.17 3.04 13.23
N PHE F 402 -65.97 1.76 13.53
CA PHE F 402 -67.02 0.75 13.34
C PHE F 402 -68.25 1.08 14.18
N PHE F 403 -68.05 1.38 15.45
CA PHE F 403 -69.16 1.73 16.32
C PHE F 403 -69.89 2.96 15.81
N ALA F 404 -69.13 3.96 15.35
CA ALA F 404 -69.75 5.16 14.79
C ALA F 404 -70.60 4.82 13.56
N ALA F 405 -70.10 3.90 12.74
CA ALA F 405 -70.83 3.47 11.55
C ALA F 405 -72.16 2.85 11.93
N MET F 406 -72.16 2.08 13.02
CA MET F 406 -73.39 1.44 13.47
C MET F 406 -74.38 2.47 13.98
N TYR F 407 -73.88 3.52 14.62
CA TYR F 407 -74.75 4.57 15.18
C TYR F 407 -75.73 5.08 14.15
N TYR F 408 -75.25 5.35 12.95
CA TYR F 408 -76.06 5.95 11.90
C TYR F 408 -77.24 5.07 11.49
N LEU F 409 -77.19 3.79 11.85
CA LEU F 409 -78.24 2.85 11.48
C LEU F 409 -79.15 2.43 12.64
N LEU F 410 -78.87 2.90 13.84
CA LEU F 410 -79.65 2.44 14.99
C LEU F 410 -80.93 3.24 15.16
N GLU F 411 -81.96 2.60 15.68
CA GLU F 411 -83.22 3.26 15.95
C GLU F 411 -83.67 4.10 14.76
N LEU F 427 -74.23 12.18 20.08
CA LEU F 427 -75.28 12.35 19.07
C LEU F 427 -75.03 13.62 18.27
N PRO F 428 -73.88 13.72 17.59
CA PRO F 428 -73.37 14.89 16.90
C PRO F 428 -74.17 15.29 15.66
N SER F 429 -74.90 14.35 15.09
CA SER F 429 -75.68 14.62 13.88
C SER F 429 -76.62 13.48 13.52
N ARG F 430 -76.04 12.28 13.40
CA ARG F 430 -76.73 11.09 12.93
C ARG F 430 -77.22 11.33 11.50
N ASP F 431 -76.40 12.04 10.73
CA ASP F 431 -76.69 12.32 9.33
C ASP F 431 -75.58 11.83 8.42
N VAL F 432 -75.89 10.82 7.62
CA VAL F 432 -74.90 10.23 6.74
C VAL F 432 -74.46 11.20 5.66
N THR F 433 -75.29 12.16 5.28
CA THR F 433 -74.87 13.13 4.29
C THR F 433 -73.65 13.88 4.81
N VAL F 434 -73.73 14.30 6.07
CA VAL F 434 -72.64 15.01 6.72
C VAL F 434 -71.43 14.10 6.83
N LEU F 435 -71.66 12.84 7.20
CA LEU F 435 -70.58 11.87 7.32
C LEU F 435 -69.79 11.75 6.01
N LEU F 436 -70.51 11.61 4.91
CA LEU F 436 -69.88 11.42 3.61
C LEU F 436 -69.16 12.68 3.12
N GLU F 437 -69.77 13.84 3.37
CA GLU F 437 -69.17 15.11 2.96
C GLU F 437 -67.83 15.38 3.65
N ASN F 438 -67.69 14.91 4.88
CA ASN F 438 -66.50 15.14 5.67
C ASN F 438 -65.46 14.03 5.50
N TYR F 439 -65.68 13.15 4.52
CA TYR F 439 -64.76 12.06 4.26
C TYR F 439 -63.35 12.59 3.94
N GLY F 440 -63.28 13.57 3.04
CA GLY F 440 -61.99 14.09 2.59
C GLY F 440 -61.40 15.10 3.56
N LYS F 441 -61.25 14.71 4.82
CA LYS F 441 -60.69 15.62 5.83
C LYS F 441 -59.77 14.91 6.81
N PHE F 442 -58.59 15.50 7.01
CA PHE F 442 -57.60 15.02 7.97
C PHE F 442 -58.12 15.10 9.40
N GLU F 443 -58.71 16.23 9.73
CA GLU F 443 -59.16 16.49 11.09
C GLU F 443 -60.15 15.44 11.59
N LYS F 444 -61.00 14.95 10.71
CA LYS F 444 -62.01 13.98 11.10
C LYS F 444 -61.50 12.55 11.05
N GLY F 445 -60.23 12.38 10.69
CA GLY F 445 -59.61 11.06 10.61
C GLY F 445 -59.92 10.33 9.30
N TYR F 446 -60.36 11.09 8.30
CA TYR F 446 -60.71 10.57 6.97
C TYR F 446 -61.96 9.70 6.96
N LEU F 447 -62.38 9.19 8.11
CA LEU F 447 -63.64 8.47 8.22
C LEU F 447 -63.74 7.32 7.22
N ILE F 448 -62.60 6.70 6.92
CA ILE F 448 -62.55 5.66 5.90
C ILE F 448 -63.36 4.47 6.33
N PHE F 449 -63.17 4.04 7.57
CA PHE F 449 -63.85 2.88 8.08
C PHE F 449 -65.26 3.20 8.52
N VAL F 450 -65.53 4.44 8.91
CA VAL F 450 -66.89 4.74 9.34
C VAL F 450 -67.79 4.53 8.14
N VAL F 451 -67.37 5.05 6.99
CA VAL F 451 -68.13 4.90 5.76
C VAL F 451 -68.06 3.47 5.21
N ARG F 452 -66.88 2.86 5.19
CA ARG F 452 -66.77 1.50 4.65
C ARG F 452 -67.62 0.51 5.45
N PHE F 453 -67.61 0.63 6.78
CA PHE F 453 -68.43 -0.25 7.60
C PHE F 453 -69.90 0.05 7.35
N LEU F 454 -70.23 1.33 7.18
CA LEU F 454 -71.61 1.71 6.89
C LEU F 454 -72.08 0.99 5.62
N PHE F 455 -71.22 0.94 4.60
CA PHE F 455 -71.59 0.26 3.37
C PHE F 455 -71.92 -1.21 3.61
N GLY F 456 -71.08 -1.90 4.38
CA GLY F 456 -71.30 -3.31 4.69
C GLY F 456 -72.53 -3.54 5.57
N LEU F 457 -72.73 -2.64 6.53
CA LEU F 457 -73.85 -2.73 7.47
C LEU F 457 -75.20 -2.46 6.80
N VAL F 458 -75.22 -1.57 5.82
CA VAL F 458 -76.47 -1.26 5.13
C VAL F 458 -76.83 -2.34 4.12
N ASN F 459 -77.57 -3.33 4.58
CA ASN F 459 -78.00 -4.43 3.74
C ASN F 459 -79.38 -4.92 4.16
N GLN F 460 -79.91 -5.89 3.43
CA GLN F 460 -81.20 -6.49 3.73
C GLN F 460 -81.01 -7.89 4.32
N GLU F 461 -79.89 -8.52 3.95
CA GLU F 461 -79.62 -9.88 4.39
C GLU F 461 -79.04 -9.89 5.80
N ARG F 462 -79.87 -9.49 6.76
CA ARG F 462 -79.48 -9.35 8.15
C ARG F 462 -80.14 -10.39 9.03
N THR F 463 -79.51 -10.68 10.16
CA THR F 463 -80.03 -11.65 11.13
C THR F 463 -80.06 -11.06 12.53
N SER F 464 -79.93 -11.93 13.53
CA SER F 464 -79.92 -11.49 14.93
C SER F 464 -78.53 -11.02 15.31
N TYR F 465 -78.17 -11.17 16.58
CA TYR F 465 -76.83 -10.81 17.01
C TYR F 465 -76.49 -9.37 16.61
N LEU F 466 -77.29 -8.44 17.10
CA LEU F 466 -77.15 -7.00 16.84
C LEU F 466 -77.53 -6.55 15.43
N GLU F 467 -77.54 -7.46 14.45
CA GLU F 467 -77.84 -7.06 13.08
C GLU F 467 -79.29 -6.66 12.91
N LYS F 468 -80.12 -7.05 13.89
CA LYS F 468 -81.54 -6.74 13.89
C LYS F 468 -81.82 -5.38 14.52
N LYS F 469 -80.78 -4.73 15.03
CA LYS F 469 -80.94 -3.43 15.68
C LYS F 469 -80.76 -2.30 14.67
N LEU F 470 -80.55 -2.68 13.42
CA LEU F 470 -80.37 -1.74 12.32
C LEU F 470 -81.73 -1.47 11.68
N SER F 471 -82.14 -0.20 11.70
CA SER F 471 -83.46 0.18 11.22
C SER F 471 -83.57 0.06 9.71
N CYS F 472 -84.67 -0.52 9.25
CA CYS F 472 -84.89 -0.76 7.83
C CYS F 472 -85.01 0.52 7.02
N LYS F 473 -85.88 1.43 7.46
CA LYS F 473 -86.11 2.66 6.72
C LYS F 473 -84.84 3.48 6.63
N ILE F 474 -84.08 3.49 7.71
CA ILE F 474 -82.85 4.27 7.78
C ILE F 474 -81.80 3.68 6.84
N SER F 475 -81.69 2.36 6.84
CA SER F 475 -80.74 1.68 5.97
C SER F 475 -81.08 1.91 4.51
N GLN F 476 -82.37 1.90 4.19
CA GLN F 476 -82.81 2.11 2.81
C GLN F 476 -82.50 3.53 2.33
N GLN F 477 -82.73 4.52 3.19
CA GLN F 477 -82.45 5.90 2.83
C GLN F 477 -80.96 6.10 2.62
N ILE F 478 -80.16 5.46 3.48
CA ILE F 478 -78.71 5.53 3.38
C ILE F 478 -78.20 4.82 2.14
N ARG F 479 -78.74 3.65 1.85
CA ARG F 479 -78.32 2.89 0.68
C ARG F 479 -78.40 3.77 -0.57
N LEU F 480 -79.50 4.52 -0.69
CA LEU F 480 -79.67 5.41 -1.83
C LEU F 480 -78.61 6.53 -1.82
N GLU F 481 -78.33 7.08 -0.64
CA GLU F 481 -77.34 8.15 -0.53
C GLU F 481 -75.93 7.65 -0.84
N LEU F 482 -75.64 6.43 -0.42
CA LEU F 482 -74.33 5.84 -0.65
C LEU F 482 -74.07 5.62 -2.14
N LEU F 483 -75.11 5.21 -2.88
CA LEU F 483 -74.96 5.00 -4.31
C LEU F 483 -74.71 6.33 -5.02
N LYS F 484 -75.43 7.37 -4.62
CA LYS F 484 -75.24 8.70 -5.19
C LYS F 484 -73.85 9.22 -4.89
N TRP F 485 -73.36 8.94 -3.68
CA TRP F 485 -72.00 9.32 -3.28
C TRP F 485 -70.98 8.69 -4.22
N ILE F 486 -71.17 7.40 -4.52
CA ILE F 486 -70.28 6.74 -5.46
C ILE F 486 -70.33 7.41 -6.82
N GLU F 487 -71.53 7.72 -7.31
CA GLU F 487 -71.63 8.38 -8.61
C GLU F 487 -70.82 9.67 -8.65
N VAL F 488 -70.94 10.47 -7.61
CA VAL F 488 -70.24 11.76 -7.56
C VAL F 488 -68.73 11.58 -7.52
N LYS F 489 -68.25 10.65 -6.70
CA LYS F 489 -66.81 10.46 -6.57
C LYS F 489 -66.23 9.66 -7.74
N ALA F 490 -67.01 8.75 -8.29
CA ALA F 490 -66.57 7.91 -9.40
C ALA F 490 -66.27 8.76 -10.63
N LYS F 491 -67.01 9.85 -10.81
CA LYS F 491 -66.82 10.74 -11.94
C LYS F 491 -65.68 11.72 -11.74
N ALA F 492 -65.13 11.76 -10.52
CA ALA F 492 -64.08 12.72 -10.19
C ALA F 492 -62.69 12.12 -10.41
N LYS F 493 -62.17 12.26 -11.62
CA LYS F 493 -60.87 11.66 -11.95
C LYS F 493 -59.74 12.55 -11.47
N LYS F 494 -59.57 12.61 -10.16
CA LYS F 494 -58.62 13.50 -9.51
C LYS F 494 -57.79 12.76 -8.45
N LEU F 495 -56.60 13.29 -8.15
CA LEU F 495 -55.74 12.72 -7.12
C LEU F 495 -55.80 13.50 -5.82
N GLN F 496 -56.26 12.86 -4.75
CA GLN F 496 -56.45 13.50 -3.46
C GLN F 496 -56.71 12.48 -2.36
N ILE F 497 -56.90 12.96 -1.13
CA ILE F 497 -57.27 12.13 0.01
C ILE F 497 -58.66 11.49 -0.13
N GLN F 498 -59.53 12.11 -0.91
CA GLN F 498 -60.84 11.55 -1.23
C GLN F 498 -60.60 10.35 -2.15
N PRO F 499 -61.55 9.40 -2.26
CA PRO F 499 -61.37 8.10 -2.87
C PRO F 499 -60.68 8.20 -4.22
N SER F 500 -59.68 7.35 -4.42
CA SER F 500 -58.87 7.34 -5.63
C SER F 500 -59.30 6.23 -6.57
N GLN F 501 -60.59 5.92 -6.52
CA GLN F 501 -61.21 4.87 -7.32
C GLN F 501 -60.79 3.49 -6.81
N LEU F 502 -60.29 3.46 -5.58
CA LEU F 502 -59.97 2.21 -4.91
C LEU F 502 -60.94 1.95 -3.77
N GLU F 503 -61.04 2.92 -2.87
CA GLU F 503 -61.89 2.81 -1.69
C GLU F 503 -63.34 2.56 -2.07
N LEU F 504 -63.74 3.06 -3.24
CA LEU F 504 -65.10 2.88 -3.73
C LEU F 504 -65.36 1.40 -3.99
N PHE F 505 -64.32 0.68 -4.44
CA PHE F 505 -64.46 -0.73 -4.77
C PHE F 505 -64.40 -1.59 -3.52
N TYR F 506 -63.60 -1.17 -2.53
CA TYR F 506 -63.53 -1.92 -1.28
C TYR F 506 -64.88 -1.81 -0.58
N CYS F 507 -65.50 -0.64 -0.69
CA CYS F 507 -66.82 -0.43 -0.11
C CYS F 507 -67.86 -1.31 -0.77
N LEU F 508 -67.79 -1.43 -2.09
CA LEU F 508 -68.70 -2.28 -2.85
C LEU F 508 -68.45 -3.76 -2.56
N TYR F 509 -67.20 -4.13 -2.31
CA TYR F 509 -66.90 -5.50 -1.94
C TYR F 509 -67.61 -5.85 -0.63
N GLU F 510 -67.54 -4.94 0.34
CA GLU F 510 -68.19 -5.14 1.64
C GLU F 510 -69.70 -5.25 1.46
N MET F 511 -70.26 -4.39 0.63
CA MET F 511 -71.68 -4.45 0.30
C MET F 511 -71.89 -5.44 -0.83
N GLN F 512 -71.69 -6.71 -0.52
CA GLN F 512 -71.71 -7.75 -1.54
C GLN F 512 -73.12 -8.13 -1.93
N GLU F 513 -73.79 -7.21 -2.61
CA GLU F 513 -75.15 -7.40 -3.10
C GLU F 513 -75.22 -7.00 -4.57
N GLU F 514 -75.84 -7.84 -5.39
CA GLU F 514 -75.80 -7.65 -6.84
C GLU F 514 -76.44 -6.36 -7.35
N ASP F 515 -77.59 -5.97 -6.81
CA ASP F 515 -78.27 -4.80 -7.33
C ASP F 515 -77.45 -3.55 -7.06
N PHE F 516 -77.06 -3.35 -5.80
CA PHE F 516 -76.29 -2.18 -5.42
C PHE F 516 -74.96 -2.10 -6.14
N VAL F 517 -74.24 -3.23 -6.17
CA VAL F 517 -72.91 -3.25 -6.75
C VAL F 517 -72.94 -3.03 -8.25
N GLN F 518 -73.83 -3.72 -8.96
CA GLN F 518 -73.86 -3.57 -10.40
C GLN F 518 -74.27 -2.17 -10.83
N ARG F 519 -75.17 -1.53 -10.08
CA ARG F 519 -75.55 -0.15 -10.38
C ARG F 519 -74.37 0.78 -10.18
N ALA F 520 -73.59 0.56 -9.12
CA ALA F 520 -72.44 1.39 -8.84
C ALA F 520 -71.44 1.35 -10.00
N MET F 521 -71.31 0.18 -10.62
CA MET F 521 -70.34 -0.01 -11.70
C MET F 521 -70.65 0.85 -12.92
N ASP F 522 -71.88 1.35 -13.01
CA ASP F 522 -72.28 2.14 -14.17
C ASP F 522 -71.61 3.50 -14.17
N TYR F 523 -70.94 3.84 -13.07
CA TYR F 523 -70.30 5.13 -12.97
C TYR F 523 -68.79 5.03 -13.17
N PHE F 524 -68.32 3.85 -13.59
CA PHE F 524 -66.90 3.64 -13.82
C PHE F 524 -66.60 3.12 -15.24
N PRO F 525 -66.80 3.95 -16.29
CA PRO F 525 -66.54 3.63 -17.69
C PRO F 525 -65.05 3.41 -17.94
N LYS F 526 -64.24 3.99 -17.05
CA LYS F 526 -62.80 3.85 -17.09
C LYS F 526 -62.28 3.58 -15.69
N ILE F 527 -61.56 2.47 -15.53
CA ILE F 527 -61.04 2.10 -14.23
C ILE F 527 -59.51 2.12 -14.18
N GLU F 528 -58.96 2.92 -13.27
CA GLU F 528 -57.52 3.04 -13.08
C GLU F 528 -57.14 2.66 -11.65
N ILE F 529 -56.64 1.44 -11.48
CA ILE F 529 -56.39 0.93 -10.13
C ILE F 529 -54.99 0.34 -9.95
N ASN F 530 -54.58 0.23 -8.69
CA ASN F 530 -53.26 -0.29 -8.32
C ASN F 530 -53.38 -1.42 -7.30
N LEU F 531 -52.83 -2.58 -7.65
CA LEU F 531 -52.96 -3.77 -6.81
C LEU F 531 -51.61 -4.20 -6.24
N SER F 532 -51.52 -4.33 -4.90
CA SER F 532 -50.26 -4.73 -4.27
C SER F 532 -50.37 -6.03 -3.49
N THR F 533 -51.58 -6.42 -3.11
CA THR F 533 -51.74 -7.67 -2.35
C THR F 533 -52.88 -8.55 -2.84
N ARG F 534 -53.02 -9.71 -2.19
CA ARG F 534 -54.02 -10.70 -2.56
C ARG F 534 -55.44 -10.17 -2.38
N MET F 535 -55.64 -9.38 -1.34
CA MET F 535 -56.96 -8.82 -1.07
C MET F 535 -57.36 -7.81 -2.12
N ASP F 536 -56.37 -7.19 -2.76
CA ASP F 536 -56.64 -6.17 -3.76
C ASP F 536 -57.13 -6.82 -5.03
N HIS F 537 -56.53 -7.96 -5.36
CA HIS F 537 -56.92 -8.71 -6.54
C HIS F 537 -58.28 -9.34 -6.32
N MET F 538 -58.55 -9.76 -5.08
CA MET F 538 -59.84 -10.33 -4.73
C MET F 538 -60.95 -9.31 -4.93
N VAL F 539 -60.72 -8.08 -4.46
CA VAL F 539 -61.68 -7.00 -4.63
C VAL F 539 -61.81 -6.58 -6.09
N SER F 540 -60.67 -6.45 -6.77
CA SER F 540 -60.66 -6.04 -8.16
C SER F 540 -61.41 -7.02 -9.05
N SER F 541 -61.17 -8.32 -8.84
CA SER F 541 -61.84 -9.33 -9.64
C SER F 541 -63.35 -9.30 -9.40
N PHE F 542 -63.75 -9.17 -8.14
CA PHE F 542 -65.17 -9.09 -7.80
C PHE F 542 -65.85 -7.92 -8.48
N CYS F 543 -65.23 -6.75 -8.37
CA CYS F 543 -65.83 -5.55 -8.90
C CYS F 543 -65.85 -5.52 -10.43
N ILE F 544 -64.74 -5.90 -11.06
CA ILE F 544 -64.69 -5.83 -12.53
C ILE F 544 -65.61 -6.86 -13.15
N GLU F 545 -65.79 -8.00 -12.49
CA GLU F 545 -66.68 -9.05 -12.95
C GLU F 545 -68.11 -8.54 -13.11
N ASN F 546 -68.47 -7.56 -12.28
CA ASN F 546 -69.83 -7.02 -12.27
C ASN F 546 -69.97 -5.74 -13.07
N CYS F 547 -68.94 -5.40 -13.85
CA CYS F 547 -68.99 -4.21 -14.67
C CYS F 547 -69.49 -4.55 -16.07
N HIS F 548 -70.60 -3.94 -16.45
CA HIS F 548 -71.20 -4.18 -17.76
C HIS F 548 -71.08 -2.97 -18.66
N ARG F 549 -70.48 -1.91 -18.13
CA ARG F 549 -70.34 -0.66 -18.88
C ARG F 549 -68.94 -0.06 -18.74
N VAL F 550 -67.93 -0.91 -18.69
CA VAL F 550 -66.55 -0.44 -18.61
C VAL F 550 -65.88 -0.61 -19.97
N GLU F 551 -65.29 0.48 -20.47
CA GLU F 551 -64.67 0.44 -21.79
C GLU F 551 -63.17 0.21 -21.71
N SER F 552 -62.54 0.78 -20.70
CA SER F 552 -61.09 0.62 -20.57
C SER F 552 -60.67 0.39 -19.12
N LEU F 553 -59.60 -0.37 -18.96
CA LEU F 553 -59.05 -0.71 -17.66
C LEU F 553 -57.53 -0.58 -17.65
N SER F 554 -57.02 0.10 -16.62
CA SER F 554 -55.59 0.25 -16.42
C SER F 554 -55.18 -0.35 -15.10
N LEU F 555 -54.27 -1.32 -15.16
CA LEU F 555 -53.86 -2.05 -13.96
C LEU F 555 -52.41 -1.83 -13.62
N GLY F 556 -52.17 -1.23 -12.46
CA GLY F 556 -50.81 -1.09 -11.96
C GLY F 556 -50.52 -2.25 -11.02
N PHE F 557 -49.36 -2.84 -11.15
CA PHE F 557 -49.00 -3.96 -10.28
C PHE F 557 -47.79 -3.63 -9.42
N LEU F 558 -47.93 -3.84 -8.12
CA LEU F 558 -46.89 -3.53 -7.15
C LEU F 558 -46.35 -4.81 -6.52
N HIS F 559 -45.12 -4.75 -6.01
CA HIS F 559 -44.50 -5.91 -5.38
C HIS F 559 -45.53 -6.64 -4.52
N ASN F 560 -45.79 -7.89 -4.86
CA ASN F 560 -46.83 -8.68 -4.22
C ASN F 560 -46.25 -9.74 -3.31
N LEU F 599 -43.31 -9.43 -8.68
CA LEU F 599 -44.48 -9.92 -9.41
C LEU F 599 -44.14 -11.21 -10.15
N THR F 600 -44.09 -11.16 -11.49
CA THR F 600 -43.79 -12.31 -12.33
C THR F 600 -44.33 -13.63 -11.79
N SER F 601 -45.65 -13.77 -11.77
CA SER F 601 -46.26 -15.02 -11.30
C SER F 601 -47.70 -15.17 -11.76
N SER F 602 -48.35 -16.21 -11.24
CA SER F 602 -49.74 -16.56 -11.58
C SER F 602 -50.73 -15.80 -10.71
N PHE F 603 -50.21 -14.95 -9.84
CA PHE F 603 -51.02 -14.17 -8.90
C PHE F 603 -52.08 -13.33 -9.61
N CYS F 604 -51.81 -12.96 -10.86
CA CYS F 604 -52.72 -12.12 -11.63
C CYS F 604 -53.76 -12.94 -12.40
N ARG F 605 -53.62 -14.26 -12.38
CA ARG F 605 -54.54 -15.14 -13.11
C ARG F 605 -55.98 -14.93 -12.69
N GLY F 606 -56.20 -14.70 -11.39
CA GLY F 606 -57.54 -14.54 -10.85
C GLY F 606 -58.25 -13.30 -11.39
N LEU F 607 -57.48 -12.37 -11.96
CA LEU F 607 -58.06 -11.16 -12.52
C LEU F 607 -58.13 -11.24 -14.03
N PHE F 608 -57.06 -11.74 -14.66
CA PHE F 608 -57.02 -11.82 -16.12
C PHE F 608 -58.10 -12.77 -16.62
N SER F 609 -58.35 -13.83 -15.86
CA SER F 609 -59.38 -14.81 -16.19
C SER F 609 -60.75 -14.14 -16.26
N VAL F 610 -60.98 -13.18 -15.36
CA VAL F 610 -62.24 -12.46 -15.31
C VAL F 610 -62.35 -11.44 -16.43
N LEU F 611 -61.26 -10.73 -16.70
CA LEU F 611 -61.29 -9.67 -17.70
C LEU F 611 -61.65 -10.21 -19.08
N SER F 612 -61.16 -11.40 -19.40
CA SER F 612 -61.40 -12.01 -20.70
C SER F 612 -62.86 -12.41 -20.92
N THR F 613 -63.67 -12.38 -19.87
CA THR F 613 -65.08 -12.73 -20.03
C THR F 613 -65.96 -11.48 -20.06
N SER F 614 -65.34 -10.30 -19.95
CA SER F 614 -66.08 -9.05 -19.99
C SER F 614 -66.65 -8.79 -21.36
N GLN F 615 -67.88 -8.28 -21.42
CA GLN F 615 -68.49 -7.99 -22.70
C GLN F 615 -68.46 -6.51 -23.03
N SER F 616 -67.80 -5.71 -22.19
CA SER F 616 -67.72 -4.27 -22.45
C SER F 616 -66.28 -3.78 -22.56
N LEU F 617 -65.32 -4.53 -22.00
CA LEU F 617 -63.94 -4.07 -21.99
C LEU F 617 -63.33 -4.14 -23.38
N THR F 618 -62.80 -3.01 -23.84
CA THR F 618 -62.19 -2.91 -25.15
C THR F 618 -60.68 -2.74 -25.06
N GLU F 619 -60.23 -1.93 -24.10
CA GLU F 619 -58.81 -1.62 -23.97
C GLU F 619 -58.21 -1.98 -22.62
N LEU F 620 -57.13 -2.76 -22.65
CA LEU F 620 -56.44 -3.15 -21.42
C LEU F 620 -55.02 -2.57 -21.38
N ASP F 621 -54.76 -1.74 -20.38
CA ASP F 621 -53.47 -1.07 -20.21
C ASP F 621 -52.66 -1.70 -19.07
N LEU F 622 -51.56 -2.35 -19.43
CA LEU F 622 -50.69 -3.01 -18.46
C LEU F 622 -49.32 -2.34 -18.43
N SER F 623 -49.29 -1.05 -18.74
CA SER F 623 -48.06 -0.30 -18.87
C SER F 623 -47.19 -0.24 -17.61
N ASP F 624 -45.88 -0.36 -17.84
CA ASP F 624 -44.83 -0.25 -16.83
C ASP F 624 -45.01 -1.16 -15.62
N ASN F 625 -45.47 -2.39 -15.87
CA ASN F 625 -45.61 -3.37 -14.82
C ASN F 625 -44.62 -4.50 -14.99
N SER F 626 -43.93 -4.87 -13.91
CA SER F 626 -42.93 -5.92 -13.97
C SER F 626 -43.53 -7.32 -14.05
N LEU F 627 -44.25 -7.56 -15.13
CA LEU F 627 -44.84 -8.86 -15.39
C LEU F 627 -43.93 -9.58 -16.38
N GLY F 628 -43.19 -10.58 -15.89
CA GLY F 628 -42.24 -11.26 -16.73
C GLY F 628 -42.95 -12.22 -17.65
N ASP F 629 -42.19 -13.02 -18.39
CA ASP F 629 -42.79 -13.90 -19.37
C ASP F 629 -43.97 -14.70 -18.81
N PRO F 630 -43.88 -15.32 -17.61
CA PRO F 630 -44.97 -16.01 -16.94
C PRO F 630 -46.24 -15.18 -16.81
N GLY F 631 -46.09 -13.87 -16.62
CA GLY F 631 -47.24 -12.98 -16.49
C GLY F 631 -47.87 -12.77 -17.84
N MET F 632 -47.04 -12.66 -18.86
CA MET F 632 -47.50 -12.47 -20.23
C MET F 632 -48.14 -13.76 -20.72
N ARG F 633 -47.63 -14.90 -20.27
CA ARG F 633 -48.20 -16.19 -20.66
C ARG F 633 -49.60 -16.35 -20.12
N VAL F 634 -49.81 -15.98 -18.85
CA VAL F 634 -51.14 -16.05 -18.27
C VAL F 634 -52.09 -15.16 -19.04
N LEU F 635 -51.63 -13.94 -19.37
CA LEU F 635 -52.44 -13.03 -20.16
C LEU F 635 -52.76 -13.64 -21.52
N CYS F 636 -51.75 -14.20 -22.17
CA CYS F 636 -51.92 -14.77 -23.50
C CYS F 636 -52.88 -15.94 -23.50
N GLU F 637 -52.95 -16.69 -22.41
CA GLU F 637 -53.92 -17.78 -22.33
C GLU F 637 -55.33 -17.21 -22.29
N THR F 638 -55.52 -16.14 -21.50
CA THR F 638 -56.83 -15.53 -21.35
C THR F 638 -57.25 -14.74 -22.58
N LEU F 639 -56.27 -14.24 -23.33
CA LEU F 639 -56.56 -13.47 -24.55
C LEU F 639 -57.06 -14.35 -25.70
N GLN F 640 -57.03 -15.66 -25.50
CA GLN F 640 -57.52 -16.57 -26.54
C GLN F 640 -58.98 -16.94 -26.31
N HIS F 641 -59.57 -16.43 -25.24
CA HIS F 641 -60.98 -16.68 -24.97
C HIS F 641 -61.83 -16.04 -26.07
N PRO F 642 -62.81 -16.75 -26.64
CA PRO F 642 -63.67 -16.31 -27.73
C PRO F 642 -64.56 -15.12 -27.36
N GLY F 643 -64.73 -14.89 -26.05
CA GLY F 643 -65.58 -13.81 -25.58
C GLY F 643 -64.80 -12.58 -25.12
N CYS F 644 -63.50 -12.52 -25.43
CA CYS F 644 -62.65 -11.42 -24.97
C CYS F 644 -63.19 -10.03 -25.30
N ASN F 645 -63.44 -9.79 -26.59
CA ASN F 645 -63.89 -8.48 -27.08
C ASN F 645 -62.84 -7.38 -26.88
N ILE F 646 -61.62 -7.78 -26.58
CA ILE F 646 -60.52 -6.84 -26.39
C ILE F 646 -59.95 -6.46 -27.74
N ARG F 647 -59.88 -5.16 -28.01
CA ARG F 647 -59.41 -4.71 -29.31
C ARG F 647 -58.06 -4.04 -29.20
N ARG F 648 -57.76 -3.49 -28.03
CA ARG F 648 -56.49 -2.78 -27.84
C ARG F 648 -55.75 -3.25 -26.60
N LEU F 649 -54.50 -3.66 -26.78
CA LEU F 649 -53.66 -4.11 -25.67
C LEU F 649 -52.35 -3.34 -25.64
N TRP F 650 -52.09 -2.66 -24.53
CA TRP F 650 -50.89 -1.84 -24.42
C TRP F 650 -49.96 -2.31 -23.30
N LEU F 651 -48.69 -2.50 -23.67
CA LEU F 651 -47.66 -2.89 -22.72
C LEU F 651 -46.68 -1.74 -22.55
N GLY F 652 -46.00 -1.67 -21.41
CA GLY F 652 -45.00 -0.63 -21.16
C GLY F 652 -43.65 -1.25 -20.84
N ARG F 653 -42.89 -0.63 -19.93
CA ARG F 653 -41.57 -1.14 -19.59
C ARG F 653 -41.69 -2.37 -18.71
N CYS F 654 -42.16 -3.46 -19.30
CA CYS F 654 -42.43 -4.69 -18.58
C CYS F 654 -41.24 -5.63 -18.57
N GLY F 655 -40.27 -5.37 -19.46
CA GLY F 655 -39.08 -6.23 -19.54
C GLY F 655 -39.39 -7.58 -20.17
N LEU F 656 -40.33 -7.63 -21.10
CA LEU F 656 -40.69 -8.90 -21.72
C LEU F 656 -39.51 -9.41 -22.55
N SER F 657 -39.28 -10.72 -22.51
CA SER F 657 -38.19 -11.30 -23.27
C SER F 657 -38.65 -11.79 -24.63
N HIS F 658 -37.71 -12.02 -25.53
CA HIS F 658 -38.00 -12.54 -26.86
C HIS F 658 -38.77 -13.84 -26.79
N GLU F 659 -38.61 -14.55 -25.69
CA GLU F 659 -39.27 -15.83 -25.52
C GLU F 659 -40.79 -15.70 -25.53
N CYS F 660 -41.30 -14.57 -25.03
CA CYS F 660 -42.74 -14.40 -24.88
C CYS F 660 -43.42 -14.22 -26.23
N CYS F 661 -42.64 -13.99 -27.28
CA CYS F 661 -43.23 -13.78 -28.61
C CYS F 661 -43.87 -15.06 -29.11
N PHE F 662 -43.49 -16.19 -28.53
CA PHE F 662 -44.12 -17.46 -28.86
C PHE F 662 -45.59 -17.42 -28.47
N ASP F 663 -45.85 -16.96 -27.25
CA ASP F 663 -47.22 -16.89 -26.73
C ASP F 663 -48.01 -15.75 -27.37
N ILE F 664 -47.32 -14.66 -27.70
CA ILE F 664 -47.98 -13.54 -28.35
C ILE F 664 -48.47 -13.97 -29.72
N SER F 665 -47.63 -14.72 -30.44
CA SER F 665 -47.98 -15.24 -31.76
C SER F 665 -49.21 -16.14 -31.68
N LEU F 666 -49.27 -16.98 -30.63
CA LEU F 666 -50.41 -17.87 -30.45
C LEU F 666 -51.70 -17.07 -30.27
N VAL F 667 -51.62 -15.91 -29.62
CA VAL F 667 -52.80 -15.06 -29.49
C VAL F 667 -53.19 -14.46 -30.83
N LEU F 668 -52.21 -13.96 -31.57
CA LEU F 668 -52.48 -13.33 -32.87
C LEU F 668 -53.11 -14.30 -33.85
N SER F 669 -52.70 -15.56 -33.80
CA SER F 669 -53.19 -16.58 -34.72
C SER F 669 -54.65 -16.98 -34.50
N SER F 670 -55.22 -16.65 -33.33
CA SER F 670 -56.59 -17.07 -33.06
C SER F 670 -57.50 -15.91 -32.63
N ASN F 671 -56.91 -14.84 -32.10
CA ASN F 671 -57.69 -13.69 -31.66
C ASN F 671 -57.89 -12.74 -32.83
N GLN F 672 -59.10 -12.75 -33.37
CA GLN F 672 -59.42 -11.99 -34.58
C GLN F 672 -59.96 -10.61 -34.25
N LYS F 673 -59.95 -10.25 -32.97
CA LYS F 673 -60.49 -8.97 -32.54
C LYS F 673 -59.39 -7.95 -32.27
N LEU F 674 -58.22 -8.42 -31.87
CA LEU F 674 -57.15 -7.50 -31.52
C LEU F 674 -56.73 -6.66 -32.73
N VAL F 675 -56.73 -5.34 -32.55
CA VAL F 675 -56.39 -4.38 -33.59
C VAL F 675 -55.08 -3.67 -33.29
N GLU F 676 -54.91 -3.27 -32.04
CA GLU F 676 -53.74 -2.49 -31.65
C GLU F 676 -52.91 -3.22 -30.60
N LEU F 677 -51.63 -3.46 -30.91
CA LEU F 677 -50.75 -4.14 -29.97
C LEU F 677 -49.41 -3.43 -29.82
N ASP F 678 -49.18 -2.88 -28.63
CA ASP F 678 -47.94 -2.14 -28.37
C ASP F 678 -46.97 -2.95 -27.54
N LEU F 679 -45.89 -3.40 -28.18
CA LEU F 679 -44.89 -4.26 -27.53
C LEU F 679 -43.59 -3.51 -27.27
N SER F 680 -43.65 -2.18 -27.29
CA SER F 680 -42.46 -1.35 -27.11
C SER F 680 -41.89 -1.43 -25.69
N ASP F 681 -40.66 -0.95 -25.55
CA ASP F 681 -39.94 -0.93 -24.27
C ASP F 681 -39.78 -2.32 -23.65
N ASN F 682 -39.45 -3.29 -24.48
CA ASN F 682 -39.21 -4.66 -24.07
C ASN F 682 -37.92 -5.18 -24.70
N ALA F 683 -37.58 -6.43 -24.43
CA ALA F 683 -36.34 -7.03 -24.95
C ALA F 683 -36.66 -8.01 -26.07
N LEU F 684 -37.65 -7.67 -26.87
CA LEU F 684 -38.09 -8.57 -27.93
C LEU F 684 -37.21 -8.40 -29.15
N GLY F 685 -36.00 -8.94 -29.07
CA GLY F 685 -35.00 -8.75 -30.11
C GLY F 685 -35.37 -9.46 -31.40
N ASP F 686 -34.44 -9.47 -32.35
CA ASP F 686 -34.70 -9.99 -33.69
C ASP F 686 -35.34 -11.37 -33.68
N PHE F 687 -34.89 -12.24 -32.78
CA PHE F 687 -35.49 -13.58 -32.68
C PHE F 687 -36.97 -13.48 -32.34
N GLY F 688 -37.29 -12.65 -31.36
CA GLY F 688 -38.66 -12.51 -30.91
C GLY F 688 -39.54 -12.04 -32.06
N ILE F 689 -38.99 -11.14 -32.88
CA ILE F 689 -39.73 -10.62 -34.02
C ILE F 689 -39.93 -11.72 -35.06
N ARG F 690 -38.90 -12.53 -35.28
CA ARG F 690 -39.02 -13.64 -36.23
C ARG F 690 -40.23 -14.50 -35.86
N LEU F 691 -40.40 -14.76 -34.56
CA LEU F 691 -41.53 -15.54 -34.06
C LEU F 691 -42.82 -14.74 -34.08
N LEU F 692 -42.76 -13.47 -33.72
CA LEU F 692 -43.96 -12.65 -33.70
C LEU F 692 -44.58 -12.61 -35.09
N CYS F 693 -43.71 -12.54 -36.10
CA CYS F 693 -44.11 -12.45 -37.49
C CYS F 693 -44.89 -13.69 -37.95
N VAL F 694 -44.79 -14.79 -37.20
CA VAL F 694 -45.54 -15.98 -37.54
C VAL F 694 -47.02 -15.73 -37.32
N GLY F 695 -47.34 -15.02 -36.23
CA GLY F 695 -48.72 -14.68 -35.92
C GLY F 695 -49.18 -13.55 -36.82
N LEU F 696 -48.28 -12.62 -37.13
CA LEU F 696 -48.63 -11.46 -37.94
C LEU F 696 -48.96 -11.86 -39.38
N LYS F 697 -48.30 -12.90 -39.88
CA LYS F 697 -48.54 -13.41 -41.23
C LYS F 697 -49.66 -14.44 -41.26
N HIS F 698 -50.21 -14.76 -40.09
CA HIS F 698 -51.20 -15.81 -39.97
C HIS F 698 -52.54 -15.38 -40.55
N LEU F 699 -53.24 -16.31 -41.16
CA LEU F 699 -54.55 -16.02 -41.73
C LEU F 699 -55.49 -15.57 -40.62
N LEU F 700 -56.32 -14.59 -40.97
CA LEU F 700 -57.32 -14.01 -40.05
C LEU F 700 -56.70 -13.16 -38.96
N CYS F 701 -55.40 -12.86 -39.06
CA CYS F 701 -54.79 -11.94 -38.11
C CYS F 701 -55.13 -10.52 -38.53
N ASN F 702 -55.89 -9.83 -37.68
CA ASN F 702 -56.43 -8.52 -38.04
C ASN F 702 -55.68 -7.37 -37.39
N LEU F 703 -54.50 -7.64 -36.85
CA LEU F 703 -53.75 -6.58 -36.20
C LEU F 703 -53.42 -5.49 -37.20
N LYS F 704 -53.72 -4.23 -36.86
CA LYS F 704 -53.48 -3.13 -37.76
C LYS F 704 -52.34 -2.24 -37.31
N LYS F 705 -52.21 -2.06 -36.01
CA LYS F 705 -51.17 -1.17 -35.48
C LYS F 705 -50.19 -1.93 -34.60
N LEU F 706 -48.92 -1.94 -35.02
CA LEU F 706 -47.90 -2.65 -34.28
C LEU F 706 -46.73 -1.75 -33.89
N TRP F 707 -46.45 -1.68 -32.60
CA TRP F 707 -45.32 -0.89 -32.12
C TRP F 707 -44.19 -1.77 -31.62
N LEU F 708 -43.04 -1.68 -32.28
CA LEU F 708 -41.85 -2.44 -31.92
C LEU F 708 -40.72 -1.49 -31.56
N VAL F 709 -41.10 -0.36 -31.02
CA VAL F 709 -40.17 0.70 -30.64
C VAL F 709 -39.35 0.30 -29.41
N SER F 710 -38.06 0.59 -29.47
CA SER F 710 -37.14 0.26 -28.37
C SER F 710 -37.21 -1.22 -28.00
N CYS F 711 -37.04 -2.10 -29.00
CA CYS F 711 -37.12 -3.53 -28.77
C CYS F 711 -35.81 -4.24 -29.08
N CYS F 712 -34.71 -3.52 -28.98
CA CYS F 712 -33.39 -4.10 -29.20
C CYS F 712 -33.29 -4.78 -30.56
N LEU F 713 -33.83 -4.14 -31.59
CA LEU F 713 -33.82 -4.73 -32.93
C LEU F 713 -32.68 -4.22 -33.78
N THR F 714 -32.26 -5.03 -34.74
CA THR F 714 -31.27 -4.61 -35.72
C THR F 714 -31.83 -4.75 -37.13
N SER F 715 -31.02 -4.40 -38.11
CA SER F 715 -31.44 -4.45 -39.51
C SER F 715 -31.83 -5.87 -39.93
N ALA F 716 -31.34 -6.86 -39.20
CA ALA F 716 -31.63 -8.25 -39.53
C ALA F 716 -33.12 -8.54 -39.50
N CYS F 717 -33.85 -7.90 -38.59
CA CYS F 717 -35.27 -8.18 -38.41
C CYS F 717 -36.11 -7.64 -39.54
N CYS F 718 -35.52 -6.79 -40.37
CA CYS F 718 -36.27 -6.16 -41.44
C CYS F 718 -36.70 -7.18 -42.48
N GLN F 719 -36.00 -8.31 -42.55
CA GLN F 719 -36.37 -9.33 -43.52
C GLN F 719 -37.72 -9.92 -43.18
N ASP F 720 -38.00 -10.09 -41.89
CA ASP F 720 -39.26 -10.69 -41.47
C ASP F 720 -40.36 -9.64 -41.41
N LEU F 721 -40.00 -8.42 -41.02
CA LEU F 721 -40.98 -7.36 -40.95
C LEU F 721 -41.47 -6.98 -42.33
N ALA F 722 -40.57 -6.99 -43.30
CA ALA F 722 -40.92 -6.70 -44.67
C ALA F 722 -41.87 -7.76 -45.21
N SER F 723 -41.62 -9.02 -44.83
CA SER F 723 -42.48 -10.13 -45.23
C SER F 723 -43.87 -9.98 -44.63
N VAL F 724 -43.95 -9.50 -43.39
CA VAL F 724 -45.25 -9.31 -42.75
C VAL F 724 -46.05 -8.24 -43.47
N LEU F 725 -45.40 -7.11 -43.78
CA LEU F 725 -46.10 -6.02 -44.42
C LEU F 725 -46.63 -6.43 -45.80
N SER F 726 -45.83 -7.19 -46.55
CA SER F 726 -46.26 -7.67 -47.85
C SER F 726 -47.32 -8.77 -47.74
N THR F 727 -47.11 -9.72 -46.84
CA THR F 727 -47.98 -10.88 -46.69
C THR F 727 -49.34 -10.54 -46.10
N SER F 728 -49.36 -9.74 -45.05
CA SER F 728 -50.61 -9.41 -44.37
C SER F 728 -51.36 -8.27 -45.04
N HIS F 729 -52.67 -8.43 -45.16
CA HIS F 729 -53.54 -7.40 -45.69
C HIS F 729 -54.00 -6.44 -44.61
N SER F 730 -53.69 -6.78 -43.36
CA SER F 730 -54.21 -6.03 -42.23
C SER F 730 -53.24 -5.05 -41.59
N LEU F 731 -51.93 -5.20 -41.81
CA LEU F 731 -50.98 -4.30 -41.16
C LEU F 731 -50.84 -2.99 -41.92
N THR F 732 -51.18 -1.89 -41.25
CA THR F 732 -51.16 -0.58 -41.89
C THR F 732 -50.23 0.39 -41.17
N ARG F 733 -49.98 0.14 -39.89
CA ARG F 733 -49.15 1.04 -39.09
C ARG F 733 -48.00 0.28 -38.45
N LEU F 734 -46.77 0.67 -38.77
CA LEU F 734 -45.62 -0.03 -38.22
C LEU F 734 -44.56 0.94 -37.69
N TYR F 735 -44.31 0.86 -36.38
CA TYR F 735 -43.33 1.73 -35.74
C TYR F 735 -42.14 0.92 -35.23
N VAL F 736 -40.96 1.22 -35.77
CA VAL F 736 -39.76 0.43 -35.45
C VAL F 736 -38.55 1.27 -35.07
N GLY F 737 -38.78 2.51 -34.64
CA GLY F 737 -37.67 3.39 -34.28
C GLY F 737 -37.11 3.03 -32.90
N GLU F 738 -36.08 3.76 -32.49
CA GLU F 738 -35.37 3.53 -31.24
C GLU F 738 -34.73 2.14 -31.26
N ASN F 739 -34.22 1.78 -32.43
CA ASN F 739 -33.56 0.51 -32.66
C ASN F 739 -32.31 0.74 -33.51
N ALA F 740 -31.80 -0.32 -34.14
CA ALA F 740 -30.61 -0.20 -34.99
C ALA F 740 -30.93 -0.55 -36.44
N LEU F 741 -32.13 -0.22 -36.88
CA LEU F 741 -32.55 -0.51 -38.26
C LEU F 741 -32.07 0.58 -39.20
N GLY F 742 -30.75 0.59 -39.44
CA GLY F 742 -30.12 1.64 -40.25
C GLY F 742 -30.42 1.46 -41.73
N ASP F 743 -29.71 2.22 -42.58
CA ASP F 743 -29.99 2.24 -44.01
C ASP F 743 -30.06 0.85 -44.65
N SER F 744 -29.19 -0.06 -44.22
CA SER F 744 -29.17 -1.42 -44.78
C SER F 744 -30.42 -2.20 -44.39
N GLY F 745 -31.10 -1.75 -43.34
CA GLY F 745 -32.31 -2.38 -42.84
C GLY F 745 -33.54 -1.82 -43.53
N VAL F 746 -33.65 -0.50 -43.54
CA VAL F 746 -34.82 0.12 -44.13
C VAL F 746 -34.90 -0.20 -45.62
N ALA F 747 -33.75 -0.40 -46.26
CA ALA F 747 -33.73 -0.76 -47.67
C ALA F 747 -34.55 -2.03 -47.90
N ILE F 748 -34.54 -2.93 -46.92
CA ILE F 748 -35.29 -4.18 -47.02
C ILE F 748 -36.77 -3.87 -46.87
N LEU F 749 -37.10 -3.03 -45.89
CA LEU F 749 -38.48 -2.66 -45.67
C LEU F 749 -39.04 -1.94 -46.89
N CYS F 750 -38.22 -1.09 -47.50
CA CYS F 750 -38.61 -0.32 -48.67
C CYS F 750 -38.88 -1.21 -49.88
N GLU F 751 -38.04 -2.24 -50.05
CA GLU F 751 -38.20 -3.15 -51.18
C GLU F 751 -39.60 -3.73 -51.21
N LYS F 752 -40.17 -4.00 -50.04
CA LYS F 752 -41.51 -4.55 -50.00
C LYS F 752 -42.57 -3.47 -49.77
N ALA F 753 -42.22 -2.41 -49.04
CA ALA F 753 -43.17 -1.34 -48.73
C ALA F 753 -43.60 -0.61 -49.99
N LYS F 754 -42.71 -0.53 -50.97
CA LYS F 754 -42.99 0.15 -52.24
C LYS F 754 -44.01 -0.60 -53.09
N ASN F 755 -44.28 -1.86 -52.77
CA ASN F 755 -45.20 -2.65 -53.59
C ASN F 755 -46.51 -1.87 -53.78
N PRO F 756 -47.00 -1.70 -55.01
CA PRO F 756 -48.25 -1.02 -55.35
C PRO F 756 -49.45 -1.53 -54.55
N GLN F 757 -49.37 -2.77 -54.08
CA GLN F 757 -50.46 -3.39 -53.33
C GLN F 757 -50.24 -3.30 -51.81
N CYS F 758 -49.18 -2.61 -51.42
CA CYS F 758 -48.84 -2.42 -50.01
C CYS F 758 -49.88 -1.57 -49.31
N ASN F 759 -50.26 -1.98 -48.09
CA ASN F 759 -51.28 -1.26 -47.33
C ASN F 759 -50.68 -0.39 -46.24
N LEU F 760 -49.38 -0.15 -46.29
CA LEU F 760 -48.74 0.69 -45.28
C LEU F 760 -49.27 2.11 -45.35
N GLN F 761 -49.70 2.62 -44.19
CA GLN F 761 -50.20 3.99 -44.09
C GLN F 761 -49.25 4.89 -43.29
N LYS F 762 -48.65 4.34 -42.23
CA LYS F 762 -47.73 5.12 -41.42
C LYS F 762 -46.38 4.42 -41.27
N LEU F 763 -45.32 5.10 -41.70
CA LEU F 763 -43.97 4.53 -41.65
C LEU F 763 -43.15 5.15 -40.52
N GLY F 764 -43.05 4.42 -39.40
CA GLY F 764 -42.42 4.91 -38.17
C GLY F 764 -40.93 4.68 -38.12
N LEU F 765 -40.21 5.29 -39.05
CA LEU F 765 -38.75 5.21 -39.10
C LEU F 765 -38.12 6.38 -38.36
N VAL F 766 -38.30 6.40 -37.05
CA VAL F 766 -37.90 7.56 -36.26
C VAL F 766 -36.42 7.45 -35.88
N ASN F 767 -36.13 6.99 -34.67
CA ASN F 767 -34.73 6.90 -34.28
C ASN F 767 -34.13 5.60 -34.78
N SER F 768 -33.75 5.60 -36.05
CA SER F 768 -33.19 4.41 -36.69
C SER F 768 -31.76 4.65 -37.17
N GLY F 769 -31.31 5.90 -37.08
CA GLY F 769 -29.95 6.25 -37.51
C GLY F 769 -29.79 6.24 -39.03
N LEU F 770 -30.85 6.60 -39.74
CA LEU F 770 -30.81 6.60 -41.20
C LEU F 770 -30.09 7.80 -41.76
N THR F 771 -29.47 7.63 -42.92
CA THR F 771 -28.85 8.75 -43.62
C THR F 771 -29.33 8.85 -45.06
N SER F 772 -28.58 9.59 -45.88
CA SER F 772 -28.97 9.88 -47.26
C SER F 772 -28.95 8.65 -48.18
N VAL F 773 -28.21 7.62 -47.79
CA VAL F 773 -28.04 6.44 -48.65
C VAL F 773 -29.37 5.74 -48.94
N CYS F 774 -30.18 5.55 -47.91
CA CYS F 774 -31.47 4.89 -48.06
C CYS F 774 -32.57 5.79 -48.59
N CYS F 775 -32.27 7.06 -48.78
CA CYS F 775 -33.32 7.99 -49.16
C CYS F 775 -33.83 7.74 -50.58
N SER F 776 -33.00 7.13 -51.42
CA SER F 776 -33.46 6.76 -52.76
C SER F 776 -34.44 5.60 -52.68
N ALA F 777 -34.29 4.75 -51.65
CA ALA F 777 -35.21 3.64 -51.45
C ALA F 777 -36.54 4.18 -50.95
N LEU F 778 -36.47 5.19 -50.08
CA LEU F 778 -37.68 5.82 -49.58
C LEU F 778 -38.39 6.53 -50.72
N SER F 779 -37.62 7.13 -51.62
CA SER F 779 -38.20 7.82 -52.77
C SER F 779 -39.07 6.87 -53.58
N SER F 780 -38.56 5.66 -53.82
CA SER F 780 -39.30 4.64 -54.56
C SER F 780 -40.59 4.25 -53.84
N VAL F 781 -40.54 4.22 -52.51
CA VAL F 781 -41.73 3.88 -51.74
C VAL F 781 -42.79 4.96 -51.84
N LEU F 782 -42.37 6.21 -51.65
CA LEU F 782 -43.32 7.32 -51.60
C LEU F 782 -43.99 7.56 -52.94
N SER F 783 -43.26 7.33 -54.03
CA SER F 783 -43.80 7.54 -55.37
C SER F 783 -44.59 6.34 -55.88
N THR F 784 -44.61 5.23 -55.13
CA THR F 784 -45.27 4.01 -55.61
C THR F 784 -46.46 3.64 -54.72
N ASN F 785 -46.25 3.67 -53.41
CA ASN F 785 -47.30 3.29 -52.46
C ASN F 785 -48.22 4.48 -52.17
N GLN F 786 -49.41 4.43 -52.76
CA GLN F 786 -50.36 5.53 -52.68
C GLN F 786 -51.15 5.51 -51.36
N ASN F 787 -50.92 4.48 -50.56
CA ASN F 787 -51.60 4.36 -49.29
C ASN F 787 -50.77 4.94 -48.16
N LEU F 788 -49.57 5.41 -48.47
CA LEU F 788 -48.67 5.92 -47.43
C LEU F 788 -48.91 7.40 -47.21
N THR F 789 -49.40 7.76 -46.03
CA THR F 789 -49.80 9.12 -45.75
C THR F 789 -48.96 9.82 -44.70
N HIS F 790 -48.23 9.06 -43.87
CA HIS F 790 -47.42 9.69 -42.82
C HIS F 790 -45.98 9.16 -42.74
N LEU F 791 -45.02 10.09 -42.73
CA LEU F 791 -43.60 9.76 -42.52
C LEU F 791 -43.07 10.40 -41.25
N TYR F 792 -42.43 9.60 -40.42
CA TYR F 792 -41.81 10.11 -39.20
C TYR F 792 -40.31 9.82 -39.21
N LEU F 793 -39.52 10.81 -39.61
CA LEU F 793 -38.08 10.59 -39.83
C LEU F 793 -37.19 11.28 -38.79
N ARG F 794 -37.77 11.65 -37.65
CA ARG F 794 -37.03 12.30 -36.57
C ARG F 794 -36.03 11.36 -35.90
N GLY F 795 -34.81 11.85 -35.67
CA GLY F 795 -33.78 11.08 -34.99
C GLY F 795 -32.71 10.61 -35.96
N ASN F 796 -32.99 10.78 -37.25
CA ASN F 796 -32.06 10.37 -38.30
C ASN F 796 -31.10 11.50 -38.64
N THR F 797 -30.18 11.24 -39.55
CA THR F 797 -29.23 12.26 -39.99
C THR F 797 -29.12 12.26 -41.51
N LEU F 798 -30.14 12.83 -42.16
CA LEU F 798 -30.29 12.78 -43.61
C LEU F 798 -29.42 13.80 -44.31
N GLY F 799 -29.31 14.98 -43.71
CA GLY F 799 -28.56 16.06 -44.32
C GLY F 799 -29.35 16.63 -45.49
N ASP F 800 -28.70 17.48 -46.27
CA ASP F 800 -29.36 18.12 -47.39
C ASP F 800 -29.61 17.10 -48.50
N LYS F 801 -28.62 16.25 -48.73
CA LYS F 801 -28.73 15.23 -49.76
C LYS F 801 -29.91 14.30 -49.49
N GLY F 802 -30.06 13.88 -48.23
CA GLY F 802 -31.14 12.97 -47.88
C GLY F 802 -32.50 13.56 -48.14
N ILE F 803 -32.73 14.79 -47.68
CA ILE F 803 -34.03 15.42 -47.90
C ILE F 803 -34.27 15.71 -49.38
N LYS F 804 -33.20 16.06 -50.12
CA LYS F 804 -33.35 16.30 -51.54
C LYS F 804 -33.85 15.05 -52.26
N LEU F 805 -33.26 13.90 -51.92
CA LEU F 805 -33.68 12.64 -52.53
C LEU F 805 -35.12 12.31 -52.17
N LEU F 806 -35.49 12.57 -50.92
CA LEU F 806 -36.86 12.31 -50.50
C LEU F 806 -37.81 13.23 -51.26
N CYS F 807 -37.43 14.51 -51.41
CA CYS F 807 -38.25 15.46 -52.14
C CYS F 807 -38.50 15.00 -53.56
N GLU F 808 -37.47 14.47 -54.21
CA GLU F 808 -37.64 13.99 -55.58
C GLU F 808 -38.76 12.97 -55.65
N GLY F 809 -38.85 12.11 -54.63
CA GLY F 809 -39.93 11.13 -54.54
C GLY F 809 -41.27 11.84 -54.29
N LEU F 810 -41.25 12.82 -53.38
CA LEU F 810 -42.46 13.53 -52.97
C LEU F 810 -42.98 14.46 -54.05
N LEU F 811 -42.11 14.82 -54.98
CA LEU F 811 -42.48 15.69 -56.10
C LEU F 811 -43.11 14.88 -57.22
N HIS F 812 -43.13 13.55 -57.08
CA HIS F 812 -43.71 12.68 -58.08
C HIS F 812 -45.25 12.83 -58.06
N PRO F 813 -45.91 12.88 -59.23
CA PRO F 813 -47.35 12.97 -59.40
C PRO F 813 -48.16 11.93 -58.61
N ASP F 814 -47.60 10.74 -58.38
CA ASP F 814 -48.34 9.70 -57.69
C ASP F 814 -48.06 9.62 -56.19
N CYS F 815 -47.34 10.58 -55.64
CA CYS F 815 -47.11 10.58 -54.20
C CYS F 815 -48.32 11.16 -53.47
N LYS F 816 -48.81 10.44 -52.46
CA LYS F 816 -50.01 10.85 -51.73
C LYS F 816 -49.72 11.22 -50.29
N LEU F 817 -48.45 11.45 -49.96
CA LEU F 817 -48.07 11.75 -48.59
C LEU F 817 -48.75 13.01 -48.08
N GLN F 818 -49.35 12.92 -46.89
CA GLN F 818 -50.05 14.06 -46.31
C GLN F 818 -49.23 14.70 -45.19
N VAL F 819 -48.58 13.88 -44.37
CA VAL F 819 -47.84 14.37 -43.23
C VAL F 819 -46.37 13.98 -43.26
N LEU F 820 -45.50 14.98 -43.24
CA LEU F 820 -44.07 14.74 -43.19
C LEU F 820 -43.41 15.43 -42.01
N GLU F 821 -42.86 14.62 -41.10
CA GLU F 821 -42.18 15.14 -39.91
C GLU F 821 -40.66 15.07 -40.06
N LEU F 822 -40.04 16.24 -40.09
CA LEU F 822 -38.60 16.39 -40.27
C LEU F 822 -37.97 17.23 -39.17
N ASP F 823 -37.82 16.66 -37.99
CA ASP F 823 -37.26 17.43 -36.89
C ASP F 823 -35.77 17.18 -36.73
N ASN F 824 -35.41 16.20 -35.93
CA ASN F 824 -33.99 15.92 -35.77
C ASN F 824 -33.52 15.08 -36.93
N CYS F 825 -33.34 15.72 -38.08
CA CYS F 825 -32.94 15.04 -39.31
C CYS F 825 -31.59 15.57 -39.80
N ASN F 826 -31.01 16.47 -39.01
CA ASN F 826 -29.72 17.11 -39.31
C ASN F 826 -29.71 17.83 -40.65
N LEU F 827 -30.75 18.61 -40.91
CA LEU F 827 -30.81 19.35 -42.17
C LEU F 827 -30.21 20.74 -41.96
N THR F 828 -29.79 21.36 -43.06
CA THR F 828 -29.21 22.70 -43.01
C THR F 828 -29.91 23.64 -44.00
N SER F 829 -29.56 24.92 -43.94
CA SER F 829 -30.16 25.95 -44.78
C SER F 829 -29.92 25.69 -46.26
N HIS F 830 -28.94 24.86 -46.56
CA HIS F 830 -28.61 24.55 -47.94
C HIS F 830 -29.71 23.77 -48.62
N CYS F 831 -30.59 23.16 -47.83
CA CYS F 831 -31.68 22.37 -48.38
C CYS F 831 -32.98 23.17 -48.47
N CYS F 832 -32.95 24.42 -48.04
CA CYS F 832 -34.19 25.21 -48.02
C CYS F 832 -34.72 25.41 -49.43
N TRP F 833 -33.86 25.30 -50.42
CA TRP F 833 -34.26 25.42 -51.81
C TRP F 833 -35.05 24.19 -52.26
N ASP F 834 -34.77 23.03 -51.67
CA ASP F 834 -35.46 21.80 -52.04
C ASP F 834 -36.76 21.72 -51.28
N LEU F 835 -36.75 22.24 -50.05
CA LEU F 835 -37.96 22.31 -49.25
C LEU F 835 -38.90 23.35 -49.85
N SER F 836 -38.34 24.43 -50.40
CA SER F 836 -39.14 25.44 -51.07
C SER F 836 -39.75 24.86 -52.33
N THR F 837 -38.98 24.05 -53.06
CA THR F 837 -39.48 23.36 -54.24
C THR F 837 -40.60 22.41 -53.85
N LEU F 838 -40.41 21.70 -52.73
CA LEU F 838 -41.41 20.77 -52.23
C LEU F 838 -42.69 21.53 -51.88
N LEU F 839 -42.56 22.64 -51.17
CA LEU F 839 -43.74 23.44 -50.82
C LEU F 839 -44.46 23.98 -52.05
N THR F 840 -43.68 24.40 -53.04
CA THR F 840 -44.23 25.00 -54.25
C THR F 840 -44.97 23.99 -55.12
N SER F 841 -44.37 22.83 -55.35
CA SER F 841 -44.92 21.85 -56.28
C SER F 841 -45.79 20.75 -55.64
N SER F 842 -45.55 20.43 -54.37
CA SER F 842 -46.31 19.34 -53.74
C SER F 842 -47.78 19.69 -53.67
N GLN F 843 -48.63 18.73 -54.03
CA GLN F 843 -50.07 18.93 -53.97
C GLN F 843 -50.72 18.11 -52.86
N SER F 844 -50.06 17.02 -52.46
CA SER F 844 -50.64 16.07 -51.51
C SER F 844 -50.41 16.44 -50.05
N LEU F 845 -49.30 17.13 -49.76
CA LEU F 845 -48.96 17.45 -48.38
C LEU F 845 -49.97 18.39 -47.75
N ARG F 846 -50.28 18.15 -46.49
CA ARG F 846 -51.18 19.00 -45.72
C ARG F 846 -50.44 19.49 -44.50
N LYS F 847 -49.46 18.69 -44.07
CA LYS F 847 -48.63 18.99 -42.92
C LYS F 847 -47.16 18.71 -43.23
N LEU F 848 -46.31 19.68 -42.97
CA LEU F 848 -44.87 19.55 -43.15
C LEU F 848 -44.19 20.27 -42.01
N SER F 849 -43.59 19.49 -41.12
CA SER F 849 -43.03 20.07 -39.91
C SER F 849 -41.52 19.99 -39.86
N LEU F 850 -40.88 21.15 -39.89
CA LEU F 850 -39.43 21.22 -39.80
C LEU F 850 -39.06 21.57 -38.37
N GLY F 851 -38.15 20.81 -37.80
CA GLY F 851 -37.77 21.04 -36.40
C GLY F 851 -36.41 21.71 -36.27
N ASN F 852 -35.56 21.15 -35.42
CA ASN F 852 -34.29 21.79 -35.10
C ASN F 852 -33.25 21.57 -36.18
N ASN F 853 -33.51 22.15 -37.35
CA ASN F 853 -32.60 22.09 -38.48
C ASN F 853 -31.91 23.45 -38.62
N ASP F 854 -30.72 23.46 -39.19
CA ASP F 854 -30.01 24.73 -39.33
C ASP F 854 -30.46 25.48 -40.57
N LEU F 855 -31.72 25.92 -40.56
CA LEU F 855 -32.32 26.64 -41.67
C LEU F 855 -32.10 28.14 -41.52
N GLY F 856 -31.99 28.57 -40.27
CA GLY F 856 -31.77 29.97 -39.95
C GLY F 856 -32.91 30.84 -40.45
N ASP F 857 -32.59 32.10 -40.69
CA ASP F 857 -33.58 33.08 -41.11
C ASP F 857 -33.83 32.99 -42.61
N LEU F 858 -32.80 32.59 -43.36
CA LEU F 858 -32.96 32.48 -44.81
C LEU F 858 -33.99 31.44 -45.16
N GLY F 859 -33.88 30.26 -44.56
CA GLY F 859 -34.79 29.17 -44.87
C GLY F 859 -36.22 29.56 -44.54
N VAL F 860 -36.43 30.06 -43.33
CA VAL F 860 -37.77 30.40 -42.90
C VAL F 860 -38.37 31.59 -43.66
N MET F 861 -37.57 32.62 -43.90
CA MET F 861 -38.06 33.78 -44.64
C MET F 861 -38.46 33.37 -46.05
N MET F 862 -37.66 32.49 -46.65
CA MET F 862 -37.96 31.98 -47.97
C MET F 862 -39.28 31.24 -47.97
N PHE F 863 -39.48 30.39 -46.96
CA PHE F 863 -40.71 29.62 -46.84
C PHE F 863 -41.90 30.54 -46.70
N CYS F 864 -41.75 31.59 -45.88
CA CYS F 864 -42.87 32.50 -45.66
C CYS F 864 -43.43 33.01 -46.98
N GLU F 865 -42.55 33.38 -47.91
CA GLU F 865 -43.01 33.85 -49.22
C GLU F 865 -43.59 32.71 -50.07
N VAL F 866 -42.93 31.56 -50.04
CA VAL F 866 -43.36 30.41 -50.82
C VAL F 866 -44.74 29.92 -50.40
N LEU F 867 -45.00 29.96 -49.10
CA LEU F 867 -46.25 29.49 -48.53
C LEU F 867 -47.44 30.35 -48.93
N LYS F 868 -47.19 31.51 -49.50
CA LYS F 868 -48.26 32.39 -49.93
C LYS F 868 -48.67 32.11 -51.38
N GLN F 869 -47.86 31.33 -52.08
CA GLN F 869 -48.10 31.06 -53.50
C GLN F 869 -49.03 29.87 -53.71
N GLN F 870 -50.28 30.02 -53.27
CA GLN F 870 -51.29 28.97 -53.40
C GLN F 870 -50.80 27.63 -52.84
N SER F 871 -50.22 27.67 -51.64
CA SER F 871 -49.71 26.47 -50.98
C SER F 871 -50.84 25.58 -50.47
N CYS F 872 -50.59 24.27 -50.43
CA CYS F 872 -51.55 23.31 -49.90
C CYS F 872 -51.21 22.94 -48.45
N LEU F 873 -50.16 23.53 -47.92
CA LEU F 873 -49.75 23.27 -46.53
C LEU F 873 -50.52 24.14 -45.56
N LEU F 874 -51.38 23.50 -44.77
CA LEU F 874 -52.30 24.21 -43.89
C LEU F 874 -52.02 23.94 -42.42
N GLN F 875 -51.25 22.88 -42.14
CA GLN F 875 -50.96 22.47 -40.78
C GLN F 875 -49.59 22.97 -40.31
N ASN F 876 -49.24 22.59 -39.09
CA ASN F 876 -48.04 23.07 -38.40
C ASN F 876 -46.79 23.04 -39.29
N LEU F 877 -46.16 24.21 -39.42
CA LEU F 877 -44.96 24.38 -40.22
C LEU F 877 -43.72 23.81 -39.52
N GLY F 878 -43.84 23.57 -38.23
CA GLY F 878 -42.73 23.11 -37.41
C GLY F 878 -42.07 24.27 -36.69
N LEU F 879 -40.83 24.58 -37.08
CA LEU F 879 -40.03 25.62 -36.43
C LEU F 879 -39.76 25.28 -34.97
N SER F 880 -39.65 24.00 -34.66
CA SER F 880 -39.45 23.55 -33.29
C SER F 880 -38.03 23.82 -32.80
N GLU F 881 -37.91 24.32 -31.57
CA GLU F 881 -36.61 24.58 -30.94
C GLU F 881 -35.70 25.46 -31.79
N MET F 882 -36.27 26.53 -32.33
CA MET F 882 -35.55 27.47 -33.19
C MET F 882 -35.52 28.88 -32.61
N TYR F 883 -34.46 29.63 -32.96
CA TYR F 883 -34.35 31.04 -32.60
C TYR F 883 -34.11 31.89 -33.84
N PHE F 884 -34.94 32.90 -34.04
CA PHE F 884 -34.87 33.75 -35.22
C PHE F 884 -34.75 35.23 -34.87
N ASN F 885 -34.39 36.05 -35.85
CA ASN F 885 -34.30 37.49 -35.64
C ASN F 885 -35.66 38.16 -35.76
N TYR F 886 -35.68 39.49 -35.60
CA TYR F 886 -36.92 40.27 -35.61
C TYR F 886 -37.71 40.16 -36.90
N GLU F 887 -37.04 40.34 -38.03
CA GLU F 887 -37.72 40.34 -39.32
C GLU F 887 -38.37 39.00 -39.63
N THR F 888 -37.69 37.91 -39.29
CA THR F 888 -38.25 36.59 -39.51
C THR F 888 -39.48 36.39 -38.63
N LYS F 889 -39.37 36.82 -37.36
CA LYS F 889 -40.49 36.70 -36.45
C LYS F 889 -41.70 37.48 -36.97
N SER F 890 -41.43 38.67 -37.48
CA SER F 890 -42.48 39.51 -38.05
C SER F 890 -43.12 38.81 -39.25
N ALA F 891 -42.29 38.25 -40.13
CA ALA F 891 -42.78 37.56 -41.30
C ALA F 891 -43.65 36.37 -40.92
N LEU F 892 -43.27 35.66 -39.87
CA LEU F 892 -44.04 34.51 -39.42
C LEU F 892 -45.39 34.91 -38.85
N GLU F 893 -45.41 35.96 -38.02
CA GLU F 893 -46.67 36.44 -37.47
C GLU F 893 -47.54 37.01 -38.59
N THR F 894 -46.89 37.69 -39.53
CA THR F 894 -47.60 38.27 -40.66
C THR F 894 -48.26 37.17 -41.49
N LEU F 895 -47.51 36.10 -41.75
CA LEU F 895 -48.04 34.97 -42.51
C LEU F 895 -49.30 34.42 -41.87
N GLN F 896 -49.27 34.27 -40.55
CA GLN F 896 -50.43 33.75 -39.84
C GLN F 896 -51.68 34.62 -40.05
N GLU F 897 -51.48 35.93 -40.10
CA GLU F 897 -52.60 36.86 -40.27
C GLU F 897 -53.05 37.02 -41.73
N GLU F 898 -52.09 37.04 -42.65
CA GLU F 898 -52.41 37.26 -44.07
C GLU F 898 -53.07 36.06 -44.72
N LYS F 899 -52.72 34.85 -44.28
CA LYS F 899 -53.26 33.62 -44.85
C LYS F 899 -53.89 32.71 -43.79
N PRO F 900 -55.13 33.01 -43.37
CA PRO F 900 -55.89 32.38 -42.29
C PRO F 900 -56.07 30.87 -42.48
N GLU F 901 -55.93 30.40 -43.72
CA GLU F 901 -56.09 28.98 -44.02
C GLU F 901 -54.97 28.16 -43.39
N LEU F 902 -53.88 28.82 -43.00
CA LEU F 902 -52.79 28.14 -42.32
C LEU F 902 -53.08 28.17 -40.83
N THR F 903 -53.35 27.00 -40.28
CA THR F 903 -53.82 26.92 -38.90
C THR F 903 -52.70 27.21 -37.90
N VAL F 904 -51.51 26.65 -38.14
CA VAL F 904 -50.42 26.82 -37.19
C VAL F 904 -49.07 27.18 -37.84
N VAL F 905 -48.67 28.45 -37.71
CA VAL F 905 -47.32 28.85 -38.08
C VAL F 905 -46.30 28.29 -37.09
N PHE F 906 -46.67 28.33 -35.80
CA PHE F 906 -45.85 27.88 -34.68
C PHE F 906 -44.58 28.71 -34.51
N GLU F 907 -44.74 29.97 -34.18
CA GLU F 907 -43.59 30.79 -33.87
C GLU F 907 -42.98 30.26 -32.58
N PRO F 908 -41.65 30.28 -32.44
CA PRO F 908 -40.89 29.76 -31.31
C PRO F 908 -41.18 30.49 -29.99
N SER F 909 -41.72 31.71 -30.10
CA SER F 909 -42.08 32.57 -28.96
C SER F 909 -41.98 34.03 -29.36
#